data_8HKQ
#
_entry.id   8HKQ
#
_cell.length_a   1.00
_cell.length_b   1.00
_cell.length_c   1.00
_cell.angle_alpha   90.00
_cell.angle_beta   90.00
_cell.angle_gamma   90.00
#
_symmetry.space_group_name_H-M   'P 1'
#
loop_
_entity.id
_entity.type
_entity.pdbx_description
1 polymer 'Potassium channel subfamily T member 1'
2 non-polymer ~{N}-[(1~{S})-1-[3-(2-methoxypyridin-4-yl)-1,2,4-oxadiazol-5-yl]ethyl]-2-methyl-5-(trifluoromethyl)pyrazole-3-carboxamide
3 non-polymer 'ZINC ION'
4 non-polymer 'POTASSIUM ION'
5 non-polymer 'SODIUM ION'
#
_entity_poly.entity_id   1
_entity_poly.type   'polypeptide(L)'
_entity_poly.pdbx_seq_one_letter_code
;MPLPDGARTPGGVCREARGGGYTNRTFEFDDGQCAPRRPCAGDGALLDTAGFKMSDLDSEVLPLPPRYRFRDLLLGDPSF
QNDDRVQVEFYVNENTFKERLKLFFIKNQRSSLRIRLFNFSLKLLTCLLYIVRVLLDDPALGIGCWGCPKQNYSFNDSSS
EINWAPILWVERKMTLWAIQVIVAIISFLETMLLIYLSYKGNIWEQIFRVSFVLEMINTLPFIITIFWPPLRNLFIPVFL
NCWLAKHALENMINDFHRAILRTQSAMFNQVLILFCTLLCLVFTGTCGIQHLERAGENLSLLTSFYFCIVTFSTVGYGDV
TPKIWPSQLLVVIMICVALVVLPLQFEELVYLWMERQKSGGNYSRHRAQTEKHVVLCVSSLKIDLLMDFLNEFYAHPRLQ
DYYVVILCPTEMDVQVRRVLQIPLWSQRVIYLQGSALKDQDLMRAKMDNGEACFILSSRNEVDRTAADHQTILRAWAVKD
FAPNCPLYVQILKPENKFHVKFADHVVCEEECKYAMLALNCICPATSTLITLLVHTSRGQEGQESPEQWQRMYGRCSGNE
VYHIRMGDSKFFREYEGKSFTYAAFHAHKKYGVCLIGLKREDNKSILLNPGPRHILAASDTCFYINITKEENSAFIFKQE
EKRKKRAFSGQGLHEGPARLPVHSIIASMGTVAMDLQGTEHRPTQSGGGGGGSKLALPTENGSGSRRPSIAPVLELADSS
ALLPCDLLSDQSEDEVTPSDDEGLSVVEYVKGYPPNSPYIGSSPTLCHLLPVKAPFCCLRLDKGCKHNSYEDAKAYGFKN
KLIIVSAETAGNGLYNFIVPLRAYYRSRKELNPIVLLLDNKPDHHFLEAICCFPMVYYMEGSVDNLDSLLQCGIIYADNL
VVVDKESTMSAEEDYMADAKTIVNVQTMFRLFPSLSITTELTHPSNMRFMQFRAKDSYSLALSKLEKRERENGSNLAFMF
RLPFAAGRVFSISMLDTLLYQSFVKDYMITITRLLLGLDTTPGSGYLCAMKITEGDLWIRTYGRLFQKLCSSSAEIPIGI
YRTESHVFSTSEPHDLRAQSQISVNVEDCEDTREVKGPWGSRAGTGGSSQGRHTGGGDPAEHPLLRRKSLQWARRLSRKA
PKQAGRAAAAEWISQQRLSLYRRSERQELSELVKNRMKHLGLPTTGYDEMNDHQNTLSYVLINPPPDTRLEPSDIVYLIR
SDPLAHVASSSQSRKSSCSHKLSSCNPETRDETQL
;
_entity_poly.pdbx_strand_id   D,A,C,B
#
# COMPACT_ATOMS: atom_id res chain seq x y z
N ARG A 110 9.41 41.13 -19.22
CA ARG A 110 10.35 40.53 -20.14
C ARG A 110 11.62 41.36 -20.25
N SER A 111 11.53 42.63 -19.86
CA SER A 111 12.70 43.50 -19.88
C SER A 111 13.76 43.03 -18.90
N SER A 112 13.33 42.54 -17.73
CA SER A 112 14.28 42.00 -16.76
C SER A 112 15.01 40.79 -17.31
N LEU A 113 14.32 39.96 -18.11
CA LEU A 113 14.99 38.85 -18.78
C LEU A 113 16.05 39.35 -19.75
N ARG A 114 15.75 40.43 -20.47
CA ARG A 114 16.74 41.02 -21.36
C ARG A 114 17.94 41.55 -20.59
N ILE A 115 17.69 42.17 -19.43
CA ILE A 115 18.79 42.66 -18.59
C ILE A 115 19.65 41.51 -18.09
N ARG A 116 19.02 40.41 -17.65
CA ARG A 116 19.79 39.26 -17.19
C ARG A 116 20.60 38.64 -18.33
N LEU A 117 20.02 38.57 -19.52
CA LEU A 117 20.74 38.07 -20.68
C LEU A 117 21.93 38.97 -20.99
N PHE A 118 21.74 40.28 -20.90
CA PHE A 118 22.84 41.22 -21.10
C PHE A 118 23.94 40.99 -20.07
N ASN A 119 23.58 40.79 -18.82
CA ASN A 119 24.57 40.54 -17.78
C ASN A 119 25.37 39.28 -18.06
N PHE A 120 24.67 38.19 -18.41
CA PHE A 120 25.36 36.93 -18.67
C PHE A 120 26.26 37.03 -19.90
N SER A 121 25.76 37.64 -20.97
CA SER A 121 26.58 37.82 -22.17
C SER A 121 27.79 38.70 -21.88
N LEU A 122 27.61 39.73 -21.05
CA LEU A 122 28.72 40.58 -20.65
C LEU A 122 29.78 39.80 -19.88
N LYS A 123 29.36 38.95 -18.94
CA LYS A 123 30.33 38.15 -18.18
C LYS A 123 31.10 37.21 -19.10
N LEU A 124 30.37 36.55 -20.01
CA LEU A 124 31.03 35.65 -20.96
C LEU A 124 32.00 36.42 -21.86
N LEU A 125 31.59 37.61 -22.31
CA LEU A 125 32.43 38.39 -23.20
C LEU A 125 33.67 38.90 -22.47
N THR A 126 33.54 39.24 -21.18
CA THR A 126 34.71 39.73 -20.47
C THR A 126 35.70 38.61 -20.14
N CYS A 127 35.23 37.39 -19.87
CA CYS A 127 36.20 36.32 -19.71
C CYS A 127 36.82 35.94 -21.06
N LEU A 128 36.05 36.06 -22.15
CA LEU A 128 36.63 35.84 -23.48
C LEU A 128 37.69 36.89 -23.79
N LEU A 129 37.45 38.14 -23.38
CA LEU A 129 38.47 39.17 -23.56
C LEU A 129 39.70 38.90 -22.70
N TYR A 130 39.51 38.36 -21.49
CA TYR A 130 40.67 37.97 -20.68
C TYR A 130 41.48 36.88 -21.37
N ILE A 131 40.80 35.88 -21.94
CA ILE A 131 41.55 34.79 -22.59
C ILE A 131 42.24 35.29 -23.85
N VAL A 132 41.62 36.20 -24.58
CA VAL A 132 42.29 36.75 -25.77
C VAL A 132 43.47 37.62 -25.34
N ARG A 133 43.36 38.30 -24.19
CA ARG A 133 44.49 39.06 -23.67
C ARG A 133 45.65 38.13 -23.33
N VAL A 134 45.37 37.03 -22.63
CA VAL A 134 46.46 36.14 -22.22
C VAL A 134 47.01 35.39 -23.42
N LEU A 135 46.24 35.25 -24.49
CA LEU A 135 46.72 34.53 -25.67
C LEU A 135 47.66 35.35 -26.53
N LEU A 136 47.48 36.68 -26.57
CA LEU A 136 48.24 37.55 -27.47
C LEU A 136 49.44 38.20 -26.78
N ASP A 137 49.75 37.78 -25.56
CA ASP A 137 50.83 38.41 -24.78
C ASP A 137 51.93 37.40 -24.52
N ASP A 138 53.19 37.87 -24.62
CA ASP A 138 54.37 37.06 -24.41
C ASP A 138 55.17 37.59 -23.23
N PRO A 139 55.59 36.72 -22.30
CA PRO A 139 56.33 37.20 -21.12
C PRO A 139 57.80 37.47 -21.41
N ALA A 140 58.36 36.78 -22.41
CA ALA A 140 59.79 36.90 -22.70
C ALA A 140 60.17 38.27 -23.21
N LEU A 141 59.23 39.02 -23.79
CA LEU A 141 59.55 40.34 -24.31
C LEU A 141 59.97 41.29 -23.18
N GLY A 142 59.29 41.23 -22.05
CA GLY A 142 59.60 42.09 -20.93
C GLY A 142 58.37 42.41 -20.10
N ILE A 143 58.51 42.33 -18.78
CA ILE A 143 57.39 42.52 -17.87
C ILE A 143 57.73 43.65 -16.91
N GLY A 144 56.80 44.59 -16.76
CA GLY A 144 56.97 45.69 -15.84
C GLY A 144 55.63 46.26 -15.43
N CYS A 145 55.68 47.33 -14.64
CA CYS A 145 54.44 47.95 -14.17
C CYS A 145 53.68 48.60 -15.32
N TRP A 146 54.28 49.62 -15.93
CA TRP A 146 53.72 50.27 -17.11
C TRP A 146 54.71 51.28 -17.68
N GLY A 147 54.73 51.42 -19.00
CA GLY A 147 55.57 52.43 -19.62
C GLY A 147 57.02 52.03 -19.78
N CYS A 148 57.91 52.79 -19.15
CA CYS A 148 59.35 52.63 -19.33
C CYS A 148 59.91 51.35 -18.70
N PRO A 149 59.69 51.08 -17.40
CA PRO A 149 60.45 50.00 -16.76
C PRO A 149 59.96 48.62 -17.18
N LYS A 150 60.73 48.00 -18.08
CA LYS A 150 60.38 46.70 -18.64
C LYS A 150 61.66 45.89 -18.75
N GLN A 151 61.69 44.73 -18.09
CA GLN A 151 62.91 43.95 -17.92
C GLN A 151 62.60 42.45 -17.79
N ASN A 152 63.59 41.62 -18.14
CA ASN A 152 63.39 40.18 -18.36
C ASN A 152 63.61 39.35 -17.10
N TYR A 153 62.91 38.21 -17.03
CA TYR A 153 63.02 37.23 -15.95
C TYR A 153 63.19 35.82 -16.47
N SER A 154 63.97 35.01 -15.75
CA SER A 154 64.12 33.58 -16.01
C SER A 154 63.96 32.82 -14.70
N PHE A 155 63.40 31.61 -14.77
CA PHE A 155 63.11 30.82 -13.60
C PHE A 155 64.08 29.65 -13.50
N ASN A 156 64.70 29.49 -12.34
CA ASN A 156 65.70 28.45 -12.09
C ASN A 156 65.22 27.59 -10.92
N ASP A 157 65.41 26.28 -11.05
CA ASP A 157 65.00 25.34 -10.01
C ASP A 157 65.90 25.36 -8.78
N SER A 158 67.09 25.92 -8.88
CA SER A 158 68.03 25.89 -7.77
C SER A 158 67.55 26.75 -6.61
N SER A 159 67.37 28.05 -6.84
CA SER A 159 66.94 28.97 -5.79
C SER A 159 65.45 28.81 -5.56
N SER A 160 65.07 28.56 -4.30
CA SER A 160 63.67 28.40 -3.93
C SER A 160 62.91 29.72 -3.90
N GLU A 161 63.61 30.85 -4.00
CA GLU A 161 62.94 32.15 -4.03
C GLU A 161 62.04 32.25 -5.25
N ILE A 162 60.80 32.66 -5.02
CA ILE A 162 59.80 32.78 -6.08
C ILE A 162 59.64 34.27 -6.39
N ASN A 163 59.96 34.64 -7.63
CA ASN A 163 59.90 36.03 -8.05
C ASN A 163 58.49 36.35 -8.55
N TRP A 164 57.81 37.25 -7.84
CA TRP A 164 56.40 37.50 -8.06
C TRP A 164 56.13 38.44 -9.22
N ALA A 165 57.15 39.14 -9.74
CA ALA A 165 56.92 40.16 -10.75
C ALA A 165 56.08 39.70 -11.94
N PRO A 166 56.27 38.51 -12.51
CA PRO A 166 55.34 38.08 -13.57
C PRO A 166 53.90 37.98 -13.12
N ILE A 167 53.65 37.76 -11.83
CA ILE A 167 52.27 37.54 -11.38
C ILE A 167 51.51 38.86 -11.29
N LEU A 168 52.02 39.83 -10.54
CA LEU A 168 51.28 41.08 -10.35
C LEU A 168 51.10 41.82 -11.67
N TRP A 169 52.15 41.91 -12.48
CA TRP A 169 52.15 42.72 -13.68
C TRP A 169 52.03 41.82 -14.91
N VAL A 170 51.05 42.10 -15.74
CA VAL A 170 50.88 41.43 -17.03
C VAL A 170 50.89 42.50 -18.12
N GLU A 171 51.63 42.23 -19.19
CA GLU A 171 51.70 43.19 -20.29
C GLU A 171 50.35 43.25 -21.01
N ARG A 172 49.86 44.46 -21.20
CA ARG A 172 48.55 44.67 -21.82
C ARG A 172 48.59 45.91 -22.69
N LYS A 173 48.06 45.79 -23.91
CA LYS A 173 47.97 46.92 -24.81
C LYS A 173 46.89 47.88 -24.35
N MET A 174 47.01 49.14 -24.78
CA MET A 174 46.09 50.18 -24.33
C MET A 174 44.67 49.90 -24.78
N THR A 175 44.50 49.41 -26.00
CA THR A 175 43.15 49.19 -26.53
C THR A 175 42.39 48.15 -25.72
N LEU A 176 43.04 47.03 -25.40
CA LEU A 176 42.37 45.99 -24.61
C LEU A 176 42.02 46.49 -23.22
N TRP A 177 42.92 47.24 -22.59
CA TRP A 177 42.63 47.80 -21.27
C TRP A 177 41.44 48.75 -21.34
N ALA A 178 41.40 49.62 -22.34
CA ALA A 178 40.29 50.56 -22.48
C ALA A 178 38.98 49.82 -22.71
N ILE A 179 39.01 48.74 -23.51
CA ILE A 179 37.80 47.97 -23.76
C ILE A 179 37.32 47.29 -22.48
N GLN A 180 38.25 46.71 -21.70
CA GLN A 180 37.86 46.00 -20.49
C GLN A 180 37.33 46.94 -19.42
N VAL A 181 37.89 48.15 -19.33
CA VAL A 181 37.46 49.09 -18.29
C VAL A 181 36.00 49.47 -18.48
N ILE A 182 35.60 49.74 -19.73
CA ILE A 182 34.20 50.09 -20.00
C ILE A 182 33.28 48.94 -19.62
N VAL A 183 33.65 47.72 -19.99
CA VAL A 183 32.84 46.56 -19.67
C VAL A 183 32.69 46.40 -18.15
N ALA A 184 33.79 46.54 -17.41
CA ALA A 184 33.71 46.40 -15.96
C ALA A 184 32.87 47.50 -15.33
N ILE A 185 33.01 48.74 -15.82
CA ILE A 185 32.24 49.85 -15.27
C ILE A 185 30.75 49.62 -15.47
N ILE A 186 30.35 49.28 -16.69
CA ILE A 186 28.93 49.06 -16.95
C ILE A 186 28.45 47.82 -16.20
N SER A 187 29.34 46.84 -15.99
CA SER A 187 28.98 45.66 -15.21
C SER A 187 28.60 46.03 -13.79
N PHE A 188 29.49 46.76 -13.11
CA PHE A 188 29.21 47.15 -11.73
C PHE A 188 27.98 48.04 -11.66
N LEU A 189 27.85 48.97 -12.61
CA LEU A 189 26.68 49.86 -12.60
C LEU A 189 25.38 49.07 -12.74
N GLU A 190 25.33 48.12 -13.69
CA GLU A 190 24.10 47.35 -13.88
C GLU A 190 23.82 46.45 -12.68
N THR A 191 24.86 45.83 -12.12
CA THR A 191 24.65 44.94 -10.98
C THR A 191 24.11 45.71 -9.78
N MET A 192 24.73 46.85 -9.45
CA MET A 192 24.24 47.62 -8.32
C MET A 192 22.91 48.32 -8.61
N LEU A 193 22.63 48.63 -9.88
CA LEU A 193 21.31 49.15 -10.23
C LEU A 193 20.23 48.12 -9.97
N LEU A 194 20.49 46.86 -10.34
CA LEU A 194 19.54 45.80 -10.04
C LEU A 194 19.47 45.50 -8.54
N ILE A 195 20.57 45.65 -7.81
CA ILE A 195 20.53 45.48 -6.36
C ILE A 195 19.64 46.54 -5.72
N TYR A 196 19.80 47.80 -6.15
CA TYR A 196 18.93 48.86 -5.67
C TYR A 196 17.49 48.67 -6.13
N LEU A 197 17.30 48.00 -7.27
CA LEU A 197 15.96 47.72 -7.75
C LEU A 197 15.25 46.69 -6.88
N SER A 198 16.01 45.78 -6.25
CA SER A 198 15.44 44.71 -5.45
C SER A 198 16.04 44.79 -4.04
N TYR A 199 15.32 45.44 -3.13
CA TYR A 199 15.71 45.49 -1.73
C TYR A 199 15.10 44.38 -0.89
N LYS A 200 13.85 44.00 -1.18
CA LYS A 200 13.10 43.02 -0.40
C LYS A 200 12.99 43.41 1.07
N GLY A 201 13.09 44.71 1.36
CA GLY A 201 13.08 45.17 2.74
C GLY A 201 14.28 44.73 3.55
N ASN A 202 15.39 44.40 2.89
CA ASN A 202 16.57 43.88 3.58
C ASN A 202 17.79 44.24 2.75
N ILE A 203 18.48 45.32 3.14
CA ILE A 203 19.74 45.68 2.50
C ILE A 203 20.88 44.82 3.01
N TRP A 204 20.79 44.32 4.24
CA TRP A 204 21.83 43.49 4.83
C TRP A 204 21.89 42.14 4.10
N GLU A 205 22.82 41.30 4.56
CA GLU A 205 23.00 39.93 4.05
C GLU A 205 23.44 39.90 2.59
N GLN A 206 23.60 41.08 1.97
CA GLN A 206 24.14 41.14 0.62
C GLN A 206 25.64 40.92 0.60
N ILE A 207 26.34 41.24 1.69
CA ILE A 207 27.77 41.02 1.77
C ILE A 207 28.09 39.53 1.86
N PHE A 208 27.35 38.81 2.71
CA PHE A 208 27.62 37.39 2.93
C PHE A 208 27.11 36.49 1.82
N ARG A 209 26.16 36.95 1.00
CA ARG A 209 25.82 36.24 -0.23
C ARG A 209 27.06 36.23 -1.12
N VAL A 210 27.59 35.06 -1.43
CA VAL A 210 28.82 35.04 -2.21
C VAL A 210 28.45 35.10 -3.70
N SER A 211 28.06 36.29 -4.13
CA SER A 211 28.01 36.67 -5.55
C SER A 211 28.46 38.09 -5.79
N PHE A 212 28.43 38.96 -4.77
CA PHE A 212 28.80 40.36 -4.89
C PHE A 212 30.26 40.60 -4.51
N VAL A 213 30.81 39.80 -3.60
CA VAL A 213 32.22 39.96 -3.24
C VAL A 213 33.12 39.65 -4.43
N LEU A 214 32.85 38.52 -5.11
CA LEU A 214 33.63 38.16 -6.29
C LEU A 214 33.49 39.22 -7.37
N GLU A 215 32.26 39.68 -7.60
CA GLU A 215 32.00 40.70 -8.60
C GLU A 215 32.76 41.98 -8.28
N MET A 216 32.71 42.41 -7.02
CA MET A 216 33.25 43.71 -6.69
C MET A 216 34.77 43.68 -6.71
N ILE A 217 35.35 42.59 -6.21
CA ILE A 217 36.79 42.40 -6.29
C ILE A 217 37.26 42.30 -7.74
N ASN A 218 36.46 41.69 -8.62
CA ASN A 218 36.83 41.63 -10.02
C ASN A 218 36.66 42.98 -10.72
N THR A 219 35.78 43.84 -10.23
CA THR A 219 35.41 45.06 -10.94
C THR A 219 36.16 46.31 -10.48
N LEU A 220 36.25 46.56 -9.18
CA LEU A 220 36.88 47.80 -8.70
C LEU A 220 38.28 48.05 -9.24
N PRO A 221 39.16 47.04 -9.33
CA PRO A 221 40.50 47.31 -9.86
C PRO A 221 40.50 47.91 -11.25
N PHE A 222 39.54 47.54 -12.11
CA PHE A 222 39.48 48.13 -13.45
C PHE A 222 39.19 49.62 -13.41
N ILE A 223 38.50 50.10 -12.37
CA ILE A 223 38.29 51.53 -12.20
C ILE A 223 39.48 52.18 -11.49
N ILE A 224 40.11 51.45 -10.55
CA ILE A 224 41.27 51.98 -9.84
C ILE A 224 42.42 52.22 -10.81
N THR A 225 42.55 51.38 -11.84
CA THR A 225 43.63 51.53 -12.81
C THR A 225 43.62 52.92 -13.46
N ILE A 226 42.44 53.53 -13.60
CA ILE A 226 42.38 54.89 -14.16
C ILE A 226 43.04 55.89 -13.22
N PHE A 227 42.92 55.71 -11.90
CA PHE A 227 43.53 56.63 -10.96
C PHE A 227 45.05 56.64 -11.09
N TRP A 228 45.66 55.48 -11.23
CA TRP A 228 47.11 55.35 -11.32
C TRP A 228 47.49 54.79 -12.69
N PRO A 229 48.00 55.62 -13.60
CA PRO A 229 48.39 55.14 -14.94
C PRO A 229 49.39 53.99 -14.88
N PRO A 230 50.38 54.02 -13.97
CA PRO A 230 51.29 52.86 -13.87
C PRO A 230 50.60 51.58 -13.45
N LEU A 231 49.40 51.65 -12.86
CA LEU A 231 48.70 50.49 -12.35
C LEU A 231 47.82 49.81 -13.41
N ARG A 232 47.86 50.29 -14.65
CA ARG A 232 46.97 49.74 -15.68
C ARG A 232 47.26 48.28 -15.97
N ASN A 233 48.54 47.91 -16.09
CA ASN A 233 48.92 46.56 -16.49
C ASN A 233 49.06 45.64 -15.26
N LEU A 234 48.02 45.63 -14.45
CA LEU A 234 47.98 44.87 -13.21
C LEU A 234 47.03 43.69 -13.38
N PHE A 235 47.42 42.55 -12.84
CA PHE A 235 46.58 41.35 -12.93
C PHE A 235 45.29 41.57 -12.16
N ILE A 236 44.17 41.29 -12.82
CA ILE A 236 42.86 41.23 -12.19
C ILE A 236 42.27 39.86 -12.53
N PRO A 237 41.80 39.08 -11.55
CA PRO A 237 41.31 37.74 -11.86
C PRO A 237 39.98 37.76 -12.60
N VAL A 238 40.02 38.10 -13.88
CA VAL A 238 38.82 38.19 -14.70
C VAL A 238 38.18 36.82 -14.92
N PHE A 239 38.98 35.74 -14.89
CA PHE A 239 38.46 34.42 -15.21
C PHE A 239 37.42 33.93 -14.22
N LEU A 240 37.33 34.52 -13.04
CA LEU A 240 36.33 34.11 -12.07
C LEU A 240 34.93 34.65 -12.38
N ASN A 241 34.80 35.55 -13.35
CA ASN A 241 33.49 36.14 -13.65
C ASN A 241 32.53 35.14 -14.28
N CYS A 242 33.03 34.00 -14.77
CA CYS A 242 32.13 33.02 -15.37
C CYS A 242 31.39 32.21 -14.32
N TRP A 243 31.87 32.21 -13.06
CA TRP A 243 31.02 31.86 -11.92
C TRP A 243 29.76 32.73 -11.87
N LEU A 244 29.94 34.05 -12.00
CA LEU A 244 28.79 34.94 -12.04
C LEU A 244 27.94 34.70 -13.27
N ALA A 245 28.59 34.36 -14.38
CA ALA A 245 27.85 33.97 -15.59
C ALA A 245 26.97 32.76 -15.32
N LYS A 246 27.50 31.76 -14.62
CA LYS A 246 26.70 30.60 -14.23
C LYS A 246 25.54 31.01 -13.33
N HIS A 247 25.79 31.91 -12.37
CA HIS A 247 24.74 32.36 -11.48
C HIS A 247 23.62 33.05 -12.25
N ALA A 248 23.98 33.93 -13.18
CA ALA A 248 22.98 34.57 -14.02
C ALA A 248 22.23 33.57 -14.89
N LEU A 249 22.93 32.58 -15.43
CA LEU A 249 22.28 31.57 -16.27
C LEU A 249 21.26 30.77 -15.47
N GLU A 250 21.62 30.36 -14.25
CA GLU A 250 20.68 29.58 -13.45
C GLU A 250 19.52 30.43 -12.97
N ASN A 251 19.77 31.71 -12.66
CA ASN A 251 18.66 32.60 -12.33
C ASN A 251 17.73 32.85 -13.50
N MET A 252 18.25 32.81 -14.73
CA MET A 252 17.40 32.95 -15.92
C MET A 252 16.64 31.67 -16.23
N ILE A 253 17.24 30.51 -15.96
CA ILE A 253 16.59 29.24 -16.25
C ILE A 253 15.36 29.02 -15.40
N ASN A 254 15.39 29.48 -14.14
CA ASN A 254 14.28 29.25 -13.23
C ASN A 254 12.97 29.81 -13.78
N ASP A 255 13.04 30.94 -14.48
CA ASP A 255 11.82 31.53 -15.04
C ASP A 255 11.51 30.95 -16.42
N PHE A 256 12.43 31.06 -17.36
CA PHE A 256 12.21 30.66 -18.74
C PHE A 256 12.94 29.35 -19.04
N HIS A 257 12.27 28.49 -19.82
CA HIS A 257 12.86 27.21 -20.18
C HIS A 257 14.11 27.40 -21.04
N ARG A 258 14.05 28.31 -22.01
CA ARG A 258 15.19 28.56 -22.88
C ARG A 258 15.09 29.96 -23.51
N SER A 265 12.03 19.26 -20.53
CA SER A 265 12.99 20.29 -20.15
C SER A 265 13.05 20.45 -18.63
N ALA A 266 13.00 19.33 -17.92
CA ALA A 266 13.07 19.32 -16.46
C ALA A 266 14.42 18.87 -15.93
N MET A 267 14.88 17.68 -16.34
CA MET A 267 16.20 17.21 -15.95
C MET A 267 17.30 17.81 -16.79
N PHE A 268 17.02 18.13 -18.05
CA PHE A 268 18.03 18.76 -18.91
C PHE A 268 18.42 20.14 -18.38
N ASN A 269 17.48 20.83 -17.75
CA ASN A 269 17.78 22.16 -17.20
C ASN A 269 18.84 22.10 -16.11
N GLN A 270 18.93 20.98 -15.39
CA GLN A 270 19.95 20.82 -14.36
C GLN A 270 21.20 20.13 -14.87
N VAL A 271 21.07 19.24 -15.85
CA VAL A 271 22.25 18.71 -16.52
C VAL A 271 23.03 19.85 -17.17
N LEU A 272 22.32 20.84 -17.71
CA LEU A 272 22.98 21.97 -18.36
C LEU A 272 23.78 22.79 -17.35
N ILE A 273 23.22 23.04 -16.16
CA ILE A 273 23.98 23.82 -15.17
C ILE A 273 25.13 22.99 -14.62
N LEU A 274 24.97 21.68 -14.50
CA LEU A 274 26.11 20.84 -14.13
C LEU A 274 27.23 20.95 -15.18
N PHE A 275 26.87 20.89 -16.46
CA PHE A 275 27.84 20.97 -17.54
C PHE A 275 28.51 22.35 -17.53
N CYS A 276 27.72 23.40 -17.32
CA CYS A 276 28.26 24.75 -17.25
C CYS A 276 29.18 24.94 -16.06
N THR A 277 28.84 24.32 -14.92
CA THR A 277 29.72 24.35 -13.76
C THR A 277 31.03 23.64 -14.05
N LEU A 278 30.97 22.51 -14.76
CA LEU A 278 32.20 21.81 -15.13
C LEU A 278 33.09 22.69 -16.01
N LEU A 279 32.50 23.36 -17.00
CA LEU A 279 33.29 24.27 -17.84
C LEU A 279 33.83 25.44 -17.04
N CYS A 280 33.01 25.98 -16.13
CA CYS A 280 33.46 27.09 -15.30
C CYS A 280 34.66 26.69 -14.47
N LEU A 281 34.60 25.53 -13.83
CA LEU A 281 35.68 25.06 -12.98
C LEU A 281 36.94 24.82 -13.81
N VAL A 282 36.79 24.17 -14.98
CA VAL A 282 37.93 23.88 -15.83
C VAL A 282 38.58 25.17 -16.32
N PHE A 283 37.77 26.15 -16.74
CA PHE A 283 38.28 27.42 -17.22
C PHE A 283 39.03 28.15 -16.10
N THR A 284 38.43 28.25 -14.93
CA THR A 284 39.08 28.91 -13.81
C THR A 284 40.42 28.24 -13.51
N GLY A 285 40.43 26.92 -13.43
CA GLY A 285 41.64 26.18 -13.13
C GLY A 285 42.73 26.39 -14.15
N THR A 286 42.41 26.27 -15.44
CA THR A 286 43.44 26.37 -16.46
C THR A 286 44.02 27.78 -16.51
N CYS A 287 43.16 28.81 -16.46
CA CYS A 287 43.68 30.17 -16.49
C CYS A 287 44.52 30.47 -15.25
N GLY A 288 44.07 30.03 -14.07
CA GLY A 288 44.84 30.27 -12.86
C GLY A 288 46.20 29.60 -12.90
N ILE A 289 46.24 28.33 -13.29
CA ILE A 289 47.53 27.66 -13.32
C ILE A 289 48.43 28.32 -14.36
N GLN A 290 47.88 28.74 -15.50
CA GLN A 290 48.69 29.36 -16.53
C GLN A 290 49.30 30.67 -16.02
N HIS A 291 48.51 31.47 -15.30
CA HIS A 291 49.03 32.76 -14.86
C HIS A 291 50.01 32.63 -13.71
N LEU A 292 49.69 31.85 -12.67
CA LEU A 292 50.67 31.67 -11.60
C LEU A 292 51.90 30.89 -12.08
N GLU A 293 51.78 30.17 -13.18
CA GLU A 293 52.95 29.54 -13.78
C GLU A 293 53.57 30.37 -14.90
N ARG A 294 53.08 31.59 -15.12
CA ARG A 294 53.80 32.52 -15.99
C ARG A 294 55.20 32.82 -15.45
N ALA A 295 55.38 32.78 -14.13
CA ALA A 295 56.71 32.95 -13.55
C ALA A 295 57.57 31.71 -13.74
N GLY A 296 56.99 30.52 -13.57
CA GLY A 296 57.74 29.29 -13.67
C GLY A 296 57.12 28.25 -14.58
N GLU A 297 57.97 27.60 -15.39
CA GLU A 297 57.62 26.60 -16.41
C GLU A 297 57.02 27.23 -17.66
N ASN A 298 56.70 28.52 -17.60
CA ASN A 298 56.29 29.33 -18.76
C ASN A 298 55.44 28.54 -19.76
N LEU A 299 54.45 27.82 -19.26
CA LEU A 299 53.67 26.94 -20.12
C LEU A 299 52.58 27.72 -20.85
N SER A 300 52.22 27.22 -22.04
CA SER A 300 51.18 27.84 -22.84
C SER A 300 49.80 27.53 -22.26
N LEU A 301 48.79 28.18 -22.81
CA LEU A 301 47.43 28.00 -22.31
C LEU A 301 46.84 26.66 -22.75
N LEU A 302 47.21 26.16 -23.93
CA LEU A 302 46.71 24.86 -24.37
C LEU A 302 47.24 23.75 -23.47
N THR A 303 48.53 23.81 -23.13
CA THR A 303 49.09 22.85 -22.18
C THR A 303 48.40 22.99 -20.82
N SER A 304 48.07 24.22 -20.43
CA SER A 304 47.31 24.45 -19.21
C SER A 304 45.96 23.74 -19.24
N PHE A 305 45.22 23.89 -20.33
CA PHE A 305 43.91 23.26 -20.44
C PHE A 305 44.04 21.74 -20.45
N TYR A 306 45.04 21.21 -21.18
CA TYR A 306 45.25 19.77 -21.21
C TYR A 306 45.57 19.21 -19.84
N PHE A 307 46.45 19.89 -19.09
CA PHE A 307 46.78 19.45 -17.75
C PHE A 307 45.57 19.49 -16.84
N CYS A 308 44.76 20.55 -16.95
CA CYS A 308 43.58 20.66 -16.10
C CYS A 308 42.54 19.59 -16.41
N ILE A 309 42.35 19.26 -17.69
CA ILE A 309 41.36 18.22 -17.99
C ILE A 309 41.88 16.84 -17.63
N VAL A 310 43.19 16.57 -17.79
CA VAL A 310 43.68 15.26 -17.40
C VAL A 310 43.75 15.10 -15.88
N THR A 311 43.87 16.20 -15.12
CA THR A 311 43.73 16.06 -13.67
C THR A 311 42.26 16.11 -13.24
N PHE A 312 41.37 16.57 -14.13
CA PHE A 312 39.95 16.49 -13.85
C PHE A 312 39.50 15.04 -13.73
N SER A 313 39.88 14.21 -14.70
CA SER A 313 39.53 12.79 -14.71
C SER A 313 40.36 11.96 -13.75
N THR A 314 41.12 12.59 -12.84
CA THR A 314 42.00 11.93 -11.88
C THR A 314 43.06 11.08 -12.56
N VAL A 315 43.47 11.44 -13.77
CA VAL A 315 44.50 10.67 -14.47
C VAL A 315 45.89 11.01 -13.91
N GLY A 316 46.24 12.30 -13.94
CA GLY A 316 47.52 12.74 -13.41
C GLY A 316 48.79 12.26 -14.10
N TYR A 317 48.85 12.43 -15.42
CA TYR A 317 50.00 11.96 -16.17
C TYR A 317 51.36 12.32 -15.57
N GLY A 318 51.53 13.56 -15.14
CA GLY A 318 52.78 14.01 -14.57
C GLY A 318 53.78 14.57 -15.58
N ASP A 319 53.47 14.55 -16.87
CA ASP A 319 54.35 15.15 -17.85
C ASP A 319 54.47 16.65 -17.63
N VAL A 320 53.36 17.31 -17.36
CA VAL A 320 53.32 18.72 -16.98
C VAL A 320 52.76 18.80 -15.56
N THR A 321 53.54 19.36 -14.65
CA THR A 321 53.19 19.36 -13.24
C THR A 321 53.67 20.66 -12.62
N PRO A 322 52.86 21.31 -11.80
CA PRO A 322 53.31 22.53 -11.12
C PRO A 322 54.57 22.27 -10.29
N LYS A 323 55.53 23.17 -10.39
CA LYS A 323 56.80 23.04 -9.69
C LYS A 323 57.09 24.20 -8.77
N ILE A 324 56.10 25.02 -8.44
CA ILE A 324 56.27 26.19 -7.60
C ILE A 324 55.18 26.19 -6.52
N TRP A 325 55.45 26.94 -5.46
CA TRP A 325 54.60 27.07 -4.28
C TRP A 325 53.19 27.51 -4.65
N PRO A 326 53.00 28.62 -5.38
CA PRO A 326 51.64 29.11 -5.61
C PRO A 326 50.82 28.21 -6.52
N SER A 327 51.43 27.65 -7.58
CA SER A 327 50.68 26.80 -8.48
C SER A 327 50.27 25.49 -7.81
N GLN A 328 51.15 24.92 -6.98
CA GLN A 328 50.78 23.74 -6.21
C GLN A 328 49.64 24.06 -5.25
N LEU A 329 49.71 25.21 -4.57
CA LEU A 329 48.60 25.62 -3.71
C LEU A 329 47.31 25.80 -4.48
N LEU A 330 47.37 26.38 -5.67
CA LEU A 330 46.18 26.58 -6.48
C LEU A 330 45.58 25.24 -6.91
N VAL A 331 46.43 24.29 -7.30
CA VAL A 331 45.94 22.96 -7.63
C VAL A 331 45.25 22.34 -6.42
N VAL A 332 45.83 22.50 -5.23
CA VAL A 332 45.24 21.91 -4.03
C VAL A 332 43.86 22.50 -3.75
N ILE A 333 43.77 23.84 -3.74
CA ILE A 333 42.49 24.48 -3.41
C ILE A 333 41.47 24.19 -4.50
N MET A 334 41.92 24.09 -5.75
CA MET A 334 41.01 23.80 -6.84
C MET A 334 40.44 22.39 -6.72
N ILE A 335 41.29 21.42 -6.33
CA ILE A 335 40.80 20.07 -6.10
C ILE A 335 39.79 20.06 -4.96
N CYS A 336 40.08 20.78 -3.88
CA CYS A 336 39.13 20.84 -2.76
C CYS A 336 37.81 21.46 -3.20
N VAL A 337 37.86 22.55 -3.96
CA VAL A 337 36.63 23.22 -4.40
C VAL A 337 35.82 22.30 -5.30
N ALA A 338 36.48 21.60 -6.22
CA ALA A 338 35.77 20.66 -7.06
C ALA A 338 35.11 19.56 -6.24
N LEU A 339 35.87 18.94 -5.33
CA LEU A 339 35.35 17.83 -4.56
C LEU A 339 34.29 18.26 -3.55
N VAL A 340 34.17 19.56 -3.28
CA VAL A 340 33.11 20.04 -2.40
C VAL A 340 31.91 20.60 -3.16
N VAL A 341 32.07 20.99 -4.43
CA VAL A 341 30.98 21.66 -5.14
C VAL A 341 30.31 20.71 -6.14
N LEU A 342 31.03 19.72 -6.64
CA LEU A 342 30.42 18.79 -7.59
C LEU A 342 29.47 17.78 -6.96
N PRO A 343 29.76 17.19 -5.78
CA PRO A 343 28.78 16.28 -5.18
C PRO A 343 27.44 16.94 -4.88
N LEU A 344 27.41 18.26 -4.66
CA LEU A 344 26.12 18.95 -4.54
C LEU A 344 25.34 18.87 -5.85
N GLN A 345 26.01 19.10 -6.98
CA GLN A 345 25.34 18.95 -8.27
C GLN A 345 24.90 17.51 -8.49
N PHE A 346 25.73 16.55 -8.07
CA PHE A 346 25.36 15.14 -8.23
C PHE A 346 24.14 14.78 -7.38
N GLU A 347 24.08 15.28 -6.14
CA GLU A 347 22.95 14.98 -5.28
C GLU A 347 21.68 15.63 -5.80
N GLU A 348 21.80 16.85 -6.35
CA GLU A 348 20.65 17.46 -7.00
C GLU A 348 20.19 16.65 -8.21
N LEU A 349 21.14 16.15 -9.00
CA LEU A 349 20.79 15.37 -10.18
C LEU A 349 20.09 14.07 -9.81
N VAL A 350 20.59 13.38 -8.78
CA VAL A 350 19.93 12.12 -8.39
C VAL A 350 18.60 12.40 -7.73
N TYR A 351 18.46 13.52 -7.02
CA TYR A 351 17.17 13.94 -6.48
C TYR A 351 16.15 14.12 -7.60
N LEU A 352 16.54 14.85 -8.65
CA LEU A 352 15.63 15.04 -9.77
C LEU A 352 15.37 13.74 -10.51
N TRP A 353 16.35 12.83 -10.55
CA TRP A 353 16.13 11.54 -11.19
C TRP A 353 15.13 10.71 -10.41
N MET A 354 15.21 10.74 -9.08
CA MET A 354 14.23 10.03 -8.26
C MET A 354 12.83 10.62 -8.43
N GLU A 355 12.71 11.96 -8.45
CA GLU A 355 11.41 12.55 -8.70
C GLU A 355 10.91 12.27 -10.12
N ARG A 356 11.83 12.08 -11.07
CA ARG A 356 11.44 11.77 -12.45
C ARG A 356 10.93 10.34 -12.59
N GLN A 357 11.29 9.45 -11.67
CA GLN A 357 10.86 8.05 -11.69
C GLN A 357 9.45 7.87 -11.14
N LYS A 358 8.76 8.94 -10.74
CA LYS A 358 7.42 8.84 -10.18
C LYS A 358 6.57 10.04 -10.58
N GLN A 369 7.77 5.14 -32.17
CA GLN A 369 8.28 3.88 -32.69
C GLN A 369 7.98 3.75 -34.18
N THR A 370 7.07 2.86 -34.53
CA THR A 370 6.68 2.60 -35.91
C THR A 370 5.22 3.03 -36.11
N GLU A 371 4.78 2.98 -37.36
CA GLU A 371 3.37 3.19 -37.67
C GLU A 371 2.63 1.85 -37.56
N LYS A 372 1.34 1.87 -37.88
CA LYS A 372 0.49 0.68 -37.88
C LYS A 372 0.47 0.01 -36.51
N HIS A 373 -0.09 0.71 -35.54
CA HIS A 373 -0.21 0.21 -34.19
C HIS A 373 -1.67 0.01 -33.82
N VAL A 374 -1.88 -0.74 -32.72
CA VAL A 374 -3.20 -1.10 -32.24
C VAL A 374 -3.27 -0.77 -30.75
N VAL A 375 -4.35 -0.13 -30.33
CA VAL A 375 -4.52 0.31 -28.95
C VAL A 375 -5.51 -0.61 -28.24
N LEU A 376 -5.15 -1.04 -27.03
CA LEU A 376 -5.96 -1.93 -26.22
C LEU A 376 -6.33 -1.18 -24.94
N CYS A 377 -7.57 -0.71 -24.86
CA CYS A 377 -8.05 0.09 -23.73
C CYS A 377 -8.78 -0.83 -22.76
N VAL A 378 -8.17 -1.11 -21.62
CA VAL A 378 -8.75 -1.96 -20.59
C VAL A 378 -8.84 -1.17 -19.29
N SER A 379 -9.50 -1.77 -18.31
CA SER A 379 -9.59 -1.20 -16.96
C SER A 379 -8.58 -1.81 -16.00
N SER A 380 -8.38 -3.12 -16.05
CA SER A 380 -7.35 -3.79 -15.26
C SER A 380 -6.80 -4.93 -16.09
N LEU A 381 -5.51 -4.86 -16.40
CA LEU A 381 -4.88 -5.82 -17.29
C LEU A 381 -4.31 -7.00 -16.50
N LYS A 382 -4.68 -8.21 -16.91
CA LYS A 382 -4.18 -9.43 -16.31
C LYS A 382 -3.28 -10.16 -17.30
N ILE A 383 -2.50 -11.10 -16.79
CA ILE A 383 -1.57 -11.85 -17.63
C ILE A 383 -2.33 -12.74 -18.61
N ASP A 384 -3.45 -13.33 -18.17
CA ASP A 384 -4.21 -14.21 -19.06
C ASP A 384 -4.79 -13.44 -20.24
N LEU A 385 -5.42 -12.30 -19.97
CA LEU A 385 -6.01 -11.50 -21.03
C LEU A 385 -4.94 -11.00 -22.00
N LEU A 386 -3.82 -10.53 -21.46
CA LEU A 386 -2.74 -10.04 -22.31
C LEU A 386 -2.17 -11.15 -23.19
N MET A 387 -1.96 -12.34 -22.62
CA MET A 387 -1.44 -13.45 -23.40
C MET A 387 -2.45 -13.88 -24.47
N ASP A 388 -3.73 -13.89 -24.14
CA ASP A 388 -4.75 -14.23 -25.12
C ASP A 388 -4.70 -13.24 -26.28
N PHE A 389 -4.63 -11.94 -25.96
CA PHE A 389 -4.58 -10.94 -27.02
C PHE A 389 -3.34 -11.08 -27.88
N LEU A 390 -2.18 -11.28 -27.25
CA LEU A 390 -0.94 -11.39 -28.01
C LEU A 390 -0.95 -12.62 -28.92
N ASN A 391 -1.40 -13.76 -28.38
CA ASN A 391 -1.44 -14.99 -29.17
C ASN A 391 -2.41 -14.86 -30.35
N GLU A 392 -3.57 -14.25 -30.12
CA GLU A 392 -4.55 -14.14 -31.20
C GLU A 392 -4.13 -13.08 -32.22
N PHE A 393 -3.43 -12.03 -31.77
CA PHE A 393 -3.07 -10.93 -32.66
C PHE A 393 -1.86 -11.29 -33.52
N TYR A 394 -0.79 -11.77 -32.89
CA TYR A 394 0.46 -12.03 -33.60
C TYR A 394 0.52 -13.42 -34.21
N ALA A 395 -0.60 -14.14 -34.28
CA ALA A 395 -0.64 -15.39 -35.01
C ALA A 395 -0.82 -15.18 -36.51
N HIS A 396 -1.12 -13.96 -36.94
CA HIS A 396 -1.33 -13.57 -38.33
C HIS A 396 -0.07 -12.96 -38.92
N PRO A 397 0.35 -13.45 -40.09
CA PRO A 397 1.58 -12.91 -40.71
C PRO A 397 1.47 -11.44 -41.08
N ARG A 398 0.26 -10.93 -41.32
CA ARG A 398 0.10 -9.54 -41.71
C ARG A 398 0.31 -8.58 -40.55
N LEU A 399 0.04 -9.01 -39.31
CA LEU A 399 0.15 -8.15 -38.15
C LEU A 399 1.43 -8.40 -37.35
N GLN A 400 2.49 -8.82 -38.03
CA GLN A 400 3.78 -9.01 -37.35
C GLN A 400 4.48 -7.69 -37.05
N ASP A 401 4.27 -6.67 -37.89
CA ASP A 401 4.91 -5.38 -37.71
C ASP A 401 4.14 -4.47 -36.75
N TYR A 402 2.91 -4.82 -36.39
CA TYR A 402 2.11 -4.01 -35.48
C TYR A 402 2.66 -4.09 -34.07
N TYR A 403 2.53 -2.99 -33.34
CA TYR A 403 2.82 -2.97 -31.92
C TYR A 403 1.59 -2.49 -31.16
N VAL A 404 1.48 -2.95 -29.91
CA VAL A 404 0.25 -2.82 -29.13
C VAL A 404 0.48 -1.76 -28.05
N VAL A 405 -0.41 -0.78 -28.00
CA VAL A 405 -0.44 0.21 -26.93
C VAL A 405 -1.56 -0.15 -25.98
N ILE A 406 -1.25 -0.20 -24.68
CA ILE A 406 -2.21 -0.62 -23.66
C ILE A 406 -2.47 0.59 -22.77
N LEU A 407 -3.71 1.09 -22.81
CA LEU A 407 -4.15 2.19 -21.95
C LEU A 407 -4.88 1.59 -20.76
N CYS A 408 -4.26 1.65 -19.58
CA CYS A 408 -4.85 1.09 -18.37
C CYS A 408 -4.70 2.11 -17.25
N PRO A 409 -5.78 2.48 -16.57
CA PRO A 409 -5.68 3.48 -15.50
C PRO A 409 -4.94 2.98 -14.27
N THR A 410 -4.66 1.68 -14.18
CA THR A 410 -3.96 1.09 -13.05
C THR A 410 -2.50 0.86 -13.40
N GLU A 411 -1.70 0.59 -12.36
CA GLU A 411 -0.27 0.36 -12.54
C GLU A 411 -0.01 -1.08 -12.95
N MET A 412 1.10 -1.29 -13.66
CA MET A 412 1.40 -2.58 -14.25
C MET A 412 1.59 -3.65 -13.18
N ASP A 413 0.93 -4.79 -13.37
CA ASP A 413 1.06 -5.92 -12.46
C ASP A 413 2.43 -6.57 -12.65
N VAL A 414 2.88 -7.29 -11.61
CA VAL A 414 4.21 -7.90 -11.63
C VAL A 414 4.31 -8.94 -12.75
N GLN A 415 3.29 -9.78 -12.91
CA GLN A 415 3.31 -10.77 -13.99
C GLN A 415 3.30 -10.10 -15.36
N VAL A 416 2.54 -9.02 -15.50
CA VAL A 416 2.56 -8.25 -16.74
C VAL A 416 3.95 -7.70 -17.00
N ARG A 417 4.63 -7.24 -15.95
CA ARG A 417 5.99 -6.75 -16.11
C ARG A 417 6.92 -7.88 -16.56
N ARG A 418 6.78 -9.06 -15.95
CA ARG A 418 7.63 -10.19 -16.33
C ARG A 418 7.43 -10.57 -17.79
N VAL A 419 6.19 -10.55 -18.26
CA VAL A 419 5.97 -10.91 -19.66
C VAL A 419 6.39 -9.78 -20.60
N LEU A 420 6.30 -8.52 -20.17
CA LEU A 420 6.61 -7.40 -21.06
C LEU A 420 8.10 -7.09 -21.15
N GLN A 421 8.90 -7.49 -20.17
CA GLN A 421 10.35 -7.42 -20.31
C GLN A 421 10.95 -8.64 -20.99
N ILE A 422 10.11 -9.57 -21.47
CA ILE A 422 10.62 -10.56 -22.42
C ILE A 422 11.03 -9.86 -23.70
N PRO A 423 12.18 -10.20 -24.30
CA PRO A 423 12.60 -9.51 -25.53
C PRO A 423 11.61 -9.62 -26.67
N LEU A 424 10.83 -10.70 -26.73
CA LEU A 424 9.82 -10.82 -27.78
C LEU A 424 8.75 -9.74 -27.66
N TRP A 425 8.31 -9.43 -26.44
CA TRP A 425 7.26 -8.47 -26.20
C TRP A 425 7.76 -7.14 -25.69
N SER A 426 9.08 -6.94 -25.62
CA SER A 426 9.61 -5.71 -25.03
C SER A 426 9.27 -4.49 -25.88
N GLN A 427 9.51 -4.57 -27.18
CA GLN A 427 9.26 -3.45 -28.08
C GLN A 427 7.94 -3.54 -28.82
N ARG A 428 7.19 -4.63 -28.66
CA ARG A 428 5.89 -4.76 -29.30
C ARG A 428 4.74 -4.25 -28.44
N VAL A 429 4.89 -4.26 -27.12
CA VAL A 429 3.83 -3.86 -26.21
C VAL A 429 4.27 -2.60 -25.48
N ILE A 430 3.48 -1.54 -25.62
CA ILE A 430 3.69 -0.29 -24.91
C ILE A 430 2.56 -0.11 -23.90
N TYR A 431 2.93 0.11 -22.64
CA TYR A 431 1.98 0.22 -21.54
C TYR A 431 1.97 1.67 -21.05
N LEU A 432 0.86 2.36 -21.27
CA LEU A 432 0.64 3.69 -20.72
C LEU A 432 -0.37 3.63 -19.60
N GLN A 433 -0.04 4.27 -18.48
CA GLN A 433 -0.96 4.37 -17.35
C GLN A 433 -1.82 5.62 -17.55
N GLY A 434 -3.06 5.40 -17.97
CA GLY A 434 -3.95 6.52 -18.23
C GLY A 434 -5.35 6.05 -18.51
N SER A 435 -6.21 7.01 -18.84
CA SER A 435 -7.63 6.76 -19.06
C SER A 435 -8.04 7.31 -20.42
N ALA A 436 -8.95 6.61 -21.09
CA ALA A 436 -9.44 7.04 -22.38
C ALA A 436 -10.30 8.30 -22.30
N LEU A 437 -10.79 8.65 -21.12
CA LEU A 437 -11.61 9.84 -20.98
C LEU A 437 -10.79 11.12 -20.89
N LYS A 438 -9.46 11.01 -20.78
CA LYS A 438 -8.56 12.16 -20.85
C LYS A 438 -7.93 12.18 -22.23
N ASP A 439 -8.07 13.29 -22.94
CA ASP A 439 -7.54 13.39 -24.29
C ASP A 439 -6.03 13.32 -24.33
N GLN A 440 -5.35 13.75 -23.25
CA GLN A 440 -3.89 13.69 -23.22
C GLN A 440 -3.41 12.24 -23.30
N ASP A 441 -4.03 11.35 -22.52
CA ASP A 441 -3.69 9.94 -22.60
C ASP A 441 -4.05 9.36 -23.96
N LEU A 442 -5.02 9.97 -24.64
CA LEU A 442 -5.41 9.50 -25.97
C LEU A 442 -4.39 9.89 -27.04
N MET A 443 -3.80 11.09 -26.94
CA MET A 443 -2.76 11.46 -27.88
C MET A 443 -1.42 10.83 -27.54
N ARG A 444 -1.19 10.50 -26.27
CA ARG A 444 -0.01 9.72 -25.93
C ARG A 444 -0.05 8.34 -26.57
N ALA A 445 -1.26 7.75 -26.67
CA ALA A 445 -1.43 6.48 -27.36
C ALA A 445 -1.57 6.65 -28.86
N LYS A 446 -1.65 7.88 -29.37
CA LYS A 446 -1.76 8.18 -30.79
C LYS A 446 -2.97 7.48 -31.40
N MET A 447 -4.13 7.76 -30.83
CA MET A 447 -5.37 7.14 -31.28
C MET A 447 -5.79 7.64 -32.66
N ASP A 448 -5.46 8.90 -32.98
CA ASP A 448 -5.93 9.47 -34.24
C ASP A 448 -5.34 8.74 -35.44
N ASN A 449 -4.14 8.18 -35.31
CA ASN A 449 -3.54 7.37 -36.37
C ASN A 449 -3.54 5.88 -36.05
N GLY A 450 -4.22 5.46 -34.98
CA GLY A 450 -4.26 4.06 -34.64
C GLY A 450 -5.08 3.25 -35.62
N GLU A 451 -4.74 1.97 -35.71
CA GLU A 451 -5.44 1.06 -36.63
C GLU A 451 -6.71 0.49 -36.04
N ALA A 452 -6.78 0.32 -34.72
CA ALA A 452 -7.95 -0.26 -34.08
C ALA A 452 -7.86 -0.01 -32.59
N CYS A 453 -9.01 0.25 -31.96
CA CYS A 453 -9.11 0.42 -30.52
C CYS A 453 -9.97 -0.70 -29.96
N PHE A 454 -9.42 -1.45 -29.02
CA PHE A 454 -10.11 -2.59 -28.41
C PHE A 454 -10.51 -2.19 -26.99
N ILE A 455 -11.79 -1.89 -26.80
CA ILE A 455 -12.33 -1.62 -25.47
C ILE A 455 -12.84 -2.94 -24.90
N LEU A 456 -12.22 -3.37 -23.80
CA LEU A 456 -12.52 -4.66 -23.19
C LEU A 456 -13.15 -4.46 -21.82
N SER A 457 -14.21 -5.21 -21.55
CA SER A 457 -14.92 -5.10 -20.29
C SER A 457 -14.18 -5.84 -19.19
N SER A 458 -14.38 -5.39 -17.95
CA SER A 458 -13.76 -6.00 -16.78
C SER A 458 -14.71 -7.06 -16.24
N ARG A 459 -14.47 -8.31 -16.62
CA ARG A 459 -15.29 -9.41 -16.10
C ARG A 459 -15.04 -9.67 -14.62
N ASN A 460 -13.87 -9.28 -14.12
CA ASN A 460 -13.56 -9.50 -12.71
C ASN A 460 -14.28 -8.54 -11.79
N GLU A 461 -14.82 -7.44 -12.31
CA GLU A 461 -15.55 -6.49 -11.48
C GLU A 461 -16.83 -7.11 -10.95
N VAL A 462 -17.11 -6.85 -9.67
CA VAL A 462 -18.31 -7.39 -9.05
C VAL A 462 -19.57 -6.77 -9.66
N ASP A 463 -19.56 -5.45 -9.87
CA ASP A 463 -20.68 -4.74 -10.46
C ASP A 463 -20.46 -4.68 -11.97
N ARG A 464 -21.30 -5.38 -12.72
CA ARG A 464 -21.13 -5.46 -14.17
C ARG A 464 -21.76 -4.28 -14.90
N THR A 465 -22.83 -3.69 -14.36
CA THR A 465 -23.41 -2.52 -14.99
C THR A 465 -22.46 -1.32 -14.92
N ALA A 466 -21.72 -1.18 -13.82
CA ALA A 466 -20.74 -0.11 -13.73
C ALA A 466 -19.63 -0.30 -14.75
N ALA A 467 -19.16 -1.54 -14.91
CA ALA A 467 -18.14 -1.83 -15.91
C ALA A 467 -18.65 -1.55 -17.32
N ASP A 468 -19.91 -1.91 -17.59
CA ASP A 468 -20.50 -1.63 -18.90
C ASP A 468 -20.59 -0.12 -19.14
N HIS A 469 -20.96 0.64 -18.11
CA HIS A 469 -21.00 2.10 -18.25
C HIS A 469 -19.61 2.65 -18.54
N GLN A 470 -18.58 2.12 -17.87
CA GLN A 470 -17.22 2.56 -18.12
C GLN A 470 -16.79 2.25 -19.55
N THR A 471 -17.12 1.06 -20.05
CA THR A 471 -16.79 0.74 -21.44
C THR A 471 -17.55 1.61 -22.43
N ILE A 472 -18.82 1.92 -22.14
CA ILE A 472 -19.58 2.81 -23.01
C ILE A 472 -18.93 4.18 -23.05
N LEU A 473 -18.53 4.71 -21.89
CA LEU A 473 -17.86 6.01 -21.87
C LEU A 473 -16.52 5.97 -22.59
N ARG A 474 -15.77 4.88 -22.45
CA ARG A 474 -14.50 4.77 -23.16
C ARG A 474 -14.72 4.76 -24.68
N ALA A 475 -15.71 4.00 -25.14
CA ALA A 475 -16.01 3.97 -26.56
C ALA A 475 -16.44 5.35 -27.06
N TRP A 476 -17.28 6.04 -26.28
CA TRP A 476 -17.71 7.38 -26.66
C TRP A 476 -16.54 8.34 -26.73
N ALA A 477 -15.63 8.27 -25.75
CA ALA A 477 -14.47 9.15 -25.73
C ALA A 477 -13.56 8.89 -26.92
N VAL A 478 -13.34 7.61 -27.26
CA VAL A 478 -12.48 7.30 -28.40
C VAL A 478 -13.13 7.75 -29.70
N LYS A 479 -14.45 7.57 -29.83
CA LYS A 479 -15.15 8.04 -31.02
C LYS A 479 -15.09 9.55 -31.14
N ASP A 480 -15.24 10.25 -30.01
CA ASP A 480 -15.15 11.72 -30.01
C ASP A 480 -13.75 12.19 -30.40
N PHE A 481 -12.72 11.51 -29.89
CA PHE A 481 -11.36 11.93 -30.14
C PHE A 481 -10.89 11.53 -31.54
N ALA A 482 -11.04 10.24 -31.88
CA ALA A 482 -10.60 9.70 -33.15
C ALA A 482 -11.80 9.03 -33.83
N PRO A 483 -12.65 9.82 -34.50
CA PRO A 483 -13.83 9.22 -35.15
C PRO A 483 -13.49 8.18 -36.20
N ASN A 484 -12.40 8.36 -36.94
CA ASN A 484 -11.99 7.40 -37.97
C ASN A 484 -11.04 6.35 -37.41
N CYS A 485 -11.45 5.71 -36.32
CA CYS A 485 -10.70 4.62 -35.69
C CYS A 485 -11.68 3.50 -35.38
N PRO A 486 -11.63 2.39 -36.11
CA PRO A 486 -12.61 1.32 -35.88
C PRO A 486 -12.57 0.82 -34.45
N LEU A 487 -13.75 0.63 -33.87
CA LEU A 487 -13.89 0.25 -32.48
C LEU A 487 -14.31 -1.21 -32.36
N TYR A 488 -13.68 -1.91 -31.44
CA TYR A 488 -14.00 -3.30 -31.12
C TYR A 488 -14.33 -3.35 -29.63
N VAL A 489 -15.61 -3.24 -29.32
CA VAL A 489 -16.08 -3.12 -27.95
C VAL A 489 -16.59 -4.47 -27.46
N GLN A 490 -16.36 -4.74 -26.18
CA GLN A 490 -16.81 -5.95 -25.52
C GLN A 490 -17.77 -5.56 -24.41
N ILE A 491 -19.02 -5.99 -24.53
CA ILE A 491 -20.09 -5.56 -23.63
C ILE A 491 -20.54 -6.76 -22.82
N LEU A 492 -20.74 -6.56 -21.51
CA LEU A 492 -21.16 -7.62 -20.61
C LEU A 492 -22.66 -7.86 -20.65
N LYS A 493 -23.46 -6.80 -20.44
CA LYS A 493 -24.90 -7.00 -20.32
C LYS A 493 -25.62 -6.51 -21.56
N PRO A 494 -26.60 -7.27 -22.05
CA PRO A 494 -27.25 -6.92 -23.33
C PRO A 494 -28.04 -5.62 -23.29
N GLU A 495 -28.44 -5.14 -22.11
CA GLU A 495 -29.22 -3.91 -22.05
C GLU A 495 -28.39 -2.72 -22.52
N ASN A 496 -27.08 -2.75 -22.28
CA ASN A 496 -26.18 -1.68 -22.67
C ASN A 496 -25.59 -1.86 -24.06
N LYS A 497 -26.04 -2.87 -24.80
CA LYS A 497 -25.48 -3.17 -26.11
C LYS A 497 -25.92 -2.18 -27.18
N PHE A 498 -26.98 -1.41 -26.95
CA PHE A 498 -27.45 -0.44 -27.94
C PHE A 498 -26.84 0.94 -27.75
N HIS A 499 -26.06 1.14 -26.69
CA HIS A 499 -25.33 2.37 -26.52
C HIS A 499 -24.02 2.41 -27.30
N VAL A 500 -23.48 1.25 -27.65
CA VAL A 500 -22.24 1.16 -28.41
C VAL A 500 -22.51 0.51 -29.75
N LYS A 501 -23.75 0.65 -30.24
CA LYS A 501 -24.12 0.10 -31.54
C LYS A 501 -23.39 0.78 -32.68
N PHE A 502 -22.88 1.99 -32.47
CA PHE A 502 -22.11 2.69 -33.48
C PHE A 502 -20.77 2.01 -33.76
N ALA A 503 -20.29 1.17 -32.85
CA ALA A 503 -18.97 0.57 -32.99
C ALA A 503 -18.94 -0.39 -34.18
N ASP A 504 -17.73 -0.60 -34.71
CA ASP A 504 -17.56 -1.47 -35.87
C ASP A 504 -17.95 -2.91 -35.53
N HIS A 505 -17.49 -3.41 -34.39
CA HIS A 505 -17.74 -4.79 -33.98
C HIS A 505 -17.94 -4.84 -32.47
N VAL A 506 -19.12 -5.28 -32.05
CA VAL A 506 -19.47 -5.38 -30.63
C VAL A 506 -19.78 -6.83 -30.31
N VAL A 507 -19.19 -7.34 -29.22
CA VAL A 507 -19.43 -8.69 -28.75
C VAL A 507 -20.09 -8.59 -27.38
N CYS A 508 -21.23 -9.26 -27.23
CA CYS A 508 -21.94 -9.31 -25.96
C CYS A 508 -21.60 -10.62 -25.25
N GLU A 509 -21.09 -10.51 -24.03
CA GLU A 509 -20.67 -11.70 -23.30
C GLU A 509 -21.84 -12.58 -22.93
N GLU A 510 -22.88 -12.00 -22.32
CA GLU A 510 -24.00 -12.79 -21.82
C GLU A 510 -24.77 -13.45 -22.96
N GLU A 511 -25.03 -12.70 -24.03
CA GLU A 511 -25.78 -13.23 -25.15
C GLU A 511 -25.10 -14.47 -25.73
N CYS A 512 -23.81 -14.35 -26.06
CA CYS A 512 -23.08 -15.47 -26.65
C CYS A 512 -22.95 -16.62 -25.66
N LYS A 513 -22.65 -16.32 -24.40
CA LYS A 513 -22.49 -17.37 -23.40
C LYS A 513 -23.76 -18.20 -23.25
N TYR A 514 -24.90 -17.54 -23.06
CA TYR A 514 -26.14 -18.26 -22.83
C TYR A 514 -26.67 -18.91 -24.10
N ALA A 515 -26.46 -18.29 -25.27
CA ALA A 515 -26.84 -18.96 -26.51
C ALA A 515 -26.03 -20.23 -26.73
N MET A 516 -24.72 -20.18 -26.43
CA MET A 516 -23.88 -21.36 -26.58
C MET A 516 -24.26 -22.45 -25.57
N LEU A 517 -24.62 -22.05 -24.35
CA LEU A 517 -25.11 -23.04 -23.37
C LEU A 517 -26.40 -23.69 -23.86
N ALA A 518 -27.34 -22.89 -24.38
CA ALA A 518 -28.59 -23.43 -24.88
C ALA A 518 -28.36 -24.38 -26.04
N LEU A 519 -27.45 -24.02 -26.96
CA LEU A 519 -27.15 -24.90 -28.06
C LEU A 519 -26.45 -26.19 -27.61
N ASN A 520 -25.56 -26.09 -26.61
CA ASN A 520 -24.99 -27.30 -26.03
C ASN A 520 -26.09 -28.20 -25.49
N CYS A 521 -27.13 -27.61 -24.90
CA CYS A 521 -28.29 -28.41 -24.54
C CYS A 521 -28.99 -28.98 -25.76
N ILE A 522 -28.99 -28.26 -26.89
CA ILE A 522 -29.64 -28.73 -28.11
C ILE A 522 -28.67 -29.58 -28.92
N CYS A 523 -27.58 -28.98 -29.37
CA CYS A 523 -26.55 -29.69 -30.12
C CYS A 523 -25.32 -29.85 -29.24
N PRO A 524 -24.98 -31.08 -28.83
CA PRO A 524 -23.88 -31.24 -27.87
C PRO A 524 -22.55 -30.73 -28.42
N ALA A 525 -21.78 -30.11 -27.52
CA ALA A 525 -20.44 -29.60 -27.84
C ALA A 525 -20.47 -28.55 -28.95
N THR A 526 -21.53 -27.75 -28.98
CA THR A 526 -21.56 -26.59 -29.88
C THR A 526 -20.51 -25.57 -29.45
N SER A 527 -20.34 -25.38 -28.13
CA SER A 527 -19.35 -24.44 -27.63
C SER A 527 -17.95 -24.85 -28.07
N THR A 528 -17.65 -26.15 -28.06
CA THR A 528 -16.36 -26.62 -28.54
C THR A 528 -16.18 -26.31 -30.02
N LEU A 529 -17.24 -26.50 -30.82
CA LEU A 529 -17.19 -26.19 -32.24
C LEU A 529 -16.86 -24.72 -32.47
N ILE A 530 -17.56 -23.83 -31.77
CA ILE A 530 -17.33 -22.40 -31.95
C ILE A 530 -15.94 -22.01 -31.44
N THR A 531 -15.52 -22.60 -30.32
CA THR A 531 -14.21 -22.27 -29.77
C THR A 531 -13.09 -22.67 -30.72
N LEU A 532 -13.18 -23.85 -31.32
CA LEU A 532 -12.16 -24.29 -32.26
C LEU A 532 -12.30 -23.62 -33.63
N LEU A 533 -13.46 -23.02 -33.93
CA LEU A 533 -13.62 -22.34 -35.21
C LEU A 533 -13.13 -20.91 -35.17
N VAL A 534 -13.14 -20.27 -34.00
CA VAL A 534 -12.73 -18.87 -33.89
C VAL A 534 -11.29 -18.74 -33.38
N HIS A 535 -10.59 -19.85 -33.19
CA HIS A 535 -9.21 -19.85 -32.75
C HIS A 535 -8.31 -20.12 -33.95
N THR A 536 -7.34 -19.24 -34.19
CA THR A 536 -6.41 -19.43 -35.28
C THR A 536 -5.44 -20.56 -34.94
N SER A 537 -5.39 -21.58 -35.80
CA SER A 537 -4.51 -22.71 -35.60
C SER A 537 -4.21 -23.35 -36.94
N ARG A 538 -2.99 -23.86 -37.08
CA ARG A 538 -2.57 -24.52 -38.30
C ARG A 538 -3.08 -25.96 -38.41
N GLY A 539 -3.71 -26.48 -37.37
CA GLY A 539 -4.14 -27.86 -37.38
C GLY A 539 -3.03 -28.86 -37.20
N GLN A 540 -2.00 -28.49 -36.42
CA GLN A 540 -0.84 -29.35 -36.20
C GLN A 540 -0.84 -29.98 -34.81
N GLU A 541 -1.92 -29.81 -34.06
CA GLU A 541 -1.96 -30.31 -32.68
C GLU A 541 -2.24 -31.80 -32.65
N GLY A 542 -1.54 -32.50 -31.75
CA GLY A 542 -1.78 -33.92 -31.56
C GLY A 542 -1.40 -34.78 -32.74
N GLN A 543 -0.57 -34.26 -33.65
CA GLN A 543 -0.14 -35.04 -34.80
C GLN A 543 0.88 -36.11 -34.44
N GLU A 544 1.53 -35.99 -33.28
CA GLU A 544 2.46 -36.99 -32.80
C GLU A 544 1.82 -38.04 -31.90
N SER A 545 0.53 -37.90 -31.62
CA SER A 545 -0.13 -38.80 -30.68
C SER A 545 -0.28 -40.19 -31.30
N PRO A 546 -0.16 -41.25 -30.48
CA PRO A 546 -0.45 -42.59 -31.00
C PRO A 546 -1.94 -42.87 -31.16
N GLU A 547 -2.79 -42.13 -30.45
CA GLU A 547 -4.23 -42.31 -30.56
C GLU A 547 -4.74 -41.67 -31.84
N GLN A 548 -5.54 -42.41 -32.60
CA GLN A 548 -6.07 -41.88 -33.85
C GLN A 548 -7.07 -40.76 -33.60
N TRP A 549 -7.87 -40.87 -32.54
CA TRP A 549 -8.88 -39.85 -32.28
C TRP A 549 -8.24 -38.52 -31.97
N GLN A 550 -7.14 -38.52 -31.21
CA GLN A 550 -6.44 -37.27 -30.93
C GLN A 550 -5.88 -36.66 -32.21
N ARG A 551 -5.28 -37.48 -33.07
CA ARG A 551 -4.73 -36.97 -34.32
C ARG A 551 -5.81 -36.33 -35.19
N MET A 552 -6.92 -37.05 -35.39
CA MET A 552 -8.00 -36.52 -36.22
C MET A 552 -8.64 -35.28 -35.59
N TYR A 553 -8.81 -35.28 -34.27
CA TYR A 553 -9.44 -34.16 -33.58
C TYR A 553 -8.58 -32.91 -33.66
N GLY A 554 -7.27 -33.05 -33.41
CA GLY A 554 -6.37 -31.92 -33.53
C GLY A 554 -6.14 -31.47 -34.96
N ARG A 555 -6.31 -32.36 -35.93
CA ARG A 555 -6.24 -31.95 -37.32
C ARG A 555 -7.46 -31.17 -37.75
N CYS A 556 -8.65 -31.64 -37.37
CA CYS A 556 -9.89 -30.95 -37.71
C CYS A 556 -10.09 -29.69 -36.91
N SER A 557 -9.42 -29.54 -35.77
CA SER A 557 -9.52 -28.31 -35.00
C SER A 557 -8.85 -27.12 -35.68
N GLY A 558 -8.07 -27.36 -36.74
CA GLY A 558 -7.45 -26.28 -37.48
C GLY A 558 -8.34 -25.60 -38.49
N ASN A 559 -9.59 -26.04 -38.61
CA ASN A 559 -10.52 -25.44 -39.55
C ASN A 559 -10.96 -24.06 -39.08
N GLU A 560 -11.09 -23.14 -40.03
CA GLU A 560 -11.54 -21.79 -39.77
C GLU A 560 -12.51 -21.37 -40.85
N VAL A 561 -13.31 -20.35 -40.55
CA VAL A 561 -14.26 -19.80 -41.50
C VAL A 561 -13.56 -18.72 -42.31
N TYR A 562 -13.55 -18.90 -43.64
CA TYR A 562 -12.88 -17.98 -44.55
C TYR A 562 -13.87 -17.48 -45.59
N HIS A 563 -13.62 -16.27 -46.09
CA HIS A 563 -14.46 -15.65 -47.10
C HIS A 563 -13.61 -15.29 -48.31
N ILE A 564 -14.18 -15.46 -49.49
CA ILE A 564 -13.52 -15.10 -50.74
C ILE A 564 -14.59 -14.86 -51.80
N ARG A 565 -14.30 -13.94 -52.71
CA ARG A 565 -15.23 -13.65 -53.79
C ARG A 565 -15.40 -14.88 -54.67
N MET A 566 -16.66 -15.17 -55.03
CA MET A 566 -16.97 -16.42 -55.71
C MET A 566 -16.30 -16.50 -57.08
N GLY A 567 -16.24 -15.37 -57.80
CA GLY A 567 -15.60 -15.38 -59.11
C GLY A 567 -14.12 -15.68 -59.04
N ASP A 568 -13.45 -15.17 -58.00
CA ASP A 568 -12.03 -15.39 -57.81
C ASP A 568 -11.72 -16.67 -57.05
N SER A 569 -12.73 -17.37 -56.56
CA SER A 569 -12.53 -18.56 -55.73
C SER A 569 -12.32 -19.77 -56.63
N LYS A 570 -11.10 -20.32 -56.62
CA LYS A 570 -10.83 -21.52 -57.39
C LYS A 570 -11.62 -22.72 -56.90
N PHE A 571 -12.08 -22.69 -55.65
CA PHE A 571 -12.92 -23.77 -55.13
C PHE A 571 -14.29 -23.78 -55.82
N PHE A 572 -14.93 -22.62 -55.90
CA PHE A 572 -16.33 -22.53 -56.28
C PHE A 572 -16.58 -21.86 -57.63
N ARG A 573 -15.53 -21.43 -58.33
CA ARG A 573 -15.73 -20.69 -59.58
C ARG A 573 -16.44 -21.55 -60.62
N GLU A 574 -16.09 -22.83 -60.71
CA GLU A 574 -16.70 -23.71 -61.70
C GLU A 574 -18.17 -23.98 -61.42
N TYR A 575 -18.68 -23.62 -60.24
CA TYR A 575 -20.06 -23.87 -59.89
C TYR A 575 -20.93 -22.62 -59.98
N GLU A 576 -20.48 -21.60 -60.72
CA GLU A 576 -21.30 -20.40 -60.89
C GLU A 576 -22.50 -20.71 -61.77
N GLY A 577 -23.64 -20.13 -61.42
CA GLY A 577 -24.88 -20.46 -62.07
C GLY A 577 -25.57 -21.72 -61.56
N LYS A 578 -24.95 -22.42 -60.61
CA LYS A 578 -25.51 -23.64 -60.05
C LYS A 578 -26.14 -23.35 -58.68
N SER A 579 -26.81 -24.35 -58.14
CA SER A 579 -27.42 -24.21 -56.82
C SER A 579 -26.34 -24.19 -55.75
N PHE A 580 -26.68 -23.55 -54.62
CA PHE A 580 -25.73 -23.43 -53.52
C PHE A 580 -25.39 -24.78 -52.92
N THR A 581 -26.39 -25.64 -52.72
CA THR A 581 -26.14 -26.94 -52.12
C THR A 581 -25.30 -27.83 -53.03
N TYR A 582 -25.58 -27.81 -54.33
CA TYR A 582 -24.76 -28.56 -55.29
C TYR A 582 -23.32 -28.11 -55.24
N ALA A 583 -23.10 -26.79 -55.26
CA ALA A 583 -21.74 -26.25 -55.21
C ALA A 583 -21.04 -26.65 -53.92
N ALA A 584 -21.73 -26.54 -52.78
CA ALA A 584 -21.12 -26.87 -51.51
C ALA A 584 -20.74 -28.35 -51.45
N PHE A 585 -21.66 -29.23 -51.85
CA PHE A 585 -21.39 -30.65 -51.80
C PHE A 585 -20.22 -31.03 -52.72
N HIS A 586 -20.21 -30.48 -53.95
CA HIS A 586 -19.13 -30.86 -54.86
C HIS A 586 -17.80 -30.25 -54.46
N ALA A 587 -17.81 -29.05 -53.87
CA ALA A 587 -16.58 -28.49 -53.34
C ALA A 587 -16.04 -29.32 -52.19
N HIS A 588 -16.92 -29.81 -51.31
CA HIS A 588 -16.46 -30.71 -50.25
C HIS A 588 -15.93 -32.02 -50.81
N LYS A 589 -16.61 -32.56 -51.84
CA LYS A 589 -16.19 -33.82 -52.43
C LYS A 589 -14.85 -33.70 -53.13
N LYS A 590 -14.57 -32.56 -53.74
CA LYS A 590 -13.34 -32.38 -54.51
C LYS A 590 -12.18 -31.91 -53.64
N TYR A 591 -12.36 -30.81 -52.90
CA TYR A 591 -11.28 -30.20 -52.13
C TYR A 591 -11.42 -30.36 -50.62
N GLY A 592 -12.62 -30.64 -50.12
CA GLY A 592 -12.81 -30.77 -48.69
C GLY A 592 -13.16 -29.49 -47.96
N VAL A 593 -13.73 -28.50 -48.66
CA VAL A 593 -14.15 -27.25 -48.05
C VAL A 593 -15.65 -27.33 -47.78
N CYS A 594 -16.07 -26.73 -46.67
CA CYS A 594 -17.48 -26.74 -46.26
C CYS A 594 -18.05 -25.34 -46.49
N LEU A 595 -18.69 -25.16 -47.65
CA LEU A 595 -19.35 -23.89 -47.96
C LEU A 595 -20.59 -23.76 -47.08
N ILE A 596 -20.51 -22.92 -46.05
CA ILE A 596 -21.56 -22.83 -45.05
C ILE A 596 -22.56 -21.74 -45.40
N GLY A 597 -22.10 -20.70 -46.11
CA GLY A 597 -22.99 -19.61 -46.45
C GLY A 597 -22.38 -18.68 -47.46
N LEU A 598 -23.12 -17.62 -47.78
CA LEU A 598 -22.67 -16.61 -48.72
C LEU A 598 -23.25 -15.26 -48.33
N LYS A 599 -22.83 -14.23 -49.07
CA LYS A 599 -23.36 -12.88 -48.93
C LYS A 599 -23.48 -12.27 -50.32
N ARG A 600 -24.71 -11.95 -50.71
CA ARG A 600 -24.92 -11.29 -52.00
C ARG A 600 -24.33 -9.89 -51.99
N GLU A 601 -23.89 -9.44 -53.16
CA GLU A 601 -23.30 -8.11 -53.27
C GLU A 601 -24.35 -7.02 -53.10
N ASP A 602 -25.59 -7.27 -53.49
CA ASP A 602 -26.63 -6.25 -53.40
C ASP A 602 -27.01 -5.98 -51.94
N ASN A 603 -26.96 -7.00 -51.10
CA ASN A 603 -27.35 -6.88 -49.70
C ASN A 603 -26.12 -6.85 -48.81
N LYS A 604 -26.35 -6.58 -47.52
CA LYS A 604 -25.30 -6.60 -46.52
C LYS A 604 -25.43 -7.77 -45.55
N SER A 605 -26.40 -8.65 -45.77
CA SER A 605 -26.71 -9.73 -44.83
C SER A 605 -26.03 -11.02 -45.27
N ILE A 606 -25.36 -11.66 -44.32
CA ILE A 606 -24.77 -12.98 -44.56
C ILE A 606 -25.84 -14.04 -44.30
N LEU A 607 -26.01 -14.94 -45.25
CA LEU A 607 -27.01 -16.00 -45.15
C LEU A 607 -26.30 -17.34 -44.97
N LEU A 608 -26.65 -18.05 -43.90
CA LEU A 608 -26.13 -19.38 -43.65
C LEU A 608 -27.01 -20.39 -44.36
N ASN A 609 -26.44 -21.12 -45.32
CA ASN A 609 -27.17 -22.11 -46.11
C ASN A 609 -28.42 -21.50 -46.73
N PRO A 610 -28.29 -20.64 -47.74
CA PRO A 610 -29.49 -20.06 -48.35
C PRO A 610 -30.46 -21.09 -48.89
N GLY A 611 -29.96 -22.23 -49.37
CA GLY A 611 -30.81 -23.31 -49.80
C GLY A 611 -30.61 -23.71 -51.25
N PRO A 612 -31.36 -24.71 -51.72
CA PRO A 612 -31.23 -25.14 -53.10
C PRO A 612 -31.82 -24.19 -54.12
N ARG A 613 -32.81 -23.37 -53.72
CA ARG A 613 -33.39 -22.39 -54.63
C ARG A 613 -32.46 -21.23 -54.92
N HIS A 614 -31.35 -21.11 -54.18
CA HIS A 614 -30.40 -20.03 -54.39
C HIS A 614 -29.46 -20.38 -55.53
N ILE A 615 -29.30 -19.45 -56.47
CA ILE A 615 -28.44 -19.63 -57.62
C ILE A 615 -27.19 -18.77 -57.42
N LEU A 616 -26.02 -19.40 -57.53
CA LEU A 616 -24.77 -18.70 -57.28
C LEU A 616 -24.49 -17.68 -58.37
N ALA A 617 -23.79 -16.61 -57.98
CA ALA A 617 -23.40 -15.55 -58.90
C ALA A 617 -21.94 -15.20 -58.66
N ALA A 618 -21.28 -14.71 -59.71
CA ALA A 618 -19.85 -14.45 -59.64
C ALA A 618 -19.50 -13.31 -58.69
N SER A 619 -20.48 -12.49 -58.30
CA SER A 619 -20.23 -11.39 -57.39
C SER A 619 -20.49 -11.73 -55.93
N ASP A 620 -20.94 -12.94 -55.64
CA ASP A 620 -21.22 -13.33 -54.26
C ASP A 620 -19.92 -13.56 -53.48
N THR A 621 -20.02 -13.39 -52.16
CA THR A 621 -18.91 -13.65 -51.26
C THR A 621 -19.22 -14.93 -50.49
N CYS A 622 -18.49 -16.00 -50.81
CA CYS A 622 -18.77 -17.32 -50.26
C CYS A 622 -17.98 -17.52 -48.96
N PHE A 623 -18.66 -17.96 -47.92
CA PHE A 623 -18.03 -18.26 -46.64
C PHE A 623 -17.91 -19.78 -46.50
N TYR A 624 -16.69 -20.26 -46.28
CA TYR A 624 -16.42 -21.69 -46.24
C TYR A 624 -15.54 -22.02 -45.05
N ILE A 625 -15.63 -23.28 -44.61
CA ILE A 625 -14.81 -23.81 -43.54
C ILE A 625 -13.74 -24.70 -44.16
N ASN A 626 -12.47 -24.41 -43.85
CA ASN A 626 -11.37 -25.17 -44.43
C ASN A 626 -10.18 -25.07 -43.49
N ILE A 627 -9.23 -26.00 -43.66
CA ILE A 627 -8.03 -26.01 -42.83
C ILE A 627 -7.23 -24.74 -43.07
N THR A 628 -7.06 -24.35 -44.33
CA THR A 628 -6.25 -23.20 -44.71
C THR A 628 -6.99 -22.34 -45.71
N LYS A 629 -6.59 -21.08 -45.78
CA LYS A 629 -7.17 -20.13 -46.73
C LYS A 629 -6.91 -20.59 -48.16
N GLU A 630 -7.80 -20.17 -49.07
CA GLU A 630 -7.61 -20.48 -50.48
C GLU A 630 -6.34 -19.85 -51.01
N GLU A 631 -6.04 -18.62 -50.59
CA GLU A 631 -4.80 -17.98 -50.98
C GLU A 631 -3.59 -18.79 -50.51
N ASN A 632 -3.69 -19.39 -49.32
CA ASN A 632 -2.62 -20.21 -48.78
C ASN A 632 -2.73 -21.68 -49.18
N SER A 633 -3.80 -22.06 -49.87
CA SER A 633 -3.96 -23.44 -50.35
C SER A 633 -3.37 -23.63 -51.73
N ALA A 634 -2.41 -22.79 -52.13
CA ALA A 634 -1.71 -23.00 -53.38
C ALA A 634 -0.99 -24.34 -53.40
N PHE A 635 -0.54 -24.82 -52.25
CA PHE A 635 0.11 -26.13 -52.20
C PHE A 635 -0.86 -27.25 -52.57
N ILE A 636 -2.09 -27.21 -52.05
CA ILE A 636 -3.04 -28.25 -52.40
C ILE A 636 -3.56 -28.07 -53.83
N PHE A 637 -3.64 -26.83 -54.33
CA PHE A 637 -4.00 -26.66 -55.73
C PHE A 637 -2.92 -27.22 -56.65
N LYS A 638 -1.65 -27.00 -56.32
CA LYS A 638 -0.55 -27.59 -57.07
C LYS A 638 -0.46 -29.10 -56.90
N GLN A 639 -0.94 -29.64 -55.78
CA GLN A 639 -1.03 -31.09 -55.63
C GLN A 639 -2.14 -31.66 -56.49
N GLU A 640 -3.27 -30.97 -56.57
CA GLU A 640 -4.34 -31.38 -57.48
C GLU A 640 -3.86 -31.33 -58.93
N GLU A 641 -3.06 -30.32 -59.26
CA GLU A 641 -2.40 -30.31 -60.56
C GLU A 641 -1.44 -31.49 -60.70
N LYS A 642 -0.75 -31.86 -59.61
CA LYS A 642 0.15 -33.01 -59.66
C LYS A 642 -0.62 -34.32 -59.78
N ARG A 643 -1.90 -34.33 -59.40
CA ARG A 643 -2.73 -35.51 -59.60
C ARG A 643 -2.90 -35.83 -61.08
N LYS A 644 -2.78 -34.83 -61.95
CA LYS A 644 -2.89 -35.05 -63.39
C LYS A 644 -1.51 -35.12 -64.04
N ILE A 710 -27.83 -43.73 -52.72
CA ILE A 710 -28.28 -42.37 -52.42
C ILE A 710 -28.55 -41.61 -53.72
N ALA A 711 -29.53 -40.73 -53.68
CA ALA A 711 -29.88 -39.95 -54.86
C ALA A 711 -28.79 -38.91 -55.15
N PRO A 712 -28.53 -38.63 -56.42
CA PRO A 712 -27.54 -37.60 -56.75
C PRO A 712 -28.12 -36.19 -56.57
N VAL A 713 -27.25 -35.27 -56.14
CA VAL A 713 -27.68 -33.89 -55.98
C VAL A 713 -27.86 -33.25 -57.35
N LEU A 714 -28.86 -32.38 -57.47
CA LEU A 714 -29.16 -31.72 -58.73
C LEU A 714 -28.55 -30.33 -58.76
N GLU A 715 -28.01 -29.95 -59.92
CA GLU A 715 -27.35 -28.66 -60.06
C GLU A 715 -28.31 -27.50 -59.87
N LEU A 716 -29.59 -27.69 -60.16
CA LEU A 716 -30.61 -26.67 -59.93
C LEU A 716 -31.85 -27.31 -59.33
N ALA A 717 -32.59 -26.52 -58.57
CA ALA A 717 -33.80 -27.01 -57.91
C ALA A 717 -34.91 -27.26 -58.93
N VAL A 747 -51.74 -29.40 -23.95
CA VAL A 747 -51.79 -27.97 -24.20
C VAL A 747 -51.13 -27.63 -25.53
N GLU A 748 -51.90 -27.06 -26.45
CA GLU A 748 -51.38 -26.65 -27.74
C GLU A 748 -50.64 -25.31 -27.62
N TYR A 749 -49.63 -25.13 -28.45
CA TYR A 749 -48.79 -23.94 -28.42
C TYR A 749 -48.93 -23.17 -29.72
N VAL A 750 -49.04 -21.85 -29.61
CA VAL A 750 -49.06 -20.98 -30.78
C VAL A 750 -47.63 -20.63 -31.16
N LYS A 751 -47.46 -20.14 -32.39
CA LYS A 751 -46.16 -19.74 -32.90
C LYS A 751 -46.18 -18.24 -33.14
N GLY A 752 -45.32 -17.51 -32.43
CA GLY A 752 -45.26 -16.08 -32.60
C GLY A 752 -44.07 -15.51 -31.85
N TYR A 753 -43.89 -14.23 -31.98
CA TYR A 753 -42.79 -13.61 -31.27
C TYR A 753 -43.17 -13.33 -29.83
N PRO A 754 -42.19 -13.37 -28.92
CA PRO A 754 -42.47 -13.01 -27.53
C PRO A 754 -42.99 -11.59 -27.41
N PRO A 755 -44.00 -11.36 -26.58
CA PRO A 755 -44.62 -10.02 -26.52
C PRO A 755 -43.68 -8.93 -26.02
N ASN A 756 -43.09 -9.13 -24.84
CA ASN A 756 -42.28 -8.11 -24.18
C ASN A 756 -40.80 -8.47 -24.33
N SER A 757 -40.16 -7.87 -25.33
CA SER A 757 -38.72 -8.02 -25.47
C SER A 757 -38.04 -7.29 -24.32
N PRO A 758 -37.14 -7.94 -23.57
CA PRO A 758 -36.62 -7.32 -22.35
C PRO A 758 -35.66 -6.17 -22.58
N TYR A 759 -35.04 -6.06 -23.75
CA TYR A 759 -34.06 -5.01 -23.98
C TYR A 759 -34.04 -4.63 -25.45
N ILE A 760 -33.46 -3.47 -25.73
CA ILE A 760 -33.31 -2.97 -27.09
C ILE A 760 -32.19 -3.73 -27.77
N GLY A 761 -32.44 -4.19 -29.01
CA GLY A 761 -31.47 -4.97 -29.74
C GLY A 761 -31.71 -6.46 -29.71
N SER A 762 -32.60 -6.94 -28.83
CA SER A 762 -32.96 -8.34 -28.81
C SER A 762 -33.61 -8.74 -30.14
N SER A 763 -32.96 -9.62 -30.87
CA SER A 763 -33.49 -10.02 -32.18
C SER A 763 -34.79 -10.78 -31.98
N PRO A 764 -35.88 -10.36 -32.63
CA PRO A 764 -37.16 -11.08 -32.49
C PRO A 764 -37.10 -12.43 -33.19
N THR A 765 -37.34 -13.50 -32.43
CA THR A 765 -37.32 -14.85 -32.95
C THR A 765 -38.70 -15.47 -32.81
N LEU A 766 -39.18 -16.09 -33.88
CA LEU A 766 -40.44 -16.82 -33.82
C LEU A 766 -40.27 -18.02 -32.90
N CYS A 767 -41.06 -18.07 -31.83
CA CYS A 767 -40.89 -19.07 -30.79
C CYS A 767 -42.21 -19.78 -30.52
N HIS A 768 -42.11 -20.97 -29.94
CA HIS A 768 -43.28 -21.66 -29.40
C HIS A 768 -43.78 -20.88 -28.18
N LEU A 769 -45.07 -20.57 -28.16
CA LEU A 769 -45.63 -19.73 -27.12
C LEU A 769 -46.92 -20.34 -26.59
N LEU A 770 -47.21 -20.04 -25.32
CA LEU A 770 -48.49 -20.41 -24.75
C LEU A 770 -49.60 -19.57 -25.37
N PRO A 771 -50.80 -20.13 -25.51
CA PRO A 771 -51.91 -19.34 -26.06
C PRO A 771 -52.24 -18.11 -25.25
N VAL A 772 -52.04 -18.15 -23.93
CA VAL A 772 -52.21 -17.00 -23.06
C VAL A 772 -51.03 -16.94 -22.11
N LYS A 773 -50.61 -15.73 -21.75
CA LYS A 773 -49.47 -15.56 -20.87
C LYS A 773 -49.72 -16.23 -19.53
N ALA A 774 -48.70 -16.91 -19.02
CA ALA A 774 -48.83 -17.61 -17.75
C ALA A 774 -48.73 -16.61 -16.59
N PRO A 775 -49.58 -16.75 -15.58
CA PRO A 775 -49.46 -15.90 -14.40
C PRO A 775 -48.14 -16.14 -13.68
N PHE A 776 -47.69 -15.12 -12.97
CA PHE A 776 -46.41 -15.18 -12.26
C PHE A 776 -46.37 -16.26 -11.19
N CYS A 777 -47.53 -16.73 -10.73
CA CYS A 777 -47.57 -17.80 -9.74
C CYS A 777 -47.30 -19.16 -10.36
N CYS A 778 -47.72 -19.36 -11.62
CA CYS A 778 -47.57 -20.66 -12.27
C CYS A 778 -46.16 -20.92 -12.78
N LEU A 779 -45.27 -19.93 -12.70
CA LEU A 779 -43.89 -20.10 -13.13
C LEU A 779 -42.99 -20.62 -12.02
N ARG A 780 -43.54 -20.98 -10.87
CA ARG A 780 -42.77 -21.32 -9.68
C ARG A 780 -42.95 -22.80 -9.36
N LEU A 781 -41.82 -23.52 -9.27
CA LEU A 781 -41.87 -24.92 -8.84
C LEU A 781 -42.06 -25.05 -7.34
N ASP A 782 -41.55 -24.08 -6.57
CA ASP A 782 -41.57 -24.20 -5.11
C ASP A 782 -42.99 -24.25 -4.57
N LYS A 783 -43.75 -23.17 -4.76
CA LYS A 783 -45.05 -23.01 -4.12
C LYS A 783 -46.18 -23.48 -5.02
N GLY A 784 -47.28 -23.87 -4.39
CA GLY A 784 -48.49 -24.17 -5.12
C GLY A 784 -49.36 -22.95 -5.28
N CYS A 785 -50.25 -22.99 -6.25
CA CYS A 785 -51.10 -21.84 -6.54
C CYS A 785 -52.55 -22.26 -6.76
N LYS A 786 -53.38 -21.33 -7.22
CA LYS A 786 -54.78 -21.65 -7.49
C LYS A 786 -54.90 -22.68 -8.59
N HIS A 787 -54.09 -22.55 -9.64
CA HIS A 787 -54.16 -23.45 -10.78
C HIS A 787 -53.44 -24.77 -10.57
N ASN A 788 -52.39 -24.80 -9.73
CA ASN A 788 -51.63 -26.00 -9.49
C ASN A 788 -51.14 -26.01 -8.05
N SER A 789 -51.17 -27.18 -7.42
CA SER A 789 -50.67 -27.35 -6.06
C SER A 789 -49.34 -28.11 -6.02
N TYR A 790 -48.73 -28.36 -7.18
CA TYR A 790 -47.45 -29.06 -7.21
C TYR A 790 -46.36 -28.22 -6.57
N GLU A 791 -45.47 -28.88 -5.83
CA GLU A 791 -44.38 -28.20 -5.15
C GLU A 791 -43.01 -28.78 -5.51
N ASP A 792 -42.95 -29.73 -6.43
CA ASP A 792 -41.68 -30.24 -6.95
C ASP A 792 -41.95 -30.82 -8.32
N ALA A 793 -40.85 -31.05 -9.06
CA ALA A 793 -40.97 -31.44 -10.46
C ALA A 793 -41.61 -32.81 -10.67
N LYS A 794 -41.59 -33.68 -9.66
CA LYS A 794 -42.21 -34.99 -9.83
C LYS A 794 -43.73 -34.90 -9.84
N ALA A 795 -44.30 -33.95 -9.09
CA ALA A 795 -45.74 -33.75 -9.13
C ALA A 795 -46.22 -33.18 -10.47
N TYR A 796 -45.32 -32.49 -11.20
CA TYR A 796 -45.69 -32.01 -12.53
C TYR A 796 -45.79 -33.14 -13.54
N GLY A 797 -44.98 -34.18 -13.38
CA GLY A 797 -45.03 -35.31 -14.29
C GLY A 797 -44.63 -34.98 -15.71
N PHE A 798 -43.47 -34.33 -15.87
CA PHE A 798 -42.99 -33.97 -17.20
C PHE A 798 -42.75 -35.23 -18.04
N LYS A 799 -43.09 -35.12 -19.33
CA LYS A 799 -42.91 -36.23 -20.25
C LYS A 799 -41.54 -36.25 -20.89
N ASN A 800 -40.88 -35.09 -20.99
CA ASN A 800 -39.53 -35.00 -21.49
C ASN A 800 -38.58 -34.64 -20.36
N LYS A 801 -37.30 -34.94 -20.58
CA LYS A 801 -36.29 -34.71 -19.55
C LYS A 801 -36.04 -33.21 -19.37
N LEU A 802 -35.77 -32.81 -18.14
CA LEU A 802 -35.70 -31.40 -17.77
C LEU A 802 -34.34 -30.81 -18.12
N ILE A 803 -34.31 -29.48 -18.18
CA ILE A 803 -33.08 -28.71 -18.28
C ILE A 803 -33.03 -27.79 -17.07
N ILE A 804 -31.96 -27.88 -16.29
CA ILE A 804 -31.80 -27.11 -15.07
C ILE A 804 -30.69 -26.10 -15.28
N VAL A 805 -30.99 -24.83 -15.03
CA VAL A 805 -30.02 -23.75 -15.14
C VAL A 805 -29.77 -23.22 -13.73
N SER A 806 -28.54 -23.40 -13.24
CA SER A 806 -28.17 -22.93 -11.90
C SER A 806 -27.45 -21.60 -12.05
N ALA A 807 -28.21 -20.51 -11.95
CA ALA A 807 -27.68 -19.17 -12.07
C ALA A 807 -27.93 -18.39 -10.79
N GLU A 808 -27.19 -17.30 -10.62
CA GLU A 808 -27.35 -16.45 -9.44
C GLU A 808 -28.58 -15.56 -9.56
N THR A 809 -28.66 -14.78 -10.63
CA THR A 809 -29.78 -13.89 -10.87
C THR A 809 -30.30 -14.09 -12.29
N ALA A 810 -31.58 -13.82 -12.47
CA ALA A 810 -32.26 -14.00 -13.76
C ALA A 810 -32.40 -12.65 -14.43
N GLY A 811 -31.78 -12.50 -15.60
CA GLY A 811 -31.84 -11.29 -16.38
C GLY A 811 -32.02 -11.60 -17.85
N ASN A 812 -31.41 -10.74 -18.69
CA ASN A 812 -31.46 -10.93 -20.12
C ASN A 812 -30.65 -12.13 -20.59
N GLY A 813 -29.63 -12.52 -19.82
CA GLY A 813 -28.88 -13.71 -20.19
C GLY A 813 -29.72 -14.97 -20.16
N LEU A 814 -30.54 -15.14 -19.12
CA LEU A 814 -31.43 -16.29 -19.08
C LEU A 814 -32.49 -16.22 -20.18
N TYR A 815 -32.90 -15.01 -20.57
CA TYR A 815 -33.78 -14.88 -21.71
C TYR A 815 -33.12 -15.37 -22.99
N ASN A 816 -31.86 -14.99 -23.19
CA ASN A 816 -31.11 -15.47 -24.35
C ASN A 816 -30.82 -16.96 -24.26
N PHE A 817 -30.86 -17.53 -23.06
CA PHE A 817 -30.79 -18.98 -22.91
C PHE A 817 -32.09 -19.66 -23.33
N ILE A 818 -33.22 -19.10 -22.90
CA ILE A 818 -34.51 -19.74 -23.16
C ILE A 818 -34.93 -19.60 -24.62
N VAL A 819 -34.57 -18.48 -25.26
CA VAL A 819 -35.07 -18.24 -26.62
C VAL A 819 -34.68 -19.34 -27.61
N PRO A 820 -33.42 -19.79 -27.69
CA PRO A 820 -33.10 -20.86 -28.65
C PRO A 820 -33.78 -22.18 -28.34
N LEU A 821 -34.09 -22.46 -27.07
CA LEU A 821 -34.73 -23.71 -26.71
C LEU A 821 -36.22 -23.73 -27.00
N ARG A 822 -36.82 -22.57 -27.27
CA ARG A 822 -38.23 -22.48 -27.61
C ARG A 822 -38.47 -21.96 -29.02
N ALA A 823 -37.44 -21.94 -29.86
CA ALA A 823 -37.58 -21.44 -31.21
C ALA A 823 -38.53 -22.33 -32.01
N TYR A 824 -39.16 -21.73 -33.02
CA TYR A 824 -40.20 -22.42 -33.77
C TYR A 824 -39.68 -23.63 -34.54
N TYR A 825 -38.42 -23.61 -34.98
CA TYR A 825 -37.88 -24.76 -35.69
C TYR A 825 -37.49 -25.91 -34.78
N ARG A 826 -37.33 -25.66 -33.49
CA ARG A 826 -37.14 -26.75 -32.54
C ARG A 826 -38.40 -27.58 -32.44
N SER A 827 -38.24 -28.89 -32.29
CA SER A 827 -39.39 -29.78 -32.23
C SER A 827 -40.21 -29.54 -30.98
N ARG A 828 -41.52 -29.39 -31.17
CA ARG A 828 -42.44 -29.23 -30.05
C ARG A 828 -42.60 -30.50 -29.24
N LYS A 829 -42.52 -31.67 -29.90
CA LYS A 829 -42.62 -32.92 -29.18
C LYS A 829 -41.40 -33.15 -28.29
N GLU A 830 -40.27 -32.53 -28.62
CA GLU A 830 -39.03 -32.73 -27.88
C GLU A 830 -38.68 -31.52 -27.01
N LEU A 831 -39.68 -30.74 -26.62
CA LEU A 831 -39.43 -29.56 -25.79
C LEU A 831 -39.07 -29.98 -24.38
N ASN A 832 -37.91 -29.54 -23.91
CA ASN A 832 -37.42 -29.85 -22.58
C ASN A 832 -37.85 -28.76 -21.60
N PRO A 833 -38.56 -29.10 -20.53
CA PRO A 833 -38.89 -28.07 -19.53
C PRO A 833 -37.62 -27.47 -18.95
N ILE A 834 -37.67 -26.15 -18.72
CA ILE A 834 -36.52 -25.40 -18.23
C ILE A 834 -36.81 -24.99 -16.79
N VAL A 835 -35.93 -25.38 -15.87
CA VAL A 835 -36.02 -25.02 -14.47
C VAL A 835 -34.83 -24.13 -14.15
N LEU A 836 -35.10 -22.88 -13.81
CA LEU A 836 -34.06 -21.93 -13.45
C LEU A 836 -33.85 -22.00 -11.94
N LEU A 837 -32.72 -22.54 -11.51
CA LEU A 837 -32.38 -22.68 -10.11
C LEU A 837 -31.66 -21.41 -9.68
N LEU A 838 -32.44 -20.40 -9.30
CA LEU A 838 -31.92 -19.08 -9.00
C LEU A 838 -31.58 -18.94 -7.53
N ASP A 839 -30.61 -18.08 -7.23
CA ASP A 839 -30.27 -17.74 -5.86
C ASP A 839 -31.13 -16.61 -5.33
N ASN A 840 -31.40 -15.60 -6.16
CA ASN A 840 -32.24 -14.48 -5.80
C ASN A 840 -33.57 -14.58 -6.53
N LYS A 841 -34.61 -14.03 -5.92
CA LYS A 841 -35.95 -14.08 -6.51
C LYS A 841 -35.97 -13.22 -7.77
N PRO A 842 -36.43 -13.77 -8.91
CA PRO A 842 -36.41 -13.00 -10.15
C PRO A 842 -37.35 -11.81 -10.09
N ASP A 843 -36.93 -10.72 -10.71
CA ASP A 843 -37.75 -9.52 -10.77
C ASP A 843 -38.93 -9.72 -11.72
N HIS A 844 -39.88 -8.80 -11.66
CA HIS A 844 -41.07 -8.89 -12.48
C HIS A 844 -40.78 -8.72 -13.97
N HIS A 845 -39.68 -8.05 -14.32
CA HIS A 845 -39.36 -7.85 -15.73
C HIS A 845 -38.99 -9.18 -16.40
N PHE A 846 -38.13 -9.97 -15.76
CA PHE A 846 -37.76 -11.26 -16.32
C PHE A 846 -38.96 -12.20 -16.39
N LEU A 847 -39.79 -12.21 -15.35
CA LEU A 847 -40.97 -13.06 -15.36
C LEU A 847 -41.95 -12.66 -16.46
N GLU A 848 -42.13 -11.35 -16.67
CA GLU A 848 -42.99 -10.90 -17.76
C GLU A 848 -42.39 -11.26 -19.11
N ALA A 849 -41.06 -11.22 -19.23
CA ALA A 849 -40.41 -11.63 -20.47
C ALA A 849 -40.59 -13.11 -20.75
N ILE A 850 -40.54 -13.96 -19.72
CA ILE A 850 -40.58 -15.40 -19.91
C ILE A 850 -41.95 -16.00 -19.63
N CYS A 851 -42.94 -15.18 -19.29
CA CYS A 851 -44.25 -15.72 -18.93
C CYS A 851 -44.94 -16.42 -20.10
N CYS A 852 -44.61 -16.06 -21.33
CA CYS A 852 -45.27 -16.64 -22.50
C CYS A 852 -44.59 -17.89 -23.02
N PHE A 853 -43.41 -18.24 -22.50
CA PHE A 853 -42.70 -19.43 -22.95
C PHE A 853 -43.26 -20.66 -22.24
N PRO A 854 -43.59 -21.72 -22.97
CA PRO A 854 -44.15 -22.92 -22.32
C PRO A 854 -43.09 -23.72 -21.58
N MET A 855 -43.48 -24.26 -20.42
CA MET A 855 -42.63 -25.13 -19.62
C MET A 855 -41.31 -24.45 -19.26
N VAL A 856 -41.43 -23.28 -18.66
CA VAL A 856 -40.28 -22.54 -18.13
C VAL A 856 -40.63 -22.17 -16.69
N TYR A 857 -39.97 -22.82 -15.73
CA TYR A 857 -40.24 -22.61 -14.32
C TYR A 857 -38.97 -22.15 -13.61
N TYR A 858 -39.15 -21.58 -12.42
CA TYR A 858 -38.05 -21.13 -11.60
C TYR A 858 -38.26 -21.60 -10.17
N MET A 859 -37.16 -21.77 -9.45
CA MET A 859 -37.19 -22.13 -8.04
C MET A 859 -35.93 -21.62 -7.38
N GLU A 860 -36.05 -21.16 -6.15
CA GLU A 860 -34.93 -20.61 -5.40
C GLU A 860 -34.07 -21.72 -4.84
N GLY A 861 -32.76 -21.58 -4.99
CA GLY A 861 -31.84 -22.58 -4.50
C GLY A 861 -30.45 -22.38 -5.09
N SER A 862 -29.63 -23.41 -4.97
CA SER A 862 -28.27 -23.36 -5.49
C SER A 862 -27.84 -24.75 -5.93
N VAL A 863 -26.64 -24.83 -6.51
CA VAL A 863 -26.08 -26.11 -6.92
C VAL A 863 -25.33 -26.81 -5.80
N ASP A 864 -25.06 -26.12 -4.69
CA ASP A 864 -24.29 -26.71 -3.60
C ASP A 864 -25.14 -27.49 -2.62
N ASN A 865 -26.44 -27.23 -2.56
CA ASN A 865 -27.34 -27.95 -1.66
C ASN A 865 -28.14 -28.98 -2.46
N LEU A 866 -28.09 -30.23 -2.01
CA LEU A 866 -28.72 -31.33 -2.73
C LEU A 866 -30.24 -31.25 -2.73
N ASP A 867 -30.83 -30.68 -1.68
CA ASP A 867 -32.29 -30.63 -1.58
C ASP A 867 -32.89 -29.80 -2.72
N SER A 868 -32.28 -28.66 -3.04
CA SER A 868 -32.80 -27.82 -4.12
C SER A 868 -32.74 -28.54 -5.46
N LEU A 869 -31.63 -29.23 -5.74
CA LEU A 869 -31.51 -29.94 -7.01
C LEU A 869 -32.47 -31.11 -7.08
N LEU A 870 -32.69 -31.79 -5.96
CA LEU A 870 -33.67 -32.89 -5.96
C LEU A 870 -35.09 -32.36 -6.13
N GLN A 871 -35.38 -31.17 -5.59
CA GLN A 871 -36.71 -30.60 -5.77
C GLN A 871 -36.94 -30.12 -7.20
N CYS A 872 -35.93 -29.46 -7.79
CA CYS A 872 -36.03 -29.09 -9.20
C CYS A 872 -36.14 -30.32 -10.09
N GLY A 873 -35.57 -31.44 -9.64
CA GLY A 873 -35.61 -32.69 -10.35
C GLY A 873 -34.32 -32.90 -11.11
N ILE A 874 -33.40 -33.64 -10.51
CA ILE A 874 -32.13 -33.91 -11.16
C ILE A 874 -32.04 -35.38 -11.56
N ILE A 875 -32.94 -36.21 -11.05
CA ILE A 875 -33.06 -37.58 -11.53
C ILE A 875 -33.53 -37.59 -12.98
N TYR A 876 -34.46 -36.70 -13.31
CA TYR A 876 -35.04 -36.61 -14.65
C TYR A 876 -34.40 -35.51 -15.49
N ALA A 877 -33.34 -34.88 -15.00
CA ALA A 877 -32.73 -33.76 -15.70
C ALA A 877 -31.81 -34.27 -16.80
N ASP A 878 -32.09 -33.89 -18.05
CA ASP A 878 -31.20 -34.22 -19.15
C ASP A 878 -29.88 -33.47 -19.03
N ASN A 879 -29.92 -32.19 -18.67
CA ASN A 879 -28.74 -31.37 -18.55
C ASN A 879 -28.81 -30.56 -17.27
N LEU A 880 -27.65 -30.18 -16.76
CA LEU A 880 -27.53 -29.29 -15.61
C LEU A 880 -26.55 -28.19 -15.99
N VAL A 881 -27.06 -27.04 -16.38
CA VAL A 881 -26.24 -25.90 -16.75
C VAL A 881 -25.93 -25.08 -15.50
N VAL A 882 -24.65 -24.90 -15.22
CA VAL A 882 -24.20 -24.17 -14.04
C VAL A 882 -23.47 -22.92 -14.51
N VAL A 883 -23.94 -21.76 -14.07
CA VAL A 883 -23.35 -20.48 -14.40
C VAL A 883 -22.69 -19.93 -13.14
N ASP A 884 -21.42 -19.55 -13.27
CA ASP A 884 -20.65 -19.08 -12.11
C ASP A 884 -21.23 -17.78 -11.58
N LYS A 885 -21.10 -17.58 -10.28
CA LYS A 885 -21.57 -16.36 -9.64
C LYS A 885 -20.68 -15.17 -10.02
N GLU A 886 -21.29 -13.99 -10.05
CA GLU A 886 -20.55 -12.80 -10.43
C GLU A 886 -19.55 -12.37 -9.35
N SER A 887 -19.90 -12.56 -8.08
CA SER A 887 -19.04 -12.13 -6.99
C SER A 887 -17.94 -13.14 -6.66
N THR A 888 -17.99 -14.34 -7.24
CA THR A 888 -17.00 -15.36 -6.93
C THR A 888 -15.62 -15.04 -7.47
N MET A 889 -15.50 -14.06 -8.36
CA MET A 889 -14.23 -13.72 -8.99
C MET A 889 -13.43 -12.69 -8.20
N SER A 890 -13.67 -12.55 -6.90
CA SER A 890 -13.00 -11.54 -6.08
C SER A 890 -11.69 -12.03 -5.49
N ALA A 891 -11.29 -13.28 -5.73
CA ALA A 891 -10.07 -13.80 -5.16
C ALA A 891 -8.85 -13.11 -5.76
N GLU A 892 -7.85 -12.84 -4.91
CA GLU A 892 -6.60 -12.24 -5.38
C GLU A 892 -5.91 -13.15 -6.38
N GLU A 893 -5.81 -14.44 -6.06
CA GLU A 893 -5.30 -15.42 -7.01
C GLU A 893 -6.33 -15.60 -8.12
N ASP A 894 -5.96 -15.19 -9.34
CA ASP A 894 -6.94 -15.11 -10.42
C ASP A 894 -7.52 -16.48 -10.77
N TYR A 895 -6.69 -17.51 -10.80
CA TYR A 895 -7.17 -18.84 -11.16
C TYR A 895 -8.04 -19.46 -10.08
N MET A 896 -8.09 -18.88 -8.89
CA MET A 896 -8.91 -19.39 -7.80
C MET A 896 -10.34 -18.85 -7.82
N ALA A 897 -10.67 -18.04 -8.82
CA ALA A 897 -12.03 -17.51 -8.91
C ALA A 897 -13.04 -18.60 -9.21
N ASP A 898 -12.61 -19.65 -9.91
CA ASP A 898 -13.47 -20.75 -10.32
C ASP A 898 -13.47 -21.90 -9.34
N ALA A 899 -12.83 -21.73 -8.17
CA ALA A 899 -12.68 -22.85 -7.23
C ALA A 899 -14.03 -23.35 -6.73
N LYS A 900 -14.90 -22.42 -6.32
CA LYS A 900 -16.20 -22.82 -5.79
C LYS A 900 -17.03 -23.54 -6.84
N THR A 901 -17.06 -23.00 -8.05
CA THR A 901 -17.83 -23.63 -9.13
C THR A 901 -17.28 -25.01 -9.46
N ILE A 902 -15.95 -25.14 -9.54
CA ILE A 902 -15.35 -26.42 -9.88
C ILE A 902 -15.64 -27.46 -8.80
N VAL A 903 -15.52 -27.06 -7.53
CA VAL A 903 -15.76 -28.02 -6.45
C VAL A 903 -17.23 -28.43 -6.40
N ASN A 904 -18.14 -27.47 -6.58
CA ASN A 904 -19.56 -27.80 -6.57
C ASN A 904 -19.93 -28.73 -7.72
N VAL A 905 -19.42 -28.44 -8.92
CA VAL A 905 -19.70 -29.30 -10.06
C VAL A 905 -19.09 -30.68 -9.87
N GLN A 906 -17.90 -30.76 -9.25
CA GLN A 906 -17.31 -32.06 -8.97
C GLN A 906 -18.13 -32.84 -7.96
N THR A 907 -18.67 -32.15 -6.94
CA THR A 907 -19.54 -32.82 -5.98
C THR A 907 -20.78 -33.38 -6.66
N MET A 908 -21.40 -32.58 -7.55
CA MET A 908 -22.58 -33.06 -8.25
C MET A 908 -22.25 -34.18 -9.22
N PHE A 909 -21.05 -34.16 -9.81
CA PHE A 909 -20.62 -35.23 -10.70
C PHE A 909 -20.36 -36.52 -9.94
N ARG A 910 -19.80 -36.42 -8.73
CA ARG A 910 -19.62 -37.61 -7.90
C ARG A 910 -20.96 -38.17 -7.44
N LEU A 911 -21.88 -37.30 -7.00
CA LEU A 911 -23.19 -37.77 -6.57
C LEU A 911 -23.98 -38.37 -7.73
N PHE A 912 -23.98 -37.70 -8.88
CA PHE A 912 -24.71 -38.16 -10.07
C PHE A 912 -23.73 -38.35 -11.21
N PRO A 913 -23.13 -39.54 -11.36
CA PRO A 913 -22.12 -39.72 -12.41
C PRO A 913 -22.68 -39.66 -13.82
N SER A 914 -23.92 -40.11 -14.03
CA SER A 914 -24.50 -40.18 -15.36
C SER A 914 -25.11 -38.86 -15.82
N LEU A 915 -25.28 -37.90 -14.93
CA LEU A 915 -25.85 -36.61 -15.30
C LEU A 915 -24.89 -35.83 -16.20
N SER A 916 -25.47 -35.08 -17.13
CA SER A 916 -24.69 -34.27 -18.07
C SER A 916 -24.68 -32.83 -17.56
N ILE A 917 -23.52 -32.39 -17.09
CA ILE A 917 -23.34 -31.05 -16.53
C ILE A 917 -22.56 -30.21 -17.53
N THR A 918 -23.07 -29.01 -17.81
CA THR A 918 -22.40 -28.05 -18.67
C THR A 918 -22.07 -26.82 -17.84
N THR A 919 -20.82 -26.35 -17.94
CA THR A 919 -20.33 -25.28 -17.09
C THR A 919 -19.57 -24.26 -17.92
N GLU A 920 -19.53 -23.03 -17.42
CA GLU A 920 -18.75 -21.96 -18.03
C GLU A 920 -17.70 -21.52 -17.01
N LEU A 921 -16.45 -21.47 -17.44
CA LEU A 921 -15.33 -21.12 -16.58
C LEU A 921 -14.69 -19.82 -17.03
N THR A 922 -14.10 -19.10 -16.07
CA THR A 922 -13.47 -17.83 -16.38
C THR A 922 -12.13 -18.03 -17.10
N HIS A 923 -11.34 -19.00 -16.66
CA HIS A 923 -10.01 -19.23 -17.21
C HIS A 923 -9.96 -20.54 -17.95
N PRO A 924 -9.42 -20.56 -19.18
CA PRO A 924 -9.31 -21.83 -19.92
C PRO A 924 -8.40 -22.85 -19.27
N SER A 925 -7.48 -22.43 -18.40
CA SER A 925 -6.57 -23.37 -17.74
C SER A 925 -7.26 -24.18 -16.66
N ASN A 926 -8.48 -23.84 -16.28
CA ASN A 926 -9.21 -24.55 -15.25
C ASN A 926 -10.17 -25.59 -15.81
N MET A 927 -10.27 -25.72 -17.14
CA MET A 927 -11.17 -26.71 -17.71
C MET A 927 -10.69 -28.13 -17.48
N ARG A 928 -9.43 -28.31 -17.08
CA ARG A 928 -8.93 -29.63 -16.71
C ARG A 928 -9.56 -30.14 -15.42
N PHE A 929 -10.17 -29.25 -14.63
CA PHE A 929 -10.69 -29.59 -13.32
C PHE A 929 -12.18 -29.88 -13.31
N MET A 930 -12.83 -29.86 -14.48
CA MET A 930 -14.28 -30.01 -14.52
C MET A 930 -14.75 -31.37 -14.02
N GLN A 931 -14.18 -32.45 -14.56
CA GLN A 931 -14.51 -33.81 -14.13
C GLN A 931 -13.17 -34.47 -13.81
N PHE A 932 -12.71 -34.26 -12.58
CA PHE A 932 -11.35 -34.61 -12.20
C PHE A 932 -11.33 -36.04 -11.66
N ARG A 933 -10.68 -36.94 -12.39
CA ARG A 933 -10.44 -38.30 -11.95
C ARG A 933 -8.96 -38.41 -11.63
N ALA A 934 -8.62 -38.24 -10.34
CA ALA A 934 -7.22 -38.26 -9.94
C ALA A 934 -6.59 -39.62 -10.17
N LYS A 935 -7.31 -40.69 -9.85
CA LYS A 935 -6.81 -42.05 -10.06
C LYS A 935 -7.20 -42.51 -11.47
N ASP A 936 -6.52 -41.92 -12.45
CA ASP A 936 -6.80 -42.22 -13.85
C ASP A 936 -5.54 -41.94 -14.66
N SER A 937 -5.02 -42.95 -15.37
CA SER A 937 -3.78 -42.78 -16.12
C SER A 937 -4.00 -41.94 -17.38
N TYR A 938 -5.12 -42.14 -18.07
CA TYR A 938 -5.38 -41.41 -19.31
C TYR A 938 -5.53 -39.92 -19.06
N SER A 939 -6.22 -39.55 -17.98
CA SER A 939 -6.45 -38.13 -17.69
C SER A 939 -5.14 -37.41 -17.37
N LEU A 940 -4.14 -38.13 -16.85
CA LEU A 940 -2.85 -37.54 -16.55
C LEU A 940 -1.87 -37.65 -17.71
N ALA A 941 -2.09 -38.57 -18.65
CA ALA A 941 -1.34 -38.56 -19.90
C ALA A 941 -1.80 -37.43 -20.81
N LEU A 942 -3.08 -37.06 -20.72
CA LEU A 942 -3.55 -35.86 -21.40
C LEU A 942 -2.81 -34.63 -20.92
N SER A 943 -2.37 -34.62 -19.66
CA SER A 943 -1.57 -33.51 -19.16
C SER A 943 -0.24 -33.42 -19.89
N LYS A 944 0.42 -34.56 -20.11
CA LYS A 944 1.66 -34.56 -20.86
C LYS A 944 1.43 -34.14 -22.30
N LEU A 945 0.32 -34.59 -22.90
CA LEU A 945 0.00 -34.16 -24.25
C LEU A 945 -0.20 -32.65 -24.32
N GLU A 946 -0.92 -32.08 -23.34
CA GLU A 946 -1.13 -30.64 -23.32
C GLU A 946 0.18 -29.88 -23.13
N LYS A 947 1.07 -30.40 -22.27
CA LYS A 947 2.37 -29.77 -22.11
C LYS A 947 3.18 -29.80 -23.39
N ARG A 948 3.15 -30.94 -24.10
CA ARG A 948 3.86 -31.04 -25.37
C ARG A 948 3.32 -30.05 -26.38
N GLU A 949 1.98 -29.91 -26.46
CA GLU A 949 1.39 -28.94 -27.36
C GLU A 949 1.76 -27.51 -26.97
N ARG A 950 1.76 -27.22 -25.67
CA ARG A 950 2.10 -25.87 -25.21
C ARG A 950 3.57 -25.55 -25.46
N GLU A 951 4.42 -26.57 -25.54
CA GLU A 951 5.83 -26.33 -25.88
C GLU A 951 5.96 -25.74 -27.28
N ASN A 952 5.16 -26.23 -28.22
CA ASN A 952 5.19 -25.79 -29.61
C ASN A 952 4.49 -24.46 -29.84
N GLY A 953 4.16 -23.69 -28.80
CA GLY A 953 3.51 -22.41 -29.00
C GLY A 953 2.07 -22.49 -29.41
N SER A 954 1.36 -23.54 -29.00
CA SER A 954 -0.02 -23.73 -29.37
C SER A 954 -0.94 -22.93 -28.45
N ASN A 955 -1.86 -22.17 -29.06
CA ASN A 955 -2.88 -21.46 -28.27
C ASN A 955 -3.96 -22.41 -27.79
N LEU A 956 -4.28 -23.45 -28.57
CA LEU A 956 -5.30 -24.43 -28.18
C LEU A 956 -4.63 -25.61 -27.47
N ALA A 957 -4.04 -25.31 -26.32
CA ALA A 957 -3.47 -26.36 -25.47
C ALA A 957 -4.52 -27.06 -24.63
N PHE A 958 -5.59 -26.34 -24.25
CA PHE A 958 -6.68 -26.90 -23.46
C PHE A 958 -7.56 -27.85 -24.24
N MET A 959 -7.38 -27.93 -25.57
CA MET A 959 -8.38 -28.56 -26.42
C MET A 959 -8.48 -30.06 -26.19
N PHE A 960 -7.38 -30.71 -25.79
CA PHE A 960 -7.36 -32.16 -25.64
C PHE A 960 -7.94 -32.63 -24.31
N ARG A 961 -8.34 -31.73 -23.43
CA ARG A 961 -8.99 -32.14 -22.19
C ARG A 961 -10.36 -32.73 -22.49
N LEU A 962 -10.68 -33.83 -21.82
CA LEU A 962 -11.95 -34.52 -22.08
C LEU A 962 -13.18 -33.66 -21.83
N PRO A 963 -13.30 -32.91 -20.72
CA PRO A 963 -14.50 -32.07 -20.56
C PRO A 963 -14.68 -31.06 -21.67
N PHE A 964 -13.60 -30.47 -22.17
CA PHE A 964 -13.73 -29.51 -23.27
C PHE A 964 -14.10 -30.21 -24.57
N ALA A 965 -13.43 -31.32 -24.87
CA ALA A 965 -13.70 -32.03 -26.12
C ALA A 965 -15.12 -32.57 -26.16
N ALA A 966 -15.65 -33.01 -25.02
CA ALA A 966 -17.02 -33.51 -24.97
C ALA A 966 -18.06 -32.40 -24.92
N GLY A 967 -17.64 -31.15 -24.80
CA GLY A 967 -18.56 -30.03 -24.75
C GLY A 967 -19.10 -29.70 -23.38
N ARG A 968 -18.41 -30.12 -22.31
CA ARG A 968 -18.91 -29.85 -20.97
C ARG A 968 -18.58 -28.44 -20.51
N VAL A 969 -17.41 -27.91 -20.88
CA VAL A 969 -16.96 -26.63 -20.39
C VAL A 969 -16.48 -25.77 -21.55
N PHE A 970 -16.72 -24.47 -21.43
CA PHE A 970 -16.13 -23.48 -22.32
C PHE A 970 -15.77 -22.26 -21.47
N SER A 971 -14.93 -21.40 -22.03
CA SER A 971 -14.51 -20.18 -21.38
C SER A 971 -14.85 -18.98 -22.26
N ILE A 972 -15.13 -17.85 -21.62
CA ILE A 972 -15.54 -16.63 -22.33
C ILE A 972 -14.33 -16.04 -23.04
N SER A 973 -13.13 -16.56 -22.72
CA SER A 973 -11.94 -16.13 -23.45
C SER A 973 -12.06 -16.38 -24.95
N MET A 974 -12.89 -17.35 -25.36
CA MET A 974 -13.14 -17.53 -26.78
C MET A 974 -13.85 -16.31 -27.37
N LEU A 975 -14.63 -15.59 -26.57
CA LEU A 975 -15.26 -14.37 -27.06
C LEU A 975 -14.23 -13.28 -27.30
N ASP A 976 -13.24 -13.15 -26.41
CA ASP A 976 -12.15 -12.22 -26.64
C ASP A 976 -11.37 -12.60 -27.88
N THR A 977 -11.12 -13.90 -28.06
CA THR A 977 -10.44 -14.37 -29.27
C THR A 977 -11.25 -14.03 -30.51
N LEU A 978 -12.57 -14.17 -30.42
CA LEU A 978 -13.47 -13.79 -31.52
C LEU A 978 -13.35 -12.30 -31.83
N LEU A 979 -13.32 -11.48 -30.79
CA LEU A 979 -13.20 -10.04 -30.99
C LEU A 979 -11.89 -9.68 -31.67
N TYR A 980 -10.79 -10.32 -31.25
CA TYR A 980 -9.50 -10.04 -31.89
C TYR A 980 -9.45 -10.58 -33.32
N GLN A 981 -10.14 -11.70 -33.55
CA GLN A 981 -10.22 -12.25 -34.91
C GLN A 981 -10.99 -11.32 -35.83
N SER A 982 -12.00 -10.63 -35.30
CA SER A 982 -12.81 -9.74 -36.13
C SER A 982 -11.99 -8.58 -36.69
N PHE A 983 -10.81 -8.31 -36.11
CA PHE A 983 -9.91 -7.33 -36.72
C PHE A 983 -9.45 -7.78 -38.08
N VAL A 984 -9.31 -9.09 -38.29
CA VAL A 984 -8.93 -9.65 -39.58
C VAL A 984 -10.14 -10.21 -40.32
N LYS A 985 -11.06 -10.84 -39.61
CA LYS A 985 -12.26 -11.45 -40.18
C LYS A 985 -13.48 -10.70 -39.66
N ASP A 986 -13.84 -9.61 -40.36
CA ASP A 986 -14.97 -8.79 -39.92
C ASP A 986 -16.28 -9.56 -39.92
N TYR A 987 -16.36 -10.62 -40.73
CA TYR A 987 -17.56 -11.45 -40.83
C TYR A 987 -17.68 -12.47 -39.70
N MET A 988 -16.65 -12.63 -38.88
CA MET A 988 -16.61 -13.73 -37.94
C MET A 988 -17.67 -13.58 -36.85
N ILE A 989 -17.85 -12.35 -36.34
CA ILE A 989 -18.85 -12.14 -35.28
C ILE A 989 -20.24 -12.41 -35.82
N THR A 990 -20.53 -11.93 -37.04
CA THR A 990 -21.84 -12.18 -37.64
C THR A 990 -22.09 -13.66 -37.86
N ILE A 991 -21.06 -14.38 -38.33
CA ILE A 991 -21.20 -15.82 -38.55
C ILE A 991 -21.46 -16.53 -37.22
N THR A 992 -20.72 -16.17 -36.18
CA THR A 992 -20.92 -16.78 -34.87
C THR A 992 -22.32 -16.53 -34.35
N ARG A 993 -22.80 -15.28 -34.46
CA ARG A 993 -24.15 -14.96 -34.00
C ARG A 993 -25.21 -15.69 -34.81
N LEU A 994 -24.99 -15.84 -36.12
CA LEU A 994 -25.93 -16.59 -36.94
C LEU A 994 -25.98 -18.06 -36.54
N LEU A 995 -24.83 -18.65 -36.23
CA LEU A 995 -24.81 -20.03 -35.76
C LEU A 995 -25.55 -20.18 -34.44
N LEU A 996 -25.38 -19.21 -33.54
CA LEU A 996 -26.07 -19.25 -32.26
C LEU A 996 -27.51 -18.77 -32.35
N GLY A 997 -27.94 -18.25 -33.50
CA GLY A 997 -29.28 -17.72 -33.61
C GLY A 997 -29.48 -16.38 -32.94
N LEU A 998 -28.41 -15.72 -32.51
CA LEU A 998 -28.53 -14.44 -31.82
C LEU A 998 -29.13 -13.38 -32.73
N ASP A 999 -28.71 -13.36 -33.99
CA ASP A 999 -29.29 -12.48 -35.00
C ASP A 999 -30.04 -13.30 -36.04
N THR A 1000 -31.20 -12.81 -36.45
CA THR A 1000 -32.10 -13.53 -37.33
C THR A 1000 -32.29 -12.74 -38.61
N THR A 1001 -31.56 -13.10 -39.65
CA THR A 1001 -31.81 -12.56 -40.97
C THR A 1001 -32.69 -13.52 -41.77
N PRO A 1002 -33.77 -13.05 -42.38
CA PRO A 1002 -34.64 -13.97 -43.14
C PRO A 1002 -33.86 -14.67 -44.25
N GLY A 1003 -34.17 -15.94 -44.46
CA GLY A 1003 -33.47 -16.75 -45.43
C GLY A 1003 -32.18 -17.37 -44.93
N SER A 1004 -31.88 -17.27 -43.64
CA SER A 1004 -30.67 -17.82 -43.06
C SER A 1004 -30.99 -19.07 -42.28
N GLY A 1005 -30.12 -20.08 -42.40
CA GLY A 1005 -30.32 -21.35 -41.72
C GLY A 1005 -29.95 -21.28 -40.26
N TYR A 1006 -30.16 -22.41 -39.58
CA TYR A 1006 -29.88 -22.55 -38.16
C TYR A 1006 -29.09 -23.82 -37.91
N LEU A 1007 -28.37 -23.83 -36.80
CA LEU A 1007 -27.53 -24.97 -36.43
C LEU A 1007 -28.40 -26.05 -35.81
N CYS A 1008 -28.52 -27.18 -36.50
CA CYS A 1008 -29.24 -28.34 -36.00
C CYS A 1008 -28.28 -29.51 -35.81
N ALA A 1009 -28.83 -30.64 -35.38
CA ALA A 1009 -28.03 -31.84 -35.16
C ALA A 1009 -28.88 -33.06 -35.43
N MET A 1010 -28.28 -34.07 -36.05
CA MET A 1010 -28.96 -35.30 -36.40
C MET A 1010 -28.19 -36.49 -35.84
N LYS A 1011 -28.92 -37.49 -35.34
CA LYS A 1011 -28.32 -38.66 -34.72
C LYS A 1011 -28.16 -39.76 -35.76
N ILE A 1012 -26.92 -40.20 -35.96
CA ILE A 1012 -26.64 -41.30 -36.86
C ILE A 1012 -26.96 -42.61 -36.13
N THR A 1013 -28.07 -43.24 -36.51
CA THR A 1013 -28.51 -44.46 -35.85
C THR A 1013 -27.95 -45.68 -36.58
N GLU A 1014 -28.22 -46.85 -36.00
CA GLU A 1014 -27.76 -48.10 -36.59
C GLU A 1014 -28.38 -48.36 -37.95
N GLY A 1015 -29.60 -47.86 -38.19
CA GLY A 1015 -30.25 -48.06 -39.47
C GLY A 1015 -29.72 -47.21 -40.60
N ASP A 1016 -28.93 -46.19 -40.28
CA ASP A 1016 -28.34 -45.31 -41.28
C ASP A 1016 -26.88 -45.60 -41.55
N LEU A 1017 -26.35 -46.71 -41.02
CA LEU A 1017 -24.95 -47.05 -41.25
C LEU A 1017 -24.69 -47.59 -42.65
N TRP A 1018 -25.72 -47.86 -43.44
CA TRP A 1018 -25.50 -48.16 -44.85
C TRP A 1018 -24.90 -46.97 -45.59
N ILE A 1019 -25.01 -45.77 -45.01
CA ILE A 1019 -24.24 -44.62 -45.45
C ILE A 1019 -22.90 -44.70 -44.73
N ARG A 1020 -21.96 -45.46 -45.31
CA ARG A 1020 -20.73 -45.77 -44.60
C ARG A 1020 -19.82 -44.56 -44.42
N THR A 1021 -20.02 -43.50 -45.20
CA THR A 1021 -19.05 -42.43 -45.29
C THR A 1021 -19.73 -41.08 -45.05
N TYR A 1022 -18.94 -40.14 -44.51
CA TYR A 1022 -19.40 -38.79 -44.28
C TYR A 1022 -19.72 -38.07 -45.58
N GLY A 1023 -18.94 -38.32 -46.65
CA GLY A 1023 -19.25 -37.71 -47.92
C GLY A 1023 -20.56 -38.21 -48.51
N ARG A 1024 -20.85 -39.51 -48.36
CA ARG A 1024 -22.14 -40.03 -48.80
C ARG A 1024 -23.29 -39.43 -48.01
N LEU A 1025 -23.08 -39.21 -46.71
CA LEU A 1025 -24.10 -38.52 -45.92
C LEU A 1025 -24.31 -37.09 -46.40
N PHE A 1026 -23.21 -36.40 -46.73
CA PHE A 1026 -23.29 -35.07 -47.32
C PHE A 1026 -24.14 -35.10 -48.59
N GLN A 1027 -23.88 -36.08 -49.45
CA GLN A 1027 -24.61 -36.21 -50.70
C GLN A 1027 -26.10 -36.45 -50.44
N LYS A 1028 -26.42 -37.34 -49.50
CA LYS A 1028 -27.81 -37.64 -49.20
C LYS A 1028 -28.53 -36.41 -48.65
N LEU A 1029 -27.87 -35.67 -47.75
CA LEU A 1029 -28.49 -34.49 -47.16
C LEU A 1029 -28.73 -33.42 -48.22
N CYS A 1030 -27.77 -33.21 -49.11
CA CYS A 1030 -27.96 -32.22 -50.16
C CYS A 1030 -28.93 -32.67 -51.25
N SER A 1031 -29.15 -33.98 -51.39
CA SER A 1031 -30.11 -34.47 -52.37
C SER A 1031 -31.51 -34.66 -51.82
N SER A 1032 -31.68 -34.62 -50.49
CA SER A 1032 -32.99 -34.82 -49.88
C SER A 1032 -33.49 -33.55 -49.18
N SER A 1033 -32.72 -33.00 -48.24
CA SER A 1033 -33.16 -31.86 -47.45
C SER A 1033 -32.25 -30.65 -47.59
N ALA A 1034 -31.23 -30.71 -48.43
CA ALA A 1034 -30.35 -29.58 -48.72
C ALA A 1034 -29.66 -29.05 -47.46
N GLU A 1035 -29.35 -29.94 -46.52
CA GLU A 1035 -28.62 -29.55 -45.32
C GLU A 1035 -27.13 -29.73 -45.53
N ILE A 1036 -26.36 -28.87 -44.87
CA ILE A 1036 -24.90 -28.89 -45.01
C ILE A 1036 -24.28 -29.26 -43.67
N PRO A 1037 -23.68 -30.44 -43.56
CA PRO A 1037 -23.10 -30.87 -42.28
C PRO A 1037 -21.78 -30.17 -42.00
N ILE A 1038 -21.69 -29.50 -40.85
CA ILE A 1038 -20.44 -28.88 -40.43
C ILE A 1038 -19.45 -29.94 -39.97
N GLY A 1039 -19.79 -30.68 -38.92
CA GLY A 1039 -18.88 -31.65 -38.36
C GLY A 1039 -19.56 -32.81 -37.66
N ILE A 1040 -18.78 -33.63 -36.96
CA ILE A 1040 -19.28 -34.83 -36.31
C ILE A 1040 -18.92 -34.77 -34.82
N TYR A 1041 -19.89 -35.10 -33.98
CA TYR A 1041 -19.67 -35.26 -32.54
C TYR A 1041 -19.50 -36.75 -32.29
N ARG A 1042 -18.25 -37.20 -32.24
CA ARG A 1042 -17.94 -38.62 -32.22
C ARG A 1042 -17.91 -39.15 -30.79
N THR A 1043 -18.29 -40.41 -30.64
CA THR A 1043 -18.43 -41.06 -29.35
C THR A 1043 -17.59 -42.33 -29.32
N GLU A 1044 -16.84 -42.52 -28.23
CA GLU A 1044 -16.00 -43.69 -28.04
C GLU A 1044 -16.21 -44.23 -26.62
N SER A 1045 -15.91 -45.52 -26.47
CA SER A 1045 -15.97 -46.19 -25.17
C SER A 1045 -14.61 -46.12 -24.51
N HIS A 1046 -14.54 -45.51 -23.33
CA HIS A 1046 -13.29 -45.21 -22.65
C HIS A 1046 -13.37 -45.58 -21.17
N VAL A 1047 -13.77 -46.83 -20.89
CA VAL A 1047 -13.93 -47.34 -19.53
C VAL A 1047 -12.78 -46.89 -18.65
N PHE A 1048 -13.10 -46.26 -17.51
CA PHE A 1048 -12.11 -45.66 -16.64
C PHE A 1048 -11.69 -46.62 -15.52
N ALA A 1129 -27.58 -60.55 19.91
CA ALA A 1129 -27.63 -59.60 18.80
C ALA A 1129 -26.23 -59.19 18.35
N ALA A 1130 -25.22 -59.71 19.05
CA ALA A 1130 -23.84 -59.36 18.75
C ALA A 1130 -23.45 -59.77 17.33
N GLU A 1131 -23.89 -60.96 16.91
CA GLU A 1131 -23.56 -61.42 15.57
C GLU A 1131 -24.15 -60.50 14.50
N TRP A 1132 -25.38 -60.04 14.70
CA TRP A 1132 -26.03 -59.19 13.70
C TRP A 1132 -25.32 -57.86 13.54
N ILE A 1133 -25.01 -57.18 14.66
CA ILE A 1133 -24.33 -55.91 14.55
C ILE A 1133 -22.87 -56.08 14.12
N SER A 1134 -22.25 -57.23 14.39
CA SER A 1134 -20.94 -57.51 13.82
C SER A 1134 -21.02 -57.64 12.30
N GLN A 1135 -22.04 -58.35 11.80
CA GLN A 1135 -22.26 -58.44 10.37
C GLN A 1135 -22.42 -57.06 9.76
N GLN A 1136 -23.25 -56.23 10.38
CA GLN A 1136 -23.44 -54.87 9.90
C GLN A 1136 -22.14 -54.07 9.96
N ARG A 1137 -21.32 -54.31 10.99
CA ARG A 1137 -20.05 -53.61 11.12
C ARG A 1137 -19.11 -53.93 9.96
N LEU A 1138 -18.93 -55.22 9.66
CA LEU A 1138 -18.09 -55.58 8.52
C LEU A 1138 -18.69 -55.10 7.20
N SER A 1139 -20.01 -55.18 7.04
CA SER A 1139 -20.64 -54.72 5.81
C SER A 1139 -20.39 -53.23 5.58
N LEU A 1140 -20.54 -52.43 6.64
CA LEU A 1140 -20.35 -50.99 6.50
C LEU A 1140 -18.87 -50.61 6.40
N TYR A 1141 -17.99 -51.45 6.96
CA TYR A 1141 -16.56 -51.22 6.77
C TYR A 1141 -16.12 -51.53 5.34
N ARG A 1142 -16.72 -52.54 4.72
CA ARG A 1142 -16.37 -52.91 3.36
C ARG A 1142 -17.11 -52.10 2.29
N ARG A 1143 -18.08 -51.29 2.68
CA ARG A 1143 -18.81 -50.50 1.70
C ARG A 1143 -17.92 -49.38 1.14
N SER A 1144 -18.10 -49.09 -0.15
CA SER A 1144 -17.22 -48.18 -0.87
C SER A 1144 -17.76 -46.76 -0.83
N GLU A 1145 -17.05 -45.85 -1.51
CA GLU A 1145 -17.45 -44.46 -1.57
C GLU A 1145 -18.64 -44.24 -2.48
N ARG A 1146 -18.73 -45.00 -3.58
CA ARG A 1146 -19.89 -44.90 -4.47
C ARG A 1146 -21.17 -45.27 -3.72
N GLN A 1147 -21.12 -46.33 -2.91
CA GLN A 1147 -22.26 -46.69 -2.09
C GLN A 1147 -22.58 -45.59 -1.08
N GLU A 1148 -21.54 -44.95 -0.52
CA GLU A 1148 -21.77 -43.85 0.41
C GLU A 1148 -22.53 -42.71 -0.25
N LEU A 1149 -22.09 -42.31 -1.45
CA LEU A 1149 -22.76 -41.23 -2.15
C LEU A 1149 -24.19 -41.60 -2.53
N SER A 1150 -24.38 -42.84 -2.99
CA SER A 1150 -25.72 -43.29 -3.35
C SER A 1150 -26.64 -43.29 -2.15
N GLU A 1151 -26.16 -43.78 -1.00
CA GLU A 1151 -26.98 -43.78 0.20
C GLU A 1151 -27.27 -42.37 0.70
N LEU A 1152 -26.31 -41.45 0.58
CA LEU A 1152 -26.59 -40.07 0.95
C LEU A 1152 -27.69 -39.47 0.09
N VAL A 1153 -27.61 -39.69 -1.22
CA VAL A 1153 -28.63 -39.15 -2.12
C VAL A 1153 -29.99 -39.77 -1.84
N LYS A 1154 -30.02 -41.09 -1.60
CA LYS A 1154 -31.28 -41.75 -1.30
C LYS A 1154 -31.86 -41.30 0.03
N ASN A 1155 -31.01 -41.06 1.03
CA ASN A 1155 -31.48 -40.55 2.31
C ASN A 1155 -32.09 -39.16 2.15
N ARG A 1156 -31.43 -38.30 1.36
CA ARG A 1156 -32.01 -36.98 1.10
C ARG A 1156 -33.34 -37.10 0.37
N MET A 1157 -33.42 -37.99 -0.61
CA MET A 1157 -34.66 -38.16 -1.37
C MET A 1157 -35.80 -38.62 -0.48
N LYS A 1158 -35.53 -39.63 0.37
CA LYS A 1158 -36.58 -40.13 1.26
C LYS A 1158 -36.91 -39.14 2.37
N HIS A 1159 -35.99 -38.23 2.70
CA HIS A 1159 -36.31 -37.17 3.65
C HIS A 1159 -37.22 -36.11 3.01
N LEU A 1160 -36.95 -35.73 1.77
CA LEU A 1160 -37.83 -34.77 1.10
C LEU A 1160 -39.14 -35.40 0.65
N GLY A 1161 -39.16 -36.70 0.39
CA GLY A 1161 -40.37 -37.40 0.01
C GLY A 1161 -40.37 -38.00 -1.38
N LEU A 1162 -39.33 -37.80 -2.18
CA LEU A 1162 -39.27 -38.45 -3.48
C LEU A 1162 -38.87 -39.92 -3.32
N PRO A 1163 -39.36 -40.79 -4.20
CA PRO A 1163 -39.01 -42.22 -4.05
C PRO A 1163 -37.53 -42.45 -4.35
N THR A 1164 -36.94 -43.39 -3.59
CA THR A 1164 -35.52 -43.68 -3.74
C THR A 1164 -35.22 -44.26 -5.12
N THR A 1165 -36.12 -45.09 -5.64
CA THR A 1165 -35.93 -45.67 -6.95
C THR A 1165 -36.00 -44.59 -8.03
N GLY A 1166 -35.41 -44.90 -9.18
CA GLY A 1166 -35.22 -43.97 -10.26
C GLY A 1166 -33.83 -43.35 -10.29
N TYR A 1167 -33.16 -43.30 -9.15
CA TYR A 1167 -31.78 -42.84 -9.10
C TYR A 1167 -30.86 -43.75 -9.88
N ASP A 1168 -31.26 -44.99 -10.12
CA ASP A 1168 -30.46 -45.94 -10.90
C ASP A 1168 -30.31 -45.47 -12.34
N HIS A 1173 -20.01 -44.06 -14.15
CA HIS A 1173 -21.19 -44.62 -14.80
C HIS A 1173 -21.17 -44.34 -16.29
N GLN A 1174 -20.50 -43.27 -16.69
CA GLN A 1174 -20.38 -42.87 -18.09
C GLN A 1174 -18.97 -43.18 -18.57
N ASN A 1175 -18.78 -44.40 -19.07
CA ASN A 1175 -17.51 -44.82 -19.64
C ASN A 1175 -17.43 -44.44 -21.11
N THR A 1176 -17.44 -43.13 -21.35
CA THR A 1176 -17.56 -42.58 -22.69
C THR A 1176 -16.53 -41.47 -22.89
N LEU A 1177 -16.04 -41.36 -24.13
CA LEU A 1177 -15.14 -40.29 -24.53
C LEU A 1177 -15.68 -39.70 -25.81
N SER A 1178 -15.78 -38.37 -25.86
CA SER A 1178 -16.35 -37.67 -27.01
C SER A 1178 -15.47 -36.50 -27.43
N TYR A 1179 -15.57 -36.16 -28.71
CA TYR A 1179 -14.80 -35.07 -29.28
C TYR A 1179 -15.50 -34.57 -30.52
N VAL A 1180 -15.03 -33.45 -31.05
CA VAL A 1180 -15.66 -32.76 -32.18
C VAL A 1180 -14.70 -32.76 -33.36
N LEU A 1181 -15.15 -33.28 -34.50
CA LEU A 1181 -14.40 -33.25 -35.74
C LEU A 1181 -15.02 -32.18 -36.64
N ILE A 1182 -14.36 -31.02 -36.73
CA ILE A 1182 -14.88 -29.93 -37.54
C ILE A 1182 -14.50 -30.19 -38.99
N ASN A 1183 -15.52 -30.33 -39.85
CA ASN A 1183 -15.36 -30.56 -41.27
C ASN A 1183 -14.38 -31.71 -41.54
N PRO A 1184 -14.74 -32.95 -41.21
CA PRO A 1184 -13.87 -34.08 -41.50
C PRO A 1184 -13.78 -34.31 -43.00
N PRO A 1185 -12.74 -35.01 -43.47
CA PRO A 1185 -12.60 -35.27 -44.90
C PRO A 1185 -13.77 -36.08 -45.41
N PRO A 1186 -14.14 -35.92 -46.69
CA PRO A 1186 -15.31 -36.62 -47.22
C PRO A 1186 -15.17 -38.12 -47.24
N ASP A 1187 -14.01 -38.67 -46.90
CA ASP A 1187 -13.79 -40.11 -46.83
C ASP A 1187 -13.95 -40.65 -45.41
N THR A 1188 -14.28 -39.81 -44.44
CA THR A 1188 -14.41 -40.26 -43.06
C THR A 1188 -15.56 -41.25 -42.92
N ARG A 1189 -15.30 -42.35 -42.21
CA ARG A 1189 -16.31 -43.37 -41.99
C ARG A 1189 -17.19 -43.02 -40.79
N LEU A 1190 -18.48 -43.29 -40.92
CA LEU A 1190 -19.45 -42.96 -39.90
C LEU A 1190 -19.56 -44.09 -38.89
N GLU A 1191 -19.46 -43.75 -37.60
CA GLU A 1191 -19.59 -44.68 -36.50
C GLU A 1191 -20.94 -44.52 -35.83
N PRO A 1192 -21.41 -45.54 -35.11
CA PRO A 1192 -22.65 -45.38 -34.33
C PRO A 1192 -22.46 -44.38 -33.19
N SER A 1193 -23.59 -43.98 -32.61
CA SER A 1193 -23.66 -42.95 -31.57
C SER A 1193 -23.10 -41.61 -32.04
N ASP A 1194 -23.03 -41.38 -33.35
CA ASP A 1194 -22.50 -40.14 -33.90
C ASP A 1194 -23.61 -39.12 -34.05
N ILE A 1195 -23.25 -37.85 -33.85
CA ILE A 1195 -24.15 -36.72 -34.04
C ILE A 1195 -23.48 -35.75 -35.00
N VAL A 1196 -24.19 -35.40 -36.08
CA VAL A 1196 -23.63 -34.56 -37.13
C VAL A 1196 -24.25 -33.18 -37.00
N TYR A 1197 -23.41 -32.16 -36.86
CA TYR A 1197 -23.89 -30.78 -36.83
C TYR A 1197 -24.36 -30.38 -38.22
N LEU A 1198 -25.53 -29.77 -38.30
CA LEU A 1198 -26.13 -29.40 -39.58
C LEU A 1198 -26.48 -27.92 -39.57
N ILE A 1199 -26.32 -27.29 -40.73
CA ILE A 1199 -26.88 -25.97 -40.98
C ILE A 1199 -28.10 -26.19 -41.87
N ARG A 1200 -29.25 -26.34 -41.25
CA ARG A 1200 -30.49 -26.62 -41.96
C ARG A 1200 -31.09 -25.32 -42.47
N SER A 1201 -31.50 -25.31 -43.74
CA SER A 1201 -31.96 -24.08 -44.38
C SER A 1201 -33.22 -23.56 -43.69
N ASP A 1202 -33.52 -22.29 -43.95
CA ASP A 1202 -34.65 -21.62 -43.31
C ASP A 1202 -35.96 -22.31 -43.73
N PRO A 1203 -36.84 -22.63 -42.79
CA PRO A 1203 -38.08 -23.32 -43.16
C PRO A 1203 -39.11 -22.40 -43.80
N LEU A 1204 -39.13 -21.13 -43.37
CA LEU A 1204 -40.11 -20.18 -43.87
C LEU A 1204 -39.70 -19.49 -45.17
N ALA A 1205 -38.44 -19.64 -45.57
CA ALA A 1205 -37.97 -19.00 -46.79
C ALA A 1205 -38.24 -19.88 -48.01
N ARG B 110 13.76 -12.29 -42.55
CA ARG B 110 15.04 -12.74 -42.01
C ARG B 110 16.20 -12.28 -42.90
N SER B 111 15.87 -11.93 -44.15
CA SER B 111 16.90 -11.44 -45.08
C SER B 111 17.47 -10.11 -44.61
N SER B 112 16.62 -9.26 -44.02
CA SER B 112 17.11 -8.00 -43.48
C SER B 112 18.09 -8.22 -42.34
N LEU B 113 17.86 -9.24 -41.50
CA LEU B 113 18.83 -9.59 -40.47
C LEU B 113 20.15 -10.03 -41.09
N ARG B 114 20.10 -10.79 -42.18
CA ARG B 114 21.33 -11.20 -42.86
C ARG B 114 22.07 -9.98 -43.42
N ILE B 115 21.33 -9.02 -43.97
CA ILE B 115 21.96 -7.81 -44.48
C ILE B 115 22.60 -7.00 -43.36
N ARG B 116 21.92 -6.90 -42.21
CA ARG B 116 22.50 -6.20 -41.07
C ARG B 116 23.76 -6.89 -40.57
N LEU B 117 23.73 -8.22 -40.51
CA LEU B 117 24.92 -8.98 -40.12
C LEU B 117 26.06 -8.75 -41.11
N PHE B 118 25.74 -8.71 -42.41
CA PHE B 118 26.76 -8.44 -43.41
C PHE B 118 27.37 -7.06 -43.22
N ASN B 119 26.54 -6.06 -42.95
CA ASN B 119 27.06 -4.70 -42.75
C ASN B 119 27.95 -4.63 -41.51
N PHE B 120 27.52 -5.26 -40.41
CA PHE B 120 28.32 -5.25 -39.20
C PHE B 120 29.64 -5.98 -39.41
N SER B 121 29.61 -7.12 -40.09
CA SER B 121 30.84 -7.86 -40.39
C SER B 121 31.75 -7.05 -41.28
N LEU B 122 31.18 -6.31 -42.25
CA LEU B 122 31.99 -5.45 -43.11
C LEU B 122 32.69 -4.36 -42.32
N LYS B 123 31.97 -3.71 -41.39
CA LYS B 123 32.59 -2.69 -40.56
C LYS B 123 33.71 -3.26 -39.70
N LEU B 124 33.45 -4.41 -39.08
CA LEU B 124 34.47 -5.04 -38.24
C LEU B 124 35.68 -5.45 -39.06
N LEU B 125 35.44 -5.99 -40.26
CA LEU B 125 36.54 -6.42 -41.12
C LEU B 125 37.35 -5.24 -41.62
N THR B 126 36.69 -4.10 -41.90
CA THR B 126 37.47 -2.96 -42.39
C THR B 126 38.30 -2.33 -41.28
N CYS B 127 37.79 -2.30 -40.03
CA CYS B 127 38.69 -1.81 -38.97
C CYS B 127 39.81 -2.80 -38.68
N LEU B 128 39.53 -4.10 -38.79
CA LEU B 128 40.60 -5.09 -38.64
C LEU B 128 41.65 -4.93 -39.72
N LEU B 129 41.23 -4.63 -40.94
CA LEU B 129 42.19 -4.43 -42.02
C LEU B 129 42.95 -3.13 -41.85
N TYR B 130 42.33 -2.11 -41.25
CA TYR B 130 43.09 -0.92 -40.86
C TYR B 130 44.17 -1.29 -39.84
N ILE B 131 43.84 -2.18 -38.90
CA ILE B 131 44.84 -2.66 -37.95
C ILE B 131 45.98 -3.36 -38.68
N VAL B 132 45.66 -4.24 -39.63
CA VAL B 132 46.72 -4.97 -40.31
C VAL B 132 47.54 -4.04 -41.20
N ARG B 133 46.94 -2.93 -41.65
CA ARG B 133 47.70 -1.93 -42.39
C ARG B 133 48.67 -1.21 -41.46
N VAL B 134 48.19 -0.75 -40.31
CA VAL B 134 49.04 0.06 -39.45
C VAL B 134 50.13 -0.80 -38.80
N LEU B 135 49.87 -2.09 -38.62
CA LEU B 135 50.86 -2.97 -38.01
C LEU B 135 51.98 -3.33 -38.97
N LEU B 136 51.68 -3.40 -40.28
CA LEU B 136 52.62 -3.89 -41.27
C LEU B 136 53.44 -2.77 -41.91
N ASP B 137 53.23 -1.53 -41.48
CA ASP B 137 53.87 -0.38 -42.09
C ASP B 137 54.83 0.27 -41.11
N ASP B 138 56.00 0.68 -41.61
CA ASP B 138 57.04 1.34 -40.82
C ASP B 138 57.25 2.77 -41.32
N PRO B 139 57.34 3.74 -40.41
CA PRO B 139 57.52 5.14 -40.83
C PRO B 139 58.96 5.48 -41.18
N ALA B 140 59.92 4.72 -40.62
CA ALA B 140 61.33 5.02 -40.83
C ALA B 140 61.79 4.76 -42.25
N LEU B 141 61.10 3.87 -42.98
CA LEU B 141 61.49 3.58 -44.36
C LEU B 141 61.32 4.80 -45.25
N GLY B 142 60.22 5.53 -45.08
CA GLY B 142 59.94 6.70 -45.88
C GLY B 142 58.46 6.94 -46.06
N ILE B 143 58.05 8.21 -45.96
CA ILE B 143 56.64 8.58 -46.02
C ILE B 143 56.46 9.65 -47.09
N GLY B 144 55.52 9.41 -48.01
CA GLY B 144 55.24 10.36 -49.06
C GLY B 144 53.82 10.17 -49.56
N CYS B 145 53.46 10.98 -50.56
CA CYS B 145 52.09 10.92 -51.08
C CYS B 145 51.86 9.63 -51.87
N TRP B 146 52.55 9.49 -53.00
CA TRP B 146 52.53 8.26 -53.80
C TRP B 146 53.50 8.41 -54.97
N GLY B 147 54.03 7.30 -55.46
CA GLY B 147 55.04 7.35 -56.49
C GLY B 147 56.43 7.37 -55.90
N CYS B 148 57.26 8.35 -56.29
CA CYS B 148 58.55 8.47 -55.62
C CYS B 148 58.82 9.87 -55.06
N PRO B 149 57.86 10.52 -54.38
CA PRO B 149 58.26 11.43 -53.29
C PRO B 149 58.40 10.67 -51.99
N LYS B 150 59.62 10.57 -51.46
CA LYS B 150 59.87 9.82 -50.24
C LYS B 150 61.05 10.42 -49.52
N GLN B 151 60.81 10.95 -48.32
CA GLN B 151 61.84 11.59 -47.52
C GLN B 151 61.70 11.15 -46.07
N ASN B 152 62.84 11.13 -45.36
CA ASN B 152 62.85 10.70 -43.96
C ASN B 152 62.60 11.89 -43.03
N TYR B 153 61.83 11.65 -41.98
CA TYR B 153 61.45 12.69 -41.04
C TYR B 153 61.78 12.27 -39.62
N SER B 154 62.26 13.23 -38.82
CA SER B 154 62.61 13.01 -37.43
C SER B 154 62.00 14.12 -36.58
N PHE B 155 61.63 13.77 -35.35
CA PHE B 155 60.95 14.69 -34.45
C PHE B 155 61.89 15.11 -33.32
N ASN B 156 62.00 16.41 -33.10
CA ASN B 156 62.87 16.98 -32.08
C ASN B 156 62.03 17.81 -31.12
N ASP B 157 62.32 17.68 -29.83
CA ASP B 157 61.58 18.42 -28.81
C ASP B 157 61.90 19.91 -28.80
N SER B 158 63.01 20.33 -29.41
CA SER B 158 63.41 21.74 -29.36
C SER B 158 62.44 22.61 -30.14
N SER B 159 62.28 22.34 -31.43
CA SER B 159 61.41 23.16 -32.28
C SER B 159 59.96 22.76 -32.04
N SER B 160 59.12 23.75 -31.70
CA SER B 160 57.71 23.51 -31.48
C SER B 160 56.93 23.28 -32.78
N GLU B 161 57.55 23.53 -33.93
CA GLU B 161 56.89 23.27 -35.21
C GLU B 161 56.60 21.78 -35.35
N ILE B 162 55.39 21.47 -35.80
CA ILE B 162 54.93 20.10 -35.95
C ILE B 162 54.89 19.77 -37.43
N ASN B 163 55.66 18.77 -37.84
CA ASN B 163 55.63 18.32 -39.21
C ASN B 163 54.45 17.38 -39.42
N TRP B 164 53.48 17.83 -40.22
CA TRP B 164 52.26 17.08 -40.43
C TRP B 164 52.44 15.97 -41.46
N ALA B 165 53.56 15.98 -42.20
CA ALA B 165 53.74 15.05 -43.31
C ALA B 165 53.48 13.58 -42.94
N PRO B 166 53.94 13.07 -41.78
CA PRO B 166 53.52 11.70 -41.41
C PRO B 166 52.01 11.54 -41.30
N ILE B 167 51.29 12.57 -40.86
CA ILE B 167 49.87 12.39 -40.54
C ILE B 167 49.03 12.24 -41.80
N LEU B 168 49.18 13.15 -42.76
CA LEU B 168 48.35 13.07 -43.96
C LEU B 168 48.64 11.80 -44.75
N TRP B 169 49.92 11.43 -44.88
CA TRP B 169 50.32 10.34 -45.75
C TRP B 169 50.80 9.16 -44.91
N VAL B 170 50.18 8.01 -45.13
CA VAL B 170 50.61 6.75 -44.55
C VAL B 170 50.95 5.80 -45.70
N GLU B 171 52.08 5.11 -45.59
CA GLU B 171 52.49 4.19 -46.65
C GLU B 171 51.57 2.99 -46.68
N ARG B 172 51.11 2.63 -47.88
CA ARG B 172 50.15 1.56 -48.05
C ARG B 172 50.49 0.77 -49.30
N LYS B 173 50.44 -0.57 -49.19
CA LYS B 173 50.65 -1.43 -50.34
C LYS B 173 49.45 -1.35 -51.28
N MET B 174 49.72 -1.61 -52.57
CA MET B 174 48.66 -1.54 -53.56
C MET B 174 47.57 -2.58 -53.30
N THR B 175 47.97 -3.79 -52.92
CA THR B 175 47.00 -4.86 -52.67
C THR B 175 46.04 -4.47 -51.53
N LEU B 176 46.60 -3.96 -50.44
CA LEU B 176 45.76 -3.56 -49.31
C LEU B 176 44.78 -2.45 -49.71
N TRP B 177 45.28 -1.43 -50.41
CA TRP B 177 44.41 -0.34 -50.83
C TRP B 177 43.29 -0.83 -51.73
N ALA B 178 43.62 -1.67 -52.72
CA ALA B 178 42.60 -2.22 -53.61
C ALA B 178 41.59 -3.04 -52.82
N ILE B 179 42.05 -3.78 -51.81
CA ILE B 179 41.12 -4.60 -51.02
C ILE B 179 40.18 -3.71 -50.21
N GLN B 180 40.71 -2.69 -49.54
CA GLN B 180 39.84 -1.86 -48.70
C GLN B 180 38.87 -1.03 -49.52
N VAL B 181 39.28 -0.62 -50.73
CA VAL B 181 38.39 0.21 -51.55
C VAL B 181 37.12 -0.55 -51.89
N ILE B 182 37.25 -1.84 -52.21
CA ILE B 182 36.08 -2.66 -52.54
C ILE B 182 35.13 -2.73 -51.34
N VAL B 183 35.68 -2.97 -50.15
CA VAL B 183 34.84 -3.07 -48.96
C VAL B 183 34.12 -1.75 -48.70
N ALA B 184 34.83 -0.63 -48.83
CA ALA B 184 34.19 0.67 -48.62
C ALA B 184 33.09 0.91 -49.63
N ILE B 185 33.33 0.57 -50.90
CA ILE B 185 32.32 0.80 -51.93
C ILE B 185 31.08 -0.03 -51.67
N ILE B 186 31.26 -1.31 -51.33
CA ILE B 186 30.10 -2.16 -51.09
C ILE B 186 29.36 -1.73 -49.83
N SER B 187 30.08 -1.26 -48.80
CA SER B 187 29.41 -0.74 -47.62
C SER B 187 28.60 0.51 -47.94
N PHE B 188 29.18 1.42 -48.74
CA PHE B 188 28.47 2.60 -49.24
C PHE B 188 27.18 2.22 -49.94
N LEU B 189 27.28 1.30 -50.90
CA LEU B 189 26.11 0.91 -51.68
C LEU B 189 25.06 0.25 -50.82
N GLU B 190 25.46 -0.63 -49.90
CA GLU B 190 24.50 -1.30 -49.02
C GLU B 190 23.82 -0.30 -48.09
N THR B 191 24.60 0.65 -47.53
CA THR B 191 24.04 1.60 -46.59
C THR B 191 22.98 2.48 -47.25
N MET B 192 23.31 3.09 -48.39
CA MET B 192 22.26 3.89 -49.03
C MET B 192 21.21 3.06 -49.76
N LEU B 193 21.47 1.79 -50.09
CA LEU B 193 20.39 0.94 -50.55
C LEU B 193 19.35 0.71 -49.46
N LEU B 194 19.81 0.45 -48.23
CA LEU B 194 18.89 0.33 -47.11
C LEU B 194 18.23 1.65 -46.76
N ILE B 195 18.93 2.77 -46.91
CA ILE B 195 18.33 4.08 -46.67
C ILE B 195 17.22 4.35 -47.66
N TYR B 196 17.46 4.07 -48.95
CA TYR B 196 16.40 4.22 -49.94
C TYR B 196 15.28 3.21 -49.72
N LEU B 197 15.60 2.06 -49.11
CA LEU B 197 14.58 1.07 -48.80
C LEU B 197 13.63 1.57 -47.70
N SER B 198 14.14 2.38 -46.78
CA SER B 198 13.35 2.86 -45.64
C SER B 198 13.34 4.39 -45.66
N TYR B 199 12.27 4.97 -46.21
CA TYR B 199 12.08 6.41 -46.19
C TYR B 199 11.24 6.89 -45.00
N LYS B 200 10.25 6.10 -44.59
CA LYS B 200 9.31 6.48 -43.53
C LYS B 200 8.60 7.79 -43.84
N GLY B 201 8.47 8.13 -45.11
CA GLY B 201 7.85 9.39 -45.48
C GLY B 201 8.64 10.61 -45.06
N ASN B 202 9.94 10.46 -44.81
CA ASN B 202 10.76 11.57 -44.33
C ASN B 202 12.19 11.33 -44.79
N ILE B 203 12.58 12.00 -45.88
CA ILE B 203 13.97 11.94 -46.34
C ILE B 203 14.86 12.84 -45.50
N TRP B 204 14.31 13.90 -44.93
CA TRP B 204 15.08 14.82 -44.10
C TRP B 204 15.52 14.14 -42.81
N GLU B 205 16.24 14.91 -41.98
CA GLU B 205 16.70 14.47 -40.66
C GLU B 205 17.69 13.32 -40.74
N GLN B 206 18.01 12.86 -41.95
CA GLN B 206 19.04 11.85 -42.12
C GLN B 206 20.44 12.42 -41.95
N ILE B 207 20.62 13.71 -42.24
CA ILE B 207 21.92 14.35 -42.06
C ILE B 207 22.25 14.50 -40.59
N PHE B 208 21.28 14.96 -39.79
CA PHE B 208 21.53 15.25 -38.38
C PHE B 208 21.60 14.01 -37.51
N ARG B 209 21.03 12.88 -37.95
CA ARG B 209 21.27 11.61 -37.27
C ARG B 209 22.76 11.30 -37.35
N VAL B 210 23.44 11.18 -36.22
CA VAL B 210 24.88 10.98 -36.30
C VAL B 210 25.15 9.48 -36.45
N SER B 211 24.88 8.97 -37.65
CA SER B 211 25.43 7.74 -38.16
C SER B 211 25.81 7.83 -39.63
N PHE B 212 25.25 8.79 -40.37
CA PHE B 212 25.51 9.01 -41.78
C PHE B 212 26.76 9.84 -42.03
N VAL B 213 27.02 10.85 -41.20
CA VAL B 213 28.17 11.71 -41.42
C VAL B 213 29.48 10.94 -41.22
N LEU B 214 29.57 10.18 -40.13
CA LEU B 214 30.78 9.40 -39.87
C LEU B 214 31.02 8.39 -40.99
N GLU B 215 29.97 7.67 -41.38
CA GLU B 215 30.06 6.70 -42.46
C GLU B 215 30.50 7.37 -43.75
N MET B 216 29.91 8.53 -44.06
CA MET B 216 30.10 9.10 -45.38
C MET B 216 31.50 9.67 -45.49
N ILE B 217 31.97 10.32 -44.42
CA ILE B 217 33.35 10.81 -44.34
C ILE B 217 34.33 9.64 -44.37
N ASN B 218 34.00 8.51 -43.76
CA ASN B 218 34.89 7.36 -43.82
C ASN B 218 34.83 6.65 -45.17
N THR B 219 33.83 6.93 -45.99
CA THR B 219 33.61 6.17 -47.21
C THR B 219 34.04 6.91 -48.48
N LEU B 220 33.61 8.15 -48.68
CA LEU B 220 33.94 8.83 -49.94
C LEU B 220 35.43 8.89 -50.26
N PRO B 221 36.31 9.19 -49.30
CA PRO B 221 37.74 9.29 -49.65
C PRO B 221 38.31 8.04 -50.29
N PHE B 222 37.81 6.85 -49.93
CA PHE B 222 38.27 5.62 -50.56
C PHE B 222 37.91 5.56 -52.03
N ILE B 223 36.82 6.21 -52.44
CA ILE B 223 36.50 6.32 -53.85
C ILE B 223 37.26 7.48 -54.50
N ILE B 224 37.49 8.56 -53.74
CA ILE B 224 38.22 9.71 -54.27
C ILE B 224 39.66 9.32 -54.61
N THR B 225 40.25 8.40 -53.83
CA THR B 225 41.61 7.96 -54.09
C THR B 225 41.77 7.41 -55.50
N ILE B 226 40.71 6.83 -56.07
CA ILE B 226 40.77 6.35 -57.45
C ILE B 226 40.94 7.50 -58.43
N PHE B 227 40.30 8.65 -58.17
CA PHE B 227 40.40 9.77 -59.08
C PHE B 227 41.83 10.28 -59.19
N TRP B 228 42.54 10.38 -58.07
CA TRP B 228 43.92 10.86 -58.04
C TRP B 228 44.85 9.73 -57.61
N PRO B 229 45.60 9.14 -58.54
CA PRO B 229 46.53 8.06 -58.18
C PRO B 229 47.52 8.47 -57.10
N PRO B 230 48.05 9.71 -57.11
CA PRO B 230 48.91 10.13 -55.99
C PRO B 230 48.18 10.21 -54.66
N LEU B 231 46.84 10.22 -54.66
CA LEU B 231 46.06 10.42 -53.44
C LEU B 231 45.79 9.12 -52.70
N ARG B 232 46.33 7.99 -53.18
CA ARG B 232 45.97 6.69 -52.61
C ARG B 232 46.43 6.55 -51.17
N ASN B 233 47.66 6.99 -50.87
CA ASN B 233 48.27 6.74 -49.55
C ASN B 233 48.05 7.93 -48.62
N LEU B 234 46.79 8.20 -48.32
CA LEU B 234 46.41 9.28 -47.42
C LEU B 234 45.59 8.74 -46.25
N PHE B 235 45.77 9.34 -45.08
CA PHE B 235 45.07 8.89 -43.88
C PHE B 235 43.58 9.15 -43.96
N ILE B 236 42.80 8.08 -43.85
CA ILE B 236 41.35 8.16 -43.72
C ILE B 236 40.96 7.39 -42.47
N PRO B 237 40.33 8.04 -41.47
CA PRO B 237 40.18 7.42 -40.14
C PRO B 237 39.20 6.27 -40.13
N VAL B 238 39.61 5.13 -40.71
CA VAL B 238 38.75 3.96 -40.80
C VAL B 238 38.39 3.42 -39.41
N PHE B 239 39.24 3.66 -38.40
CA PHE B 239 39.02 3.08 -37.08
C PHE B 239 37.71 3.53 -36.44
N LEU B 240 37.13 4.64 -36.91
CA LEU B 240 35.86 5.12 -36.37
C LEU B 240 34.68 4.24 -36.77
N ASN B 241 34.87 3.30 -37.69
CA ASN B 241 33.78 2.44 -38.13
C ASN B 241 33.31 1.47 -37.06
N CYS B 242 34.06 1.32 -35.96
CA CYS B 242 33.58 0.48 -34.87
C CYS B 242 32.33 1.06 -34.22
N TRP B 243 32.17 2.39 -34.27
CA TRP B 243 30.93 3.01 -33.82
C TRP B 243 29.75 2.53 -34.66
N LEU B 244 29.92 2.49 -35.98
CA LEU B 244 28.86 1.98 -36.85
C LEU B 244 28.62 0.51 -36.64
N ALA B 245 29.69 -0.26 -36.39
CA ALA B 245 29.51 -1.67 -36.07
C ALA B 245 28.67 -1.84 -34.82
N LYS B 246 28.94 -1.04 -33.78
CA LYS B 246 28.13 -1.09 -32.57
C LYS B 246 26.68 -0.69 -32.85
N HIS B 247 26.48 0.34 -33.68
CA HIS B 247 25.13 0.77 -34.01
C HIS B 247 24.35 -0.34 -34.71
N ALA B 248 24.99 -1.00 -35.68
CA ALA B 248 24.35 -2.13 -36.34
C ALA B 248 24.09 -3.28 -35.38
N LEU B 249 25.02 -3.56 -34.47
CA LEU B 249 24.84 -4.66 -33.52
C LEU B 249 23.65 -4.38 -32.59
N GLU B 250 23.53 -3.14 -32.10
CA GLU B 250 22.41 -2.82 -31.21
C GLU B 250 21.09 -2.77 -31.97
N ASN B 251 21.13 -2.36 -33.24
CA ASN B 251 19.93 -2.48 -34.06
C ASN B 251 19.54 -3.93 -34.32
N MET B 252 20.52 -4.84 -34.34
CA MET B 252 20.24 -6.26 -34.54
C MET B 252 19.68 -6.92 -33.28
N ILE B 253 20.20 -6.54 -32.10
CA ILE B 253 19.75 -7.15 -30.85
C ILE B 253 18.29 -6.81 -30.55
N ASN B 254 17.86 -5.60 -30.93
CA ASN B 254 16.49 -5.18 -30.61
C ASN B 254 15.46 -6.16 -31.15
N ASP B 255 15.76 -6.80 -32.28
CA ASP B 255 14.84 -7.78 -32.85
C ASP B 255 15.12 -9.19 -32.32
N PHE B 256 16.34 -9.67 -32.53
CA PHE B 256 16.71 -11.05 -32.18
C PHE B 256 17.59 -11.08 -30.94
N HIS B 257 17.38 -12.09 -30.10
CA HIS B 257 18.15 -12.23 -28.88
C HIS B 257 19.62 -12.49 -29.18
N ARG B 258 19.91 -13.39 -30.12
CA ARG B 258 21.28 -13.72 -30.48
C ARG B 258 21.36 -14.30 -31.88
N SER B 265 18.13 -13.17 -20.94
CA SER B 265 18.79 -12.39 -21.98
C SER B 265 18.22 -10.98 -22.05
N ALA B 266 17.89 -10.41 -20.89
CA ALA B 266 17.35 -9.06 -20.80
C ALA B 266 18.40 -8.04 -20.40
N MET B 267 19.07 -8.25 -19.26
CA MET B 267 20.14 -7.36 -18.84
C MET B 267 21.47 -7.68 -19.52
N PHE B 268 21.64 -8.92 -19.97
CA PHE B 268 22.86 -9.30 -20.67
C PHE B 268 22.97 -8.55 -22.00
N ASN B 269 21.85 -8.36 -22.68
CA ASN B 269 21.88 -7.70 -23.98
C ASN B 269 22.44 -6.28 -23.90
N GLN B 270 22.18 -5.58 -22.80
CA GLN B 270 22.63 -4.20 -22.65
C GLN B 270 24.02 -4.09 -22.04
N VAL B 271 24.41 -4.99 -21.13
CA VAL B 271 25.80 -4.99 -20.68
C VAL B 271 26.71 -5.37 -21.84
N LEU B 272 26.19 -6.16 -22.79
CA LEU B 272 26.95 -6.42 -24.01
C LEU B 272 27.19 -5.13 -24.80
N ILE B 273 26.18 -4.26 -24.91
CA ILE B 273 26.38 -2.97 -25.56
C ILE B 273 27.34 -2.10 -24.77
N LEU B 274 27.31 -2.17 -23.43
CA LEU B 274 28.26 -1.42 -22.63
C LEU B 274 29.68 -1.87 -22.92
N PHE B 275 29.90 -3.19 -22.97
CA PHE B 275 31.23 -3.72 -23.24
C PHE B 275 31.66 -3.35 -24.67
N CYS B 276 30.73 -3.40 -25.62
CA CYS B 276 31.06 -3.02 -27.00
C CYS B 276 31.41 -1.54 -27.08
N THR B 277 30.69 -0.68 -26.35
CA THR B 277 31.03 0.73 -26.32
C THR B 277 32.41 0.95 -25.72
N LEU B 278 32.73 0.24 -24.64
CA LEU B 278 34.05 0.35 -24.04
C LEU B 278 35.13 -0.08 -25.03
N LEU B 279 34.91 -1.20 -25.72
CA LEU B 279 35.88 -1.70 -26.69
C LEU B 279 36.05 -0.72 -27.85
N CYS B 280 34.95 -0.17 -28.35
CA CYS B 280 35.03 0.81 -29.42
C CYS B 280 35.78 2.06 -28.97
N LEU B 281 35.52 2.52 -27.75
CA LEU B 281 36.23 3.69 -27.22
C LEU B 281 37.73 3.43 -27.13
N VAL B 282 38.12 2.28 -26.57
CA VAL B 282 39.53 1.95 -26.44
C VAL B 282 40.17 1.81 -27.81
N PHE B 283 39.46 1.19 -28.75
CA PHE B 283 39.96 1.01 -30.11
C PHE B 283 40.22 2.35 -30.78
N THR B 284 39.21 3.23 -30.78
CA THR B 284 39.37 4.54 -31.41
C THR B 284 40.50 5.32 -30.75
N GLY B 285 40.55 5.30 -29.42
CA GLY B 285 41.60 6.00 -28.71
C GLY B 285 42.99 5.51 -29.04
N THR B 286 43.21 4.18 -29.02
CA THR B 286 44.56 3.68 -29.25
C THR B 286 44.98 3.93 -30.69
N CYS B 287 44.07 3.73 -31.66
CA CYS B 287 44.44 4.01 -33.05
C CYS B 287 44.75 5.49 -33.24
N GLY B 288 43.93 6.38 -32.64
CA GLY B 288 44.18 7.80 -32.78
C GLY B 288 45.51 8.22 -32.19
N ILE B 289 45.79 7.77 -30.96
CA ILE B 289 47.06 8.15 -30.33
C ILE B 289 48.23 7.60 -31.12
N GLN B 290 48.18 6.33 -31.54
CA GLN B 290 49.30 5.75 -32.27
C GLN B 290 49.54 6.48 -33.58
N HIS B 291 48.48 6.69 -34.37
CA HIS B 291 48.68 7.30 -35.67
C HIS B 291 49.09 8.76 -35.56
N LEU B 292 48.50 9.51 -34.62
CA LEU B 292 48.83 10.92 -34.51
C LEU B 292 50.21 11.11 -33.90
N GLU B 293 50.68 10.13 -33.12
CA GLU B 293 52.03 10.14 -32.59
C GLU B 293 53.00 9.34 -33.45
N ARG B 294 52.60 8.95 -34.66
CA ARG B 294 53.59 8.46 -35.61
C ARG B 294 54.63 9.53 -35.94
N ALA B 295 54.25 10.81 -35.89
CA ALA B 295 55.19 11.89 -36.15
C ALA B 295 56.12 12.12 -34.96
N GLY B 296 55.60 11.99 -33.75
CA GLY B 296 56.40 12.19 -32.55
C GLY B 296 56.24 11.10 -31.52
N GLU B 297 57.36 10.69 -30.91
CA GLU B 297 57.50 9.59 -29.96
C GLU B 297 57.49 8.23 -30.65
N ASN B 298 57.11 8.20 -31.93
CA ASN B 298 57.14 7.02 -32.80
C ASN B 298 56.81 5.75 -31.99
N LEU B 299 55.63 5.76 -31.39
CA LEU B 299 55.25 4.64 -30.52
C LEU B 299 54.49 3.57 -31.29
N SER B 300 54.61 2.33 -30.81
CA SER B 300 53.96 1.20 -31.45
C SER B 300 52.49 1.14 -31.04
N LEU B 301 51.72 0.31 -31.76
CA LEU B 301 50.31 0.15 -31.45
C LEU B 301 50.09 -0.57 -30.12
N LEU B 302 50.98 -1.50 -29.77
CA LEU B 302 50.87 -2.16 -28.47
C LEU B 302 51.04 -1.16 -27.34
N THR B 303 52.06 -0.30 -27.43
CA THR B 303 52.26 0.73 -26.42
C THR B 303 51.09 1.70 -26.37
N SER B 304 50.54 2.05 -27.54
CA SER B 304 49.38 2.93 -27.57
C SER B 304 48.17 2.29 -26.88
N PHE B 305 47.94 1.00 -27.13
CA PHE B 305 46.84 0.31 -26.46
C PHE B 305 47.06 0.26 -24.95
N TYR B 306 48.28 -0.02 -24.52
CA TYR B 306 48.58 -0.05 -23.10
C TYR B 306 48.35 1.32 -22.46
N PHE B 307 48.79 2.38 -23.14
CA PHE B 307 48.59 3.74 -22.65
C PHE B 307 47.11 4.06 -22.54
N CYS B 308 46.33 3.68 -23.57
CA CYS B 308 44.91 3.99 -23.57
C CYS B 308 44.16 3.23 -22.49
N ILE B 309 44.53 1.98 -22.23
CA ILE B 309 43.83 1.25 -21.18
C ILE B 309 44.25 1.73 -19.79
N VAL B 310 45.53 2.11 -19.60
CA VAL B 310 45.92 2.61 -18.28
C VAL B 310 45.38 4.01 -18.02
N THR B 311 45.10 4.80 -19.05
CA THR B 311 44.39 6.05 -18.81
C THR B 311 42.88 5.84 -18.78
N PHE B 312 42.40 4.70 -19.29
CA PHE B 312 40.99 4.36 -19.19
C PHE B 312 40.58 4.16 -17.74
N SER B 313 41.41 3.46 -16.96
CA SER B 313 41.17 3.26 -15.55
C SER B 313 41.56 4.46 -14.69
N THR B 314 41.77 5.62 -15.30
CA THR B 314 42.15 6.86 -14.62
C THR B 314 43.45 6.71 -13.83
N VAL B 315 44.36 5.84 -14.28
CA VAL B 315 45.58 5.58 -13.53
C VAL B 315 46.65 6.62 -13.87
N GLY B 316 46.97 6.76 -15.15
CA GLY B 316 47.93 7.76 -15.59
C GLY B 316 49.35 7.53 -15.09
N TYR B 317 50.01 6.49 -15.62
CA TYR B 317 51.36 6.18 -15.19
C TYR B 317 52.34 7.29 -15.55
N GLY B 318 52.22 7.83 -16.77
CA GLY B 318 53.15 8.83 -17.24
C GLY B 318 54.40 8.29 -17.92
N ASP B 319 54.54 6.97 -18.02
CA ASP B 319 55.68 6.40 -18.73
C ASP B 319 55.67 6.81 -20.21
N VAL B 320 54.51 6.71 -20.84
CA VAL B 320 54.31 7.16 -22.22
C VAL B 320 53.20 8.18 -22.20
N THR B 321 53.51 9.41 -22.61
CA THR B 321 52.57 10.51 -22.53
C THR B 321 52.69 11.33 -23.80
N PRO B 322 51.57 11.79 -24.36
CA PRO B 322 51.66 12.69 -25.52
C PRO B 322 52.46 13.93 -25.20
N LYS B 323 53.34 14.32 -26.12
CA LYS B 323 54.20 15.49 -25.96
C LYS B 323 54.00 16.49 -27.07
N ILE B 324 52.98 16.31 -27.91
CA ILE B 324 52.71 17.17 -29.06
C ILE B 324 51.27 17.63 -29.01
N TRP B 325 51.03 18.77 -29.68
CA TRP B 325 49.79 19.55 -29.67
C TRP B 325 48.56 18.69 -29.94
N PRO B 326 48.44 18.06 -31.11
CA PRO B 326 47.16 17.40 -31.43
C PRO B 326 46.99 16.06 -30.75
N SER B 327 48.07 15.36 -30.39
CA SER B 327 47.90 14.15 -29.59
C SER B 327 47.35 14.48 -28.20
N GLN B 328 47.86 15.54 -27.58
CA GLN B 328 47.32 15.98 -26.30
C GLN B 328 45.86 16.40 -26.44
N LEU B 329 45.55 17.17 -27.49
CA LEU B 329 44.16 17.57 -27.68
C LEU B 329 43.24 16.40 -27.99
N LEU B 330 43.74 15.38 -28.69
CA LEU B 330 42.95 14.20 -28.97
C LEU B 330 42.68 13.42 -27.69
N VAL B 331 43.69 13.31 -26.82
CA VAL B 331 43.46 12.72 -25.50
C VAL B 331 42.39 13.50 -24.75
N VAL B 332 42.43 14.83 -24.84
CA VAL B 332 41.48 15.67 -24.12
C VAL B 332 40.05 15.38 -24.60
N ILE B 333 39.85 15.44 -25.91
CA ILE B 333 38.49 15.24 -26.45
C ILE B 333 38.05 13.81 -26.23
N MET B 334 39.00 12.87 -26.25
CA MET B 334 38.68 11.47 -26.03
C MET B 334 38.16 11.25 -24.61
N ILE B 335 38.83 11.86 -23.63
CA ILE B 335 38.38 11.79 -22.25
C ILE B 335 37.00 12.42 -22.09
N CYS B 336 36.81 13.60 -22.71
CA CYS B 336 35.50 14.25 -22.60
C CYS B 336 34.40 13.39 -23.23
N VAL B 337 34.68 12.80 -24.39
CA VAL B 337 33.69 11.97 -25.07
C VAL B 337 33.33 10.76 -24.21
N ALA B 338 34.33 10.11 -23.63
CA ALA B 338 34.04 8.98 -22.74
C ALA B 338 33.20 9.43 -21.55
N LEU B 339 33.57 10.55 -20.92
CA LEU B 339 32.87 11.04 -19.75
C LEU B 339 31.46 11.51 -20.07
N VAL B 340 31.13 11.76 -21.34
CA VAL B 340 29.74 12.07 -21.67
C VAL B 340 28.96 10.85 -22.13
N VAL B 341 29.60 9.86 -22.75
CA VAL B 341 28.83 8.74 -23.29
C VAL B 341 28.60 7.68 -22.21
N LEU B 342 29.65 7.31 -21.47
CA LEU B 342 29.54 6.20 -20.52
C LEU B 342 28.50 6.40 -19.42
N PRO B 343 28.36 7.59 -18.82
CA PRO B 343 27.28 7.75 -17.83
C PRO B 343 25.89 7.47 -18.39
N LEU B 344 25.66 7.70 -19.69
CA LEU B 344 24.38 7.32 -20.27
C LEU B 344 24.19 5.80 -20.24
N GLN B 345 25.24 5.05 -20.58
CA GLN B 345 25.15 3.59 -20.51
C GLN B 345 24.96 3.13 -19.07
N PHE B 346 25.64 3.78 -18.12
CA PHE B 346 25.46 3.43 -16.71
C PHE B 346 24.03 3.72 -16.25
N GLU B 347 23.45 4.84 -16.68
CA GLU B 347 22.08 5.17 -16.34
C GLU B 347 21.11 4.15 -16.91
N GLU B 348 21.32 3.74 -18.16
CA GLU B 348 20.48 2.70 -18.75
C GLU B 348 20.62 1.39 -17.99
N LEU B 349 21.84 1.04 -17.59
CA LEU B 349 22.06 -0.20 -16.86
C LEU B 349 21.36 -0.19 -15.51
N VAL B 350 21.45 0.91 -14.77
CA VAL B 350 20.79 0.96 -13.47
C VAL B 350 19.28 1.03 -13.65
N TYR B 351 18.80 1.67 -14.70
CA TYR B 351 17.36 1.66 -15.01
C TYR B 351 16.88 0.23 -15.22
N LEU B 352 17.61 -0.54 -16.04
CA LEU B 352 17.24 -1.94 -16.26
C LEU B 352 17.37 -2.76 -14.98
N TRP B 353 18.35 -2.46 -14.14
CA TRP B 353 18.51 -3.17 -12.88
C TRP B 353 17.32 -2.92 -11.96
N MET B 354 16.86 -1.67 -11.88
CA MET B 354 15.67 -1.37 -11.08
C MET B 354 14.44 -2.06 -11.66
N GLU B 355 14.30 -2.08 -12.99
CA GLU B 355 13.18 -2.79 -13.59
C GLU B 355 13.26 -4.29 -13.31
N ARG B 356 14.47 -4.84 -13.21
CA ARG B 356 14.63 -6.26 -12.95
C ARG B 356 14.37 -6.64 -11.49
N GLN B 357 14.35 -5.65 -10.60
CA GLN B 357 14.08 -5.90 -9.18
C GLN B 357 12.59 -6.01 -8.88
N LYS B 358 11.73 -5.89 -9.88
CA LYS B 358 10.29 -5.99 -9.68
C LYS B 358 9.61 -6.60 -10.90
N GLN B 369 19.92 -25.92 -7.32
CA GLN B 369 20.67 -26.24 -6.10
C GLN B 369 21.01 -27.73 -6.06
N THR B 370 20.38 -28.45 -5.15
CA THR B 370 20.60 -29.88 -4.97
C THR B 370 19.33 -30.65 -5.33
N GLU B 371 19.42 -31.96 -5.31
CA GLU B 371 18.25 -32.81 -5.47
C GLU B 371 17.62 -33.06 -4.11
N LYS B 372 16.57 -33.89 -4.10
CA LYS B 372 15.87 -34.29 -2.87
C LYS B 372 15.35 -33.06 -2.11
N HIS B 373 14.39 -32.38 -2.74
CA HIS B 373 13.76 -31.21 -2.15
C HIS B 373 12.30 -31.48 -1.85
N VAL B 374 11.71 -30.60 -1.05
CA VAL B 374 10.33 -30.71 -0.59
C VAL B 374 9.64 -29.37 -0.84
N VAL B 375 8.44 -29.42 -1.40
CA VAL B 375 7.69 -28.22 -1.75
C VAL B 375 6.56 -28.00 -0.75
N LEU B 376 6.43 -26.78 -0.26
CA LEU B 376 5.41 -26.39 0.70
C LEU B 376 4.51 -25.35 0.04
N CYS B 377 3.31 -25.78 -0.35
CA CYS B 377 2.37 -24.92 -1.06
C CYS B 377 1.35 -24.37 -0.06
N VAL B 378 1.46 -23.08 0.25
CA VAL B 378 0.57 -22.42 1.18
C VAL B 378 -0.09 -21.24 0.47
N SER B 379 -1.05 -20.63 1.15
CA SER B 379 -1.72 -19.43 0.67
C SER B 379 -1.15 -18.16 1.27
N SER B 380 -0.86 -18.16 2.56
CA SER B 380 -0.21 -17.04 3.23
C SER B 380 0.71 -17.60 4.29
N LEU B 381 2.01 -17.36 4.15
CA LEU B 381 3.01 -17.94 5.04
C LEU B 381 3.29 -17.01 6.22
N LYS B 382 3.19 -17.55 7.42
CA LYS B 382 3.49 -16.83 8.65
C LYS B 382 4.74 -17.41 9.29
N ILE B 383 5.28 -16.67 10.28
CA ILE B 383 6.51 -17.08 10.92
C ILE B 383 6.31 -18.33 11.76
N ASP B 384 5.18 -18.44 12.47
CA ASP B 384 4.96 -19.60 13.35
C ASP B 384 4.82 -20.87 12.53
N LEU B 385 4.05 -20.83 11.44
CA LEU B 385 3.88 -22.01 10.61
C LEU B 385 5.20 -22.44 9.98
N LEU B 386 5.98 -21.47 9.48
CA LEU B 386 7.26 -21.79 8.88
C LEU B 386 8.22 -22.39 9.90
N MET B 387 8.27 -21.82 11.11
CA MET B 387 9.13 -22.36 12.15
C MET B 387 8.71 -23.76 12.57
N ASP B 388 7.39 -23.99 12.67
CA ASP B 388 6.90 -25.33 12.98
C ASP B 388 7.34 -26.32 11.92
N PHE B 389 7.19 -25.96 10.65
CA PHE B 389 7.58 -26.86 9.58
C PHE B 389 9.08 -27.13 9.61
N LEU B 390 9.89 -26.09 9.81
CA LEU B 390 11.35 -26.28 9.81
C LEU B 390 11.79 -27.16 10.98
N ASN B 391 11.23 -26.89 12.17
CA ASN B 391 11.60 -27.67 13.35
C ASN B 391 11.19 -29.13 13.20
N GLU B 392 10.01 -29.38 12.65
CA GLU B 392 9.55 -30.77 12.53
C GLU B 392 10.27 -31.49 11.39
N PHE B 393 10.64 -30.76 10.34
CA PHE B 393 11.27 -31.38 9.17
C PHE B 393 12.74 -31.67 9.42
N TYR B 394 13.49 -30.69 9.89
CA TYR B 394 14.93 -30.83 10.05
C TYR B 394 15.33 -31.40 11.40
N ALA B 395 14.39 -31.95 12.17
CA ALA B 395 14.74 -32.67 13.38
C ALA B 395 15.17 -34.10 13.10
N HIS B 396 14.97 -34.59 11.87
CA HIS B 396 15.31 -35.93 11.42
C HIS B 396 16.67 -35.93 10.72
N PRO B 397 17.55 -36.85 11.10
CA PRO B 397 18.89 -36.87 10.46
C PRO B 397 18.84 -37.20 8.98
N ARG B 398 17.81 -37.89 8.51
CA ARG B 398 17.77 -38.28 7.10
C ARG B 398 17.42 -37.10 6.20
N LEU B 399 16.72 -36.10 6.73
CA LEU B 399 16.27 -34.96 5.95
C LEU B 399 17.12 -33.71 6.17
N GLN B 400 18.39 -33.89 6.51
CA GLN B 400 19.30 -32.76 6.67
C GLN B 400 19.72 -32.16 5.33
N ASP B 401 19.81 -32.98 4.29
CA ASP B 401 20.22 -32.50 2.98
C ASP B 401 19.08 -31.92 2.16
N TYR B 402 17.83 -32.11 2.59
CA TYR B 402 16.69 -31.60 1.88
C TYR B 402 16.60 -30.09 2.01
N TYR B 403 16.12 -29.44 0.96
CA TYR B 403 15.80 -28.02 0.99
C TYR B 403 14.34 -27.81 0.61
N VAL B 404 13.76 -26.73 1.13
CA VAL B 404 12.32 -26.51 1.07
C VAL B 404 12.04 -25.39 0.08
N VAL B 405 11.14 -25.66 -0.87
CA VAL B 405 10.60 -24.65 -1.77
C VAL B 405 9.21 -24.28 -1.28
N ILE B 406 8.97 -22.98 -1.15
CA ILE B 406 7.70 -22.47 -0.62
C ILE B 406 7.00 -21.73 -1.76
N LEU B 407 5.87 -22.27 -2.21
CA LEU B 407 5.06 -21.64 -3.23
C LEU B 407 3.93 -20.87 -2.54
N CYS B 408 4.02 -19.54 -2.57
CA CYS B 408 3.02 -18.70 -1.92
C CYS B 408 2.63 -17.58 -2.89
N PRO B 409 1.34 -17.40 -3.16
CA PRO B 409 0.92 -16.34 -4.09
C PRO B 409 1.14 -14.93 -3.56
N THR B 410 1.45 -14.77 -2.28
CA THR B 410 1.66 -13.47 -1.67
C THR B 410 3.16 -13.19 -1.52
N GLU B 411 3.47 -11.93 -1.25
CA GLU B 411 4.85 -11.52 -1.09
C GLU B 411 5.35 -11.84 0.32
N MET B 412 6.66 -12.02 0.43
CA MET B 412 7.25 -12.50 1.68
C MET B 412 7.04 -11.49 2.81
N ASP B 413 6.58 -11.99 3.95
CA ASP B 413 6.39 -11.14 5.12
C ASP B 413 7.75 -10.77 5.70
N VAL B 414 7.78 -9.66 6.45
CA VAL B 414 9.03 -9.15 6.98
C VAL B 414 9.66 -10.15 7.95
N GLN B 415 8.87 -10.73 8.85
CA GLN B 415 9.41 -11.72 9.79
C GLN B 415 9.93 -12.95 9.06
N VAL B 416 9.21 -13.37 8.02
CA VAL B 416 9.69 -14.47 7.19
C VAL B 416 11.03 -14.12 6.57
N ARG B 417 11.20 -12.86 6.14
CA ARG B 417 12.49 -12.43 5.61
C ARG B 417 13.58 -12.51 6.68
N ARG B 418 13.27 -12.04 7.89
CA ARG B 418 14.27 -12.07 8.95
C ARG B 418 14.70 -13.50 9.27
N VAL B 419 13.77 -14.44 9.23
CA VAL B 419 14.16 -15.82 9.49
C VAL B 419 14.86 -16.45 8.27
N LEU B 420 14.55 -15.98 7.06
CA LEU B 420 15.10 -16.64 5.87
C LEU B 420 16.47 -16.12 5.46
N GLN B 421 16.86 -14.90 5.83
CA GLN B 421 18.26 -14.49 5.72
C GLN B 421 19.11 -14.88 6.92
N ILE B 422 18.58 -15.70 7.83
CA ILE B 422 19.47 -16.38 8.77
C ILE B 422 20.34 -17.36 7.99
N PRO B 423 21.65 -17.43 8.26
CA PRO B 423 22.50 -18.35 7.48
C PRO B 423 22.09 -19.81 7.57
N LEU B 424 21.45 -20.22 8.66
CA LEU B 424 20.98 -21.61 8.76
C LEU B 424 19.90 -21.91 7.74
N TRP B 425 18.98 -20.98 7.50
CA TRP B 425 17.87 -21.19 6.59
C TRP B 425 18.02 -20.48 5.26
N SER B 426 19.16 -19.83 5.02
CA SER B 426 19.32 -19.03 3.80
C SER B 426 19.29 -19.90 2.55
N GLN B 427 20.05 -21.00 2.56
CA GLN B 427 20.14 -21.89 1.41
C GLN B 427 19.23 -23.10 1.50
N ARG B 428 18.57 -23.31 2.64
CA ARG B 428 17.65 -24.44 2.79
C ARG B 428 16.23 -24.09 2.38
N VAL B 429 15.83 -22.83 2.48
CA VAL B 429 14.46 -22.43 2.20
C VAL B 429 14.47 -21.53 0.96
N ILE B 430 13.73 -21.94 -0.07
CA ILE B 430 13.55 -21.16 -1.28
C ILE B 430 12.10 -20.68 -1.32
N TYR B 431 11.91 -19.38 -1.49
CA TYR B 431 10.58 -18.78 -1.49
C TYR B 431 10.25 -18.33 -2.91
N LEU B 432 9.27 -18.98 -3.52
CA LEU B 432 8.79 -18.61 -4.84
C LEU B 432 7.41 -17.98 -4.72
N GLN B 433 7.24 -16.80 -5.32
CA GLN B 433 5.96 -16.11 -5.32
C GLN B 433 5.17 -16.59 -6.53
N GLY B 434 4.24 -17.50 -6.31
CA GLY B 434 3.45 -18.04 -7.40
C GLY B 434 2.31 -18.88 -6.87
N SER B 435 1.59 -19.49 -7.81
CA SER B 435 0.42 -20.29 -7.48
C SER B 435 0.56 -21.68 -8.09
N ALA B 436 0.08 -22.69 -7.36
CA ALA B 436 0.13 -24.06 -7.85
C ALA B 436 -0.79 -24.29 -9.04
N LEU B 437 -1.74 -23.39 -9.30
CA LEU B 437 -2.64 -23.54 -10.42
C LEU B 437 -2.03 -23.09 -11.74
N LYS B 438 -0.86 -22.46 -11.70
CA LYS B 438 -0.10 -22.12 -12.90
C LYS B 438 1.05 -23.11 -13.03
N ASP B 439 1.15 -23.76 -14.19
CA ASP B 439 2.18 -24.78 -14.39
C ASP B 439 3.57 -24.18 -14.38
N GLN B 440 3.74 -22.92 -14.79
CA GLN B 440 5.05 -22.30 -14.79
C GLN B 440 5.61 -22.21 -13.37
N ASP B 441 4.79 -21.79 -12.41
CA ASP B 441 5.22 -21.78 -11.02
C ASP B 441 5.48 -23.18 -10.50
N LEU B 442 4.84 -24.18 -11.10
CA LEU B 442 5.07 -25.56 -10.70
C LEU B 442 6.41 -26.10 -11.19
N MET B 443 6.82 -25.73 -12.41
CA MET B 443 8.14 -26.15 -12.88
C MET B 443 9.26 -25.31 -12.30
N ARG B 444 8.98 -24.06 -11.91
CA ARG B 444 9.97 -23.29 -11.18
C ARG B 444 10.30 -23.94 -9.84
N ALA B 445 9.29 -24.51 -9.18
CA ALA B 445 9.51 -25.26 -7.94
C ALA B 445 9.96 -26.69 -8.19
N LYS B 446 9.98 -27.13 -9.45
CA LYS B 446 10.44 -28.47 -9.83
C LYS B 446 9.63 -29.55 -9.10
N MET B 447 8.31 -29.51 -9.32
CA MET B 447 7.42 -30.46 -8.66
C MET B 447 7.57 -31.86 -9.22
N ASP B 448 7.92 -31.98 -10.51
CA ASP B 448 7.98 -33.30 -11.13
C ASP B 448 9.05 -34.19 -10.49
N ASN B 449 10.13 -33.59 -9.98
CA ASN B 449 11.15 -34.34 -9.27
C ASN B 449 11.13 -34.10 -7.77
N GLY B 450 10.10 -33.42 -7.26
CA GLY B 450 10.01 -33.17 -5.83
C GLY B 450 9.72 -34.43 -5.04
N GLU B 451 10.14 -34.42 -3.78
CA GLU B 451 9.95 -35.57 -2.90
C GLU B 451 8.57 -35.58 -2.24
N ALA B 452 7.99 -34.41 -1.99
CA ALA B 452 6.70 -34.32 -1.32
C ALA B 452 6.16 -32.91 -1.49
N CYS B 453 4.84 -32.81 -1.64
CA CYS B 453 4.16 -31.53 -1.73
C CYS B 453 3.22 -31.41 -0.54
N PHE B 454 3.38 -30.35 0.24
CA PHE B 454 2.57 -30.11 1.43
C PHE B 454 1.60 -28.97 1.14
N ILE B 455 0.34 -29.32 0.90
CA ILE B 455 -0.71 -28.32 0.73
C ILE B 455 -1.31 -28.04 2.11
N LEU B 456 -1.18 -26.80 2.58
CA LEU B 456 -1.62 -26.42 3.90
C LEU B 456 -2.77 -25.43 3.81
N SER B 457 -3.79 -25.64 4.63
CA SER B 457 -4.96 -24.77 4.63
C SER B 457 -4.67 -23.49 5.40
N SER B 458 -5.39 -22.44 5.02
CA SER B 458 -5.27 -21.13 5.67
C SER B 458 -6.29 -21.06 6.80
N ARG B 459 -5.83 -21.34 8.02
CA ARG B 459 -6.71 -21.22 9.18
C ARG B 459 -7.06 -19.78 9.50
N ASN B 460 -6.24 -18.83 9.06
CA ASN B 460 -6.50 -17.42 9.31
C ASN B 460 -7.68 -16.90 8.50
N GLU B 461 -8.02 -17.55 7.39
CA GLU B 461 -9.09 -17.06 6.53
C GLU B 461 -10.43 -17.14 7.25
N VAL B 462 -11.24 -16.08 7.09
CA VAL B 462 -12.55 -16.05 7.72
C VAL B 462 -13.47 -17.10 7.10
N ASP B 463 -13.45 -17.22 5.78
CA ASP B 463 -14.27 -18.20 5.07
C ASP B 463 -13.45 -19.47 4.91
N ARG B 464 -13.85 -20.52 5.62
CA ARG B 464 -13.10 -21.77 5.61
C ARG B 464 -13.44 -22.66 4.43
N THR B 465 -14.67 -22.58 3.91
CA THR B 465 -15.02 -23.36 2.73
C THR B 465 -14.27 -22.87 1.51
N ALA B 466 -14.05 -21.56 1.38
CA ALA B 466 -13.26 -21.04 0.28
C ALA B 466 -11.82 -21.52 0.36
N ALA B 467 -11.25 -21.51 1.57
CA ALA B 467 -9.88 -22.01 1.75
C ALA B 467 -9.80 -23.50 1.41
N ASP B 468 -10.81 -24.27 1.82
CA ASP B 468 -10.83 -25.69 1.50
C ASP B 468 -10.91 -25.91 -0.01
N HIS B 469 -11.72 -25.10 -0.70
CA HIS B 469 -11.79 -25.19 -2.16
C HIS B 469 -10.45 -24.87 -2.80
N GLN B 470 -9.76 -23.86 -2.27
CA GLN B 470 -8.44 -23.52 -2.80
C GLN B 470 -7.44 -24.65 -2.58
N THR B 471 -7.47 -25.29 -1.40
CA THR B 471 -6.59 -26.42 -1.16
C THR B 471 -6.92 -27.60 -2.06
N ILE B 472 -8.21 -27.85 -2.31
CA ILE B 472 -8.60 -28.92 -3.21
C ILE B 472 -8.08 -28.65 -4.62
N LEU B 473 -8.23 -27.40 -5.09
CA LEU B 473 -7.71 -27.07 -6.41
C LEU B 473 -6.20 -27.18 -6.47
N ARG B 474 -5.48 -26.78 -5.42
CA ARG B 474 -4.03 -26.91 -5.40
C ARG B 474 -3.62 -28.37 -5.47
N ALA B 475 -4.29 -29.23 -4.69
CA ALA B 475 -3.99 -30.66 -4.74
C ALA B 475 -4.27 -31.24 -6.12
N TRP B 476 -5.39 -30.84 -6.72
CA TRP B 476 -5.71 -31.33 -8.06
C TRP B 476 -4.68 -30.87 -9.08
N ALA B 477 -4.25 -29.61 -8.99
CA ALA B 477 -3.26 -29.10 -9.93
C ALA B 477 -1.92 -29.81 -9.78
N VAL B 478 -1.50 -30.06 -8.53
CA VAL B 478 -0.23 -30.76 -8.31
C VAL B 478 -0.33 -32.20 -8.82
N LYS B 479 -1.46 -32.87 -8.58
CA LYS B 479 -1.64 -34.22 -9.09
C LYS B 479 -1.63 -34.25 -10.61
N ASP B 480 -2.28 -33.27 -11.24
CA ASP B 480 -2.29 -33.19 -12.69
C ASP B 480 -0.89 -32.95 -13.25
N PHE B 481 -0.12 -32.08 -12.60
CA PHE B 481 1.21 -31.73 -13.10
C PHE B 481 2.22 -32.83 -12.79
N ALA B 482 2.31 -33.24 -11.53
CA ALA B 482 3.27 -34.25 -11.06
C ALA B 482 2.48 -35.37 -10.39
N PRO B 483 1.95 -36.31 -11.16
CA PRO B 483 1.17 -37.41 -10.56
C PRO B 483 1.98 -38.27 -9.60
N ASN B 484 3.27 -38.47 -9.87
CA ASN B 484 4.12 -39.28 -8.99
C ASN B 484 4.81 -38.41 -7.95
N CYS B 485 4.03 -37.61 -7.24
CA CYS B 485 4.53 -36.76 -6.15
C CYS B 485 3.59 -36.92 -4.97
N PRO B 486 4.00 -37.60 -3.90
CA PRO B 486 3.10 -37.83 -2.77
C PRO B 486 2.58 -36.52 -2.19
N LEU B 487 1.28 -36.49 -1.92
CA LEU B 487 0.61 -35.29 -1.45
C LEU B 487 0.28 -35.40 0.03
N TYR B 488 0.52 -34.32 0.75
CA TYR B 488 0.19 -34.21 2.17
C TYR B 488 -0.71 -33.00 2.32
N VAL B 489 -2.02 -33.23 2.28
CA VAL B 489 -3.02 -32.17 2.26
C VAL B 489 -3.57 -31.98 3.66
N GLN B 490 -3.88 -30.73 3.98
CA GLN B 490 -4.49 -30.36 5.26
C GLN B 490 -5.84 -29.72 4.97
N ILE B 491 -6.90 -30.37 5.44
CA ILE B 491 -8.28 -29.98 5.13
C ILE B 491 -8.94 -29.45 6.39
N LEU B 492 -9.66 -28.34 6.26
CA LEU B 492 -10.34 -27.73 7.39
C LEU B 492 -11.68 -28.38 7.70
N LYS B 493 -12.56 -28.50 6.70
CA LYS B 493 -13.91 -28.97 6.96
C LYS B 493 -14.10 -30.40 6.45
N PRO B 494 -14.73 -31.27 7.23
CA PRO B 494 -14.83 -32.68 6.84
C PRO B 494 -15.64 -32.94 5.59
N GLU B 495 -16.52 -32.00 5.19
CA GLU B 495 -17.33 -32.23 3.99
C GLU B 495 -16.45 -32.29 2.74
N ASN B 496 -15.38 -31.51 2.71
CA ASN B 496 -14.47 -31.46 1.58
C ASN B 496 -13.35 -32.48 1.67
N LYS B 497 -13.40 -33.37 2.65
CA LYS B 497 -12.34 -34.35 2.85
C LYS B 497 -12.34 -35.47 1.81
N PHE B 498 -13.46 -35.68 1.11
CA PHE B 498 -13.54 -36.75 0.11
C PHE B 498 -13.15 -36.27 -1.29
N HIS B 499 -12.89 -34.98 -1.46
CA HIS B 499 -12.37 -34.48 -2.73
C HIS B 499 -10.86 -34.65 -2.86
N VAL B 500 -10.16 -34.81 -1.74
CA VAL B 500 -8.71 -34.98 -1.74
C VAL B 500 -8.38 -36.35 -1.17
N LYS B 501 -9.31 -37.29 -1.28
CA LYS B 501 -9.07 -38.65 -0.78
C LYS B 501 -7.99 -39.37 -1.57
N PHE B 502 -7.69 -38.91 -2.78
CA PHE B 502 -6.61 -39.49 -3.58
C PHE B 502 -5.24 -39.22 -2.98
N ALA B 503 -5.12 -38.24 -2.10
CA ALA B 503 -3.83 -37.84 -1.57
C ALA B 503 -3.25 -38.94 -0.68
N ASP B 504 -1.92 -38.93 -0.56
CA ASP B 504 -1.24 -39.93 0.24
C ASP B 504 -1.62 -39.83 1.70
N HIS B 505 -1.64 -38.62 2.25
CA HIS B 505 -1.95 -38.40 3.67
C HIS B 505 -2.75 -37.11 3.80
N VAL B 506 -3.96 -37.22 4.32
CA VAL B 506 -4.85 -36.09 4.51
C VAL B 506 -5.17 -35.97 6.00
N VAL B 507 -5.05 -34.76 6.53
CA VAL B 507 -5.38 -34.47 7.92
C VAL B 507 -6.53 -33.49 7.94
N CYS B 508 -7.60 -33.84 8.66
CA CYS B 508 -8.76 -32.97 8.82
C CYS B 508 -8.65 -32.23 10.14
N GLU B 509 -8.69 -30.90 10.09
CA GLU B 509 -8.53 -30.10 11.30
C GLU B 509 -9.69 -30.28 12.25
N GLU B 510 -10.93 -30.13 11.75
CA GLU B 510 -12.10 -30.16 12.62
C GLU B 510 -12.29 -31.54 13.25
N GLU B 511 -12.14 -32.59 12.45
CA GLU B 511 -12.32 -33.94 12.95
C GLU B 511 -11.39 -34.23 14.13
N CYS B 512 -10.09 -34.00 13.92
CA CYS B 512 -9.11 -34.27 14.97
C CYS B 512 -9.32 -33.36 16.17
N LYS B 513 -9.59 -32.07 15.93
CA LYS B 513 -9.77 -31.13 17.03
C LYS B 513 -10.94 -31.55 17.92
N TYR B 514 -12.10 -31.81 17.32
CA TYR B 514 -13.27 -32.14 18.12
C TYR B 514 -13.19 -33.54 18.72
N ALA B 515 -12.56 -34.49 18.03
CA ALA B 515 -12.35 -35.80 18.63
C ALA B 515 -11.44 -35.71 19.84
N MET B 516 -10.38 -34.90 19.77
CA MET B 516 -9.48 -34.73 20.90
C MET B 516 -10.17 -34.00 22.05
N LEU B 517 -11.02 -33.02 21.74
CA LEU B 517 -11.80 -32.38 22.80
C LEU B 517 -12.74 -33.38 23.48
N ALA B 518 -13.43 -34.20 22.69
CA ALA B 518 -14.34 -35.19 23.27
C ALA B 518 -13.58 -36.19 24.14
N LEU B 519 -12.40 -36.63 23.67
CA LEU B 519 -11.62 -37.55 24.49
C LEU B 519 -11.09 -36.88 25.75
N ASN B 520 -10.69 -35.61 25.68
CA ASN B 520 -10.33 -34.88 26.89
C ASN B 520 -11.49 -34.88 27.87
N CYS B 521 -12.72 -34.76 27.37
CA CYS B 521 -13.87 -34.92 28.24
C CYS B 521 -13.97 -36.35 28.77
N ILE B 522 -13.56 -37.34 27.98
CA ILE B 522 -13.62 -38.74 28.42
C ILE B 522 -12.36 -39.11 29.18
N CYS B 523 -11.21 -39.05 28.50
CA CYS B 523 -9.92 -39.34 29.11
C CYS B 523 -9.15 -38.04 29.27
N PRO B 524 -8.93 -37.57 30.50
CA PRO B 524 -8.31 -36.24 30.68
C PRO B 524 -6.92 -36.18 30.06
N ALA B 525 -6.62 -35.02 29.47
CA ALA B 525 -5.31 -34.74 28.87
C ALA B 525 -4.94 -35.73 27.78
N THR B 526 -5.95 -36.17 27.01
CA THR B 526 -5.68 -36.95 25.81
C THR B 526 -4.97 -36.11 24.77
N SER B 527 -5.36 -34.83 24.65
CA SER B 527 -4.72 -33.94 23.69
C SER B 527 -3.24 -33.77 24.01
N THR B 528 -2.90 -33.68 25.29
CA THR B 528 -1.49 -33.61 25.68
C THR B 528 -0.74 -34.88 25.27
N LEU B 529 -1.37 -36.04 25.47
CA LEU B 529 -0.76 -37.30 25.08
C LEU B 529 -0.46 -37.32 23.59
N ILE B 530 -1.45 -36.95 22.76
CA ILE B 530 -1.26 -36.97 21.32
C ILE B 530 -0.22 -35.93 20.90
N THR B 531 -0.25 -34.75 21.52
CA THR B 531 0.69 -33.70 21.17
C THR B 531 2.12 -34.12 21.46
N LEU B 532 2.36 -34.74 22.61
CA LEU B 532 3.70 -35.19 22.95
C LEU B 532 4.09 -36.47 22.21
N LEU B 533 3.11 -37.21 21.66
CA LEU B 533 3.45 -38.41 20.92
C LEU B 533 3.79 -38.13 19.46
N VAL B 534 3.26 -37.06 18.88
CA VAL B 534 3.50 -36.73 17.48
C VAL B 534 4.58 -35.67 17.31
N HIS B 535 5.22 -35.25 18.39
CA HIS B 535 6.30 -34.27 18.35
C HIS B 535 7.62 -35.00 18.51
N THR B 536 8.54 -34.79 17.57
CA THR B 536 9.86 -35.41 17.65
C THR B 536 10.67 -34.74 18.75
N SER B 537 11.10 -35.52 19.72
CA SER B 537 11.90 -35.01 20.82
C SER B 537 12.77 -36.13 21.37
N ARG B 538 13.98 -35.76 21.80
CA ARG B 538 14.92 -36.72 22.37
C ARG B 538 14.61 -37.06 23.82
N GLY B 539 13.65 -36.38 24.44
CA GLY B 539 13.34 -36.61 25.83
C GLY B 539 14.35 -36.03 26.79
N GLN B 540 14.95 -34.89 26.44
CA GLN B 540 15.95 -34.25 27.27
C GLN B 540 15.42 -32.99 27.95
N GLU B 541 14.12 -32.75 27.90
CA GLU B 541 13.54 -31.55 28.47
C GLU B 541 13.37 -31.68 29.98
N GLY B 542 13.68 -30.60 30.70
CA GLY B 542 13.49 -30.58 32.13
C GLY B 542 14.36 -31.54 32.90
N GLN B 543 15.45 -32.01 32.28
CA GLN B 543 16.37 -32.91 32.97
C GLN B 543 17.23 -32.20 34.00
N GLU B 544 17.33 -30.87 33.93
CA GLU B 544 18.07 -30.10 34.91
C GLU B 544 17.18 -29.57 36.04
N SER B 545 15.89 -29.84 35.98
CA SER B 545 14.97 -29.29 36.95
C SER B 545 15.15 -29.95 38.32
N PRO B 546 15.01 -29.20 39.41
CA PRO B 546 15.03 -29.82 40.74
C PRO B 546 13.76 -30.59 41.06
N GLU B 547 12.65 -30.27 40.40
CA GLU B 547 11.39 -30.96 40.65
C GLU B 547 11.41 -32.33 39.96
N GLN B 548 11.04 -33.37 40.71
CA GLN B 548 11.03 -34.71 40.15
C GLN B 548 9.95 -34.86 39.07
N TRP B 549 8.80 -34.23 39.29
CA TRP B 549 7.70 -34.38 38.33
C TRP B 549 8.08 -33.79 36.98
N GLN B 550 8.77 -32.64 36.97
CA GLN B 550 9.21 -32.06 35.71
C GLN B 550 10.21 -32.97 35.00
N ARG B 551 11.16 -33.55 35.75
CA ARG B 551 12.14 -34.44 35.14
C ARG B 551 11.46 -35.65 34.50
N MET B 552 10.59 -36.31 35.27
CA MET B 552 9.90 -37.49 34.74
C MET B 552 8.99 -37.14 33.57
N TYR B 553 8.28 -36.01 33.65
CA TYR B 553 7.37 -35.61 32.60
C TYR B 553 8.11 -35.27 31.31
N GLY B 554 9.21 -34.53 31.41
CA GLY B 554 10.01 -34.23 30.24
C GLY B 554 10.75 -35.43 29.68
N ARG B 555 11.08 -36.41 30.51
CA ARG B 555 11.68 -37.63 30.01
C ARG B 555 10.66 -38.48 29.26
N CYS B 556 9.46 -38.65 29.83
CA CYS B 556 8.43 -39.44 29.18
C CYS B 556 7.82 -38.74 27.97
N SER B 557 7.97 -37.42 27.86
CA SER B 557 7.49 -36.73 26.68
C SER B 557 8.30 -37.04 25.43
N GLY B 558 9.45 -37.69 25.57
CA GLY B 558 10.25 -38.08 24.43
C GLY B 558 9.81 -39.34 23.73
N ASN B 559 8.75 -39.98 24.21
CA ASN B 559 8.25 -41.19 23.60
C ASN B 559 7.57 -40.90 22.28
N GLU B 560 7.78 -41.79 21.31
CA GLU B 560 7.17 -41.69 20.00
C GLU B 560 6.70 -43.07 19.56
N VAL B 561 5.79 -43.08 18.60
CA VAL B 561 5.28 -44.32 18.04
C VAL B 561 6.17 -44.75 16.89
N TYR B 562 6.73 -45.95 16.98
CA TYR B 562 7.66 -46.47 15.99
C TYR B 562 7.16 -47.80 15.48
N HIS B 563 7.49 -48.10 14.22
CA HIS B 563 7.10 -49.36 13.60
C HIS B 563 8.34 -50.10 13.13
N ILE B 564 8.31 -51.43 13.26
CA ILE B 564 9.39 -52.28 12.80
C ILE B 564 8.85 -53.68 12.57
N ARG B 565 9.42 -54.36 11.58
CA ARG B 565 8.99 -55.72 11.27
C ARG B 565 9.28 -56.63 12.47
N MET B 566 8.30 -57.47 12.80
CA MET B 566 8.38 -58.25 14.03
C MET B 566 9.55 -59.24 13.99
N GLY B 567 9.80 -59.84 12.83
CA GLY B 567 10.91 -60.77 12.72
C GLY B 567 12.26 -60.10 12.95
N ASP B 568 12.42 -58.87 12.48
CA ASP B 568 13.66 -58.13 12.63
C ASP B 568 13.72 -57.34 13.93
N SER B 569 12.64 -57.32 14.70
CA SER B 569 12.57 -56.53 15.92
C SER B 569 13.22 -57.29 17.07
N LYS B 570 14.36 -56.81 17.56
CA LYS B 570 14.99 -57.44 18.71
C LYS B 570 14.15 -57.36 19.97
N PHE B 571 13.21 -56.41 20.03
CA PHE B 571 12.32 -56.32 21.17
C PHE B 571 11.36 -57.51 21.21
N PHE B 572 10.72 -57.80 20.07
CA PHE B 572 9.60 -58.73 20.04
C PHE B 572 9.88 -60.04 19.30
N ARG B 573 11.10 -60.22 18.78
CA ARG B 573 11.37 -61.42 17.97
C ARG B 573 11.20 -62.69 18.79
N GLU B 574 11.65 -62.67 20.06
CA GLU B 574 11.55 -63.86 20.90
C GLU B 574 10.12 -64.23 21.25
N TYR B 575 9.15 -63.35 20.99
CA TYR B 575 7.76 -63.59 21.32
C TYR B 575 6.93 -64.00 20.11
N GLU B 576 7.57 -64.44 19.03
CA GLU B 576 6.82 -64.91 17.86
C GLU B 576 6.10 -66.21 18.21
N GLY B 577 4.88 -66.35 17.69
CA GLY B 577 4.04 -67.47 18.04
C GLY B 577 3.30 -67.32 19.36
N LYS B 578 3.49 -66.22 20.07
CA LYS B 578 2.84 -65.96 21.35
C LYS B 578 1.69 -64.98 21.16
N SER B 579 0.92 -64.79 22.23
CA SER B 579 -0.17 -63.83 22.19
C SER B 579 0.37 -62.40 22.17
N PHE B 580 -0.44 -61.51 21.61
CA PHE B 580 -0.03 -60.10 21.50
C PHE B 580 0.13 -59.45 22.87
N THR B 581 -0.81 -59.73 23.79
CA THR B 581 -0.75 -59.11 25.11
C THR B 581 0.46 -59.62 25.89
N TYR B 582 0.73 -60.92 25.82
CA TYR B 582 1.90 -61.48 26.48
C TYR B 582 3.18 -60.83 25.96
N ALA B 583 3.30 -60.72 24.64
CA ALA B 583 4.47 -60.10 24.03
C ALA B 583 4.62 -58.65 24.47
N ALA B 584 3.51 -57.90 24.46
CA ALA B 584 3.57 -56.49 24.84
C ALA B 584 3.99 -56.33 26.30
N PHE B 585 3.37 -57.11 27.19
CA PHE B 585 3.70 -57.00 28.61
C PHE B 585 5.15 -57.37 28.88
N HIS B 586 5.64 -58.46 28.26
CA HIS B 586 7.01 -58.86 28.53
C HIS B 586 8.02 -57.93 27.89
N ALA B 587 7.69 -57.36 26.72
CA ALA B 587 8.57 -56.35 26.14
C ALA B 587 8.64 -55.10 27.01
N HIS B 588 7.52 -54.67 27.59
CA HIS B 588 7.56 -53.55 28.52
C HIS B 588 8.35 -53.89 29.78
N LYS B 589 8.18 -55.12 30.29
CA LYS B 589 8.88 -55.53 31.50
C LYS B 589 10.40 -55.61 31.27
N LYS B 590 10.83 -56.02 30.09
CA LYS B 590 12.24 -56.20 29.80
C LYS B 590 12.91 -54.91 29.33
N TYR B 591 12.36 -54.28 28.29
CA TYR B 591 13.00 -53.12 27.68
C TYR B 591 12.26 -51.81 27.92
N GLY B 592 10.99 -51.85 28.29
CA GLY B 592 10.24 -50.63 28.51
C GLY B 592 9.53 -50.08 27.28
N VAL B 593 9.24 -50.91 26.29
CA VAL B 593 8.53 -50.50 25.09
C VAL B 593 7.07 -50.87 25.25
N CYS B 594 6.18 -50.00 24.74
CA CYS B 594 4.74 -50.20 24.84
C CYS B 594 4.23 -50.61 23.47
N LEU B 595 4.10 -51.91 23.24
CA LEU B 595 3.54 -52.43 22.00
C LEU B 595 2.04 -52.14 21.96
N ILE B 596 1.65 -51.14 21.18
CA ILE B 596 0.27 -50.65 21.20
C ILE B 596 -0.56 -51.36 20.14
N GLY B 597 0.08 -51.78 19.04
CA GLY B 597 -0.66 -52.42 17.97
C GLY B 597 0.26 -53.07 16.96
N LEU B 598 -0.35 -53.63 15.93
CA LEU B 598 0.38 -54.29 14.85
C LEU B 598 -0.38 -54.13 13.54
N LYS B 599 0.24 -54.62 12.47
CA LYS B 599 -0.38 -54.63 11.14
C LYS B 599 0.05 -55.91 10.43
N ARG B 600 -0.91 -56.79 10.16
CA ARG B 600 -0.61 -58.01 9.42
C ARG B 600 -0.21 -57.69 7.99
N GLU B 601 0.63 -58.55 7.42
CA GLU B 601 1.08 -58.34 6.05
C GLU B 601 -0.04 -58.56 5.04
N ASP B 602 -0.96 -59.49 5.32
CA ASP B 602 -2.03 -59.79 4.38
C ASP B 602 -2.99 -58.62 4.24
N ASN B 603 -3.22 -57.87 5.31
CA ASN B 603 -4.14 -56.75 5.30
C ASN B 603 -3.38 -55.43 5.28
N LYS B 604 -4.14 -54.34 5.06
CA LYS B 604 -3.60 -53.00 5.10
C LYS B 604 -4.04 -52.22 6.33
N SER B 605 -4.76 -52.85 7.24
CA SER B 605 -5.36 -52.17 8.38
C SER B 605 -4.48 -52.32 9.61
N ILE B 606 -4.21 -51.20 10.27
CA ILE B 606 -3.49 -51.22 11.54
C ILE B 606 -4.50 -51.44 12.66
N LEU B 607 -4.20 -52.41 13.52
CA LEU B 607 -5.08 -52.77 14.63
C LEU B 607 -4.43 -52.35 15.94
N LEU B 608 -5.13 -51.54 16.72
CA LEU B 608 -4.67 -51.15 18.04
C LEU B 608 -5.13 -52.19 19.07
N ASN B 609 -4.17 -52.86 19.71
CA ASN B 609 -4.44 -53.90 20.68
C ASN B 609 -5.37 -54.95 20.10
N PRO B 610 -4.90 -55.79 19.17
CA PRO B 610 -5.77 -56.84 18.61
C PRO B 610 -6.37 -57.75 19.67
N GLY B 611 -5.64 -58.02 20.75
CA GLY B 611 -6.18 -58.80 21.83
C GLY B 611 -5.37 -60.04 22.14
N PRO B 612 -5.81 -60.81 23.14
CA PRO B 612 -5.08 -62.03 23.50
C PRO B 612 -5.28 -63.17 22.51
N ARG B 613 -6.38 -63.19 21.77
CA ARG B 613 -6.60 -64.23 20.77
C ARG B 613 -5.71 -64.07 19.55
N HIS B 614 -5.03 -62.94 19.41
CA HIS B 614 -4.15 -62.71 18.27
C HIS B 614 -2.79 -63.36 18.53
N ILE B 615 -2.31 -64.13 17.54
CA ILE B 615 -1.03 -64.81 17.63
C ILE B 615 -0.04 -64.08 16.73
N LEU B 616 1.11 -63.73 17.29
CA LEU B 616 2.11 -62.99 16.54
C LEU B 616 2.72 -63.84 15.43
N ALA B 617 3.11 -63.17 14.35
CA ALA B 617 3.77 -63.82 13.22
C ALA B 617 4.98 -62.98 12.83
N ALA B 618 5.99 -63.67 12.28
CA ALA B 618 7.27 -63.01 11.98
C ALA B 618 7.13 -61.96 10.88
N SER B 619 6.03 -61.95 10.13
CA SER B 619 5.82 -61.00 9.06
C SER B 619 5.01 -59.77 9.49
N ASP B 620 4.54 -59.74 10.73
CA ASP B 620 3.74 -58.61 11.20
C ASP B 620 4.62 -57.38 11.40
N THR B 621 3.98 -56.21 11.31
CA THR B 621 4.63 -54.93 11.56
C THR B 621 4.11 -54.41 12.89
N CYS B 622 4.96 -54.42 13.91
CA CYS B 622 4.57 -54.07 15.27
C CYS B 622 4.79 -52.57 15.50
N PHE B 623 3.77 -51.91 16.04
CA PHE B 623 3.84 -50.49 16.38
C PHE B 623 4.00 -50.38 17.89
N TYR B 624 5.04 -49.69 18.33
CA TYR B 624 5.37 -49.59 19.75
C TYR B 624 5.70 -48.15 20.12
N ILE B 625 5.52 -47.83 21.39
CA ILE B 625 5.87 -46.53 21.94
C ILE B 625 7.15 -46.68 22.75
N ASN B 626 8.15 -45.88 22.43
CA ASN B 626 9.44 -45.97 23.09
C ASN B 626 10.14 -44.63 23.00
N ILE B 627 11.13 -44.43 23.87
CA ILE B 627 11.90 -43.19 23.87
C ILE B 627 12.64 -43.02 22.55
N THR B 628 13.28 -44.09 22.08
CA THR B 628 14.10 -44.06 20.88
C THR B 628 13.77 -45.26 20.00
N LYS B 629 14.09 -45.11 18.72
CA LYS B 629 13.88 -46.18 17.75
C LYS B 629 14.74 -47.39 18.11
N GLU B 630 14.27 -48.57 17.69
CA GLU B 630 15.04 -49.79 17.92
C GLU B 630 16.38 -49.74 17.20
N GLU B 631 16.39 -49.19 15.98
CA GLU B 631 17.65 -49.01 15.26
C GLU B 631 18.60 -48.11 16.04
N ASN B 632 18.07 -47.08 16.69
CA ASN B 632 18.87 -46.17 17.50
C ASN B 632 19.03 -46.62 18.95
N SER B 633 18.36 -47.71 19.35
CA SER B 633 18.50 -48.25 20.69
C SER B 633 19.61 -49.28 20.79
N ALA B 634 20.59 -49.22 19.88
CA ALA B 634 21.76 -50.09 19.99
C ALA B 634 22.51 -49.85 21.29
N PHE B 635 22.47 -48.62 21.83
CA PHE B 635 23.14 -48.37 23.10
C PHE B 635 22.47 -49.13 24.24
N ILE B 636 21.14 -49.16 24.28
CA ILE B 636 20.48 -49.91 25.34
C ILE B 636 20.57 -51.41 25.10
N PHE B 637 20.63 -51.86 23.85
CA PHE B 637 20.87 -53.28 23.61
C PHE B 637 22.26 -53.70 24.07
N LYS B 638 23.27 -52.87 23.81
CA LYS B 638 24.62 -53.13 24.30
C LYS B 638 24.72 -52.99 25.81
N GLN B 639 23.87 -52.17 26.43
CA GLN B 639 23.83 -52.12 27.90
C GLN B 639 23.20 -53.38 28.47
N GLU B 640 22.15 -53.90 27.83
CA GLU B 640 21.58 -55.18 28.24
C GLU B 640 22.60 -56.30 28.09
N GLU B 641 23.40 -56.24 27.02
CA GLU B 641 24.53 -57.15 26.90
C GLU B 641 25.53 -56.94 28.01
N LYS B 642 25.75 -55.67 28.41
CA LYS B 642 26.66 -55.39 29.51
C LYS B 642 26.10 -55.85 30.85
N ARG B 643 24.78 -56.02 30.93
CA ARG B 643 24.18 -56.59 32.14
C ARG B 643 24.65 -58.01 32.40
N LYS B 644 25.05 -58.74 31.35
CA LYS B 644 25.56 -60.09 31.50
C LYS B 644 27.08 -60.10 31.49
N ILE B 710 -0.93 -60.91 41.90
CA ILE B 710 -1.56 -60.77 40.58
C ILE B 710 -1.32 -62.03 39.76
N ALA B 711 -2.31 -62.37 38.93
CA ALA B 711 -2.18 -63.56 38.10
C ALA B 711 -1.14 -63.34 37.00
N PRO B 712 -0.41 -64.39 36.62
CA PRO B 712 0.56 -64.26 35.53
C PRO B 712 -0.12 -64.29 34.17
N VAL B 713 0.41 -63.50 33.24
CA VAL B 713 -0.12 -63.48 31.89
C VAL B 713 0.23 -64.78 31.19
N LEU B 714 -0.68 -65.27 30.35
CA LEU B 714 -0.48 -66.53 29.64
C LEU B 714 -0.01 -66.26 28.22
N GLU B 715 0.92 -67.09 27.75
CA GLU B 715 1.50 -66.89 26.43
C GLU B 715 0.47 -67.08 25.31
N LEU B 716 -0.56 -67.87 25.56
CA LEU B 716 -1.65 -68.06 24.61
C LEU B 716 -2.98 -68.04 25.34
N ALA B 717 -4.02 -67.62 24.63
CA ALA B 717 -5.36 -67.54 25.20
C ALA B 717 -5.94 -68.93 25.44
N VAL B 747 -35.44 -44.05 30.33
CA VAL B 747 -35.47 -44.24 28.88
C VAL B 747 -34.35 -45.18 28.45
N GLU B 748 -34.73 -46.29 27.82
CA GLU B 748 -33.76 -47.25 27.32
C GLU B 748 -33.20 -46.78 25.98
N TYR B 749 -31.95 -47.13 25.73
CA TYR B 749 -31.25 -46.72 24.52
C TYR B 749 -30.88 -47.94 23.68
N VAL B 750 -31.13 -47.85 22.37
CA VAL B 750 -30.73 -48.89 21.44
C VAL B 750 -29.30 -48.64 21.00
N LYS B 751 -28.68 -49.66 20.42
CA LYS B 751 -27.31 -49.58 19.93
C LYS B 751 -27.33 -49.77 18.42
N GLY B 752 -26.88 -48.76 17.70
CA GLY B 752 -26.84 -48.83 16.25
C GLY B 752 -26.11 -47.65 15.68
N TYR B 753 -25.98 -47.65 14.38
CA TYR B 753 -25.29 -46.53 13.75
C TYR B 753 -26.24 -45.35 13.57
N PRO B 754 -25.73 -44.13 13.63
CA PRO B 754 -26.56 -42.95 13.37
C PRO B 754 -27.17 -43.03 11.98
N PRO B 755 -28.45 -42.69 11.84
CA PRO B 755 -29.13 -42.83 10.53
C PRO B 755 -28.54 -41.96 9.43
N ASN B 756 -28.49 -40.65 9.67
CA ASN B 756 -28.08 -39.68 8.65
C ASN B 756 -26.66 -39.23 8.94
N SER B 757 -25.69 -39.85 8.26
CA SER B 757 -24.32 -39.38 8.33
C SER B 757 -24.21 -38.03 7.63
N PRO B 758 -23.66 -37.00 8.29
CA PRO B 758 -23.72 -35.65 7.71
C PRO B 758 -22.83 -35.43 6.50
N TYR B 759 -21.79 -36.24 6.30
CA TYR B 759 -20.88 -36.01 5.19
C TYR B 759 -20.28 -37.34 4.74
N ILE B 760 -19.72 -37.31 3.53
CA ILE B 760 -19.07 -38.48 2.95
C ILE B 760 -17.72 -38.67 3.61
N GLY B 761 -17.41 -39.90 4.02
CA GLY B 761 -16.19 -40.20 4.71
C GLY B 761 -16.31 -40.33 6.20
N SER B 762 -17.45 -39.90 6.77
CA SER B 762 -17.70 -40.09 8.20
C SER B 762 -17.72 -41.57 8.54
N SER B 763 -16.77 -42.01 9.35
CA SER B 763 -16.70 -43.42 9.70
C SER B 763 -17.92 -43.83 10.52
N PRO B 764 -18.66 -44.86 10.12
CA PRO B 764 -19.83 -45.28 10.90
C PRO B 764 -19.39 -45.92 12.20
N THR B 765 -19.86 -45.36 13.31
CA THR B 765 -19.54 -45.85 14.64
C THR B 765 -20.82 -46.31 15.33
N LEU B 766 -20.78 -47.51 15.92
CA LEU B 766 -21.90 -47.99 16.71
C LEU B 766 -22.04 -47.13 17.95
N CYS B 767 -23.19 -46.47 18.10
CA CYS B 767 -23.39 -45.49 19.15
C CYS B 767 -24.66 -45.82 19.93
N HIS B 768 -24.73 -45.28 21.15
CA HIS B 768 -25.96 -45.29 21.91
C HIS B 768 -26.96 -44.37 21.23
N LEU B 769 -28.17 -44.86 20.99
CA LEU B 769 -29.16 -44.12 20.24
C LEU B 769 -30.51 -44.18 20.93
N LEU B 770 -31.31 -43.13 20.71
CA LEU B 770 -32.69 -43.15 21.17
C LEU B 770 -33.49 -44.15 20.34
N PRO B 771 -34.51 -44.79 20.95
CA PRO B 771 -35.34 -45.72 20.17
C PRO B 771 -36.04 -45.05 19.00
N VAL B 772 -36.40 -43.78 19.13
CA VAL B 772 -37.03 -43.02 18.05
C VAL B 772 -36.36 -41.65 18.00
N LYS B 773 -36.13 -41.16 16.78
CA LYS B 773 -35.45 -39.87 16.62
C LYS B 773 -36.21 -38.77 17.34
N ALA B 774 -35.45 -37.92 18.03
CA ALA B 774 -36.06 -36.84 18.79
C ALA B 774 -36.50 -35.72 17.86
N PRO B 775 -37.67 -35.12 18.11
CA PRO B 775 -38.09 -33.96 17.31
C PRO B 775 -37.16 -32.78 17.53
N PHE B 776 -37.13 -31.89 16.53
CA PHE B 776 -36.25 -30.74 16.58
C PHE B 776 -36.58 -29.79 17.72
N CYS B 777 -37.79 -29.86 18.27
CA CYS B 777 -38.15 -29.01 19.40
C CYS B 777 -37.56 -29.53 20.71
N CYS B 778 -37.42 -30.84 20.85
CA CYS B 778 -36.94 -31.42 22.10
C CYS B 778 -35.43 -31.30 22.26
N LEU B 779 -34.72 -30.83 21.23
CA LEU B 779 -33.28 -30.67 21.30
C LEU B 779 -32.88 -29.30 21.85
N ARG B 780 -33.83 -28.49 22.29
CA ARG B 780 -33.59 -27.10 22.67
C ARG B 780 -33.78 -26.93 24.18
N LEU B 781 -32.75 -26.41 24.85
CA LEU B 781 -32.87 -26.09 26.26
C LEU B 781 -33.64 -24.80 26.48
N ASP B 782 -33.56 -23.86 25.55
CA ASP B 782 -34.16 -22.54 25.74
C ASP B 782 -35.67 -22.62 25.89
N LYS B 783 -36.36 -23.07 24.84
CA LYS B 783 -37.81 -23.01 24.80
C LYS B 783 -38.44 -24.31 25.27
N GLY B 784 -39.68 -24.20 25.73
CA GLY B 784 -40.48 -25.37 26.05
C GLY B 784 -41.28 -25.84 24.84
N CYS B 785 -41.69 -27.10 24.88
CA CYS B 785 -42.41 -27.69 23.76
C CYS B 785 -43.61 -28.49 24.23
N LYS B 786 -44.24 -29.22 23.31
CA LYS B 786 -45.39 -30.04 23.68
C LYS B 786 -44.98 -31.15 24.66
N HIS B 787 -43.82 -31.76 24.43
CA HIS B 787 -43.36 -32.86 25.27
C HIS B 787 -42.70 -32.40 26.56
N ASN B 788 -42.09 -31.22 26.58
CA ASN B 788 -41.42 -30.72 27.76
C ASN B 788 -41.56 -29.21 27.83
N SER B 789 -41.77 -28.68 29.03
CA SER B 789 -41.85 -27.24 29.26
C SER B 789 -40.61 -26.69 29.94
N TYR B 790 -39.57 -27.50 30.11
CA TYR B 790 -38.35 -27.03 30.74
C TYR B 790 -37.67 -25.97 29.89
N GLU B 791 -37.11 -24.96 30.55
CA GLU B 791 -36.44 -23.87 29.86
C GLU B 791 -35.01 -23.65 30.35
N ASP B 792 -34.52 -24.50 31.26
CA ASP B 792 -33.12 -24.47 31.67
C ASP B 792 -32.78 -25.85 32.22
N ALA B 793 -31.47 -26.10 32.34
CA ALA B 793 -30.99 -27.43 32.67
C ALA B 793 -31.40 -27.90 34.06
N LYS B 794 -31.73 -26.97 34.98
CA LYS B 794 -32.16 -27.39 36.30
C LYS B 794 -33.53 -28.04 36.28
N ALA B 795 -34.41 -27.60 35.38
CA ALA B 795 -35.72 -28.23 35.24
C ALA B 795 -35.63 -29.62 34.63
N TYR B 796 -34.56 -29.89 33.86
CA TYR B 796 -34.38 -31.23 33.31
C TYR B 796 -33.99 -32.24 34.38
N GLY B 797 -33.25 -31.80 35.40
CA GLY B 797 -32.85 -32.68 36.48
C GLY B 797 -31.92 -33.80 36.05
N PHE B 798 -30.85 -33.46 35.34
CA PHE B 798 -29.90 -34.45 34.88
C PHE B 798 -29.25 -35.16 36.07
N LYS B 799 -29.05 -36.47 35.91
CA LYS B 799 -28.43 -37.27 36.97
C LYS B 799 -26.91 -37.29 36.87
N ASN B 800 -26.35 -37.10 35.69
CA ASN B 800 -24.91 -37.00 35.50
C ASN B 800 -24.54 -35.56 35.16
N LYS B 801 -23.27 -35.24 35.38
CA LYS B 801 -22.79 -33.88 35.16
C LYS B 801 -22.73 -33.58 33.67
N LEU B 802 -23.02 -32.32 33.34
CA LEU B 802 -23.19 -31.91 31.95
C LEU B 802 -21.85 -31.65 31.28
N ILE B 803 -21.87 -31.66 29.94
CA ILE B 803 -20.76 -31.21 29.11
C ILE B 803 -21.28 -30.05 28.26
N ILE B 804 -20.61 -28.91 28.36
CA ILE B 804 -21.03 -27.70 27.64
C ILE B 804 -19.98 -27.40 26.57
N VAL B 805 -20.44 -27.26 25.34
CA VAL B 805 -19.59 -26.92 24.20
C VAL B 805 -19.97 -25.51 23.76
N SER B 806 -19.05 -24.57 23.91
CA SER B 806 -19.29 -23.18 23.50
C SER B 806 -18.65 -22.99 22.13
N ALA B 807 -19.46 -23.17 21.09
CA ALA B 807 -19.01 -23.04 19.71
C ALA B 807 -19.81 -21.93 19.02
N GLU B 808 -19.25 -21.44 17.91
CA GLU B 808 -19.92 -20.40 17.14
C GLU B 808 -21.06 -20.97 16.30
N THR B 809 -20.74 -21.94 15.43
CA THR B 809 -21.73 -22.58 14.59
C THR B 809 -21.61 -24.09 14.73
N ALA B 810 -22.74 -24.78 14.52
CA ALA B 810 -22.81 -26.23 14.65
C ALA B 810 -22.76 -26.86 13.27
N GLY B 811 -21.73 -27.67 13.03
CA GLY B 811 -21.55 -28.38 11.78
C GLY B 811 -21.09 -29.79 12.03
N ASN B 812 -20.26 -30.28 11.10
CA ASN B 812 -19.71 -31.63 11.20
C ASN B 812 -18.69 -31.76 12.34
N GLY B 813 -18.05 -30.66 12.73
CA GLY B 813 -17.14 -30.72 13.86
C GLY B 813 -17.84 -31.08 15.15
N LEU B 814 -19.00 -30.48 15.41
CA LEU B 814 -19.75 -30.83 16.61
C LEU B 814 -20.27 -32.27 16.53
N TYR B 815 -20.56 -32.75 15.32
CA TYR B 815 -20.91 -34.16 15.16
C TYR B 815 -19.75 -35.07 15.54
N ASN B 816 -18.54 -34.72 15.11
CA ASN B 816 -17.36 -35.49 15.49
C ASN B 816 -17.03 -35.34 16.96
N PHE B 817 -17.52 -34.28 17.59
CA PHE B 817 -17.42 -34.16 19.04
C PHE B 817 -18.40 -35.10 19.76
N ILE B 818 -19.64 -35.14 19.29
CA ILE B 818 -20.67 -35.93 19.96
C ILE B 818 -20.46 -37.43 19.76
N VAL B 819 -19.95 -37.85 18.58
CA VAL B 819 -19.87 -39.28 18.29
C VAL B 819 -19.05 -40.05 19.31
N PRO B 820 -17.83 -39.64 19.69
CA PRO B 820 -17.07 -40.41 20.69
C PRO B 820 -17.74 -40.45 22.06
N LEU B 821 -18.49 -39.42 22.43
CA LEU B 821 -19.15 -39.39 23.74
C LEU B 821 -20.39 -40.27 23.79
N ARG B 822 -20.90 -40.72 22.65
CA ARG B 822 -22.06 -41.60 22.61
C ARG B 822 -21.72 -42.97 22.03
N ALA B 823 -20.44 -43.31 21.92
CA ALA B 823 -20.05 -44.59 21.34
C ALA B 823 -20.52 -45.74 22.22
N TYR B 824 -20.73 -46.90 21.59
CA TYR B 824 -21.34 -48.04 22.28
C TYR B 824 -20.47 -48.57 23.41
N TYR B 825 -19.15 -48.42 23.33
CA TYR B 825 -18.29 -48.89 24.40
C TYR B 825 -18.22 -47.93 25.57
N ARG B 826 -18.63 -46.69 25.40
CA ARG B 826 -18.76 -45.77 26.52
C ARG B 826 -19.89 -46.22 27.43
N SER B 827 -19.70 -46.04 28.73
CA SER B 827 -20.70 -46.50 29.69
C SER B 827 -21.99 -45.70 29.54
N ARG B 828 -23.11 -46.42 29.50
CA ARG B 828 -24.41 -45.77 29.40
C ARG B 828 -24.84 -45.14 30.72
N LYS B 829 -24.46 -45.72 31.85
CA LYS B 829 -24.77 -45.12 33.14
C LYS B 829 -23.97 -43.85 33.38
N GLU B 830 -22.84 -43.70 32.70
CA GLU B 830 -21.98 -42.53 32.84
C GLU B 830 -22.10 -41.58 31.64
N LEU B 831 -23.24 -41.58 30.97
CA LEU B 831 -23.44 -40.70 29.84
C LEU B 831 -23.67 -39.28 30.31
N ASN B 832 -22.83 -38.36 29.84
CA ASN B 832 -22.91 -36.96 30.21
C ASN B 832 -23.76 -36.20 29.19
N PRO B 833 -24.82 -35.52 29.62
CA PRO B 833 -25.59 -34.71 28.68
C PRO B 833 -24.71 -33.64 28.05
N ILE B 834 -24.93 -33.41 26.75
CA ILE B 834 -24.14 -32.46 25.98
C ILE B 834 -25.01 -31.25 25.66
N VAL B 835 -24.55 -30.07 26.06
CA VAL B 835 -25.24 -28.82 25.79
C VAL B 835 -24.35 -28.00 24.87
N LEU B 836 -24.81 -27.78 23.64
CA LEU B 836 -24.08 -26.98 22.67
C LEU B 836 -24.49 -25.53 22.82
N LEU B 837 -23.58 -24.69 23.32
CA LEU B 837 -23.84 -23.28 23.52
C LEU B 837 -23.44 -22.56 22.24
N LEU B 838 -24.38 -22.48 21.30
CA LEU B 838 -24.12 -21.95 19.98
C LEU B 838 -24.43 -20.46 19.91
N ASP B 839 -23.72 -19.76 19.02
CA ASP B 839 -24.00 -18.36 18.75
C ASP B 839 -25.07 -18.19 17.68
N ASN B 840 -25.05 -19.03 16.66
CA ASN B 840 -26.04 -19.02 15.59
C ASN B 840 -26.95 -20.24 15.71
N LYS B 841 -28.18 -20.07 15.24
CA LYS B 841 -29.15 -21.16 15.32
C LYS B 841 -28.71 -22.30 14.40
N PRO B 842 -28.62 -23.53 14.90
CA PRO B 842 -28.15 -24.64 14.06
C PRO B 842 -29.11 -24.94 12.92
N ASP B 843 -28.54 -25.30 11.78
CA ASP B 843 -29.35 -25.64 10.61
C ASP B 843 -30.02 -27.00 10.82
N HIS B 844 -30.97 -27.31 9.93
CA HIS B 844 -31.71 -28.55 10.05
C HIS B 844 -30.84 -29.78 9.78
N HIS B 845 -29.75 -29.62 9.03
CA HIS B 845 -28.89 -30.76 8.75
C HIS B 845 -28.20 -31.27 10.01
N PHE B 846 -27.62 -30.36 10.80
CA PHE B 846 -26.97 -30.76 12.04
C PHE B 846 -27.96 -31.36 13.01
N LEU B 847 -29.15 -30.74 13.13
CA LEU B 847 -30.17 -31.28 14.04
C LEU B 847 -30.63 -32.66 13.60
N GLU B 848 -30.80 -32.88 12.30
CA GLU B 848 -31.16 -34.21 11.82
C GLU B 848 -30.04 -35.21 12.08
N ALA B 849 -28.79 -34.77 11.98
CA ALA B 849 -27.67 -35.64 12.28
C ALA B 849 -27.61 -36.03 13.75
N ILE B 850 -27.92 -35.09 14.66
CA ILE B 850 -27.79 -35.33 16.09
C ILE B 850 -29.11 -35.65 16.77
N CYS B 851 -30.22 -35.73 16.01
CA CYS B 851 -31.52 -35.95 16.63
C CYS B 851 -31.63 -37.33 17.30
N CYS B 852 -30.84 -38.30 16.86
CA CYS B 852 -30.93 -39.65 17.39
C CYS B 852 -30.01 -39.89 18.58
N PHE B 853 -29.13 -38.94 18.90
CA PHE B 853 -28.23 -39.11 20.04
C PHE B 853 -28.95 -38.73 21.33
N PRO B 854 -28.88 -39.56 22.36
CA PRO B 854 -29.57 -39.24 23.62
C PRO B 854 -28.85 -38.17 24.41
N MET B 855 -29.65 -37.29 25.02
CA MET B 855 -29.15 -36.23 25.91
C MET B 855 -28.14 -35.34 25.18
N VAL B 856 -28.58 -34.78 24.06
CA VAL B 856 -27.80 -33.81 23.30
C VAL B 856 -28.72 -32.62 23.02
N TYR B 857 -28.48 -31.51 23.69
CA TYR B 857 -29.31 -30.32 23.57
C TYR B 857 -28.46 -29.14 23.11
N TYR B 858 -29.15 -28.11 22.61
CA TYR B 858 -28.51 -26.89 22.17
C TYR B 858 -29.26 -25.68 22.72
N MET B 859 -28.53 -24.59 22.90
CA MET B 859 -29.11 -23.33 23.35
C MET B 859 -28.27 -22.19 22.79
N GLU B 860 -28.92 -21.09 22.43
CA GLU B 860 -28.25 -19.95 21.85
C GLU B 860 -27.62 -19.10 22.94
N GLY B 861 -26.37 -18.73 22.75
CA GLY B 861 -25.66 -17.93 23.73
C GLY B 861 -24.18 -17.90 23.43
N SER B 862 -23.40 -17.48 24.42
CA SER B 862 -21.95 -17.38 24.26
C SER B 862 -21.29 -17.66 25.60
N VAL B 863 -19.96 -17.69 25.59
CA VAL B 863 -19.19 -17.90 26.81
C VAL B 863 -18.93 -16.60 27.56
N ASP B 864 -19.20 -15.45 26.94
CA ASP B 864 -18.90 -14.16 27.56
C ASP B 864 -20.02 -13.66 28.47
N ASN B 865 -21.23 -14.17 28.32
CA ASN B 865 -22.36 -13.73 29.13
C ASN B 865 -22.72 -14.83 30.14
N LEU B 866 -22.83 -14.45 31.41
CA LEU B 866 -23.09 -15.41 32.47
C LEU B 866 -24.51 -15.98 32.42
N ASP B 867 -25.48 -15.23 31.88
CA ASP B 867 -26.85 -15.71 31.86
C ASP B 867 -26.97 -16.99 31.02
N SER B 868 -26.34 -17.01 29.85
CA SER B 868 -26.42 -18.18 28.98
C SER B 868 -25.75 -19.40 29.63
N LEU B 869 -24.59 -19.20 30.26
CA LEU B 869 -23.90 -20.32 30.90
C LEU B 869 -24.67 -20.84 32.09
N LEU B 870 -25.29 -19.94 32.87
CA LEU B 870 -26.11 -20.39 34.00
C LEU B 870 -27.37 -21.10 33.53
N GLN B 871 -27.93 -20.68 32.40
CA GLN B 871 -29.10 -21.37 31.87
C GLN B 871 -28.75 -22.75 31.33
N CYS B 872 -27.63 -22.86 30.60
CA CYS B 872 -27.15 -24.17 30.17
C CYS B 872 -26.81 -25.04 31.36
N GLY B 873 -26.36 -24.43 32.45
CA GLY B 873 -26.03 -25.13 33.66
C GLY B 873 -24.53 -25.33 33.76
N ILE B 874 -23.86 -24.42 34.47
CA ILE B 874 -22.41 -24.52 34.61
C ILE B 874 -22.04 -24.97 36.01
N ILE B 875 -22.99 -24.91 36.95
CA ILE B 875 -22.77 -25.45 38.29
C ILE B 875 -22.68 -26.97 38.23
N TYR B 876 -23.51 -27.60 37.40
CA TYR B 876 -23.53 -29.04 37.24
C TYR B 876 -22.69 -29.50 36.06
N ALA B 877 -21.97 -28.60 35.41
CA ALA B 877 -21.18 -28.94 34.23
C ALA B 877 -19.86 -29.56 34.65
N ASP B 878 -19.62 -30.80 34.22
CA ASP B 878 -18.33 -31.43 34.45
C ASP B 878 -17.22 -30.75 33.66
N ASN B 879 -17.51 -30.39 32.41
CA ASN B 879 -16.52 -29.76 31.54
C ASN B 879 -17.18 -28.59 30.82
N LEU B 880 -16.35 -27.63 30.41
CA LEU B 880 -16.77 -26.51 29.58
C LEU B 880 -15.79 -26.41 28.43
N VAL B 881 -16.17 -26.96 27.28
CA VAL B 881 -15.34 -26.91 26.08
C VAL B 881 -15.63 -25.61 25.33
N VAL B 882 -14.59 -24.82 25.10
CA VAL B 882 -14.71 -23.54 24.42
C VAL B 882 -13.95 -23.62 23.12
N VAL B 883 -14.63 -23.37 22.01
CA VAL B 883 -14.03 -23.39 20.67
C VAL B 883 -13.99 -21.95 20.18
N ASP B 884 -12.81 -21.51 19.74
CA ASP B 884 -12.64 -20.13 19.29
C ASP B 884 -13.45 -19.88 18.03
N LYS B 885 -13.93 -18.64 17.90
CA LYS B 885 -14.69 -18.25 16.72
C LYS B 885 -13.77 -18.17 15.50
N GLU B 886 -14.37 -18.38 14.33
CA GLU B 886 -13.59 -18.36 13.09
C GLU B 886 -13.15 -16.95 12.71
N SER B 887 -13.98 -15.94 12.99
CA SER B 887 -13.68 -14.58 12.59
C SER B 887 -12.76 -13.86 13.57
N THR B 888 -12.48 -14.46 14.73
CA THR B 888 -11.65 -13.79 15.73
C THR B 888 -10.18 -13.69 15.31
N MET B 889 -9.77 -14.44 14.28
CA MET B 889 -8.38 -14.46 13.86
C MET B 889 -8.03 -13.38 12.84
N SER B 890 -8.81 -12.29 12.77
CA SER B 890 -8.59 -11.25 11.78
C SER B 890 -7.61 -10.18 12.23
N ALA B 891 -7.06 -10.28 13.44
CA ALA B 891 -6.15 -9.26 13.94
C ALA B 891 -4.84 -9.29 13.16
N GLU B 892 -4.29 -8.10 12.89
CA GLU B 892 -3.01 -7.99 12.21
C GLU B 892 -1.90 -8.67 13.02
N GLU B 893 -1.85 -8.36 14.32
CA GLU B 893 -0.95 -9.06 15.22
C GLU B 893 -1.42 -10.51 15.37
N ASP B 894 -0.62 -11.45 14.88
CA ASP B 894 -1.07 -12.84 14.77
C ASP B 894 -1.38 -13.44 16.14
N TYR B 895 -0.53 -13.16 17.14
CA TYR B 895 -0.73 -13.72 18.47
C TYR B 895 -1.92 -13.11 19.20
N MET B 896 -2.49 -12.02 18.68
CA MET B 896 -3.66 -11.39 19.27
C MET B 896 -4.96 -12.00 18.81
N ALA B 897 -4.91 -13.04 17.96
CA ALA B 897 -6.13 -13.68 17.49
C ALA B 897 -6.86 -14.38 18.62
N ASP B 898 -6.12 -14.87 19.61
CA ASP B 898 -6.68 -15.63 20.72
C ASP B 898 -7.01 -14.76 21.92
N ALA B 899 -6.93 -13.43 21.79
CA ALA B 899 -7.09 -12.55 22.94
C ALA B 899 -8.48 -12.66 23.54
N LYS B 900 -9.51 -12.62 22.68
CA LYS B 900 -10.89 -12.67 23.17
C LYS B 900 -11.16 -14.00 23.87
N THR B 901 -10.74 -15.10 23.25
CA THR B 901 -10.96 -16.41 23.86
C THR B 901 -10.23 -16.54 25.19
N ILE B 902 -8.98 -16.08 25.25
CA ILE B 902 -8.20 -16.18 26.48
C ILE B 902 -8.84 -15.36 27.59
N VAL B 903 -9.27 -14.13 27.27
CA VAL B 903 -9.86 -13.27 28.29
C VAL B 903 -11.19 -13.84 28.77
N ASN B 904 -12.02 -14.35 27.86
CA ASN B 904 -13.30 -14.93 28.26
C ASN B 904 -13.09 -16.16 29.13
N VAL B 905 -12.15 -17.03 28.75
CA VAL B 905 -11.88 -18.22 29.55
C VAL B 905 -11.31 -17.84 30.91
N GLN B 906 -10.48 -16.80 30.97
CA GLN B 906 -9.96 -16.35 32.26
C GLN B 906 -11.08 -15.79 33.13
N THR B 907 -12.02 -15.06 32.54
CA THR B 907 -13.16 -14.57 33.30
C THR B 907 -13.98 -15.73 33.86
N MET B 908 -14.21 -16.76 33.05
CA MET B 908 -14.98 -17.90 33.52
C MET B 908 -14.22 -18.69 34.58
N PHE B 909 -12.88 -18.74 34.48
CA PHE B 909 -12.07 -19.42 35.48
C PHE B 909 -12.07 -18.65 36.81
N ARG B 910 -12.04 -17.32 36.75
CA ARG B 910 -12.14 -16.52 37.97
C ARG B 910 -13.51 -16.67 38.62
N LEU B 911 -14.57 -16.60 37.82
CA LEU B 911 -15.92 -16.72 38.37
C LEU B 911 -16.17 -18.13 38.91
N PHE B 912 -15.75 -19.16 38.16
CA PHE B 912 -15.92 -20.55 38.57
C PHE B 912 -14.55 -21.20 38.66
N PRO B 913 -13.89 -21.17 39.82
CA PRO B 913 -12.53 -21.71 39.89
C PRO B 913 -12.46 -23.22 39.79
N SER B 914 -13.45 -23.95 40.31
CA SER B 914 -13.41 -25.40 40.32
C SER B 914 -13.86 -26.03 39.01
N LEU B 915 -14.44 -25.25 38.11
CA LEU B 915 -14.90 -25.79 36.83
C LEU B 915 -13.71 -26.18 35.97
N SER B 916 -13.88 -27.23 35.17
CA SER B 916 -12.86 -27.75 34.28
C SER B 916 -13.14 -27.22 32.88
N ILE B 917 -12.31 -26.30 32.42
CA ILE B 917 -12.46 -25.67 31.10
C ILE B 917 -11.39 -26.23 30.17
N THR B 918 -11.82 -26.67 28.99
CA THR B 918 -10.90 -27.14 27.95
C THR B 918 -11.03 -26.21 26.75
N THR B 919 -9.89 -25.76 26.22
CA THR B 919 -9.87 -24.75 25.18
C THR B 919 -8.89 -25.17 24.08
N GLU B 920 -9.14 -24.67 22.88
CA GLU B 920 -8.26 -24.85 21.73
C GLU B 920 -7.76 -23.50 21.30
N LEU B 921 -6.44 -23.36 21.17
CA LEU B 921 -5.81 -22.09 20.82
C LEU B 921 -5.12 -22.20 19.46
N THR B 922 -5.03 -21.06 18.77
CA THR B 922 -4.40 -21.04 17.46
C THR B 922 -2.89 -21.15 17.56
N HIS B 923 -2.28 -20.46 18.52
CA HIS B 923 -0.83 -20.42 18.64
C HIS B 923 -0.39 -21.13 19.92
N PRO B 924 0.60 -22.02 19.84
CA PRO B 924 1.09 -22.70 21.06
C PRO B 924 1.72 -21.76 22.07
N SER B 925 2.17 -20.58 21.66
CA SER B 925 2.79 -19.64 22.59
C SER B 925 1.78 -18.96 23.49
N ASN B 926 0.48 -19.10 23.22
CA ASN B 926 -0.55 -18.48 24.04
C ASN B 926 -1.13 -19.42 25.08
N MET B 927 -0.66 -20.68 25.15
CA MET B 927 -1.18 -21.61 26.15
C MET B 927 -0.75 -21.23 27.56
N ARG B 928 0.23 -20.35 27.70
CA ARG B 928 0.61 -19.84 29.02
C ARG B 928 -0.45 -18.94 29.61
N PHE B 929 -1.38 -18.46 28.79
CA PHE B 929 -2.37 -17.47 29.21
C PHE B 929 -3.72 -18.09 29.58
N MET B 930 -3.84 -19.41 29.54
CA MET B 930 -5.14 -20.05 29.80
C MET B 930 -5.64 -19.75 31.21
N GLN B 931 -4.91 -20.22 32.21
CA GLN B 931 -5.25 -19.98 33.62
C GLN B 931 -4.11 -19.17 34.20
N PHE B 932 -4.20 -17.85 34.04
CA PHE B 932 -3.10 -16.95 34.35
C PHE B 932 -3.20 -16.50 35.80
N ARG B 933 -2.24 -16.90 36.61
CA ARG B 933 -2.12 -16.45 37.99
C ARG B 933 -0.89 -15.53 38.05
N ALA B 934 -1.13 -14.23 37.94
CA ALA B 934 -0.01 -13.28 37.92
C ALA B 934 0.74 -13.27 39.23
N LYS B 935 0.02 -13.33 40.36
CA LYS B 935 0.65 -13.35 41.69
C LYS B 935 0.91 -14.81 42.09
N ASP B 936 1.87 -15.41 41.38
CA ASP B 936 2.22 -16.81 41.62
C ASP B 936 3.67 -17.00 41.23
N SER B 937 4.50 -17.46 42.17
CA SER B 937 5.92 -17.64 41.91
C SER B 937 6.19 -18.85 41.02
N TYR B 938 5.47 -19.95 41.23
CA TYR B 938 5.69 -21.16 40.46
C TYR B 938 5.37 -20.95 38.98
N SER B 939 4.26 -20.24 38.70
CA SER B 939 3.85 -20.02 37.31
C SER B 939 4.86 -19.18 36.55
N LEU B 940 5.60 -18.31 37.25
CA LEU B 940 6.62 -17.50 36.62
C LEU B 940 8.00 -18.14 36.63
N ALA B 941 8.23 -19.13 37.50
CA ALA B 941 9.43 -19.95 37.39
C ALA B 941 9.31 -20.93 36.22
N LEU B 942 8.08 -21.36 35.92
CA LEU B 942 7.85 -22.15 34.72
C LEU B 942 8.24 -21.35 33.47
N SER B 943 8.12 -20.03 33.52
CA SER B 943 8.58 -19.21 32.40
C SER B 943 10.08 -19.32 32.20
N LYS B 944 10.84 -19.29 33.30
CA LYS B 944 12.30 -19.46 33.20
C LYS B 944 12.64 -20.85 32.71
N LEU B 945 11.91 -21.87 33.17
CA LEU B 945 12.13 -23.22 32.68
C LEU B 945 11.88 -23.31 31.18
N GLU B 946 10.79 -22.70 30.70
CA GLU B 946 10.49 -22.72 29.28
C GLU B 946 11.55 -21.97 28.47
N LYS B 947 12.05 -20.85 29.00
CA LYS B 947 13.13 -20.13 28.32
C LYS B 947 14.40 -20.99 28.24
N ARG B 948 14.74 -21.67 29.33
CA ARG B 948 15.91 -22.54 29.33
C ARG B 948 15.75 -23.66 28.31
N GLU B 949 14.56 -24.26 28.23
CA GLU B 949 14.33 -25.31 27.23
C GLU B 949 14.42 -24.74 25.82
N ARG B 950 13.87 -23.55 25.60
CA ARG B 950 13.90 -22.94 24.27
C ARG B 950 15.33 -22.57 23.86
N GLU B 951 16.20 -22.31 24.83
CA GLU B 951 17.60 -22.04 24.51
C GLU B 951 18.25 -23.24 23.85
N ASN B 952 17.94 -24.45 24.33
CA ASN B 952 18.50 -25.69 23.81
C ASN B 952 17.88 -26.15 22.50
N GLY B 953 17.10 -25.31 21.80
CA GLY B 953 16.52 -25.72 20.54
C GLY B 953 15.37 -26.69 20.67
N SER B 954 14.62 -26.63 21.77
CA SER B 954 13.52 -27.56 21.99
C SER B 954 12.26 -27.07 21.28
N ASN B 955 11.64 -27.97 20.53
CA ASN B 955 10.35 -27.66 19.91
C ASN B 955 9.22 -27.70 20.93
N LEU B 956 9.33 -28.54 21.95
CA LEU B 956 8.32 -28.65 23.00
C LEU B 956 8.71 -27.77 24.19
N ALA B 957 8.70 -26.46 23.96
CA ALA B 957 8.95 -25.50 25.02
C ALA B 957 7.70 -25.16 25.81
N PHE B 958 6.53 -25.26 25.16
CA PHE B 958 5.25 -25.00 25.81
C PHE B 958 4.82 -26.12 26.75
N MET B 959 5.53 -27.24 26.74
CA MET B 959 5.01 -28.45 27.37
C MET B 959 4.93 -28.33 28.89
N PHE B 960 5.81 -27.54 29.51
CA PHE B 960 5.87 -27.44 30.96
C PHE B 960 4.83 -26.48 31.54
N ARG B 961 4.05 -25.80 30.70
CA ARG B 961 2.98 -24.96 31.21
C ARG B 961 1.89 -25.81 31.84
N LEU B 962 1.39 -25.38 32.99
CA LEU B 962 0.40 -26.16 33.72
C LEU B 962 -0.89 -26.41 32.93
N PRO B 963 -1.50 -25.42 32.25
CA PRO B 963 -2.71 -25.75 31.48
C PRO B 963 -2.49 -26.82 30.42
N PHE B 964 -1.34 -26.80 29.75
CA PHE B 964 -1.07 -27.82 28.73
C PHE B 964 -0.82 -29.18 29.37
N ALA B 965 -0.02 -29.21 30.44
CA ALA B 965 0.29 -30.48 31.09
C ALA B 965 -0.94 -31.12 31.69
N ALA B 966 -1.86 -30.32 32.23
CA ALA B 966 -3.10 -30.86 32.79
C ALA B 966 -4.13 -31.21 31.73
N GLY B 967 -3.88 -30.87 30.47
CA GLY B 967 -4.81 -31.16 29.40
C GLY B 967 -5.87 -30.13 29.17
N ARG B 968 -5.69 -28.91 29.67
CA ARG B 968 -6.70 -27.87 29.50
C ARG B 968 -6.67 -27.28 28.09
N VAL B 969 -5.48 -27.16 27.49
CA VAL B 969 -5.33 -26.47 26.22
C VAL B 969 -4.55 -27.35 25.25
N PHE B 970 -4.86 -27.19 23.97
CA PHE B 970 -4.05 -27.73 22.90
C PHE B 970 -4.16 -26.78 21.72
N SER B 971 -3.20 -26.89 20.79
CA SER B 971 -3.18 -26.08 19.59
C SER B 971 -3.19 -26.98 18.36
N ILE B 972 -3.84 -26.50 17.29
CA ILE B 972 -3.92 -27.26 16.05
C ILE B 972 -2.57 -27.38 15.36
N SER B 973 -1.56 -26.63 15.79
CA SER B 973 -0.21 -26.80 15.25
C SER B 973 0.30 -28.22 15.44
N MET B 974 -0.22 -28.95 16.43
CA MET B 974 0.13 -30.37 16.56
C MET B 974 -0.35 -31.17 15.35
N LEU B 975 -1.44 -30.74 14.71
CA LEU B 975 -1.89 -31.41 13.49
C LEU B 975 -0.92 -31.17 12.34
N ASP B 976 -0.39 -29.94 12.22
CA ASP B 976 0.63 -29.68 11.22
C ASP B 976 1.88 -30.50 11.49
N THR B 977 2.27 -30.59 12.77
CA THR B 977 3.40 -31.43 13.14
C THR B 977 3.15 -32.90 12.78
N LEU B 978 1.91 -33.36 12.98
CA LEU B 978 1.52 -34.71 12.58
C LEU B 978 1.66 -34.89 11.07
N LEU B 979 1.22 -33.91 10.30
CA LEU B 979 1.31 -34.00 8.85
C LEU B 979 2.76 -34.06 8.39
N TYR B 980 3.63 -33.25 9.00
CA TYR B 980 5.05 -33.29 8.63
C TYR B 980 5.70 -34.58 9.09
N GLN B 981 5.25 -35.12 10.22
CA GLN B 981 5.77 -36.41 10.70
C GLN B 981 5.38 -37.53 9.75
N SER B 982 4.19 -37.45 9.15
CA SER B 982 3.74 -38.50 8.25
C SER B 982 4.64 -38.64 7.02
N PHE B 983 5.45 -37.61 6.72
CA PHE B 983 6.46 -37.76 5.68
C PHE B 983 7.49 -38.82 6.05
N VAL B 984 7.76 -38.98 7.33
CA VAL B 984 8.67 -40.00 7.82
C VAL B 984 7.91 -41.21 8.37
N LYS B 985 6.81 -40.97 9.07
CA LYS B 985 6.01 -42.02 9.69
C LYS B 985 4.64 -42.03 9.02
N ASP B 986 4.52 -42.78 7.93
CA ASP B 986 3.27 -42.81 7.18
C ASP B 986 2.12 -43.38 8.01
N TYR B 987 2.45 -44.18 9.03
CA TYR B 987 1.45 -44.79 9.90
C TYR B 987 0.95 -43.85 10.99
N MET B 988 1.56 -42.68 11.14
CA MET B 988 1.28 -41.83 12.30
C MET B 988 -0.14 -41.28 12.25
N ILE B 989 -0.60 -40.85 11.08
CA ILE B 989 -1.95 -40.30 10.96
C ILE B 989 -2.99 -41.37 11.27
N THR B 990 -2.78 -42.59 10.74
CA THR B 990 -3.72 -43.67 11.01
C THR B 990 -3.74 -44.02 12.49
N ILE B 991 -2.58 -44.05 13.14
CA ILE B 991 -2.51 -44.35 14.57
C ILE B 991 -3.25 -43.28 15.36
N THR B 992 -3.03 -42.01 15.02
CA THR B 992 -3.69 -40.92 15.72
C THR B 992 -5.20 -41.01 15.55
N ARG B 993 -5.67 -41.26 14.33
CA ARG B 993 -7.11 -41.39 14.10
C ARG B 993 -7.70 -42.59 14.83
N LEU B 994 -6.96 -43.70 14.90
CA LEU B 994 -7.44 -44.86 15.64
C LEU B 994 -7.54 -44.56 17.13
N LEU B 995 -6.58 -43.82 17.69
CA LEU B 995 -6.66 -43.43 19.08
C LEU B 995 -7.87 -42.54 19.34
N LEU B 996 -8.14 -41.61 18.41
CA LEU B 996 -9.30 -40.73 18.56
C LEU B 996 -10.59 -41.40 18.14
N GLY B 997 -10.55 -42.61 17.58
CA GLY B 997 -11.75 -43.24 17.10
C GLY B 997 -12.30 -42.67 15.82
N LEU B 998 -11.55 -41.80 15.14
CA LEU B 998 -12.04 -41.20 13.91
C LEU B 998 -12.27 -42.24 12.83
N ASP B 999 -11.37 -43.21 12.71
CA ASP B 999 -11.55 -44.34 11.80
C ASP B 999 -11.75 -45.62 12.59
N THR B 1000 -12.68 -46.45 12.14
CA THR B 1000 -13.09 -47.66 12.85
C THR B 1000 -12.79 -48.88 11.99
N THR B 1001 -11.68 -49.53 12.26
CA THR B 1001 -11.40 -50.81 11.66
C THR B 1001 -11.81 -51.93 12.62
N PRO B 1002 -12.58 -52.92 12.17
CA PRO B 1002 -12.99 -53.99 13.07
C PRO B 1002 -11.79 -54.72 13.67
N GLY B 1003 -11.91 -55.07 14.94
CA GLY B 1003 -10.81 -55.69 15.66
C GLY B 1003 -9.80 -54.74 16.25
N SER B 1004 -10.06 -53.43 16.20
CA SER B 1004 -9.15 -52.43 16.73
C SER B 1004 -9.68 -51.88 18.05
N GLY B 1005 -8.78 -51.68 19.00
CA GLY B 1005 -9.16 -51.18 20.31
C GLY B 1005 -9.42 -49.69 20.32
N TYR B 1006 -9.82 -49.20 21.50
CA TYR B 1006 -10.14 -47.80 21.70
C TYR B 1006 -9.44 -47.28 22.94
N LEU B 1007 -9.22 -45.97 22.97
CA LEU B 1007 -8.54 -45.32 24.09
C LEU B 1007 -9.52 -45.16 25.25
N CYS B 1008 -9.26 -45.85 26.34
CA CYS B 1008 -10.05 -45.75 27.56
C CYS B 1008 -9.17 -45.22 28.69
N ALA B 1009 -9.77 -45.11 29.87
CA ALA B 1009 -9.06 -44.61 31.04
C ALA B 1009 -9.65 -45.25 32.29
N MET B 1010 -8.78 -45.61 33.23
CA MET B 1010 -9.18 -46.23 34.48
C MET B 1010 -8.64 -45.42 35.64
N LYS B 1011 -9.46 -45.30 36.70
CA LYS B 1011 -9.10 -44.53 37.88
C LYS B 1011 -8.45 -45.45 38.91
N ILE B 1012 -7.21 -45.14 39.26
CA ILE B 1012 -6.50 -45.90 40.29
C ILE B 1012 -6.99 -45.40 41.65
N THR B 1013 -7.77 -46.22 42.33
CA THR B 1013 -8.33 -45.86 43.62
C THR B 1013 -7.43 -46.39 44.75
N GLU B 1014 -7.74 -45.97 45.98
CA GLU B 1014 -6.99 -46.42 47.13
C GLU B 1014 -7.15 -47.92 47.38
N GLY B 1015 -8.24 -48.52 46.90
CA GLY B 1015 -8.40 -49.96 47.00
C GLY B 1015 -7.51 -50.75 46.08
N ASP B 1016 -7.00 -50.13 45.03
CA ASP B 1016 -6.06 -50.78 44.11
C ASP B 1016 -4.62 -50.40 44.38
N LEU B 1017 -4.35 -49.73 45.50
CA LEU B 1017 -2.98 -49.31 45.82
C LEU B 1017 -2.08 -50.47 46.24
N TRP B 1018 -2.64 -51.65 46.48
CA TRP B 1018 -1.80 -52.82 46.70
C TRP B 1018 -1.00 -53.17 45.46
N ILE B 1019 -1.42 -52.70 44.29
CA ILE B 1019 -0.60 -52.76 43.08
C ILE B 1019 0.34 -51.57 43.13
N ARG B 1020 1.49 -51.75 43.78
CA ARG B 1020 2.37 -50.63 44.08
C ARG B 1020 3.04 -50.06 42.83
N THR B 1021 3.10 -50.82 41.74
CA THR B 1021 3.95 -50.49 40.62
C THR B 1021 3.13 -50.49 39.32
N TYR B 1022 3.58 -49.65 38.38
CA TYR B 1022 2.97 -49.59 37.06
C TYR B 1022 3.16 -50.88 36.28
N GLY B 1023 4.31 -51.55 36.44
CA GLY B 1023 4.51 -52.83 35.77
C GLY B 1023 3.59 -53.91 36.30
N ARG B 1024 3.36 -53.92 37.61
CA ARG B 1024 2.40 -54.88 38.18
C ARG B 1024 1.00 -54.61 37.67
N LEU B 1025 0.63 -53.33 37.51
CA LEU B 1025 -0.67 -53.01 36.93
C LEU B 1025 -0.75 -53.49 35.48
N PHE B 1026 0.34 -53.31 34.72
CA PHE B 1026 0.42 -53.85 33.37
C PHE B 1026 0.17 -55.35 33.36
N GLN B 1027 0.82 -56.06 34.28
CA GLN B 1027 0.67 -57.50 34.37
C GLN B 1027 -0.77 -57.88 34.68
N LYS B 1028 -1.38 -57.19 35.65
CA LYS B 1028 -2.76 -57.50 36.02
C LYS B 1028 -3.72 -57.25 34.86
N LEU B 1029 -3.53 -56.14 34.16
CA LEU B 1029 -4.42 -55.82 33.04
C LEU B 1029 -4.27 -56.85 31.92
N CYS B 1030 -3.04 -57.26 31.60
CA CYS B 1030 -2.85 -58.26 30.57
C CYS B 1030 -3.26 -59.66 31.00
N SER B 1031 -3.33 -59.93 32.31
CA SER B 1031 -3.77 -61.22 32.79
C SER B 1031 -5.26 -61.29 33.07
N SER B 1032 -5.96 -60.16 33.12
CA SER B 1032 -7.38 -60.13 33.39
C SER B 1032 -8.21 -59.66 32.21
N SER B 1033 -7.93 -58.48 31.68
CA SER B 1033 -8.72 -57.90 30.59
C SER B 1033 -7.92 -57.62 29.33
N ALA B 1034 -6.64 -57.97 29.31
CA ALA B 1034 -5.79 -57.82 28.12
C ALA B 1034 -5.71 -56.37 27.64
N GLU B 1035 -5.76 -55.42 28.55
CA GLU B 1035 -5.62 -54.01 28.21
C GLU B 1035 -4.15 -53.59 28.31
N ILE B 1036 -3.77 -52.65 27.45
CA ILE B 1036 -2.40 -52.17 27.39
C ILE B 1036 -2.35 -50.72 27.82
N PRO B 1037 -1.76 -50.41 28.98
CA PRO B 1037 -1.73 -49.02 29.45
C PRO B 1037 -0.69 -48.20 28.71
N ILE B 1038 -1.12 -47.10 28.10
CA ILE B 1038 -0.19 -46.19 27.44
C ILE B 1038 0.59 -45.40 28.48
N GLY B 1039 -0.11 -44.61 29.29
CA GLY B 1039 0.55 -43.75 30.25
C GLY B 1039 -0.28 -43.43 31.47
N ILE B 1040 0.21 -42.50 32.30
CA ILE B 1040 -0.44 -42.15 33.56
C ILE B 1040 -0.72 -40.65 33.55
N TYR B 1041 -1.93 -40.29 33.99
CA TYR B 1041 -2.31 -38.90 34.21
C TYR B 1041 -2.16 -38.64 35.71
N ARG B 1042 -1.01 -38.10 36.11
CA ARG B 1042 -0.64 -38.00 37.51
C ARG B 1042 -1.16 -36.70 38.11
N THR B 1043 -1.50 -36.77 39.40
CA THR B 1043 -2.10 -35.67 40.13
C THR B 1043 -1.27 -35.33 41.36
N GLU B 1044 -1.02 -34.03 41.57
CA GLU B 1044 -0.27 -33.55 42.71
C GLU B 1044 -0.99 -32.37 43.34
N SER B 1045 -0.70 -32.15 44.63
CA SER B 1045 -1.26 -31.02 45.37
C SER B 1045 -0.28 -29.85 45.28
N HIS B 1046 -0.74 -28.73 44.73
CA HIS B 1046 0.11 -27.59 44.42
C HIS B 1046 -0.54 -26.28 44.87
N VAL B 1047 -0.92 -26.23 46.15
CA VAL B 1047 -1.59 -25.07 46.74
C VAL B 1047 -0.95 -23.78 46.28
N PHE B 1048 -1.77 -22.86 45.78
CA PHE B 1048 -1.28 -21.63 45.17
C PHE B 1048 -1.31 -20.46 46.16
N ALA B 1129 -29.29 4.83 62.77
CA ALA B 1129 -28.94 3.82 61.78
C ALA B 1129 -27.52 4.00 61.28
N ALA B 1130 -26.84 5.03 61.80
CA ALA B 1130 -25.49 5.33 61.35
C ALA B 1130 -24.53 4.19 61.68
N GLU B 1131 -24.69 3.58 62.85
CA GLU B 1131 -23.82 2.47 63.23
C GLU B 1131 -23.98 1.29 62.28
N TRP B 1132 -25.21 0.99 61.88
CA TRP B 1132 -25.46 -0.16 61.01
C TRP B 1132 -24.82 0.03 59.64
N ILE B 1133 -25.04 1.20 59.02
CA ILE B 1133 -24.44 1.42 57.71
C ILE B 1133 -22.94 1.61 57.79
N SER B 1134 -22.41 2.07 58.93
CA SER B 1134 -20.96 2.08 59.11
C SER B 1134 -20.40 0.66 59.16
N GLN B 1135 -21.08 -0.23 59.89
CA GLN B 1135 -20.70 -1.64 59.92
C GLN B 1135 -20.68 -2.21 58.51
N GLN B 1136 -21.75 -1.96 57.76
CA GLN B 1136 -21.81 -2.43 56.38
C GLN B 1136 -20.72 -1.81 55.52
N ARG B 1137 -20.37 -0.55 55.79
CA ARG B 1137 -19.31 0.11 55.04
C ARG B 1137 -17.96 -0.58 55.25
N LEU B 1138 -17.59 -0.81 56.51
CA LEU B 1138 -16.33 -1.51 56.76
C LEU B 1138 -16.36 -2.94 56.24
N SER B 1139 -17.50 -3.63 56.37
CA SER B 1139 -17.59 -5.01 55.88
C SER B 1139 -17.41 -5.06 54.37
N LEU B 1140 -18.02 -4.10 53.65
CA LEU B 1140 -17.94 -4.08 52.20
C LEU B 1140 -16.56 -3.61 51.72
N TYR B 1141 -15.90 -2.77 52.52
CA TYR B 1141 -14.54 -2.35 52.19
C TYR B 1141 -13.54 -3.48 52.41
N ARG B 1142 -13.76 -4.32 53.42
CA ARG B 1142 -12.86 -5.42 53.73
C ARG B 1142 -13.10 -6.66 52.88
N ARG B 1143 -14.17 -6.70 52.11
CA ARG B 1143 -14.47 -7.88 51.30
C ARG B 1143 -13.48 -7.99 50.14
N SER B 1144 -13.13 -9.22 49.79
CA SER B 1144 -12.10 -9.48 48.79
C SER B 1144 -12.72 -9.62 47.40
N GLU B 1145 -11.87 -9.92 46.42
CA GLU B 1145 -12.32 -10.08 45.04
C GLU B 1145 -13.05 -11.40 44.83
N ARG B 1146 -12.64 -12.46 45.54
CA ARG B 1146 -13.35 -13.73 45.44
C ARG B 1146 -14.79 -13.59 45.90
N GLN B 1147 -15.01 -12.86 47.01
CA GLN B 1147 -16.36 -12.59 47.46
C GLN B 1147 -17.12 -11.76 46.43
N GLU B 1148 -16.45 -10.81 45.78
CA GLU B 1148 -17.10 -10.02 44.74
C GLU B 1148 -17.61 -10.90 43.61
N LEU B 1149 -16.75 -11.80 43.12
CA LEU B 1149 -17.14 -12.68 42.02
C LEU B 1149 -18.27 -13.62 42.44
N SER B 1150 -18.18 -14.16 43.66
CA SER B 1150 -19.22 -15.06 44.15
C SER B 1150 -20.55 -14.33 44.26
N GLU B 1151 -20.55 -13.11 44.79
CA GLU B 1151 -21.79 -12.35 44.90
C GLU B 1151 -22.34 -11.96 43.53
N LEU B 1152 -21.47 -11.66 42.56
CA LEU B 1152 -21.97 -11.38 41.22
C LEU B 1152 -22.67 -12.60 40.64
N VAL B 1153 -22.05 -13.78 40.77
CA VAL B 1153 -22.66 -14.99 40.25
C VAL B 1153 -23.98 -15.28 40.94
N LYS B 1154 -24.03 -15.12 42.27
CA LYS B 1154 -25.25 -15.38 43.01
C LYS B 1154 -26.35 -14.38 42.64
N ASN B 1155 -25.98 -13.12 42.41
CA ASN B 1155 -26.95 -12.13 41.98
C ASN B 1155 -27.53 -12.48 40.62
N ARG B 1156 -26.67 -12.92 39.69
CA ARG B 1156 -27.16 -13.36 38.39
C ARG B 1156 -28.08 -14.57 38.53
N MET B 1157 -27.73 -15.51 39.41
CA MET B 1157 -28.60 -16.67 39.65
C MET B 1157 -29.96 -16.24 40.17
N LYS B 1158 -29.99 -15.38 41.20
CA LYS B 1158 -31.26 -14.94 41.77
C LYS B 1158 -32.07 -14.09 40.82
N HIS B 1159 -31.41 -13.41 39.87
CA HIS B 1159 -32.15 -12.71 38.83
C HIS B 1159 -32.75 -13.67 37.82
N LEU B 1160 -32.01 -14.71 37.43
CA LEU B 1160 -32.55 -15.70 36.50
C LEU B 1160 -33.52 -16.66 37.17
N GLY B 1161 -33.32 -16.96 38.46
CA GLY B 1161 -34.20 -17.82 39.21
C GLY B 1161 -33.61 -19.12 39.72
N LEU B 1162 -32.33 -19.38 39.44
CA LEU B 1162 -31.73 -20.60 39.99
C LEU B 1162 -31.34 -20.38 41.45
N PRO B 1163 -31.34 -21.44 42.26
CA PRO B 1163 -31.00 -21.28 43.69
C PRO B 1163 -29.55 -20.86 43.88
N THR B 1164 -29.32 -20.05 44.92
CA THR B 1164 -27.96 -19.59 45.21
C THR B 1164 -27.07 -20.75 45.60
N THR B 1165 -27.58 -21.68 46.40
CA THR B 1165 -26.79 -22.81 46.85
C THR B 1165 -26.48 -23.75 45.68
N GLY B 1166 -25.44 -24.56 45.86
CA GLY B 1166 -24.89 -25.39 44.82
C GLY B 1166 -23.67 -24.79 44.16
N TYR B 1167 -23.58 -23.46 44.14
CA TYR B 1167 -22.37 -22.79 43.65
C TYR B 1167 -21.16 -23.13 44.50
N ASP B 1168 -21.37 -23.56 45.74
CA ASP B 1168 -20.27 -23.96 46.61
C ASP B 1168 -19.55 -25.18 46.07
N HIS B 1173 -9.55 -22.57 44.07
CA HIS B 1173 -10.33 -23.66 44.63
C HIS B 1173 -9.73 -25.01 44.27
N GLN B 1174 -9.03 -25.06 43.14
CA GLN B 1174 -8.38 -26.28 42.65
C GLN B 1174 -6.88 -26.13 42.87
N ASN B 1175 -6.42 -26.55 44.05
CA ASN B 1175 -5.00 -26.55 44.38
C ASN B 1175 -4.34 -27.85 43.92
N THR B 1176 -4.33 -28.03 42.59
CA THR B 1176 -3.93 -29.28 41.99
C THR B 1176 -2.99 -29.02 40.82
N LEU B 1177 -2.03 -29.93 40.63
CA LEU B 1177 -1.13 -29.89 39.49
C LEU B 1177 -1.14 -31.27 38.84
N SER B 1178 -1.29 -31.31 37.52
CA SER B 1178 -1.40 -32.57 36.80
C SER B 1178 -0.49 -32.55 35.57
N TYR B 1179 -0.08 -33.74 35.15
CA TYR B 1179 0.79 -33.91 33.98
C TYR B 1179 0.61 -35.32 33.46
N VAL B 1180 1.19 -35.57 32.28
CA VAL B 1180 1.03 -36.83 31.57
C VAL B 1180 2.39 -37.52 31.46
N LEU B 1181 2.47 -38.76 31.90
CA LEU B 1181 3.67 -39.57 31.78
C LEU B 1181 3.40 -40.61 30.69
N ILE B 1182 3.95 -40.39 29.50
CA ILE B 1182 3.75 -41.30 28.38
C ILE B 1182 4.70 -42.48 28.54
N ASN B 1183 4.14 -43.68 28.69
CA ASN B 1183 4.88 -44.92 28.84
C ASN B 1183 5.96 -44.80 29.91
N PRO B 1184 5.56 -44.69 31.18
CA PRO B 1184 6.56 -44.63 32.25
C PRO B 1184 7.27 -45.96 32.40
N PRO B 1185 8.45 -45.98 33.02
CA PRO B 1185 9.18 -47.24 33.20
C PRO B 1185 8.38 -48.22 34.03
N PRO B 1186 8.55 -49.53 33.80
CA PRO B 1186 7.75 -50.52 34.53
C PRO B 1186 7.98 -50.53 36.03
N ASP B 1187 8.94 -49.75 36.53
CA ASP B 1187 9.19 -49.64 37.96
C ASP B 1187 8.52 -48.44 38.60
N THR B 1188 7.77 -47.65 37.83
CA THR B 1188 7.11 -46.47 38.36
C THR B 1188 6.07 -46.85 39.41
N ARG B 1189 6.07 -46.13 40.52
CA ARG B 1189 5.15 -46.38 41.62
C ARG B 1189 3.84 -45.64 41.38
N LEU B 1190 2.73 -46.30 41.69
CA LEU B 1190 1.40 -45.76 41.47
C LEU B 1190 0.96 -44.92 42.66
N GLU B 1191 0.50 -43.71 42.39
CA GLU B 1191 -0.01 -42.78 43.38
C GLU B 1191 -1.53 -42.72 43.32
N PRO B 1192 -2.18 -42.29 44.40
CA PRO B 1192 -3.63 -42.08 44.35
C PRO B 1192 -3.98 -40.93 43.41
N SER B 1193 -5.27 -40.85 43.09
CA SER B 1193 -5.83 -39.89 42.13
C SER B 1193 -5.23 -40.04 40.74
N ASP B 1194 -4.64 -41.20 40.44
CA ASP B 1194 -4.03 -41.44 39.14
C ASP B 1194 -5.04 -42.00 38.16
N ILE B 1195 -4.85 -41.66 36.89
CA ILE B 1195 -5.67 -42.15 35.80
C ILE B 1195 -4.74 -42.72 34.74
N VAL B 1196 -4.96 -43.98 34.37
CA VAL B 1196 -4.08 -44.68 33.44
C VAL B 1196 -4.79 -44.78 32.10
N TYR B 1197 -4.15 -44.24 31.06
CA TYR B 1197 -4.68 -44.38 29.71
C TYR B 1197 -4.56 -45.83 29.24
N LEU B 1198 -5.63 -46.36 28.68
CA LEU B 1198 -5.69 -47.75 28.27
C LEU B 1198 -6.10 -47.85 26.81
N ILE B 1199 -5.53 -48.82 26.11
CA ILE B 1199 -6.02 -49.23 24.80
C ILE B 1199 -6.74 -50.55 25.04
N ARG B 1200 -8.04 -50.46 25.27
CA ARG B 1200 -8.86 -51.63 25.58
C ARG B 1200 -9.28 -52.30 24.27
N SER B 1201 -9.12 -53.62 24.20
CA SER B 1201 -9.37 -54.35 22.97
C SER B 1201 -10.83 -54.24 22.56
N ASP B 1202 -11.08 -54.55 21.30
CA ASP B 1202 -12.42 -54.41 20.74
C ASP B 1202 -13.38 -55.38 21.44
N PRO B 1203 -14.49 -54.89 21.99
CA PRO B 1203 -15.43 -55.80 22.67
C PRO B 1203 -16.22 -56.65 21.69
N LEU B 1204 -16.28 -56.20 20.43
CA LEU B 1204 -17.10 -56.86 19.42
C LEU B 1204 -16.38 -58.00 18.71
N ALA B 1205 -15.05 -57.96 18.65
CA ALA B 1205 -14.28 -58.98 17.95
C ALA B 1205 -14.02 -60.17 18.86
N ARG C 110 26.39 19.95 32.51
CA ARG C 110 27.06 20.78 31.51
C ARG C 110 28.57 20.82 31.75
N SER C 111 28.97 20.47 32.98
CA SER C 111 30.40 20.44 33.30
C SER C 111 31.12 19.36 32.50
N SER C 112 30.45 18.22 32.29
CA SER C 112 31.05 17.16 31.46
C SER C 112 31.26 17.63 30.03
N LEU C 113 30.33 18.43 29.50
CA LEU C 113 30.53 19.01 28.17
C LEU C 113 31.73 19.94 28.15
N ARG C 114 31.92 20.72 29.22
CA ARG C 114 33.10 21.59 29.31
C ARG C 114 34.38 20.75 29.34
N ILE C 115 34.37 19.64 30.08
CA ILE C 115 35.53 18.77 30.13
C ILE C 115 35.83 18.16 28.76
N ARG C 116 34.79 17.73 28.05
CA ARG C 116 34.99 17.17 26.71
C ARG C 116 35.54 18.22 25.75
N LEU C 117 35.02 19.45 25.82
CA LEU C 117 35.56 20.54 25.00
C LEU C 117 37.02 20.80 25.35
N PHE C 118 37.36 20.77 26.64
CA PHE C 118 38.74 20.95 27.06
C PHE C 118 39.64 19.87 26.49
N ASN C 119 39.19 18.61 26.53
CA ASN C 119 39.99 17.51 26.00
C ASN C 119 40.19 17.65 24.48
N PHE C 120 39.12 17.98 23.76
CA PHE C 120 39.23 18.15 22.31
C PHE C 120 40.16 19.31 21.97
N SER C 121 40.03 20.43 22.67
CA SER C 121 40.90 21.57 22.43
C SER C 121 42.34 21.24 22.74
N LEU C 122 42.58 20.44 23.79
CA LEU C 122 43.94 20.02 24.11
C LEU C 122 44.53 19.13 23.03
N LYS C 123 43.75 18.20 22.48
CA LYS C 123 44.24 17.38 21.38
C LYS C 123 44.58 18.24 20.16
N LEU C 124 43.69 19.17 19.83
CA LEU C 124 43.95 20.05 18.70
C LEU C 124 45.19 20.90 18.94
N LEU C 125 45.35 21.39 20.17
CA LEU C 125 46.50 22.25 20.49
C LEU C 125 47.79 21.45 20.46
N THR C 126 47.76 20.19 20.87
CA THR C 126 49.00 19.41 20.85
C THR C 126 49.40 19.02 19.43
N CYS C 127 48.44 18.74 18.54
CA CYS C 127 48.87 18.52 17.16
C CYS C 127 49.33 19.83 16.52
N LEU C 128 48.72 20.96 16.90
CA LEU C 128 49.20 22.26 16.44
C LEU C 128 50.63 22.51 16.90
N LEU C 129 50.93 22.12 18.15
CA LEU C 129 52.29 22.22 18.66
C LEU C 129 53.24 21.31 17.89
N TYR C 130 52.78 20.11 17.51
CA TYR C 130 53.63 19.22 16.71
C TYR C 130 53.96 19.85 15.35
N ILE C 131 52.97 20.44 14.69
CA ILE C 131 53.25 21.00 13.36
C ILE C 131 54.13 22.25 13.50
N VAL C 132 53.91 23.07 14.53
CA VAL C 132 54.79 24.22 14.70
C VAL C 132 56.20 23.76 15.09
N ARG C 133 56.32 22.60 15.73
CA ARG C 133 57.64 22.04 16.02
C ARG C 133 58.35 21.64 14.74
N VAL C 134 57.67 20.88 13.88
CA VAL C 134 58.34 20.39 12.67
C VAL C 134 58.63 21.54 11.71
N LEU C 135 57.78 22.58 11.72
CA LEU C 135 57.97 23.70 10.81
C LEU C 135 59.19 24.55 11.17
N LEU C 136 59.54 24.64 12.46
CA LEU C 136 60.61 25.51 12.92
C LEU C 136 61.94 24.78 13.06
N ASP C 137 62.00 23.51 12.67
CA ASP C 137 63.19 22.70 12.86
C ASP C 137 63.78 22.34 11.49
N ASP C 138 65.11 22.41 11.38
CA ASP C 138 65.84 22.09 10.17
C ASP C 138 66.74 20.87 10.41
N PRO C 139 66.79 19.93 9.46
CA PRO C 139 67.60 18.72 9.65
C PRO C 139 69.06 18.91 9.24
N ALA C 140 69.33 19.86 8.37
CA ALA C 140 70.70 20.07 7.88
C ALA C 140 71.62 20.61 8.96
N LEU C 141 71.08 21.28 9.98
CA LEU C 141 71.92 21.83 11.03
C LEU C 141 72.63 20.73 11.81
N GLY C 142 71.93 19.64 12.10
CA GLY C 142 72.50 18.54 12.85
C GLY C 142 71.46 17.80 13.67
N ILE C 143 71.51 16.47 13.64
CA ILE C 143 70.53 15.64 14.32
C ILE C 143 71.26 14.67 15.24
N GLY C 144 70.78 14.56 16.48
CA GLY C 144 71.34 13.63 17.44
C GLY C 144 70.34 13.31 18.52
N CYS C 145 70.79 12.52 19.50
CA CYS C 145 69.90 12.13 20.58
C CYS C 145 69.61 13.32 21.49
N TRP C 146 70.63 13.81 22.20
CA TRP C 146 70.55 15.04 22.97
C TRP C 146 71.91 15.36 23.58
N GLY C 147 72.17 16.65 23.83
CA GLY C 147 73.45 17.08 24.34
C GLY C 147 74.36 17.52 23.21
N CYS C 148 75.55 16.94 23.11
CA CYS C 148 76.35 17.22 21.93
C CYS C 148 76.82 15.94 21.21
N PRO C 149 75.94 14.94 20.99
CA PRO C 149 76.08 14.14 19.77
C PRO C 149 75.32 14.79 18.63
N LYS C 150 76.03 15.28 17.62
CA LYS C 150 75.40 15.99 16.51
C LYS C 150 76.26 15.82 15.27
N GLN C 151 75.70 15.17 14.25
CA GLN C 151 76.41 14.88 13.02
C GLN C 151 75.48 15.07 11.83
N ASN C 152 76.06 15.42 10.68
CA ASN C 152 75.28 15.69 9.48
C ASN C 152 75.11 14.42 8.67
N TYR C 153 73.91 14.24 8.10
CA TYR C 153 73.55 13.04 7.38
C TYR C 153 73.03 13.38 6.00
N SER C 154 73.39 12.56 5.01
CA SER C 154 73.01 12.78 3.63
C SER C 154 72.45 11.49 3.04
N PHE C 155 71.50 11.63 2.11
CA PHE C 155 70.80 10.50 1.52
C PHE C 155 71.17 10.39 0.05
N ASN C 156 71.58 9.20 -0.37
CA ASN C 156 71.95 8.93 -1.75
C ASN C 156 71.15 7.73 -2.28
N ASP C 157 70.92 7.71 -3.59
CA ASP C 157 70.12 6.65 -4.21
C ASP C 157 70.89 5.35 -4.42
N SER C 158 72.22 5.38 -4.35
CA SER C 158 73.01 4.19 -4.67
C SER C 158 72.83 3.11 -3.61
N SER C 159 73.20 3.42 -2.37
CA SER C 159 73.15 2.45 -1.29
C SER C 159 71.71 2.27 -0.82
N SER C 160 71.23 1.03 -0.83
CA SER C 160 69.87 0.73 -0.38
C SER C 160 69.75 0.73 1.14
N GLU C 161 70.87 0.78 1.87
CA GLU C 161 70.81 0.92 3.31
C GLU C 161 70.10 2.22 3.68
N ILE C 162 69.20 2.13 4.65
CA ILE C 162 68.38 3.25 5.08
C ILE C 162 68.91 3.74 6.42
N ASN C 163 69.35 4.98 6.45
CA ASN C 163 69.77 5.63 7.68
C ASN C 163 68.55 5.99 8.52
N TRP C 164 68.58 5.61 9.79
CA TRP C 164 67.46 5.86 10.69
C TRP C 164 67.71 7.00 11.67
N ALA C 165 68.94 7.51 11.75
CA ALA C 165 69.21 8.60 12.68
C ALA C 165 68.23 9.75 12.54
N PRO C 166 67.83 10.18 11.34
CA PRO C 166 66.78 11.21 11.27
C PRO C 166 65.44 10.83 11.88
N ILE C 167 65.03 9.56 11.83
CA ILE C 167 63.63 9.26 12.14
C ILE C 167 63.41 9.11 13.64
N LEU C 168 64.27 8.37 14.35
CA LEU C 168 64.11 8.29 15.80
C LEU C 168 64.26 9.66 16.45
N TRP C 169 65.28 10.41 16.06
CA TRP C 169 65.66 11.62 16.76
C TRP C 169 65.28 12.84 15.93
N VAL C 170 64.54 13.76 16.55
CA VAL C 170 64.19 15.03 15.92
C VAL C 170 64.59 16.15 16.87
N GLU C 171 65.30 17.15 16.35
CA GLU C 171 65.76 18.25 17.17
C GLU C 171 64.58 19.06 17.69
N ARG C 172 64.63 19.41 18.98
CA ARG C 172 63.54 20.11 19.64
C ARG C 172 64.10 21.05 20.69
N LYS C 173 63.51 22.24 20.80
CA LYS C 173 63.94 23.23 21.78
C LYS C 173 63.39 22.90 23.16
N MET C 174 64.00 23.51 24.18
CA MET C 174 63.57 23.29 25.56
C MET C 174 62.14 23.76 25.78
N THR C 175 61.80 24.94 25.25
CA THR C 175 60.48 25.51 25.50
C THR C 175 59.38 24.65 24.91
N LEU C 176 59.55 24.20 23.66
CA LEU C 176 58.53 23.37 23.03
C LEU C 176 58.35 22.06 23.77
N TRP C 177 59.45 21.41 24.15
CA TRP C 177 59.37 20.15 24.87
C TRP C 177 58.69 20.33 26.22
N ALA C 178 59.07 21.37 26.97
CA ALA C 178 58.48 21.60 28.27
C ALA C 178 56.98 21.90 28.17
N ILE C 179 56.59 22.69 27.17
CA ILE C 179 55.17 23.00 27.00
C ILE C 179 54.39 21.76 26.59
N GLN C 180 54.96 20.94 25.70
CA GLN C 180 54.25 19.77 25.19
C GLN C 180 54.10 18.69 26.26
N VAL C 181 55.11 18.52 27.11
CA VAL C 181 55.02 17.51 28.16
C VAL C 181 53.90 17.82 29.13
N ILE C 182 53.72 19.10 29.47
CA ILE C 182 52.64 19.50 30.36
C ILE C 182 51.29 19.14 29.76
N VAL C 183 51.10 19.46 28.48
CA VAL C 183 49.84 19.16 27.80
C VAL C 183 49.59 17.66 27.77
N ALA C 184 50.62 16.87 27.47
CA ALA C 184 50.47 15.42 27.44
C ALA C 184 50.08 14.89 28.82
N ILE C 185 50.74 15.38 29.87
CA ILE C 185 50.46 14.90 31.22
C ILE C 185 49.03 15.23 31.62
N ILE C 186 48.59 16.47 31.38
CA ILE C 186 47.26 16.85 31.81
C ILE C 186 46.20 16.12 31.00
N SER C 187 46.44 15.90 29.70
CA SER C 187 45.51 15.11 28.91
C SER C 187 45.41 13.68 29.43
N PHE C 188 46.55 13.09 29.78
CA PHE C 188 46.59 11.72 30.29
C PHE C 188 45.82 11.60 31.60
N LEU C 189 46.04 12.56 32.50
CA LEU C 189 45.33 12.58 33.77
C LEU C 189 43.83 12.77 33.57
N GLU C 190 43.43 13.64 32.64
CA GLU C 190 42.01 13.84 32.36
C GLU C 190 41.39 12.57 31.79
N THR C 191 42.14 11.86 30.92
CA THR C 191 41.62 10.63 30.34
C THR C 191 41.33 9.59 31.41
N MET C 192 42.31 9.31 32.28
CA MET C 192 41.97 8.36 33.34
C MET C 192 41.00 8.91 34.38
N LEU C 193 40.93 10.22 34.57
CA LEU C 193 39.92 10.75 35.48
C LEU C 193 38.53 10.46 34.97
N LEU C 194 38.29 10.70 33.69
CA LEU C 194 37.00 10.37 33.10
C LEU C 194 36.76 8.87 32.98
N ILE C 195 37.82 8.07 32.78
CA ILE C 195 37.63 6.63 32.72
C ILE C 195 37.23 6.08 34.09
N TYR C 196 37.93 6.51 35.14
CA TYR C 196 37.56 6.11 36.49
C TYR C 196 36.21 6.69 36.90
N LEU C 197 35.82 7.82 36.29
CA LEU C 197 34.49 8.37 36.55
C LEU C 197 33.40 7.49 35.94
N SER C 198 33.71 6.79 34.86
CA SER C 198 32.72 5.97 34.14
C SER C 198 33.24 4.53 34.03
N TYR C 199 32.81 3.68 34.97
CA TYR C 199 33.14 2.25 34.91
C TYR C 199 32.08 1.43 34.20
N LYS C 200 30.79 1.78 34.37
CA LYS C 200 29.67 1.02 33.83
C LYS C 200 29.68 -0.43 34.30
N GLY C 201 30.30 -0.69 35.46
CA GLY C 201 30.40 -2.05 35.96
C GLY C 201 31.27 -2.95 35.12
N ASN C 202 32.17 -2.38 34.31
CA ASN C 202 33.01 -3.17 33.42
C ASN C 202 34.30 -2.41 33.19
N ILE C 203 35.36 -2.80 33.92
CA ILE C 203 36.68 -2.22 33.69
C ILE C 203 37.35 -2.83 32.47
N TRP C 204 37.03 -4.07 32.13
CA TRP C 204 37.60 -4.75 30.98
C TRP C 204 37.13 -4.08 29.69
N GLU C 205 37.61 -4.61 28.56
CA GLU C 205 37.24 -4.17 27.22
C GLU C 205 37.69 -2.73 26.94
N GLN C 206 38.34 -2.09 27.90
CA GLN C 206 38.91 -0.77 27.67
C GLN C 206 40.18 -0.84 26.83
N ILE C 207 40.91 -1.94 26.89
CA ILE C 207 42.12 -2.10 26.10
C ILE C 207 41.77 -2.28 24.63
N PHE C 208 40.78 -3.12 24.32
CA PHE C 208 40.43 -3.44 22.95
C PHE C 208 39.65 -2.32 22.25
N ARG C 209 39.00 -1.43 23.00
CA ARG C 209 38.46 -0.22 22.42
C ARG C 209 39.61 0.60 21.85
N VAL C 210 39.64 0.83 20.54
CA VAL C 210 40.79 1.53 19.97
C VAL C 210 40.54 3.02 20.06
N SER C 211 40.68 3.56 21.28
CA SER C 211 40.87 4.97 21.54
C SER C 211 41.88 5.24 22.64
N PHE C 212 42.14 4.27 23.52
CA PHE C 212 43.05 4.41 24.64
C PHE C 212 44.46 3.95 24.33
N VAL C 213 44.61 2.95 23.45
CA VAL C 213 45.94 2.51 23.06
C VAL C 213 46.69 3.64 22.35
N LEU C 214 46.00 4.34 21.45
CA LEU C 214 46.62 5.47 20.77
C LEU C 214 47.00 6.57 21.75
N GLU C 215 46.11 6.88 22.69
CA GLU C 215 46.40 7.89 23.69
C GLU C 215 47.63 7.51 24.51
N MET C 216 47.69 6.24 24.93
CA MET C 216 48.81 5.80 25.75
C MET C 216 50.12 5.87 24.99
N ILE C 217 50.12 5.40 23.73
CA ILE C 217 51.32 5.40 22.91
C ILE C 217 51.80 6.82 22.59
N ASN C 218 50.88 7.76 22.35
CA ASN C 218 51.29 9.12 22.08
C ASN C 218 51.55 9.94 23.34
N THR C 219 51.19 9.44 24.52
CA THR C 219 51.33 10.21 25.74
C THR C 219 52.49 9.76 26.63
N LEU C 220 52.58 8.47 26.95
CA LEU C 220 53.58 7.98 27.90
C LEU C 220 55.02 8.38 27.57
N PRO C 221 55.45 8.36 26.30
CA PRO C 221 56.82 8.79 26.00
C PRO C 221 57.14 10.20 26.49
N PHE C 222 56.16 11.10 26.51
CA PHE C 222 56.42 12.44 27.02
C PHE C 222 56.75 12.46 28.50
N ILE C 223 56.22 11.50 29.27
CA ILE C 223 56.62 11.36 30.66
C ILE C 223 57.93 10.59 30.78
N ILE C 224 58.18 9.64 29.88
CA ILE C 224 59.41 8.87 29.92
C ILE C 224 60.62 9.77 29.64
N THR C 225 60.44 10.77 28.77
CA THR C 225 61.55 11.65 28.40
C THR C 225 62.15 12.37 29.60
N ILE C 226 61.36 12.61 30.64
CA ILE C 226 61.88 13.24 31.84
C ILE C 226 62.90 12.35 32.54
N PHE C 227 62.68 11.04 32.54
CA PHE C 227 63.60 10.14 33.23
C PHE C 227 65.00 10.20 32.62
N TRP C 228 65.09 10.21 31.29
CA TRP C 228 66.36 10.18 30.58
C TRP C 228 66.58 11.53 29.88
N PRO C 229 67.51 12.39 30.32
CA PRO C 229 67.83 13.65 29.50
C PRO C 229 68.16 13.37 28.04
N PRO C 230 68.87 12.28 27.68
CA PRO C 230 69.15 12.08 26.25
C PRO C 230 67.91 11.82 25.42
N LEU C 231 66.81 11.38 26.04
CA LEU C 231 65.67 10.89 25.29
C LEU C 231 64.64 11.97 25.01
N ARG C 232 64.91 13.23 25.37
CA ARG C 232 63.91 14.28 25.22
C ARG C 232 63.55 14.52 23.76
N ASN C 233 64.55 14.56 22.88
CA ASN C 233 64.32 14.93 21.47
C ASN C 233 64.05 13.69 20.63
N LEU C 234 63.02 12.94 21.03
CA LEU C 234 62.67 11.67 20.40
C LEU C 234 61.32 11.80 19.70
N PHE C 235 61.16 11.09 18.59
CA PHE C 235 59.91 11.12 17.85
C PHE C 235 58.80 10.49 18.69
N ILE C 236 57.74 11.26 18.91
CA ILE C 236 56.50 10.75 19.48
C ILE C 236 55.38 11.06 18.50
N PRO C 237 54.65 10.06 17.99
CA PRO C 237 53.63 10.32 16.96
C PRO C 237 52.44 11.08 17.50
N VAL C 238 52.62 12.38 17.75
CA VAL C 238 51.55 13.22 18.23
C VAL C 238 50.43 13.37 17.20
N PHE C 239 50.78 13.32 15.92
CA PHE C 239 49.81 13.61 14.86
C PHE C 239 48.69 12.57 14.77
N LEU C 240 48.75 11.50 15.55
CA LEU C 240 47.58 10.63 15.67
C LEU C 240 46.56 11.17 16.67
N ASN C 241 46.90 12.19 17.47
CA ASN C 241 45.97 12.68 18.48
C ASN C 241 44.76 13.37 17.87
N CYS C 242 44.81 13.73 16.59
CA CYS C 242 43.65 14.34 15.94
C CYS C 242 42.56 13.31 15.67
N TRP C 243 42.90 12.02 15.59
CA TRP C 243 41.89 10.95 15.67
C TRP C 243 41.12 11.03 16.99
N LEU C 244 41.84 11.19 18.11
CA LEU C 244 41.17 11.34 19.40
C LEU C 244 40.35 12.62 19.45
N ALA C 245 40.85 13.68 18.81
CA ALA C 245 40.07 14.92 18.73
C ALA C 245 38.76 14.69 18.00
N LYS C 246 38.80 13.95 16.89
CA LYS C 246 37.57 13.60 16.17
C LYS C 246 36.65 12.76 17.05
N HIS C 247 37.21 11.80 17.79
CA HIS C 247 36.41 10.97 18.67
C HIS C 247 35.68 11.80 19.72
N ALA C 248 36.41 12.73 20.35
CA ALA C 248 35.78 13.61 21.33
C ALA C 248 34.74 14.52 20.69
N LEU C 249 34.99 15.02 19.49
CA LEU C 249 34.04 15.89 18.82
C LEU C 249 32.74 15.15 18.51
N GLU C 250 32.84 13.91 18.01
CA GLU C 250 31.63 13.17 17.69
C GLU C 250 30.91 12.72 18.96
N ASN C 251 31.66 12.44 20.03
CA ASN C 251 31.01 12.21 21.32
C ASN C 251 30.28 13.44 21.83
N MET C 252 30.80 14.63 21.54
CA MET C 252 30.14 15.87 21.96
C MET C 252 28.89 16.18 21.15
N ILE C 253 28.92 15.90 19.85
CA ILE C 253 27.77 16.22 19.00
C ILE C 253 26.56 15.37 19.37
N ASN C 254 26.79 14.12 19.78
CA ASN C 254 25.67 13.22 20.08
C ASN C 254 24.73 13.83 21.13
N ASP C 255 25.27 14.65 22.03
CA ASP C 255 24.43 15.31 23.03
C ASP C 255 23.97 16.69 22.56
N PHE C 256 24.93 17.56 22.25
CA PHE C 256 24.64 18.95 21.89
C PHE C 256 24.75 19.15 20.38
N HIS C 257 23.82 19.93 19.83
CA HIS C 257 23.83 20.21 18.40
C HIS C 257 25.07 20.99 17.99
N ARG C 258 25.43 22.00 18.78
CA ARG C 258 26.59 22.82 18.48
C ARG C 258 27.11 23.53 19.74
N SER C 265 19.83 20.41 11.43
CA SER C 265 21.15 20.03 11.93
C SER C 265 21.23 18.53 12.17
N ALA C 266 20.65 17.75 11.26
CA ALA C 266 20.67 16.30 11.33
C ALA C 266 21.68 15.68 10.38
N MET C 267 21.58 15.98 9.08
CA MET C 267 22.56 15.49 8.11
C MET C 267 23.86 16.27 8.16
N PHE C 268 23.80 17.56 8.48
CA PHE C 268 25.02 18.37 8.59
C PHE C 268 25.92 17.86 9.71
N ASN C 269 25.31 17.32 10.76
CA ASN C 269 26.09 16.83 11.90
C ASN C 269 27.04 15.71 11.49
N GLN C 270 26.57 14.76 10.68
CA GLN C 270 27.40 13.67 10.20
C GLN C 270 28.27 14.05 9.01
N VAL C 271 27.82 15.01 8.19
CA VAL C 271 28.69 15.56 7.16
C VAL C 271 29.92 16.20 7.80
N LEU C 272 29.74 16.84 8.95
CA LEU C 272 30.88 17.41 9.66
C LEU C 272 31.82 16.30 10.15
N ILE C 273 31.27 15.16 10.60
CA ILE C 273 32.12 14.05 11.00
C ILE C 273 32.90 13.54 9.80
N LEU C 274 32.26 13.42 8.64
CA LEU C 274 32.97 13.03 7.42
C LEU C 274 34.09 14.01 7.10
N PHE C 275 33.79 15.32 7.21
CA PHE C 275 34.76 16.34 6.84
C PHE C 275 35.96 16.34 7.80
N CYS C 276 35.70 16.25 9.10
CA CYS C 276 36.81 16.22 10.04
C CYS C 276 37.57 14.91 9.95
N THR C 277 36.90 13.81 9.60
CA THR C 277 37.61 12.57 9.31
C THR C 277 38.53 12.76 8.13
N LEU C 278 38.09 13.50 7.12
CA LEU C 278 38.92 13.77 5.96
C LEU C 278 40.16 14.59 6.34
N LEU C 279 39.97 15.63 7.15
CA LEU C 279 41.10 16.43 7.61
C LEU C 279 42.03 15.60 8.49
N CYS C 280 41.47 14.71 9.30
CA CYS C 280 42.26 13.82 10.12
C CYS C 280 43.15 12.94 9.26
N LEU C 281 42.54 12.29 8.25
CA LEU C 281 43.28 11.42 7.36
C LEU C 281 44.39 12.18 6.65
N VAL C 282 44.05 13.35 6.08
CA VAL C 282 45.01 14.12 5.31
C VAL C 282 46.16 14.60 6.21
N PHE C 283 45.83 15.08 7.41
CA PHE C 283 46.85 15.61 8.32
C PHE C 283 47.79 14.51 8.78
N THR C 284 47.23 13.36 9.19
CA THR C 284 48.06 12.23 9.57
C THR C 284 48.97 11.82 8.42
N GLY C 285 48.41 11.70 7.21
CA GLY C 285 49.20 11.32 6.05
C GLY C 285 50.33 12.28 5.76
N THR C 286 50.04 13.59 5.74
CA THR C 286 51.07 14.56 5.37
C THR C 286 52.18 14.62 6.42
N CYS C 287 51.82 14.61 7.70
CA CYS C 287 52.86 14.64 8.72
C CYS C 287 53.71 13.37 8.71
N GLY C 288 53.06 12.21 8.56
CA GLY C 288 53.83 10.98 8.48
C GLY C 288 54.75 10.95 7.27
N ILE C 289 54.24 11.36 6.11
CA ILE C 289 55.06 11.39 4.91
C ILE C 289 56.24 12.33 5.08
N GLN C 290 56.00 13.53 5.63
CA GLN C 290 57.09 14.49 5.79
C GLN C 290 58.15 13.95 6.75
N HIS C 291 57.74 13.36 7.87
CA HIS C 291 58.73 12.98 8.86
C HIS C 291 59.47 11.73 8.42
N LEU C 292 58.80 10.82 7.70
CA LEU C 292 59.50 9.65 7.17
C LEU C 292 60.37 10.03 5.97
N GLU C 293 60.07 11.16 5.33
CA GLU C 293 60.92 11.72 4.28
C GLU C 293 61.92 12.73 4.83
N ARG C 294 62.00 12.89 6.15
CA ARG C 294 63.08 13.66 6.72
C ARG C 294 64.42 12.97 6.53
N ALA C 295 64.43 11.63 6.51
CA ALA C 295 65.66 10.89 6.24
C ALA C 295 66.04 10.96 4.77
N GLY C 296 65.05 10.93 3.88
CA GLY C 296 65.31 10.96 2.45
C GLY C 296 64.34 11.85 1.69
N GLU C 297 64.84 12.51 0.64
CA GLU C 297 64.16 13.51 -0.17
C GLU C 297 64.06 14.87 0.52
N ASN C 298 64.37 14.91 1.82
CA ASN C 298 64.39 16.14 2.63
C ASN C 298 63.26 17.08 2.19
N LEU C 299 62.04 16.56 2.19
CA LEU C 299 60.92 17.31 1.60
C LEU C 299 60.11 18.02 2.69
N SER C 300 59.75 19.27 2.39
CA SER C 300 59.12 20.15 3.36
C SER C 300 57.68 19.73 3.63
N LEU C 301 57.11 20.31 4.68
CA LEU C 301 55.77 19.93 5.10
C LEU C 301 54.70 20.29 4.07
N LEU C 302 54.84 21.47 3.44
CA LEU C 302 53.83 21.89 2.47
C LEU C 302 53.84 20.97 1.26
N THR C 303 55.04 20.60 0.79
CA THR C 303 55.13 19.64 -0.31
C THR C 303 54.51 18.31 0.07
N SER C 304 54.68 17.90 1.34
CA SER C 304 54.01 16.70 1.82
C SER C 304 52.49 16.83 1.77
N PHE C 305 51.98 17.99 2.18
CA PHE C 305 50.53 18.21 2.13
C PHE C 305 50.02 18.16 0.68
N TYR C 306 50.74 18.81 -0.23
CA TYR C 306 50.34 18.80 -1.64
C TYR C 306 50.37 17.39 -2.22
N PHE C 307 51.42 16.63 -1.90
CA PHE C 307 51.52 15.24 -2.36
C PHE C 307 50.37 14.41 -1.81
N CYS C 308 50.06 14.61 -0.52
CA CYS C 308 48.99 13.83 0.10
C CYS C 308 47.63 14.16 -0.47
N ILE C 309 47.36 15.43 -0.78
CA ILE C 309 46.06 15.75 -1.35
C ILE C 309 45.97 15.30 -2.81
N VAL C 310 47.06 15.40 -3.58
CA VAL C 310 46.97 14.95 -4.97
C VAL C 310 46.92 13.43 -5.07
N THR C 311 47.45 12.70 -4.08
CA THR C 311 47.21 11.26 -4.06
C THR C 311 45.88 10.92 -3.39
N PHE C 312 45.30 11.87 -2.66
CA PHE C 312 43.96 11.68 -2.12
C PHE C 312 42.92 11.59 -3.24
N SER C 313 42.97 12.53 -4.18
CA SER C 313 42.03 12.54 -5.29
C SER C 313 42.22 11.37 -6.23
N THR C 314 43.25 10.54 -6.02
CA THR C 314 43.58 9.39 -6.86
C THR C 314 44.25 9.90 -8.14
N VAL C 315 44.90 11.06 -8.06
CA VAL C 315 45.45 11.69 -9.25
C VAL C 315 46.85 11.16 -9.54
N GLY C 316 47.75 11.27 -8.57
CA GLY C 316 49.09 10.71 -8.70
C GLY C 316 49.96 11.36 -9.75
N TYR C 317 50.40 12.59 -9.50
CA TYR C 317 51.23 13.31 -10.46
C TYR C 317 52.58 12.63 -10.66
N GLY C 318 53.21 12.19 -9.57
CA GLY C 318 54.51 11.58 -9.66
C GLY C 318 55.69 12.53 -9.58
N ASP C 319 55.45 13.84 -9.55
CA ASP C 319 56.55 14.79 -9.42
C ASP C 319 57.26 14.62 -8.08
N VAL C 320 56.50 14.43 -7.01
CA VAL C 320 57.03 14.10 -5.70
C VAL C 320 56.50 12.72 -5.32
N THR C 321 57.41 11.79 -5.09
CA THR C 321 57.04 10.40 -4.86
C THR C 321 58.04 9.78 -3.91
N PRO C 322 57.59 9.01 -2.91
CA PRO C 322 58.52 8.36 -2.00
C PRO C 322 59.46 7.43 -2.75
N LYS C 323 60.74 7.45 -2.37
CA LYS C 323 61.74 6.55 -2.93
C LYS C 323 62.37 5.67 -1.86
N ILE C 324 61.77 5.59 -0.68
CA ILE C 324 62.36 4.86 0.45
C ILE C 324 61.32 3.90 1.01
N TRP C 325 61.82 2.84 1.66
CA TRP C 325 61.05 1.71 2.16
C TRP C 325 59.94 2.16 3.12
N PRO C 326 60.26 2.81 4.25
CA PRO C 326 59.18 3.14 5.19
C PRO C 326 58.15 4.09 4.61
N SER C 327 58.56 5.03 3.76
CA SER C 327 57.61 5.99 3.22
C SER C 327 56.67 5.33 2.21
N GLN C 328 57.20 4.44 1.37
CA GLN C 328 56.33 3.70 0.45
C GLN C 328 55.35 2.83 1.22
N LEU C 329 55.84 2.12 2.25
CA LEU C 329 54.93 1.30 3.04
C LEU C 329 53.90 2.16 3.77
N LEU C 330 54.29 3.37 4.21
CA LEU C 330 53.34 4.28 4.86
C LEU C 330 52.27 4.72 3.87
N VAL C 331 52.66 5.03 2.64
CA VAL C 331 51.66 5.35 1.61
C VAL C 331 50.70 4.17 1.43
N VAL C 332 51.25 2.95 1.42
CA VAL C 332 50.42 1.77 1.21
C VAL C 332 49.39 1.63 2.34
N ILE C 333 49.85 1.68 3.59
CA ILE C 333 48.95 1.47 4.72
C ILE C 333 47.95 2.63 4.80
N MET C 334 48.39 3.84 4.47
CA MET C 334 47.50 5.00 4.52
C MET C 334 46.38 4.85 3.51
N ILE C 335 46.73 4.40 2.29
CA ILE C 335 45.71 4.17 1.26
C ILE C 335 44.74 3.09 1.69
N CYS C 336 45.27 1.99 2.25
CA CYS C 336 44.39 0.91 2.69
C CYS C 336 43.46 1.37 3.81
N VAL C 337 43.98 2.13 4.77
CA VAL C 337 43.17 2.62 5.88
C VAL C 337 42.08 3.55 5.36
N ALA C 338 42.42 4.43 4.41
CA ALA C 338 41.41 5.31 3.83
C ALA C 338 40.32 4.51 3.13
N LEU C 339 40.72 3.58 2.26
CA LEU C 339 39.76 2.78 1.52
C LEU C 339 38.95 1.86 2.43
N VAL C 340 39.40 1.67 3.67
CA VAL C 340 38.63 0.91 4.65
C VAL C 340 37.67 1.78 5.45
N VAL C 341 38.08 3.00 5.85
CA VAL C 341 37.29 3.77 6.80
C VAL C 341 36.28 4.66 6.07
N LEU C 342 36.67 5.26 4.95
CA LEU C 342 35.79 6.20 4.26
C LEU C 342 34.48 5.58 3.75
N PRO C 343 34.48 4.37 3.17
CA PRO C 343 33.19 3.79 2.75
C PRO C 343 32.22 3.61 3.90
N LEU C 344 32.68 3.42 5.12
CA LEU C 344 31.77 3.39 6.27
C LEU C 344 31.08 4.73 6.44
N GLN C 345 31.84 5.83 6.33
CA GLN C 345 31.24 7.16 6.41
C GLN C 345 30.25 7.39 5.27
N PHE C 346 30.60 6.95 4.07
CA PHE C 346 29.68 7.10 2.94
C PHE C 346 28.41 6.30 3.15
N GLU C 347 28.52 5.08 3.68
CA GLU C 347 27.34 4.26 3.97
C GLU C 347 26.46 4.93 5.01
N GLU C 348 27.05 5.48 6.06
CA GLU C 348 26.28 6.20 7.06
C GLU C 348 25.60 7.43 6.43
N LEU C 349 26.31 8.14 5.55
CA LEU C 349 25.74 9.33 4.93
C LEU C 349 24.54 8.98 4.05
N VAL C 350 24.64 7.92 3.26
CA VAL C 350 23.50 7.55 2.40
C VAL C 350 22.37 6.98 3.24
N TYR C 351 22.68 6.29 4.34
CA TYR C 351 21.65 5.84 5.26
C TYR C 351 20.85 7.02 5.81
N LEU C 352 21.56 8.04 6.28
CA LEU C 352 20.89 9.24 6.78
C LEU C 352 20.16 9.98 5.67
N TRP C 353 20.67 9.92 4.44
CA TRP C 353 20.01 10.55 3.31
C TRP C 353 18.66 9.88 3.03
N MET C 354 18.63 8.55 3.02
CA MET C 354 17.36 7.86 2.81
C MET C 354 16.39 8.10 3.96
N GLU C 355 16.89 8.08 5.21
CA GLU C 355 16.00 8.39 6.32
C GLU C 355 15.50 9.83 6.26
N ARG C 356 16.27 10.73 5.64
CA ARG C 356 15.83 12.10 5.43
C ARG C 356 14.79 12.22 4.34
N GLN C 357 14.75 11.26 3.41
CA GLN C 357 13.80 11.24 2.30
C GLN C 357 12.42 10.76 2.73
N LYS C 358 12.19 10.49 4.01
CA LYS C 358 10.89 10.01 4.47
C LYS C 358 10.61 10.48 5.89
N GLN C 369 10.67 31.76 -0.32
CA GLN C 369 10.64 32.20 -1.70
C GLN C 369 10.39 33.71 -1.79
N THR C 370 9.20 34.08 -2.24
CA THR C 370 8.81 35.48 -2.39
C THR C 370 7.66 35.78 -1.42
N GLU C 371 7.29 37.05 -1.36
CA GLU C 371 6.11 37.46 -0.61
C GLU C 371 4.88 37.35 -1.51
N LYS C 372 3.73 37.75 -0.98
CA LYS C 372 2.47 37.78 -1.72
C LYS C 372 2.11 36.39 -2.24
N HIS C 373 1.85 35.46 -1.32
CA HIS C 373 1.47 34.11 -1.66
C HIS C 373 0.04 33.83 -1.24
N VAL C 374 -0.49 32.72 -1.76
CA VAL C 374 -1.88 32.31 -1.53
C VAL C 374 -1.87 30.85 -1.11
N VAL C 375 -2.62 30.52 -0.06
CA VAL C 375 -2.65 29.16 0.49
C VAL C 375 -3.97 28.50 0.09
N LEU C 376 -3.87 27.25 -0.37
CA LEU C 376 -5.02 26.45 -0.81
C LEU C 376 -5.09 25.24 0.10
N CYS C 377 -6.04 25.25 1.04
CA CYS C 377 -6.20 24.19 2.02
C CYS C 377 -7.29 23.24 1.55
N VAL C 378 -6.89 22.05 1.10
CA VAL C 378 -7.81 21.03 0.62
C VAL C 378 -7.62 19.77 1.44
N SER C 379 -8.51 18.80 1.23
CA SER C 379 -8.43 17.49 1.85
C SER C 379 -7.79 16.45 0.94
N SER C 380 -8.16 16.44 -0.34
CA SER C 380 -7.54 15.57 -1.32
C SER C 380 -7.47 16.33 -2.64
N LEU C 381 -6.25 16.54 -3.14
CA LEU C 381 -6.04 17.36 -4.32
C LEU C 381 -6.03 16.50 -5.57
N LYS C 382 -6.85 16.88 -6.56
CA LYS C 382 -6.89 16.22 -7.85
C LYS C 382 -6.33 17.14 -8.93
N ILE C 383 -6.06 16.53 -10.09
CA ILE C 383 -5.49 17.29 -11.20
C ILE C 383 -6.51 18.29 -11.73
N ASP C 384 -7.79 17.92 -11.78
CA ASP C 384 -8.80 18.83 -12.33
C ASP C 384 -8.97 20.06 -11.45
N LEU C 385 -9.08 19.87 -10.13
CA LEU C 385 -9.24 20.98 -9.21
C LEU C 385 -8.02 21.90 -9.24
N LEU C 386 -6.82 21.30 -9.26
CA LEU C 386 -5.59 22.10 -9.29
C LEU C 386 -5.49 22.89 -10.58
N MET C 387 -5.81 22.27 -11.72
CA MET C 387 -5.76 22.98 -12.99
C MET C 387 -6.79 24.10 -13.03
N ASP C 388 -8.00 23.85 -12.51
CA ASP C 388 -9.01 24.90 -12.45
C ASP C 388 -8.50 26.08 -11.64
N PHE C 389 -7.93 25.81 -10.46
CA PHE C 389 -7.42 26.88 -9.62
C PHE C 389 -6.31 27.65 -10.31
N LEU C 390 -5.36 26.94 -10.93
CA LEU C 390 -4.25 27.61 -11.58
C LEU C 390 -4.72 28.48 -12.74
N ASN C 391 -5.63 27.95 -13.56
CA ASN C 391 -6.12 28.69 -14.71
C ASN C 391 -6.89 29.93 -14.28
N GLU C 392 -7.71 29.80 -13.23
CA GLU C 392 -8.51 30.95 -12.78
C GLU C 392 -7.64 31.97 -12.04
N PHE C 393 -6.61 31.51 -11.35
CA PHE C 393 -5.77 32.41 -10.55
C PHE C 393 -4.78 33.18 -11.41
N TYR C 394 -4.04 32.46 -12.27
CA TYR C 394 -2.98 33.09 -13.05
C TYR C 394 -3.47 33.64 -14.38
N ALA C 395 -4.78 33.76 -14.58
CA ALA C 395 -5.31 34.46 -15.74
C ALA C 395 -5.31 35.96 -15.57
N HIS C 396 -5.08 36.46 -14.36
CA HIS C 396 -5.05 37.86 -14.01
C HIS C 396 -3.63 38.40 -14.01
N PRO C 397 -3.39 39.53 -14.68
CA PRO C 397 -2.03 40.08 -14.73
C PRO C 397 -1.49 40.49 -13.37
N ARG C 398 -2.37 40.84 -12.43
CA ARG C 398 -1.92 41.29 -11.11
C ARG C 398 -1.39 40.15 -10.26
N LEU C 399 -1.86 38.92 -10.46
CA LEU C 399 -1.46 37.78 -9.65
C LEU C 399 -0.45 36.89 -10.36
N GLN C 400 0.41 37.47 -11.21
CA GLN C 400 1.45 36.70 -11.86
C GLN C 400 2.62 36.39 -10.93
N ASP C 401 2.90 37.27 -9.97
CA ASP C 401 4.00 37.07 -9.03
C ASP C 401 3.63 36.22 -7.83
N TYR C 402 2.33 35.95 -7.63
CA TYR C 402 1.90 35.13 -6.52
C TYR C 402 2.30 33.67 -6.73
N TYR C 403 2.59 32.99 -5.63
CA TYR C 403 2.81 31.55 -5.66
C TYR C 403 1.87 30.88 -4.67
N VAL C 404 1.52 29.64 -4.96
CA VAL C 404 0.44 28.93 -4.28
C VAL C 404 1.04 27.87 -3.36
N VAL C 405 0.64 27.90 -2.09
CA VAL C 405 0.97 26.85 -1.14
C VAL C 405 -0.26 25.98 -0.95
N ILE C 406 -0.07 24.67 -1.07
CA ILE C 406 -1.17 23.71 -0.99
C ILE C 406 -0.97 22.88 0.26
N LEU C 407 -1.89 23.02 1.21
CA LEU C 407 -1.87 22.23 2.44
C LEU C 407 -2.85 21.07 2.28
N CYS C 408 -2.31 19.86 2.13
CA CYS C 408 -3.12 18.68 1.94
C CYS C 408 -2.60 17.58 2.86
N PRO C 409 -3.47 17.00 3.69
CA PRO C 409 -3.02 15.92 4.60
C PRO C 409 -2.60 14.65 3.87
N THR C 410 -2.87 14.52 2.59
CA THR C 410 -2.54 13.34 1.81
C THR C 410 -1.30 13.58 0.96
N GLU C 411 -0.74 12.49 0.44
CA GLU C 411 0.51 12.55 -0.28
C GLU C 411 0.21 12.83 -1.76
N MET C 412 1.13 13.52 -2.42
CA MET C 412 0.85 14.06 -3.75
C MET C 412 0.54 12.97 -4.76
N ASP C 413 -0.54 13.16 -5.53
CA ASP C 413 -0.93 12.20 -6.56
C ASP C 413 0.04 12.30 -7.74
N VAL C 414 0.14 11.19 -8.49
CA VAL C 414 1.11 11.10 -9.57
C VAL C 414 0.84 12.15 -10.64
N GLN C 415 -0.43 12.36 -11.00
CA GLN C 415 -0.75 13.39 -11.97
C GLN C 415 -0.42 14.78 -11.43
N VAL C 416 -0.67 14.99 -10.14
CA VAL C 416 -0.29 16.26 -9.51
C VAL C 416 1.23 16.44 -9.57
N ARG C 417 1.98 15.36 -9.36
CA ARG C 417 3.44 15.46 -9.49
C ARG C 417 3.83 15.81 -10.91
N ARG C 418 3.20 15.18 -11.90
CA ARG C 418 3.53 15.46 -13.29
C ARG C 418 3.27 16.93 -13.64
N VAL C 419 2.15 17.48 -13.17
CA VAL C 419 1.86 18.87 -13.49
C VAL C 419 2.76 19.81 -12.68
N LEU C 420 3.16 19.42 -11.47
CA LEU C 420 3.95 20.32 -10.63
C LEU C 420 5.43 20.30 -10.94
N GLN C 421 5.93 19.29 -11.66
CA GLN C 421 7.28 19.30 -12.18
C GLN C 421 7.39 19.95 -13.55
N ILE C 422 6.29 20.46 -14.09
CA ILE C 422 6.37 21.33 -15.26
C ILE C 422 7.09 22.62 -14.87
N PRO C 423 8.02 23.13 -15.69
CA PRO C 423 8.75 24.35 -15.30
C PRO C 423 7.87 25.55 -15.04
N LEU C 424 6.70 25.63 -15.68
CA LEU C 424 5.79 26.74 -15.42
C LEU C 424 5.25 26.72 -14.00
N TRP C 425 4.94 25.55 -13.47
CA TRP C 425 4.33 25.43 -12.14
C TRP C 425 5.30 24.93 -11.08
N SER C 426 6.56 24.70 -11.43
CA SER C 426 7.49 24.11 -10.46
C SER C 426 7.79 25.06 -9.31
N GLN C 427 8.04 26.33 -9.61
CA GLN C 427 8.34 27.31 -8.57
C GLN C 427 7.11 28.09 -8.12
N ARG C 428 5.98 27.93 -8.80
CA ARG C 428 4.77 28.67 -8.41
C ARG C 428 3.90 27.90 -7.43
N VAL C 429 3.97 26.58 -7.43
CA VAL C 429 3.11 25.75 -6.57
C VAL C 429 3.99 25.03 -5.56
N ILE C 430 3.72 25.26 -4.29
CA ILE C 430 4.40 24.57 -3.19
C ILE C 430 3.39 23.64 -2.52
N TYR C 431 3.76 22.36 -2.41
CA TYR C 431 2.88 21.34 -1.86
C TYR C 431 3.41 20.93 -0.49
N LEU C 432 2.65 21.26 0.56
CA LEU C 432 2.98 20.87 1.91
C LEU C 432 2.01 19.79 2.38
N GLN C 433 2.55 18.68 2.87
CA GLN C 433 1.73 17.59 3.39
C GLN C 433 1.48 17.87 4.87
N GLY C 434 0.29 18.36 5.19
CA GLY C 434 -0.03 18.69 6.56
C GLY C 434 -1.50 19.01 6.71
N SER C 435 -1.87 19.42 7.92
CA SER C 435 -3.25 19.71 8.26
C SER C 435 -3.34 21.12 8.84
N ALA C 436 -4.43 21.82 8.51
CA ALA C 436 -4.64 23.16 9.02
C ALA C 436 -4.92 23.19 10.51
N LEU C 437 -5.29 22.05 11.11
CA LEU C 437 -5.56 22.01 12.55
C LEU C 437 -4.30 21.92 13.38
N LYS C 438 -3.14 21.73 12.76
CA LYS C 438 -1.84 21.77 13.44
C LYS C 438 -1.18 23.09 13.10
N ASP C 439 -0.81 23.86 14.12
CA ASP C 439 -0.23 25.18 13.90
C ASP C 439 1.12 25.11 13.21
N GLN C 440 1.87 24.01 13.39
CA GLN C 440 3.16 23.87 12.73
C GLN C 440 3.01 23.86 11.22
N ASP C 441 2.04 23.10 10.71
CA ASP C 441 1.78 23.10 9.28
C ASP C 441 1.27 24.46 8.81
N LEU C 442 0.67 25.23 9.72
CA LEU C 442 0.20 26.56 9.37
C LEU C 442 1.34 27.56 9.25
N MET C 443 2.35 27.48 10.11
CA MET C 443 3.50 28.37 9.97
C MET C 443 4.45 27.92 8.87
N ARG C 444 4.46 26.62 8.56
CA ARG C 444 5.21 26.18 7.38
C ARG C 444 4.65 26.78 6.11
N ALA C 445 3.31 26.92 6.03
CA ALA C 445 2.68 27.57 4.91
C ALA C 445 2.65 29.09 5.04
N LYS C 446 3.10 29.63 6.18
CA LYS C 446 3.18 31.07 6.42
C LYS C 446 1.81 31.74 6.25
N MET C 447 0.84 31.23 7.01
CA MET C 447 -0.52 31.75 6.93
C MET C 447 -0.62 33.16 7.51
N ASP C 448 0.24 33.51 8.46
CA ASP C 448 0.15 34.81 9.10
C ASP C 448 0.40 35.95 8.12
N ASN C 449 1.26 35.74 7.12
CA ASN C 449 1.50 36.72 6.08
C ASN C 449 0.85 36.35 4.75
N GLY C 450 0.01 35.32 4.73
CA GLY C 450 -0.64 34.94 3.49
C GLY C 450 -1.68 35.94 3.04
N GLU C 451 -1.87 35.98 1.72
CA GLU C 451 -2.82 36.91 1.13
C GLU C 451 -4.25 36.39 1.17
N ALA C 452 -4.44 35.08 1.11
CA ALA C 452 -5.78 34.49 1.09
C ALA C 452 -5.66 33.01 1.36
N CYS C 453 -6.63 32.47 2.09
CA CYS C 453 -6.71 31.04 2.37
C CYS C 453 -7.98 30.50 1.74
N PHE C 454 -7.84 29.49 0.87
CA PHE C 454 -8.96 28.89 0.17
C PHE C 454 -9.23 27.51 0.77
N ILE C 455 -10.26 27.42 1.59
CA ILE C 455 -10.71 26.14 2.12
C ILE C 455 -11.73 25.56 1.17
N LEU C 456 -11.41 24.41 0.58
CA LEU C 456 -12.23 23.78 -0.44
C LEU C 456 -12.79 22.46 0.07
N SER C 457 -14.07 22.24 -0.16
CA SER C 457 -14.74 21.03 0.29
C SER C 457 -14.42 19.85 -0.63
N SER C 458 -14.47 18.65 -0.06
CA SER C 458 -14.21 17.43 -0.80
C SER C 458 -15.54 16.91 -1.35
N ARG C 459 -15.82 17.23 -2.62
CA ARG C 459 -17.03 16.72 -3.26
C ARG C 459 -16.95 15.21 -3.51
N ASN C 460 -15.75 14.65 -3.56
CA ASN C 460 -15.57 13.22 -3.78
C ASN C 460 -15.99 12.39 -2.58
N GLU C 461 -16.00 12.98 -1.38
CA GLU C 461 -16.32 12.22 -0.18
C GLU C 461 -17.77 11.77 -0.20
N VAL C 462 -18.00 10.53 0.21
CA VAL C 462 -19.36 9.98 0.25
C VAL C 462 -20.19 10.70 1.31
N ASP C 463 -19.63 10.93 2.49
CA ASP C 463 -20.30 11.62 3.58
C ASP C 463 -20.00 13.12 3.45
N ARG C 464 -21.02 13.90 3.09
CA ARG C 464 -20.83 15.32 2.86
C ARG C 464 -20.87 16.13 4.15
N THR C 465 -21.64 15.68 5.15
CA THR C 465 -21.64 16.40 6.43
C THR C 465 -20.30 16.31 7.13
N ALA C 466 -19.62 15.15 7.03
CA ALA C 466 -18.28 15.04 7.61
C ALA C 466 -17.30 15.98 6.92
N ALA C 467 -17.38 16.06 5.59
CA ALA C 467 -16.52 16.98 4.85
C ALA C 467 -16.80 18.43 5.23
N ASP C 468 -18.08 18.76 5.40
CA ASP C 468 -18.44 20.12 5.82
C ASP C 468 -17.90 20.41 7.22
N HIS C 469 -17.97 19.44 8.12
CA HIS C 469 -17.40 19.63 9.46
C HIS C 469 -15.89 19.85 9.37
N GLN C 470 -15.22 19.10 8.52
CA GLN C 470 -13.78 19.27 8.34
C GLN C 470 -13.45 20.66 7.81
N THR C 471 -14.23 21.14 6.83
CA THR C 471 -13.99 22.49 6.32
C THR C 471 -14.28 23.55 7.37
N ILE C 472 -15.32 23.36 8.18
CA ILE C 472 -15.59 24.31 9.26
C ILE C 472 -14.44 24.35 10.24
N LEU C 473 -13.91 23.19 10.62
CA LEU C 473 -12.78 23.17 11.53
C LEU C 473 -11.53 23.80 10.91
N ARG C 474 -11.30 23.58 9.62
CA ARG C 474 -10.16 24.21 8.95
C ARG C 474 -10.29 25.72 8.94
N ALA C 475 -11.49 26.22 8.64
CA ALA C 475 -11.72 27.66 8.66
C ALA C 475 -11.52 28.23 10.05
N TRP C 476 -12.03 27.53 11.07
CA TRP C 476 -11.86 27.98 12.45
C TRP C 476 -10.38 28.01 12.84
N ALA C 477 -9.63 26.97 12.46
CA ALA C 477 -8.22 26.92 12.79
C ALA C 477 -7.45 28.03 12.11
N VAL C 478 -7.75 28.30 10.84
CA VAL C 478 -7.05 29.38 10.13
C VAL C 478 -7.40 30.73 10.74
N LYS C 479 -8.67 30.93 11.11
CA LYS C 479 -9.05 32.19 11.75
C LYS C 479 -8.36 32.35 13.10
N ASP C 480 -8.26 31.26 13.86
CA ASP C 480 -7.59 31.30 15.16
C ASP C 480 -6.10 31.62 14.99
N PHE C 481 -5.47 31.01 13.99
CA PHE C 481 -4.03 31.19 13.80
C PHE C 481 -3.72 32.54 13.16
N ALA C 482 -4.38 32.85 12.04
CA ALA C 482 -4.15 34.08 11.28
C ALA C 482 -5.48 34.81 11.12
N PRO C 483 -5.90 35.56 12.15
CA PRO C 483 -7.19 36.27 12.04
C PRO C 483 -7.26 37.26 10.91
N ASN C 484 -6.15 37.93 10.59
CA ASN C 484 -6.13 38.90 9.49
C ASN C 484 -5.73 38.24 8.17
N CYS C 485 -6.41 37.16 7.83
CA CYS C 485 -6.20 36.45 6.57
C CYS C 485 -7.56 36.16 5.96
N PRO C 486 -7.94 36.85 4.88
CA PRO C 486 -9.28 36.65 4.31
C PRO C 486 -9.51 35.20 3.92
N LEU C 487 -10.69 34.69 4.27
CA LEU C 487 -11.04 33.29 4.06
C LEU C 487 -12.03 33.16 2.90
N TYR C 488 -11.79 32.17 2.06
CA TYR C 488 -12.67 31.83 0.94
C TYR C 488 -13.06 30.37 1.13
N VAL C 489 -14.19 30.14 1.77
CA VAL C 489 -14.63 28.80 2.16
C VAL C 489 -15.66 28.31 1.15
N GLN C 490 -15.63 27.01 0.90
CA GLN C 490 -16.57 26.34 0.01
C GLN C 490 -17.34 25.31 0.82
N ILE C 491 -18.65 25.49 0.94
CA ILE C 491 -19.50 24.69 1.81
C ILE C 491 -20.44 23.86 0.94
N LEU C 492 -20.58 22.58 1.29
CA LEU C 492 -21.44 21.67 0.54
C LEU C 492 -22.91 21.80 0.94
N LYS C 493 -23.21 21.68 2.23
CA LYS C 493 -24.61 21.64 2.66
C LYS C 493 -25.00 22.95 3.32
N PRO C 494 -26.19 23.47 3.00
CA PRO C 494 -26.58 24.80 3.51
C PRO C 494 -26.76 24.86 5.01
N GLU C 495 -26.98 23.73 5.69
CA GLU C 495 -27.18 23.77 7.13
C GLU C 495 -25.92 24.22 7.85
N ASN C 496 -24.76 23.89 7.30
CA ASN C 496 -23.47 24.26 7.88
C ASN C 496 -22.95 25.60 7.40
N LYS C 497 -23.74 26.33 6.62
CA LYS C 497 -23.30 27.60 6.06
C LYS C 497 -23.24 28.73 7.08
N PHE C 498 -23.90 28.59 8.21
CA PHE C 498 -23.88 29.64 9.23
C PHE C 498 -22.77 29.45 10.25
N HIS C 499 -22.02 28.35 10.18
CA HIS C 499 -20.86 28.16 11.01
C HIS C 499 -19.62 28.87 10.47
N VAL C 500 -19.59 29.14 9.16
CA VAL C 500 -18.46 29.82 8.54
C VAL C 500 -18.92 31.15 7.98
N LYS C 501 -19.96 31.72 8.59
CA LYS C 501 -20.47 33.02 8.16
C LYS C 501 -19.46 34.13 8.42
N PHE C 502 -18.51 33.92 9.32
CA PHE C 502 -17.47 34.92 9.58
C PHE C 502 -16.52 35.08 8.41
N ALA C 503 -16.47 34.12 7.49
CA ALA C 503 -15.52 34.16 6.40
C ALA C 503 -15.83 35.30 5.45
N ASP C 504 -14.79 35.75 4.73
CA ASP C 504 -14.95 36.86 3.80
C ASP C 504 -15.90 36.50 2.67
N HIS C 505 -15.73 35.31 2.08
CA HIS C 505 -16.55 34.88 0.95
C HIS C 505 -16.82 33.40 1.07
N VAL C 506 -18.09 33.02 1.18
CA VAL C 506 -18.52 31.64 1.32
C VAL C 506 -19.41 31.30 0.14
N VAL C 507 -19.14 30.15 -0.50
CA VAL C 507 -19.94 29.65 -1.60
C VAL C 507 -20.56 28.33 -1.17
N CYS C 508 -21.88 28.24 -1.29
CA CYS C 508 -22.59 27.00 -0.98
C CYS C 508 -22.86 26.24 -2.28
N GLU C 509 -22.41 24.98 -2.31
CA GLU C 509 -22.54 24.19 -3.53
C GLU C 509 -24.00 23.87 -3.83
N GLU C 510 -24.72 23.35 -2.85
CA GLU C 510 -26.09 22.89 -3.09
C GLU C 510 -27.02 24.06 -3.43
N GLU C 511 -26.89 25.16 -2.71
CA GLU C 511 -27.75 26.32 -2.96
C GLU C 511 -27.61 26.80 -4.39
N CYS C 512 -26.37 27.06 -4.83
CA CYS C 512 -26.13 27.55 -6.17
C CYS C 512 -26.55 26.53 -7.22
N LYS C 513 -26.21 25.26 -6.99
CA LYS C 513 -26.53 24.21 -7.96
C LYS C 513 -28.04 24.12 -8.19
N TYR C 514 -28.81 24.02 -7.10
CA TYR C 514 -30.25 23.86 -7.25
C TYR C 514 -30.94 25.14 -7.69
N ALA C 515 -30.43 26.31 -7.30
CA ALA C 515 -30.99 27.56 -7.81
C ALA C 515 -30.77 27.67 -9.32
N MET C 516 -29.58 27.29 -9.80
CA MET C 516 -29.31 27.35 -11.23
C MET C 516 -30.14 26.32 -11.99
N LEU C 517 -30.36 25.14 -11.41
CA LEU C 517 -31.25 24.18 -12.04
C LEU C 517 -32.68 24.73 -12.14
N ALA C 518 -33.18 25.32 -11.05
CA ALA C 518 -34.51 25.89 -11.07
C ALA C 518 -34.64 27.01 -12.10
N LEU C 519 -33.62 27.86 -12.19
CA LEU C 519 -33.65 28.93 -13.18
C LEU C 519 -33.57 28.38 -14.61
N ASN C 520 -32.77 27.33 -14.83
CA ASN C 520 -32.78 26.67 -16.13
C ASN C 520 -34.17 26.18 -16.48
N CYS C 521 -34.90 25.69 -15.47
CA CYS C 521 -36.31 25.36 -15.69
C CYS C 521 -37.13 26.62 -16.00
N ILE C 522 -36.77 27.76 -15.41
CA ILE C 522 -37.50 29.01 -15.65
C ILE C 522 -36.93 29.73 -16.87
N CYS C 523 -35.67 30.11 -16.79
CA CYS C 523 -34.98 30.78 -17.90
C CYS C 523 -33.98 29.82 -18.51
N PRO C 524 -34.18 29.35 -19.74
CA PRO C 524 -33.30 28.31 -20.29
C PRO C 524 -31.86 28.79 -20.38
N ALA C 525 -30.94 27.87 -20.09
CA ALA C 525 -29.50 28.11 -20.18
C ALA C 525 -29.05 29.27 -19.28
N THR C 526 -29.67 29.38 -18.12
CA THR C 526 -29.18 30.32 -17.12
C THR C 526 -27.82 29.88 -16.58
N SER C 527 -27.65 28.56 -16.39
CA SER C 527 -26.38 28.04 -15.89
C SER C 527 -25.26 28.36 -16.87
N THR C 528 -25.53 28.27 -18.17
CA THR C 528 -24.53 28.65 -19.17
C THR C 528 -24.17 30.13 -19.05
N LEU C 529 -25.17 30.99 -18.84
CA LEU C 529 -24.93 32.41 -18.67
C LEU C 529 -24.01 32.67 -17.47
N ILE C 530 -24.32 32.05 -16.33
CA ILE C 530 -23.51 32.26 -15.14
C ILE C 530 -22.11 31.68 -15.32
N THR C 531 -22.00 30.52 -15.96
CA THR C 531 -20.70 29.90 -16.17
C THR C 531 -19.82 30.76 -17.04
N LEU C 532 -20.37 31.32 -18.13
CA LEU C 532 -19.58 32.17 -19.00
C LEU C 532 -19.38 33.57 -18.42
N LEU C 533 -20.15 33.95 -17.40
CA LEU C 533 -19.96 35.27 -16.79
C LEU C 533 -18.92 35.25 -15.68
N VAL C 534 -18.73 34.10 -15.01
CA VAL C 534 -17.78 34.00 -13.91
C VAL C 534 -16.46 33.41 -14.34
N HIS C 535 -16.28 33.12 -15.62
CA HIS C 535 -15.04 32.59 -16.16
C HIS C 535 -14.28 33.72 -16.84
N THR C 536 -13.02 33.93 -16.44
CA THR C 536 -12.20 34.95 -17.06
C THR C 536 -11.81 34.52 -18.47
N SER C 537 -12.14 35.33 -19.46
CA SER C 537 -11.81 35.03 -20.84
C SER C 537 -11.73 36.33 -21.62
N ARG C 538 -10.81 36.36 -22.59
CA ARG C 538 -10.65 37.53 -23.44
C ARG C 538 -11.68 37.61 -24.56
N GLY C 539 -12.51 36.58 -24.73
CA GLY C 539 -13.48 36.57 -25.80
C GLY C 539 -12.88 36.31 -27.16
N GLN C 540 -11.82 35.49 -27.22
CA GLN C 540 -11.16 35.17 -28.48
C GLN C 540 -11.46 33.75 -28.95
N GLU C 541 -12.43 33.07 -28.33
CA GLU C 541 -12.73 31.70 -28.67
C GLU C 541 -13.62 31.63 -29.91
N GLY C 542 -13.31 30.68 -30.79
CA GLY C 542 -14.12 30.46 -31.97
C GLY C 542 -14.08 31.59 -32.96
N GLN C 543 -13.07 32.45 -32.88
CA GLN C 543 -12.94 33.55 -33.83
C GLN C 543 -12.46 33.10 -35.20
N GLU C 544 -11.88 31.90 -35.30
CA GLU C 544 -11.45 31.33 -36.56
C GLU C 544 -12.51 30.44 -37.20
N SER C 545 -13.65 30.25 -36.54
CA SER C 545 -14.65 29.33 -37.03
C SER C 545 -15.34 29.90 -38.27
N PRO C 546 -15.71 29.05 -39.24
CA PRO C 546 -16.50 29.54 -40.37
C PRO C 546 -17.96 29.78 -40.01
N GLU C 547 -18.47 29.16 -38.95
CA GLU C 547 -19.85 29.35 -38.55
C GLU C 547 -19.99 30.69 -37.82
N GLN C 548 -21.00 31.47 -38.23
CA GLN C 548 -21.23 32.76 -37.60
C GLN C 548 -21.67 32.61 -36.16
N TRP C 549 -22.50 31.60 -35.87
CA TRP C 549 -23.00 31.44 -34.51
C TRP C 549 -21.87 31.15 -33.53
N GLN C 550 -20.90 30.31 -33.94
CA GLN C 550 -19.76 30.04 -33.08
C GLN C 550 -18.94 31.29 -32.82
N ARG C 551 -18.70 32.08 -33.87
CA ARG C 551 -17.93 33.32 -33.70
C ARG C 551 -18.62 34.27 -32.73
N MET C 552 -19.91 34.52 -32.94
CA MET C 552 -20.65 35.43 -32.06
C MET C 552 -20.74 34.89 -30.64
N TYR C 553 -20.97 33.58 -30.49
CA TYR C 553 -21.10 32.98 -29.17
C TYR C 553 -19.79 33.05 -28.40
N GLY C 554 -18.67 32.72 -29.05
CA GLY C 554 -17.38 32.81 -28.40
C GLY C 554 -16.93 34.23 -28.15
N ARG C 555 -17.39 35.20 -28.95
CA ARG C 555 -17.08 36.59 -28.66
C ARG C 555 -17.87 37.09 -27.47
N CYS C 556 -19.17 36.78 -27.41
CA CYS C 556 -20.00 37.23 -26.30
C CYS C 556 -19.71 36.48 -25.01
N SER C 557 -19.07 35.30 -25.09
CA SER C 557 -18.70 34.59 -23.88
C SER C 557 -17.57 35.28 -23.12
N GLY C 558 -16.92 36.26 -23.70
CA GLY C 558 -15.87 37.01 -23.03
C GLY C 558 -16.35 38.09 -22.10
N ASN C 559 -17.67 38.27 -21.99
CA ASN C 559 -18.23 39.30 -21.12
C ASN C 559 -18.07 38.90 -19.65
N GLU C 560 -17.77 39.89 -18.82
CA GLU C 560 -17.64 39.70 -17.38
C GLU C 560 -18.30 40.86 -16.66
N VAL C 561 -18.61 40.65 -15.39
CA VAL C 561 -19.21 41.67 -14.56
C VAL C 561 -18.11 42.48 -13.91
N TYR C 562 -18.09 43.78 -14.16
CA TYR C 562 -17.06 44.68 -13.64
C TYR C 562 -17.72 45.80 -12.85
N HIS C 563 -16.98 46.30 -11.87
CA HIS C 563 -17.45 47.40 -11.02
C HIS C 563 -16.47 48.56 -11.11
N ILE C 564 -17.03 49.77 -11.09
CA ILE C 564 -16.22 50.98 -11.10
C ILE C 564 -17.06 52.12 -10.52
N ARG C 565 -16.38 53.05 -9.85
CA ARG C 565 -17.06 54.20 -9.28
C ARG C 565 -17.68 55.04 -10.38
N MET C 566 -18.92 55.48 -10.16
CA MET C 566 -19.67 56.15 -11.22
C MET C 566 -19.01 57.46 -11.64
N GLY C 567 -18.48 58.22 -10.68
CA GLY C 567 -17.84 59.47 -11.02
C GLY C 567 -16.60 59.29 -11.89
N ASP C 568 -15.83 58.23 -11.64
CA ASP C 568 -14.64 57.93 -12.40
C ASP C 568 -14.92 57.10 -13.64
N SER C 569 -16.15 56.66 -13.84
CA SER C 569 -16.49 55.79 -14.96
C SER C 569 -16.76 56.63 -16.20
N LYS C 570 -15.87 56.52 -17.19
CA LYS C 570 -16.09 57.24 -18.45
C LYS C 570 -17.32 56.75 -19.18
N PHE C 571 -17.79 55.53 -18.89
CA PHE C 571 -19.02 55.04 -19.50
C PHE C 571 -20.23 55.80 -19.00
N PHE C 572 -20.34 55.97 -17.68
CA PHE C 572 -21.57 56.43 -17.05
C PHE C 572 -21.46 57.82 -16.42
N ARG C 573 -20.30 58.47 -16.49
CA ARG C 573 -20.14 59.76 -15.82
C ARG C 573 -21.08 60.81 -16.37
N GLU C 574 -21.26 60.84 -17.69
CA GLU C 574 -22.13 61.83 -18.32
C GLU C 574 -23.60 61.66 -17.95
N TYR C 575 -23.98 60.52 -17.36
CA TYR C 575 -25.36 60.27 -16.98
C TYR C 575 -25.61 60.48 -15.49
N GLU C 576 -24.78 61.29 -14.84
CA GLU C 576 -24.99 61.57 -13.42
C GLU C 576 -26.21 62.45 -13.23
N GLY C 577 -27.04 62.09 -12.26
CA GLY C 577 -28.30 62.77 -12.04
C GLY C 577 -29.44 62.27 -12.89
N LYS C 578 -29.20 61.30 -13.77
CA LYS C 578 -30.23 60.73 -14.61
C LYS C 578 -30.73 59.41 -14.02
N SER C 579 -31.81 58.90 -14.59
CA SER C 579 -32.36 57.63 -14.13
C SER C 579 -31.40 56.49 -14.47
N PHE C 580 -31.48 55.43 -13.67
CA PHE C 580 -30.61 54.28 -13.88
C PHE C 580 -30.88 53.59 -15.21
N THR C 581 -32.16 53.43 -15.57
CA THR C 581 -32.50 52.77 -16.83
C THR C 581 -32.04 53.60 -18.03
N TYR C 582 -32.24 54.92 -17.96
CA TYR C 582 -31.76 55.79 -19.03
C TYR C 582 -30.25 55.67 -19.20
N ALA C 583 -29.52 55.72 -18.10
CA ALA C 583 -28.06 55.60 -18.15
C ALA C 583 -27.64 54.26 -18.73
N ALA C 584 -28.27 53.17 -18.29
CA ALA C 584 -27.91 51.85 -18.78
C ALA C 584 -28.18 51.72 -20.27
N PHE C 585 -29.36 52.15 -20.71
CA PHE C 585 -29.70 52.04 -22.13
C PHE C 585 -28.75 52.86 -22.99
N HIS C 586 -28.46 54.10 -22.58
CA HIS C 586 -27.59 54.94 -23.41
C HIS C 586 -26.14 54.46 -23.37
N ALA C 587 -25.68 53.93 -22.24
CA ALA C 587 -24.36 53.33 -22.21
C ALA C 587 -24.26 52.11 -23.12
N HIS C 588 -25.30 51.28 -23.16
CA HIS C 588 -25.30 50.16 -24.10
C HIS C 588 -25.34 50.66 -25.54
N LYS C 589 -26.13 51.69 -25.82
CA LYS C 589 -26.25 52.22 -27.17
C LYS C 589 -24.94 52.84 -27.66
N LYS C 590 -24.19 53.46 -26.76
CA LYS C 590 -22.96 54.14 -27.14
C LYS C 590 -21.75 53.21 -27.14
N TYR C 591 -21.49 52.54 -26.01
CA TYR C 591 -20.29 51.73 -25.86
C TYR C 591 -20.55 50.23 -25.87
N GLY C 592 -21.79 49.79 -25.60
CA GLY C 592 -22.08 48.38 -25.55
C GLY C 592 -21.91 47.72 -24.21
N VAL C 593 -21.98 48.48 -23.12
CA VAL C 593 -21.88 47.94 -21.77
C VAL C 593 -23.28 47.75 -21.21
N CYS C 594 -23.47 46.71 -20.43
CA CYS C 594 -24.77 46.39 -19.84
C CYS C 594 -24.71 46.70 -18.35
N LEU C 595 -25.16 47.90 -17.98
CA LEU C 595 -25.24 48.30 -16.59
C LEU C 595 -26.34 47.51 -15.90
N ILE C 596 -25.97 46.50 -15.11
CA ILE C 596 -26.94 45.58 -14.54
C ILE C 596 -27.39 46.03 -13.16
N GLY C 597 -26.51 46.75 -12.45
CA GLY C 597 -26.85 47.18 -11.11
C GLY C 597 -25.86 48.19 -10.57
N LEU C 598 -26.09 48.58 -9.32
CA LEU C 598 -25.22 49.55 -8.65
C LEU C 598 -25.20 49.25 -7.16
N LYS C 599 -24.37 50.00 -6.45
CA LYS C 599 -24.28 49.93 -4.99
C LYS C 599 -24.05 51.33 -4.44
N ARG C 600 -25.02 51.84 -3.69
CA ARG C 600 -24.87 53.15 -3.07
C ARG C 600 -23.79 53.10 -2.00
N GLU C 601 -23.12 54.25 -1.81
CA GLU C 601 -22.05 54.32 -0.81
C GLU C 601 -22.60 54.20 0.61
N ASP C 602 -23.77 54.77 0.86
CA ASP C 602 -24.32 54.76 2.22
C ASP C 602 -24.66 53.35 2.68
N ASN C 603 -25.15 52.50 1.76
CA ASN C 603 -25.51 51.14 2.09
C ASN C 603 -24.40 50.18 1.66
N LYS C 604 -24.54 48.92 2.07
CA LYS C 604 -23.63 47.87 1.68
C LYS C 604 -24.26 46.86 0.72
N SER C 605 -25.50 47.10 0.29
CA SER C 605 -26.26 46.14 -0.50
C SER C 605 -26.15 46.48 -1.97
N ILE C 606 -25.83 45.48 -2.78
CA ILE C 606 -25.84 45.63 -4.23
C ILE C 606 -27.24 45.40 -4.75
N LEU C 607 -27.74 46.33 -5.56
CA LEU C 607 -29.09 46.26 -6.11
C LEU C 607 -29.00 45.98 -7.60
N LEU C 608 -29.66 44.92 -8.04
CA LEU C 608 -29.74 44.60 -9.46
C LEU C 608 -30.94 45.32 -10.06
N ASN C 609 -30.67 46.22 -11.01
CA ASN C 609 -31.70 47.03 -11.66
C ASN C 609 -32.57 47.73 -10.62
N PRO C 610 -32.05 48.76 -9.95
CA PRO C 610 -32.87 49.48 -8.96
C PRO C 610 -34.15 50.04 -9.55
N GLY C 611 -34.15 50.45 -10.81
CA GLY C 611 -35.35 50.90 -11.48
C GLY C 611 -35.26 52.31 -12.00
N PRO C 612 -36.33 52.79 -12.62
CA PRO C 612 -36.32 54.16 -13.16
C PRO C 612 -36.43 55.24 -12.11
N ARG C 613 -36.99 54.94 -10.94
CA ARG C 613 -37.08 55.92 -9.86
C ARG C 613 -35.74 56.18 -9.20
N HIS C 614 -34.73 55.38 -9.50
CA HIS C 614 -33.41 55.56 -8.90
C HIS C 614 -32.63 56.62 -9.68
N ILE C 615 -32.05 57.57 -8.95
CA ILE C 615 -31.27 58.65 -9.55
C ILE C 615 -29.80 58.40 -9.26
N LEU C 616 -28.98 58.44 -10.30
CA LEU C 616 -27.56 58.13 -10.16
C LEU C 616 -26.85 59.25 -9.39
N ALA C 617 -25.77 58.86 -8.72
CA ALA C 617 -24.94 59.79 -7.96
C ALA C 617 -23.48 59.46 -8.21
N ALA C 618 -22.63 60.47 -8.04
CA ALA C 618 -21.21 60.32 -8.35
C ALA C 618 -20.51 59.34 -7.43
N SER C 619 -21.10 59.01 -6.27
CA SER C 619 -20.48 58.11 -5.32
C SER C 619 -20.93 56.67 -5.47
N ASP C 620 -21.86 56.39 -6.38
CA ASP C 620 -22.33 55.02 -6.57
C ASP C 620 -21.27 54.16 -7.25
N THR C 621 -21.34 52.86 -6.99
CA THR C 621 -20.47 51.88 -7.62
C THR C 621 -21.31 51.10 -8.63
N CYS C 622 -21.07 51.36 -9.91
CA CYS C 622 -21.88 50.79 -10.98
C CYS C 622 -21.30 49.45 -11.41
N PHE C 623 -22.15 48.43 -11.45
CA PHE C 623 -21.78 47.09 -11.92
C PHE C 623 -22.29 46.90 -13.34
N TYR C 624 -21.40 46.59 -14.26
CA TYR C 624 -21.75 46.48 -15.68
C TYR C 624 -21.14 45.22 -16.26
N ILE C 625 -21.76 44.73 -17.34
CA ILE C 625 -21.27 43.60 -18.10
C ILE C 625 -20.63 44.12 -19.39
N ASN C 626 -19.38 43.74 -19.63
CA ASN C 626 -18.67 44.21 -20.80
C ASN C 626 -17.58 43.20 -21.14
N ILE C 627 -17.10 43.29 -22.39
CA ILE C 627 -16.04 42.39 -22.84
C ILE C 627 -14.77 42.61 -22.04
N THR C 628 -14.41 43.87 -21.82
CA THR C 628 -13.19 44.23 -21.13
C THR C 628 -13.46 45.32 -20.09
N LYS C 629 -12.56 45.40 -19.12
CA LYS C 629 -12.66 46.40 -18.08
C LYS C 629 -12.54 47.80 -18.67
N GLU C 630 -13.14 48.78 -17.98
CA GLU C 630 -13.03 50.16 -18.43
C GLU C 630 -11.59 50.64 -18.40
N GLU C 631 -10.83 50.24 -17.37
CA GLU C 631 -9.41 50.55 -17.32
C GLU C 631 -8.67 49.99 -18.53
N ASN C 632 -9.06 48.78 -18.96
CA ASN C 632 -8.45 48.15 -20.12
C ASN C 632 -9.14 48.50 -21.43
N SER C 633 -10.25 49.25 -21.39
CA SER C 633 -10.93 49.69 -22.60
C SER C 633 -10.40 51.03 -23.10
N ALA C 634 -9.18 51.39 -22.75
CA ALA C 634 -8.57 52.60 -23.29
C ALA C 634 -8.46 52.52 -24.81
N PHE C 635 -8.31 51.33 -25.37
CA PHE C 635 -8.25 51.20 -26.83
C PHE C 635 -9.58 51.58 -27.47
N ILE C 636 -10.70 51.14 -26.90
CA ILE C 636 -11.99 51.53 -27.47
C ILE C 636 -12.33 52.98 -27.18
N PHE C 637 -11.86 53.53 -26.05
CA PHE C 637 -12.05 54.96 -25.83
C PHE C 637 -11.26 55.79 -26.83
N LYS C 638 -10.03 55.38 -27.13
CA LYS C 638 -9.24 56.05 -28.15
C LYS C 638 -9.79 55.82 -29.56
N GLN C 639 -10.50 54.71 -29.79
CA GLN C 639 -11.17 54.53 -31.07
C GLN C 639 -12.39 55.43 -31.19
N GLU C 640 -13.13 55.60 -30.09
CA GLU C 640 -14.22 56.57 -30.08
C GLU C 640 -13.71 57.98 -30.32
N GLU C 641 -12.55 58.29 -29.74
CA GLU C 641 -11.89 59.55 -30.07
C GLU C 641 -11.49 59.60 -31.55
N LYS C 642 -11.07 58.46 -32.10
CA LYS C 642 -10.72 58.42 -33.52
C LYS C 642 -11.95 58.53 -34.41
N ARG C 643 -13.14 58.23 -33.87
CA ARG C 643 -14.36 58.45 -34.62
C ARG C 643 -14.59 59.92 -34.93
N LYS C 644 -14.07 60.82 -34.10
CA LYS C 644 -14.19 62.25 -34.34
C LYS C 644 -12.93 62.80 -35.00
N ILE C 710 -40.89 52.93 -31.47
CA ILE C 710 -40.76 52.70 -30.03
C ILE C 710 -40.64 54.03 -29.30
N ALA C 711 -41.17 54.08 -28.08
CA ALA C 711 -41.11 55.29 -27.29
C ALA C 711 -39.68 55.55 -26.82
N PRO C 712 -39.28 56.82 -26.73
CA PRO C 712 -37.94 57.13 -26.21
C PRO C 712 -37.90 57.04 -24.70
N VAL C 713 -36.76 56.57 -24.19
CA VAL C 713 -36.58 56.48 -22.74
C VAL C 713 -36.42 57.89 -22.16
N LEU C 714 -36.96 58.10 -20.97
CA LEU C 714 -36.91 59.40 -20.33
C LEU C 714 -35.78 59.44 -19.30
N GLU C 715 -35.09 60.59 -19.25
CA GLU C 715 -33.95 60.72 -18.35
C GLU C 715 -34.35 60.63 -16.88
N LEU C 716 -35.59 60.98 -16.55
CA LEU C 716 -36.11 60.86 -15.20
C LEU C 716 -37.53 60.32 -15.24
N ALA C 717 -37.92 59.63 -14.17
CA ALA C 717 -39.24 59.04 -14.08
C ALA C 717 -40.31 60.11 -13.92
N VAL C 747 -58.08 26.25 -6.99
CA VAL C 747 -57.54 26.56 -5.68
C VAL C 747 -56.74 27.86 -5.73
N GLU C 748 -57.15 28.84 -4.93
CA GLU C 748 -56.45 30.11 -4.85
C GLU C 748 -55.24 29.98 -3.92
N TYR C 749 -54.20 30.74 -4.24
CA TYR C 749 -52.96 30.70 -3.50
C TYR C 749 -52.69 32.04 -2.81
N VAL C 750 -52.27 31.98 -1.55
CA VAL C 750 -51.89 33.17 -0.82
C VAL C 750 -50.42 33.47 -1.10
N LYS C 751 -50.02 34.71 -0.81
CA LYS C 751 -48.64 35.15 -1.00
C LYS C 751 -48.04 35.44 0.36
N GLY C 752 -46.99 34.70 0.72
CA GLY C 752 -46.34 34.90 1.99
C GLY C 752 -45.06 34.10 2.06
N TYR C 753 -44.37 34.25 3.16
CA TYR C 753 -43.13 33.52 3.32
C TYR C 753 -43.41 32.10 3.83
N PRO C 754 -42.58 31.14 3.44
CA PRO C 754 -42.73 29.77 3.96
C PRO C 754 -42.64 29.75 5.46
N PRO C 755 -43.49 28.99 6.14
CA PRO C 755 -43.52 29.00 7.61
C PRO C 755 -42.24 28.49 8.24
N ASN C 756 -41.84 27.26 7.90
CA ASN C 756 -40.70 26.59 8.53
C ASN C 756 -39.51 26.63 7.59
N SER C 757 -38.63 27.61 7.81
CA SER C 757 -37.37 27.64 7.08
C SER C 757 -36.50 26.47 7.53
N PRO C 758 -35.98 25.65 6.61
CA PRO C 758 -35.31 24.41 7.03
C PRO C 758 -33.95 24.63 7.68
N TYR C 759 -33.29 25.76 7.45
CA TYR C 759 -31.95 25.96 8.00
C TYR C 759 -31.71 27.45 8.25
N ILE C 760 -30.69 27.72 9.06
CA ILE C 760 -30.31 29.09 9.37
C ILE C 760 -29.56 29.67 8.18
N GLY C 761 -29.93 30.89 7.79
CA GLY C 761 -29.35 31.54 6.65
C GLY C 761 -30.19 31.50 5.40
N SER C 762 -31.23 30.67 5.37
CA SER C 762 -32.16 30.64 4.25
C SER C 762 -32.85 31.98 4.11
N SER C 763 -32.65 32.65 2.97
CA SER C 763 -33.23 33.97 2.78
C SER C 763 -34.75 33.85 2.69
N PRO C 764 -35.50 34.61 3.49
CA PRO C 764 -36.97 34.58 3.39
C PRO C 764 -37.42 35.20 2.08
N THR C 765 -38.09 34.40 1.26
CA THR C 765 -38.58 34.83 -0.05
C THR C 765 -40.09 34.75 -0.07
N LEU C 766 -40.74 35.82 -0.53
CA LEU C 766 -42.18 35.81 -0.70
C LEU C 766 -42.54 34.84 -1.82
N CYS C 767 -43.35 33.83 -1.49
CA CYS C 767 -43.65 32.74 -2.40
C CYS C 767 -45.15 32.53 -2.50
N HIS C 768 -45.58 31.91 -3.59
CA HIS C 768 -46.94 31.42 -3.71
C HIS C 768 -47.13 30.27 -2.74
N LEU C 769 -48.18 30.34 -1.92
CA LEU C 769 -48.39 29.37 -0.87
C LEU C 769 -49.84 28.89 -0.86
N LEU C 770 -50.03 27.66 -0.40
CA LEU C 770 -51.37 27.15 -0.18
C LEU C 770 -52.01 27.88 1.01
N PRO C 771 -53.32 28.09 0.99
CA PRO C 771 -53.98 28.73 2.14
C PRO C 771 -53.80 27.97 3.44
N VAL C 772 -53.71 26.65 3.38
CA VAL C 772 -53.49 25.80 4.55
C VAL C 772 -52.44 24.76 4.18
N LYS C 773 -51.52 24.48 5.10
CA LYS C 773 -50.45 23.53 4.84
C LYS C 773 -51.01 22.18 4.44
N ALA C 774 -50.41 21.58 3.41
CA ALA C 774 -50.86 20.29 2.92
C ALA C 774 -50.42 19.17 3.84
N PRO C 775 -51.29 18.20 4.12
CA PRO C 775 -50.88 17.04 4.92
C PRO C 775 -49.82 16.23 4.19
N PHE C 776 -49.01 15.52 4.99
CA PHE C 776 -47.91 14.74 4.45
C PHE C 776 -48.37 13.62 3.51
N CYS C 777 -49.64 13.22 3.58
CA CYS C 777 -50.16 12.20 2.67
C CYS C 777 -50.44 12.77 1.28
N CYS C 778 -50.86 14.03 1.21
CA CYS C 778 -51.23 14.64 -0.07
C CYS C 778 -50.03 15.04 -0.91
N LEU C 779 -48.81 14.94 -0.37
CA LEU C 779 -47.61 15.27 -1.11
C LEU C 779 -47.05 14.09 -1.89
N ARG C 780 -47.75 12.96 -1.92
CA ARG C 780 -47.24 11.72 -2.48
C ARG C 780 -48.02 11.37 -3.74
N LEU C 781 -47.31 11.18 -4.84
CA LEU C 781 -47.94 10.71 -6.08
C LEU C 781 -48.23 9.21 -6.04
N ASP C 782 -47.41 8.45 -5.31
CA ASP C 782 -47.54 6.99 -5.32
C ASP C 782 -48.88 6.53 -4.76
N LYS C 783 -49.12 6.80 -3.49
CA LYS C 783 -50.26 6.26 -2.78
C LYS C 783 -51.44 7.21 -2.79
N GLY C 784 -52.63 6.64 -2.67
CA GLY C 784 -53.84 7.43 -2.49
C GLY C 784 -54.11 7.68 -1.01
N CYS C 785 -54.89 8.73 -0.75
CA CYS C 785 -55.16 9.12 0.63
C CYS C 785 -56.65 9.41 0.82
N LYS C 786 -57.00 9.96 1.98
CA LYS C 786 -58.39 10.30 2.26
C LYS C 786 -58.88 11.38 1.30
N HIS C 787 -58.04 12.37 1.02
CA HIS C 787 -58.42 13.49 0.16
C HIS C 787 -58.31 13.17 -1.33
N ASN C 788 -57.42 12.28 -1.72
CA ASN C 788 -57.23 11.93 -3.12
C ASN C 788 -56.85 10.47 -3.24
N SER C 789 -57.39 9.80 -4.26
CA SER C 789 -57.07 8.41 -4.54
C SER C 789 -56.18 8.26 -5.77
N TYR C 790 -55.67 9.36 -6.31
CA TYR C 790 -54.80 9.29 -7.48
C TYR C 790 -53.49 8.61 -7.12
N GLU C 791 -52.97 7.81 -8.05
CA GLU C 791 -51.73 7.08 -7.85
C GLU C 791 -50.71 7.34 -8.95
N ASP C 792 -51.02 8.22 -9.89
CA ASP C 792 -50.05 8.64 -10.91
C ASP C 792 -50.48 10.02 -11.41
N ALA C 793 -49.55 10.70 -12.09
CA ALA C 793 -49.77 12.08 -12.48
C ALA C 793 -50.90 12.26 -13.48
N LYS C 794 -51.28 11.21 -14.22
CA LYS C 794 -52.38 11.36 -15.17
C LYS C 794 -53.73 11.47 -14.47
N ALA C 795 -53.88 10.80 -13.32
CA ALA C 795 -55.11 10.95 -12.55
C ALA C 795 -55.24 12.33 -11.92
N TYR C 796 -54.11 13.02 -11.70
CA TYR C 796 -54.17 14.39 -11.19
C TYR C 796 -54.68 15.37 -12.23
N GLY C 797 -54.38 15.13 -13.50
CA GLY C 797 -54.85 16.00 -14.57
C GLY C 797 -54.28 17.40 -14.51
N PHE C 798 -52.97 17.51 -14.40
CA PHE C 798 -52.32 18.82 -14.35
C PHE C 798 -52.57 19.60 -15.64
N LYS C 799 -52.79 20.90 -15.47
CA LYS C 799 -53.04 21.77 -16.62
C LYS C 799 -51.76 22.33 -17.23
N ASN C 800 -50.69 22.43 -16.44
CA ASN C 800 -49.38 22.85 -16.94
C ASN C 800 -48.42 21.67 -16.93
N LYS C 801 -47.37 21.78 -17.74
CA LYS C 801 -46.40 20.71 -17.88
C LYS C 801 -45.57 20.57 -16.62
N LEU C 802 -45.24 19.32 -16.28
CA LEU C 802 -44.61 19.01 -15.02
C LEU C 802 -43.11 19.29 -15.05
N ILE C 803 -42.53 19.40 -13.86
CA ILE C 803 -41.09 19.44 -13.67
C ILE C 803 -40.72 18.25 -12.79
N ILE C 804 -39.83 17.39 -13.27
CA ILE C 804 -39.42 16.18 -12.56
C ILE C 804 -37.98 16.36 -12.12
N VAL C 805 -37.73 16.12 -10.84
CA VAL C 805 -36.39 16.20 -10.26
C VAL C 805 -36.02 14.79 -9.81
N SER C 806 -34.99 14.22 -10.44
CA SER C 806 -34.51 12.89 -10.08
C SER C 806 -33.31 13.05 -9.16
N ALA C 807 -33.56 13.05 -7.85
CA ALA C 807 -32.53 13.20 -6.84
C ALA C 807 -32.49 11.96 -5.96
N GLU C 808 -31.36 11.81 -5.26
CA GLU C 808 -31.19 10.66 -4.36
C GLU C 808 -31.93 10.88 -3.06
N THR C 809 -31.63 11.97 -2.36
CA THR C 809 -32.28 12.30 -1.10
C THR C 809 -32.78 13.74 -1.15
N ALA C 810 -33.83 14.02 -0.38
CA ALA C 810 -34.45 15.33 -0.35
C ALA C 810 -34.00 16.07 0.91
N GLY C 811 -33.33 17.20 0.72
CA GLY C 811 -32.85 18.02 1.80
C GLY C 811 -33.08 19.49 1.51
N ASN C 812 -32.14 20.31 1.99
CA ASN C 812 -32.21 21.75 1.77
C ASN C 812 -31.94 22.13 0.31
N GLY C 813 -31.21 21.30 -0.42
CA GLY C 813 -31.00 21.57 -1.84
C GLY C 813 -32.28 21.55 -2.64
N LEU C 814 -33.14 20.56 -2.38
CA LEU C 814 -34.42 20.53 -3.07
C LEU C 814 -35.30 21.70 -2.65
N TYR C 815 -35.17 22.15 -1.40
CA TYR C 815 -35.88 23.35 -0.98
C TYR C 815 -35.41 24.58 -1.77
N ASN C 816 -34.10 24.71 -1.95
CA ASN C 816 -33.56 25.81 -2.76
C ASN C 816 -33.91 25.65 -4.23
N PHE C 817 -34.24 24.43 -4.67
CA PHE C 817 -34.78 24.24 -6.01
C PHE C 817 -36.22 24.72 -6.11
N ILE C 818 -37.05 24.37 -5.12
CA ILE C 818 -38.46 24.69 -5.19
C ILE C 818 -38.72 26.17 -4.97
N VAL C 819 -37.92 26.84 -4.13
CA VAL C 819 -38.20 28.24 -3.78
C VAL C 819 -38.26 29.15 -5.00
N PRO C 820 -37.29 29.15 -5.92
CA PRO C 820 -37.40 30.05 -7.09
C PRO C 820 -38.59 29.74 -7.99
N LEU C 821 -39.01 28.48 -8.07
CA LEU C 821 -40.14 28.12 -8.93
C LEU C 821 -41.48 28.52 -8.34
N ARG C 822 -41.54 28.83 -7.06
CA ARG C 822 -42.78 29.27 -6.42
C ARG C 822 -42.71 30.72 -5.93
N ALA C 823 -41.72 31.49 -6.39
CA ALA C 823 -41.58 32.86 -5.95
C ALA C 823 -42.76 33.70 -6.42
N TYR C 824 -43.04 34.76 -5.66
CA TYR C 824 -44.26 35.55 -5.90
C TYR C 824 -44.25 36.25 -7.25
N TYR C 825 -43.07 36.58 -7.79
CA TYR C 825 -43.02 37.23 -9.08
C TYR C 825 -43.16 36.26 -10.24
N ARG C 826 -42.98 34.96 -10.01
CA ARG C 826 -43.28 33.97 -11.03
C ARG C 826 -44.79 33.92 -11.27
N SER C 827 -45.17 33.72 -12.53
CA SER C 827 -46.58 33.70 -12.88
C SER C 827 -47.28 32.50 -12.25
N ARG C 828 -48.46 32.76 -11.68
CA ARG C 828 -49.23 31.69 -11.05
C ARG C 828 -49.92 30.80 -12.07
N LYS C 829 -50.36 31.35 -13.20
CA LYS C 829 -51.00 30.53 -14.21
C LYS C 829 -50.01 29.61 -14.89
N GLU C 830 -48.73 29.98 -14.90
CA GLU C 830 -47.66 29.18 -15.47
C GLU C 830 -46.88 28.43 -14.39
N LEU C 831 -47.54 28.07 -13.29
CA LEU C 831 -46.86 27.30 -12.26
C LEU C 831 -46.75 25.85 -12.68
N ASN C 832 -45.52 25.35 -12.74
CA ASN C 832 -45.29 23.97 -13.16
C ASN C 832 -45.26 23.05 -11.94
N PRO C 833 -46.10 22.02 -11.89
CA PRO C 833 -46.04 21.07 -10.78
C PRO C 833 -44.66 20.42 -10.71
N ILE C 834 -44.18 20.26 -9.49
CA ILE C 834 -42.85 19.71 -9.24
C ILE C 834 -43.01 18.31 -8.66
N VAL C 835 -42.40 17.33 -9.33
CA VAL C 835 -42.41 15.94 -8.89
C VAL C 835 -40.98 15.57 -8.55
N LEU C 836 -40.72 15.30 -7.27
CA LEU C 836 -39.39 14.89 -6.82
C LEU C 836 -39.30 13.38 -6.87
N LEU C 837 -38.51 12.86 -7.82
CA LEU C 837 -38.33 11.42 -8.00
C LEU C 837 -37.17 11.00 -7.10
N LEU C 838 -37.48 10.71 -5.85
CA LEU C 838 -36.47 10.42 -4.84
C LEU C 838 -36.17 8.93 -4.77
N ASP C 839 -34.94 8.60 -4.37
CA ASP C 839 -34.56 7.22 -4.12
C ASP C 839 -34.90 6.79 -2.70
N ASN C 840 -34.69 7.67 -1.73
CA ASN C 840 -35.02 7.41 -0.33
C ASN C 840 -36.24 8.22 0.08
N LYS C 841 -36.99 7.67 1.02
CA LYS C 841 -38.20 8.35 1.50
C LYS C 841 -37.82 9.64 2.21
N PRO C 842 -38.41 10.77 1.83
CA PRO C 842 -38.02 12.05 2.46
C PRO C 842 -38.39 12.09 3.93
N ASP C 843 -37.53 12.73 4.73
CA ASP C 843 -37.79 12.87 6.14
C ASP C 843 -38.90 13.89 6.39
N HIS C 844 -39.38 13.92 7.64
CA HIS C 844 -40.47 14.83 7.99
C HIS C 844 -40.06 16.29 7.93
N HIS C 845 -38.77 16.59 8.08
CA HIS C 845 -38.32 17.98 8.04
C HIS C 845 -38.51 18.57 6.65
N PHE C 846 -38.07 17.85 5.61
CA PHE C 846 -38.24 18.35 4.25
C PHE C 846 -39.71 18.49 3.89
N LEU C 847 -40.52 17.49 4.27
CA LEU C 847 -41.95 17.56 3.97
C LEU C 847 -42.61 18.72 4.68
N GLU C 848 -42.24 18.98 5.94
CA GLU C 848 -42.78 20.14 6.64
C GLU C 848 -42.33 21.44 5.99
N ALA C 849 -41.10 21.48 5.48
CA ALA C 849 -40.61 22.66 4.77
C ALA C 849 -41.37 22.90 3.48
N ILE C 850 -41.72 21.84 2.74
CA ILE C 850 -42.35 21.99 1.43
C ILE C 850 -43.86 21.77 1.47
N CYS C 851 -44.44 21.53 2.63
CA CYS C 851 -45.87 21.24 2.69
C CYS C 851 -46.73 22.43 2.29
N CYS C 852 -46.22 23.65 2.39
CA CYS C 852 -47.00 24.83 2.08
C CYS C 852 -46.88 25.26 0.62
N PHE C 853 -45.97 24.65 -0.15
CA PHE C 853 -45.81 25.02 -1.55
C PHE C 853 -46.86 24.29 -2.40
N PRO C 854 -47.56 25.00 -3.27
CA PRO C 854 -48.59 24.36 -4.10
C PRO C 854 -47.98 23.54 -5.21
N MET C 855 -48.61 22.39 -5.48
CA MET C 855 -48.23 21.49 -6.57
C MET C 855 -46.77 21.07 -6.47
N VAL C 856 -46.42 20.52 -5.32
CA VAL C 856 -45.09 19.94 -5.08
C VAL C 856 -45.31 18.55 -4.52
N TYR C 857 -45.05 17.53 -5.34
CA TYR C 857 -45.26 16.15 -4.96
C TYR C 857 -43.95 15.38 -5.02
N TYR C 858 -43.94 14.21 -4.37
CA TYR C 858 -42.78 13.33 -4.38
C TYR C 858 -43.23 11.91 -4.62
N MET C 859 -42.32 11.12 -5.19
CA MET C 859 -42.57 9.70 -5.44
C MET C 859 -41.22 8.98 -5.44
N GLU C 860 -41.21 7.77 -4.90
CA GLU C 860 -40.00 6.97 -4.80
C GLU C 860 -39.70 6.31 -6.14
N GLY C 861 -38.44 6.39 -6.56
CA GLY C 861 -38.04 5.79 -7.83
C GLY C 861 -36.67 6.31 -8.23
N SER C 862 -36.36 6.13 -9.52
CA SER C 862 -35.07 6.55 -10.05
C SER C 862 -35.23 6.91 -11.51
N VAL C 863 -34.14 7.40 -12.11
CA VAL C 863 -34.14 7.73 -13.53
C VAL C 863 -33.80 6.54 -14.40
N ASP C 864 -33.31 5.45 -13.82
CA ASP C 864 -32.91 4.29 -14.61
C ASP C 864 -34.05 3.33 -14.92
N ASN C 865 -35.13 3.36 -14.14
CA ASN C 865 -36.28 2.51 -14.37
C ASN C 865 -37.39 3.33 -15.03
N LEU C 866 -37.91 2.83 -16.15
CA LEU C 866 -38.89 3.57 -16.93
C LEU C 866 -40.25 3.65 -16.24
N ASP C 867 -40.60 2.67 -15.42
CA ASP C 867 -41.90 2.67 -14.77
C ASP C 867 -42.08 3.86 -13.85
N SER C 868 -41.03 4.19 -13.07
CA SER C 868 -41.13 5.32 -12.15
C SER C 868 -41.29 6.63 -12.91
N LEU C 869 -40.55 6.82 -14.00
CA LEU C 869 -40.66 8.04 -14.78
C LEU C 869 -42.03 8.15 -15.46
N LEU C 870 -42.56 7.02 -15.94
CA LEU C 870 -43.89 7.05 -16.53
C LEU C 870 -44.97 7.32 -15.48
N GLN C 871 -44.77 6.85 -14.25
CA GLN C 871 -45.74 7.13 -13.19
C GLN C 871 -45.69 8.58 -12.75
N CYS C 872 -44.48 9.13 -12.58
CA CYS C 872 -44.35 10.56 -12.29
C CYS C 872 -44.92 11.39 -13.43
N GLY C 873 -44.87 10.88 -14.64
CA GLY C 873 -45.39 11.54 -15.81
C GLY C 873 -44.28 12.22 -16.58
N ILE C 874 -43.75 11.53 -17.59
CA ILE C 874 -42.67 12.10 -18.38
C ILE C 874 -43.17 12.46 -19.78
N ILE C 875 -44.35 11.97 -20.14
CA ILE C 875 -45.00 12.41 -21.38
C ILE C 875 -45.36 13.89 -21.27
N TYR C 876 -45.84 14.32 -20.10
CA TYR C 876 -46.26 15.68 -19.87
C TYR C 876 -45.20 16.53 -19.17
N ALA C 877 -43.99 15.99 -18.99
CA ALA C 877 -42.95 16.69 -18.27
C ALA C 877 -42.27 17.70 -19.17
N ASP C 878 -42.30 18.98 -18.77
CA ASP C 878 -41.58 20.00 -19.51
C ASP C 878 -40.08 19.83 -19.36
N ASN C 879 -39.62 19.51 -18.15
CA ASN C 879 -38.20 19.35 -17.88
C ASN C 879 -38.00 18.09 -17.04
N LEU C 880 -36.80 17.52 -17.14
CA LEU C 880 -36.38 16.40 -16.31
C LEU C 880 -35.01 16.74 -15.74
N VAL C 881 -34.99 17.20 -14.49
CA VAL C 881 -33.76 17.55 -13.81
C VAL C 881 -33.21 16.31 -13.13
N VAL C 882 -31.97 15.96 -13.47
CA VAL C 882 -31.31 14.77 -12.93
C VAL C 882 -30.12 15.23 -12.11
N VAL C 883 -30.09 14.85 -10.84
CA VAL C 883 -29.00 15.19 -9.93
C VAL C 883 -28.24 13.91 -9.62
N ASP C 884 -26.93 13.94 -9.81
CA ASP C 884 -26.10 12.75 -9.61
C ASP C 884 -26.10 12.34 -8.14
N LYS C 885 -26.01 11.03 -7.91
CA LYS C 885 -25.96 10.52 -6.55
C LYS C 885 -24.63 10.86 -5.89
N GLU C 886 -24.66 10.97 -4.57
CA GLU C 886 -23.45 11.32 -3.83
C GLU C 886 -22.43 10.19 -3.82
N SER C 887 -22.89 8.94 -3.78
CA SER C 887 -21.98 7.81 -3.68
C SER C 887 -21.42 7.36 -5.03
N THR C 888 -21.92 7.92 -6.13
CA THR C 888 -21.47 7.50 -7.45
C THR C 888 -20.05 7.97 -7.77
N MET C 889 -19.49 8.86 -6.96
CA MET C 889 -18.17 9.41 -7.21
C MET C 889 -17.03 8.61 -6.55
N SER C 890 -17.26 7.34 -6.22
CA SER C 890 -16.28 6.53 -5.53
C SER C 890 -15.30 5.83 -6.47
N ALA C 891 -15.44 6.01 -7.79
CA ALA C 891 -14.57 5.34 -8.74
C ALA C 891 -13.15 5.88 -8.65
N GLU C 892 -12.18 4.98 -8.76
CA GLU C 892 -10.77 5.38 -8.75
C GLU C 892 -10.47 6.32 -9.92
N GLU C 893 -10.90 5.93 -11.13
CA GLU C 893 -10.82 6.81 -12.27
C GLU C 893 -11.78 7.98 -12.07
N ASP C 894 -11.23 9.19 -11.92
CA ASP C 894 -12.04 10.33 -11.51
C ASP C 894 -13.11 10.66 -12.54
N TYR C 895 -12.78 10.60 -13.83
CA TYR C 895 -13.74 10.93 -14.87
C TYR C 895 -14.83 9.87 -15.02
N MET C 896 -14.68 8.72 -14.37
CA MET C 896 -15.68 7.66 -14.40
C MET C 896 -16.78 7.86 -13.37
N ALA C 897 -16.70 8.93 -12.56
CA ALA C 897 -17.70 9.16 -11.53
C ALA C 897 -19.06 9.48 -12.14
N ASP C 898 -19.08 10.08 -13.32
CA ASP C 898 -20.30 10.49 -13.98
C ASP C 898 -20.82 9.47 -14.98
N ALA C 899 -20.23 8.27 -15.01
CA ALA C 899 -20.59 7.29 -16.04
C ALA C 899 -22.04 6.85 -15.91
N LYS C 900 -22.49 6.52 -14.70
CA LYS C 900 -23.85 6.07 -14.51
C LYS C 900 -24.86 7.14 -14.88
N THR C 901 -24.61 8.38 -14.44
CA THR C 901 -25.51 9.48 -14.76
C THR C 901 -25.57 9.72 -16.25
N ILE C 902 -24.41 9.72 -16.91
CA ILE C 902 -24.37 9.98 -18.35
C ILE C 902 -25.12 8.89 -19.11
N VAL C 903 -24.90 7.63 -18.74
CA VAL C 903 -25.55 6.54 -19.46
C VAL C 903 -27.06 6.56 -19.22
N ASN C 904 -27.49 6.83 -17.98
CA ASN C 904 -28.92 6.89 -17.70
C ASN C 904 -29.59 8.04 -18.46
N VAL C 905 -28.95 9.21 -18.48
CA VAL C 905 -29.51 10.35 -19.21
C VAL C 905 -29.53 10.07 -20.70
N GLN C 906 -28.51 9.38 -21.22
CA GLN C 906 -28.52 9.03 -22.63
C GLN C 906 -29.64 8.05 -22.94
N THR C 907 -29.89 7.08 -22.05
CA THR C 907 -31.00 6.16 -22.25
C THR C 907 -32.33 6.90 -22.28
N MET C 908 -32.52 7.85 -21.36
CA MET C 908 -33.76 8.61 -21.34
C MET C 908 -33.88 9.52 -22.57
N PHE C 909 -32.76 10.03 -23.06
CA PHE C 909 -32.76 10.86 -24.26
C PHE C 909 -33.09 10.04 -25.51
N ARG C 910 -32.60 8.80 -25.58
CA ARG C 910 -32.96 7.91 -26.68
C ARG C 910 -34.44 7.52 -26.62
N LEU C 911 -34.93 7.18 -25.43
CA LEU C 911 -36.34 6.81 -25.29
C LEU C 911 -37.26 8.00 -25.59
N PHE C 912 -36.93 9.18 -25.04
CA PHE C 912 -37.73 10.39 -25.23
C PHE C 912 -36.86 11.45 -25.87
N PRO C 913 -36.81 11.52 -27.20
CA PRO C 913 -35.91 12.50 -27.84
C PRO C 913 -36.33 13.95 -27.64
N SER C 914 -37.63 14.22 -27.56
CA SER C 914 -38.12 15.60 -27.46
C SER C 914 -38.11 16.14 -26.03
N LEU C 915 -37.90 15.28 -25.03
CA LEU C 915 -37.89 15.74 -23.65
C LEU C 915 -36.65 16.59 -23.38
N SER C 916 -36.81 17.58 -22.52
CA SER C 916 -35.74 18.49 -22.14
C SER C 916 -35.15 18.03 -20.81
N ILE C 917 -33.93 17.50 -20.85
CA ILE C 917 -33.25 16.99 -19.68
C ILE C 917 -32.15 17.96 -19.29
N THR C 918 -32.10 18.32 -18.01
CA THR C 918 -31.06 19.16 -17.45
C THR C 918 -30.29 18.35 -16.42
N THR C 919 -28.96 18.37 -16.50
CA THR C 919 -28.11 17.52 -15.69
C THR C 919 -26.96 18.35 -15.12
N GLU C 920 -26.44 17.90 -13.99
CA GLU C 920 -25.26 18.48 -13.35
C GLU C 920 -24.17 17.41 -13.32
N LEU C 921 -22.98 17.76 -13.81
CA LEU C 921 -21.87 16.83 -13.90
C LEU C 921 -20.73 17.27 -13.00
N THR C 922 -19.95 16.31 -12.53
CA THR C 922 -18.82 16.62 -11.65
C THR C 922 -17.66 17.24 -12.42
N HIS C 923 -17.37 16.72 -13.61
CA HIS C 923 -16.23 17.18 -14.39
C HIS C 923 -16.68 17.87 -15.65
N PRO C 924 -16.15 19.06 -15.96
CA PRO C 924 -16.54 19.75 -17.20
C PRO C 924 -16.16 19.01 -18.47
N SER C 925 -15.18 18.09 -18.41
CA SER C 925 -14.77 17.35 -19.60
C SER C 925 -15.78 16.29 -20.00
N ASN C 926 -16.77 16.00 -19.16
CA ASN C 926 -17.78 14.99 -19.46
C ASN C 926 -19.06 15.59 -20.05
N MET C 927 -19.13 16.90 -20.20
CA MET C 927 -20.33 17.51 -20.77
C MET C 927 -20.49 17.19 -22.25
N ARG C 928 -19.44 16.71 -22.90
CA ARG C 928 -19.54 16.26 -24.28
C ARG C 928 -20.38 15.00 -24.42
N PHE C 929 -20.61 14.29 -23.32
CA PHE C 929 -21.28 13.00 -23.34
C PHE C 929 -22.76 13.08 -22.99
N MET C 930 -23.30 14.29 -22.77
CA MET C 930 -24.67 14.42 -22.32
C MET C 930 -25.68 13.90 -23.34
N GLN C 931 -25.59 14.36 -24.58
CA GLN C 931 -26.45 13.91 -25.67
C GLN C 931 -25.52 13.48 -26.80
N PHE C 932 -25.07 12.24 -26.73
CA PHE C 932 -24.01 11.75 -27.59
C PHE C 932 -24.59 11.16 -28.87
N ARG C 933 -24.33 11.82 -29.98
CA ARG C 933 -24.70 11.33 -31.31
C ARG C 933 -23.40 10.91 -32.00
N ALA C 934 -23.08 9.62 -31.90
CA ALA C 934 -21.84 9.12 -32.46
C ALA C 934 -21.81 9.26 -33.97
N LYS C 935 -22.93 8.97 -34.64
CA LYS C 935 -23.02 9.09 -36.09
C LYS C 935 -23.51 10.50 -36.44
N ASP C 936 -22.61 11.47 -36.21
CA ASP C 936 -22.91 12.87 -36.47
C ASP C 936 -21.61 13.59 -36.75
N SER C 937 -21.52 14.22 -37.93
CA SER C 937 -20.28 14.89 -38.32
C SER C 937 -20.07 16.19 -37.55
N TYR C 938 -21.14 16.95 -37.32
CA TYR C 938 -21.03 18.23 -36.62
C TYR C 938 -20.56 18.04 -35.19
N SER C 939 -21.10 17.03 -34.50
CA SER C 939 -20.74 16.81 -33.10
C SER C 939 -19.26 16.42 -32.96
N LEU C 940 -18.68 15.81 -33.98
CA LEU C 940 -17.26 15.46 -33.95
C LEU C 940 -16.37 16.54 -34.53
N ALA C 941 -16.91 17.46 -35.33
CA ALA C 941 -16.15 18.65 -35.69
C ALA C 941 -16.07 19.62 -34.53
N LEU C 942 -17.08 19.63 -33.66
CA LEU C 942 -16.99 20.39 -32.43
C LEU C 942 -15.84 19.90 -31.57
N SER C 943 -15.49 18.61 -31.67
CA SER C 943 -14.33 18.10 -30.96
C SER C 943 -13.05 18.75 -31.47
N LYS C 944 -12.91 18.88 -32.79
CA LYS C 944 -11.74 19.55 -33.35
C LYS C 944 -11.71 21.02 -32.95
N LEU C 945 -12.88 21.66 -32.94
CA LEU C 945 -12.93 23.06 -32.48
C LEU C 945 -12.49 23.18 -31.03
N GLU C 946 -12.95 22.27 -30.17
CA GLU C 946 -12.55 22.30 -28.76
C GLU C 946 -11.06 22.06 -28.60
N LYS C 947 -10.50 21.14 -29.38
CA LYS C 947 -9.06 20.90 -29.33
C LYS C 947 -8.29 22.14 -29.77
N ARG C 948 -8.74 22.80 -30.84
CA ARG C 948 -8.08 24.02 -31.28
C ARG C 948 -8.12 25.10 -30.21
N GLU C 949 -9.28 25.26 -29.55
CA GLU C 949 -9.37 26.24 -28.47
C GLU C 949 -8.46 25.87 -27.30
N ARG C 950 -8.40 24.58 -26.96
CA ARG C 950 -7.55 24.14 -25.86
C ARG C 950 -6.08 24.32 -26.17
N GLU C 951 -5.71 24.30 -27.46
CA GLU C 951 -4.32 24.56 -27.84
C GLU C 951 -3.90 25.97 -27.43
N ASN C 952 -4.79 26.94 -27.60
CA ASN C 952 -4.53 28.34 -27.30
C ASN C 952 -4.60 28.66 -25.81
N GLY C 953 -4.63 27.68 -24.91
CA GLY C 953 -4.68 27.97 -23.49
C GLY C 953 -6.01 28.46 -23.00
N SER C 954 -7.11 28.05 -23.65
CA SER C 954 -8.44 28.50 -23.26
C SER C 954 -8.98 27.68 -22.11
N ASN C 955 -9.47 28.37 -21.07
CA ASN C 955 -10.13 27.68 -19.98
C ASN C 955 -11.54 27.24 -20.36
N LEU C 956 -12.21 28.00 -21.23
CA LEU C 956 -13.56 27.65 -21.68
C LEU C 956 -13.48 26.85 -23.00
N ALA C 957 -12.89 25.67 -22.89
CA ALA C 957 -12.83 24.77 -24.04
C ALA C 957 -14.10 23.94 -24.19
N PHE C 958 -14.80 23.69 -23.09
CA PHE C 958 -16.06 22.94 -23.10
C PHE C 958 -17.22 23.75 -23.65
N MET C 959 -17.03 25.06 -23.87
CA MET C 959 -18.17 25.95 -24.09
C MET C 959 -18.88 25.67 -25.40
N PHE C 960 -18.16 25.19 -26.41
CA PHE C 960 -18.76 24.98 -27.73
C PHE C 960 -19.53 23.68 -27.86
N ARG C 961 -19.56 22.85 -26.82
CA ARG C 961 -20.38 21.64 -26.86
C ARG C 961 -21.85 22.02 -26.85
N LEU C 962 -22.63 21.33 -27.68
CA LEU C 962 -24.05 21.65 -27.80
C LEU C 962 -24.84 21.52 -26.51
N PRO C 963 -24.69 20.45 -25.72
CA PRO C 963 -25.44 20.39 -24.44
C PRO C 963 -25.16 21.56 -23.52
N PHE C 964 -23.89 22.01 -23.45
CA PHE C 964 -23.56 23.13 -22.58
C PHE C 964 -24.13 24.43 -23.14
N ALA C 965 -23.96 24.65 -24.45
CA ALA C 965 -24.44 25.88 -25.06
C ALA C 965 -25.95 26.00 -24.97
N ALA C 966 -26.68 24.89 -25.09
CA ALA C 966 -28.13 24.90 -24.99
C ALA C 966 -28.61 24.97 -23.55
N GLY C 967 -27.71 24.85 -22.57
CA GLY C 967 -28.11 24.89 -21.18
C GLY C 967 -28.52 23.57 -20.58
N ARG C 968 -28.13 22.45 -21.19
CA ARG C 968 -28.53 21.15 -20.67
C ARG C 968 -27.67 20.73 -19.48
N VAL C 969 -26.38 21.03 -19.51
CA VAL C 969 -25.45 20.57 -18.49
C VAL C 969 -24.62 21.73 -17.97
N PHE C 970 -24.32 21.67 -16.68
CA PHE C 970 -23.33 22.54 -16.05
C PHE C 970 -22.56 21.71 -15.05
N SER C 971 -21.38 22.21 -14.68
CA SER C 971 -20.54 21.56 -13.68
C SER C 971 -20.29 22.51 -12.51
N ILE C 972 -20.19 21.93 -11.31
CA ILE C 972 -19.95 22.72 -10.11
C ILE C 972 -18.58 23.36 -10.09
N SER C 973 -17.69 22.98 -11.00
CA SER C 973 -16.40 23.65 -11.11
C SER C 973 -16.55 25.14 -11.40
N MET C 974 -17.67 25.55 -11.97
CA MET C 974 -17.94 26.98 -12.11
C MET C 974 -18.04 27.66 -10.76
N LEU C 975 -18.50 26.94 -9.73
CA LEU C 975 -18.55 27.51 -8.39
C LEU C 975 -17.15 27.72 -7.83
N ASP C 976 -16.24 26.77 -8.07
CA ASP C 976 -14.85 26.96 -7.68
C ASP C 976 -14.23 28.14 -8.42
N THR C 977 -14.53 28.26 -9.71
CA THR C 977 -14.05 29.41 -10.48
C THR C 977 -14.61 30.71 -9.92
N LEU C 978 -15.87 30.70 -9.49
CA LEU C 978 -16.47 31.86 -8.85
C LEU C 978 -15.74 32.21 -7.56
N LEU C 979 -15.41 31.21 -6.75
CA LEU C 979 -14.72 31.45 -5.50
C LEU C 979 -13.33 32.04 -5.75
N TYR C 980 -12.61 31.54 -6.76
CA TYR C 980 -11.31 32.10 -7.07
C TYR C 980 -11.42 33.50 -7.67
N GLN C 981 -12.50 33.74 -8.42
CA GLN C 981 -12.74 35.08 -8.96
C GLN C 981 -13.01 36.08 -7.85
N SER C 982 -13.67 35.64 -6.78
CA SER C 982 -13.99 36.55 -5.69
C SER C 982 -12.75 37.09 -5.00
N PHE C 983 -11.59 36.44 -5.20
CA PHE C 983 -10.35 37.02 -4.71
C PHE C 983 -10.03 38.34 -5.39
N VAL C 984 -10.46 38.49 -6.65
CA VAL C 984 -10.28 39.74 -7.38
C VAL C 984 -11.58 40.54 -7.44
N LYS C 985 -12.71 39.86 -7.62
CA LYS C 985 -14.02 40.50 -7.71
C LYS C 985 -14.84 40.08 -6.49
N ASP C 986 -14.69 40.85 -5.40
CA ASP C 986 -15.40 40.50 -4.17
C ASP C 986 -16.91 40.57 -4.33
N TYR C 987 -17.38 41.33 -5.31
CA TYR C 987 -18.81 41.48 -5.58
C TYR C 987 -19.39 40.34 -6.38
N MET C 988 -18.56 39.44 -6.90
CA MET C 988 -19.02 38.46 -7.87
C MET C 988 -19.97 37.45 -7.23
N ILE C 989 -19.66 36.99 -6.02
CA ILE C 989 -20.52 36.02 -5.35
C ILE C 989 -21.88 36.64 -5.06
N THR C 990 -21.89 37.89 -4.58
CA THR C 990 -23.16 38.56 -4.30
C THR C 990 -23.98 38.75 -5.57
N ILE C 991 -23.32 39.12 -6.67
CA ILE C 991 -24.03 39.29 -7.93
C ILE C 991 -24.62 37.97 -8.40
N THR C 992 -23.84 36.90 -8.31
CA THR C 992 -24.34 35.59 -8.72
C THR C 992 -25.53 35.17 -7.88
N ARG C 993 -25.45 35.35 -6.56
CA ARG C 993 -26.56 34.98 -5.69
C ARG C 993 -27.79 35.83 -5.96
N LEU C 994 -27.61 37.12 -6.26
CA LEU C 994 -28.74 37.98 -6.61
C LEU C 994 -29.39 37.54 -7.90
N LEU C 995 -28.60 37.12 -8.89
CA LEU C 995 -29.17 36.61 -10.14
C LEU C 995 -29.97 35.34 -9.88
N LEU C 996 -29.46 34.46 -9.03
CA LEU C 996 -30.17 33.23 -8.70
C LEU C 996 -31.27 33.43 -7.68
N GLY C 997 -31.40 34.63 -7.10
CA GLY C 997 -32.39 34.85 -6.07
C GLY C 997 -32.06 34.24 -4.73
N LEU C 998 -30.84 33.75 -4.54
CA LEU C 998 -30.47 33.12 -3.28
C LEU C 998 -30.54 34.10 -2.13
N ASP C 999 -30.07 35.33 -2.34
CA ASP C 999 -30.19 36.40 -1.36
C ASP C 999 -31.16 37.46 -1.87
N THR C 1000 -32.00 37.95 -0.97
CA THR C 1000 -33.08 38.87 -1.32
C THR C 1000 -32.86 40.19 -0.59
N THR C 1001 -32.30 41.16 -1.29
CA THR C 1001 -32.24 42.52 -0.77
C THR C 1001 -33.39 43.33 -1.33
N PRO C 1002 -34.16 44.03 -0.50
CA PRO C 1002 -35.28 44.81 -1.02
C PRO C 1002 -34.82 45.85 -2.02
N GLY C 1003 -35.62 46.03 -3.07
CA GLY C 1003 -35.26 46.92 -4.15
C GLY C 1003 -34.38 46.33 -5.22
N SER C 1004 -34.12 45.03 -5.17
CA SER C 1004 -33.27 44.36 -6.14
C SER C 1004 -34.11 43.55 -7.11
N GLY C 1005 -33.73 43.58 -8.38
CA GLY C 1005 -34.47 42.88 -9.42
C GLY C 1005 -34.17 41.39 -9.44
N TYR C 1006 -34.86 40.69 -10.34
CA TYR C 1006 -34.73 39.25 -10.49
C TYR C 1006 -34.53 38.92 -11.96
N LEU C 1007 -33.93 37.75 -12.20
CA LEU C 1007 -33.65 37.29 -13.56
C LEU C 1007 -34.92 36.70 -14.15
N CYS C 1008 -35.45 37.36 -15.18
CA CYS C 1008 -36.62 36.88 -15.91
C CYS C 1008 -36.24 36.57 -17.35
N ALA C 1009 -37.22 36.16 -18.13
CA ALA C 1009 -37.01 35.83 -19.54
C ALA C 1009 -38.27 36.13 -20.32
N MET C 1010 -38.09 36.66 -21.52
CA MET C 1010 -39.20 37.00 -22.40
C MET C 1010 -39.00 36.33 -23.75
N LYS C 1011 -40.10 35.85 -24.34
CA LYS C 1011 -40.06 35.15 -25.62
C LYS C 1011 -40.36 36.13 -26.75
N ILE C 1012 -39.43 36.25 -27.69
CA ILE C 1012 -39.62 37.08 -28.87
C ILE C 1012 -40.52 36.32 -29.84
N THR C 1013 -41.76 36.77 -29.97
CA THR C 1013 -42.70 36.17 -30.90
C THR C 1013 -42.61 36.87 -32.26
N GLU C 1014 -43.24 36.26 -33.27
CA GLU C 1014 -43.27 36.85 -34.59
C GLU C 1014 -44.01 38.17 -34.63
N GLY C 1015 -44.91 38.42 -33.67
CA GLY C 1015 -45.58 39.70 -33.58
C GLY C 1015 -44.70 40.82 -33.09
N ASP C 1016 -43.59 40.51 -32.42
CA ASP C 1016 -42.63 41.50 -31.96
C ASP C 1016 -41.44 41.63 -32.89
N LEU C 1017 -41.47 40.99 -34.07
CA LEU C 1017 -40.35 41.04 -35.00
C LEU C 1017 -40.20 42.40 -35.67
N TRP C 1018 -41.17 43.30 -35.53
CA TRP C 1018 -40.99 44.66 -36.02
C TRP C 1018 -39.89 45.38 -35.26
N ILE C 1019 -39.54 44.90 -34.06
CA ILE C 1019 -38.34 45.35 -33.37
C ILE C 1019 -37.18 44.55 -33.94
N ARG C 1020 -36.59 45.06 -35.02
CA ARG C 1020 -35.62 44.29 -35.78
C ARG C 1020 -34.30 44.10 -35.04
N THR C 1021 -34.03 44.92 -34.03
CA THR C 1021 -32.71 45.01 -33.44
C THR C 1021 -32.78 44.85 -31.92
N TYR C 1022 -31.70 44.30 -31.36
CA TYR C 1022 -31.57 44.15 -29.92
C TYR C 1022 -31.51 45.49 -29.20
N GLY C 1023 -30.87 46.49 -29.81
CA GLY C 1023 -30.84 47.82 -29.21
C GLY C 1023 -32.21 48.46 -29.15
N ARG C 1024 -33.01 48.29 -30.22
CA ARG C 1024 -34.37 48.80 -30.20
C ARG C 1024 -35.21 48.10 -29.14
N LEU C 1025 -34.99 46.79 -28.94
CA LEU C 1025 -35.68 46.10 -27.85
C LEU C 1025 -35.25 46.63 -26.49
N PHE C 1026 -33.96 46.92 -26.34
CA PHE C 1026 -33.46 47.55 -25.12
C PHE C 1026 -34.18 48.87 -24.87
N GLN C 1027 -34.31 49.68 -25.92
CA GLN C 1027 -34.98 50.97 -25.80
C GLN C 1027 -36.44 50.80 -25.40
N LYS C 1028 -37.13 49.85 -26.04
CA LYS C 1028 -38.54 49.62 -25.72
C LYS C 1028 -38.71 49.16 -24.28
N LEU C 1029 -37.85 48.25 -23.82
CA LEU C 1029 -37.96 47.75 -22.46
C LEU C 1029 -37.69 48.86 -21.44
N CYS C 1030 -36.68 49.70 -21.70
CA CYS C 1030 -36.41 50.79 -20.76
C CYS C 1030 -37.43 51.91 -20.85
N SER C 1031 -38.16 52.02 -21.96
CA SER C 1031 -39.19 53.05 -22.07
C SER C 1031 -40.58 52.56 -21.64
N SER C 1032 -40.76 51.26 -21.45
CA SER C 1032 -42.06 50.72 -21.06
C SER C 1032 -42.04 50.09 -19.67
N SER C 1033 -41.14 49.13 -19.43
CA SER C 1033 -41.11 48.41 -18.16
C SER C 1033 -39.79 48.53 -17.43
N ALA C 1034 -38.83 49.30 -17.96
CA ALA C 1034 -37.55 49.57 -17.30
C ALA C 1034 -36.77 48.29 -17.03
N GLU C 1035 -36.89 47.30 -17.92
CA GLU C 1035 -36.13 46.07 -17.79
C GLU C 1035 -34.82 46.16 -18.58
N ILE C 1036 -33.80 45.49 -18.06
CA ILE C 1036 -32.48 45.54 -18.68
C ILE C 1036 -32.12 44.15 -19.21
N PRO C 1037 -32.05 43.97 -20.52
CA PRO C 1037 -31.77 42.63 -21.08
C PRO C 1037 -30.29 42.29 -20.97
N ILE C 1038 -30.00 41.17 -20.32
CA ILE C 1038 -28.61 40.69 -20.24
C ILE C 1038 -28.17 40.14 -21.58
N GLY C 1039 -28.84 39.08 -22.05
CA GLY C 1039 -28.44 38.42 -23.28
C GLY C 1039 -29.57 37.73 -24.00
N ILE C 1040 -29.22 36.98 -25.05
CA ILE C 1040 -30.20 36.31 -25.91
C ILE C 1040 -29.92 34.82 -25.90
N TYR C 1041 -30.98 34.03 -25.77
CA TYR C 1041 -30.91 32.57 -25.93
C TYR C 1041 -31.38 32.25 -27.34
N ARG C 1042 -30.43 32.11 -28.26
CA ARG C 1042 -30.73 32.02 -29.68
C ARG C 1042 -30.98 30.57 -30.09
N THR C 1043 -31.86 30.41 -31.07
CA THR C 1043 -32.31 29.11 -31.54
C THR C 1043 -32.07 28.97 -33.03
N GLU C 1044 -31.51 27.83 -33.45
CA GLU C 1044 -31.25 27.54 -34.85
C GLU C 1044 -31.72 26.14 -35.19
N SER C 1045 -31.98 25.91 -36.47
CA SER C 1045 -32.37 24.60 -36.97
C SER C 1045 -31.13 23.86 -37.43
N HIS C 1046 -30.88 22.69 -36.83
CA HIS C 1046 -29.64 21.95 -37.05
C HIS C 1046 -29.94 20.46 -37.25
N VAL C 1047 -30.82 20.17 -38.22
CA VAL C 1047 -31.25 18.81 -38.53
C VAL C 1047 -30.05 17.86 -38.55
N PHE C 1048 -30.15 16.77 -37.78
CA PHE C 1048 -29.02 15.86 -37.59
C PHE C 1048 -29.10 14.69 -38.56
N ALA C 1129 -50.81 -20.03 -42.65
CA ALA C 1129 -50.39 -18.90 -41.83
C ALA C 1129 -48.92 -18.58 -42.07
N ALA C 1130 -48.27 -19.36 -42.93
CA ALA C 1130 -46.86 -19.15 -43.23
C ALA C 1130 -46.63 -17.79 -43.87
N GLU C 1131 -47.51 -17.38 -44.78
CA GLU C 1131 -47.35 -16.08 -45.41
C GLU C 1131 -47.46 -14.94 -44.40
N TRP C 1132 -48.40 -15.05 -43.45
CA TRP C 1132 -48.58 -14.00 -42.46
C TRP C 1132 -47.36 -13.86 -41.56
N ILE C 1133 -46.83 -14.98 -41.05
CA ILE C 1133 -45.67 -14.90 -40.19
C ILE C 1133 -44.42 -14.49 -40.98
N SER C 1134 -44.35 -14.82 -42.27
CA SER C 1134 -43.26 -14.31 -43.09
C SER C 1134 -43.34 -12.80 -43.24
N GLN C 1135 -44.55 -12.27 -43.48
CA GLN C 1135 -44.76 -10.83 -43.55
C GLN C 1135 -44.30 -10.16 -42.26
N GLN C 1136 -44.74 -10.71 -41.12
CA GLN C 1136 -44.33 -10.16 -39.83
C GLN C 1136 -42.82 -10.28 -39.63
N ARG C 1137 -42.21 -11.36 -40.14
CA ARG C 1137 -40.77 -11.54 -40.00
C ARG C 1137 -40.01 -10.46 -40.75
N LEU C 1138 -40.36 -10.21 -42.02
CA LEU C 1138 -39.69 -9.14 -42.75
C LEU C 1138 -39.98 -7.77 -42.15
N SER C 1139 -41.21 -7.53 -41.68
CA SER C 1139 -41.52 -6.24 -41.07
C SER C 1139 -40.69 -6.01 -39.81
N LEU C 1140 -40.54 -7.05 -38.99
CA LEU C 1140 -39.80 -6.92 -37.74
C LEU C 1140 -38.30 -6.85 -37.99
N TYR C 1141 -37.82 -7.46 -39.08
CA TYR C 1141 -36.42 -7.35 -39.45
C TYR C 1141 -36.10 -5.97 -40.01
N ARG C 1142 -37.04 -5.35 -40.71
CA ARG C 1142 -36.83 -4.04 -41.31
C ARG C 1142 -37.08 -2.89 -40.34
N ARG C 1143 -37.63 -3.16 -39.16
CA ARG C 1143 -37.91 -2.10 -38.21
C ARG C 1143 -36.62 -1.56 -37.61
N SER C 1144 -36.60 -0.25 -37.35
CA SER C 1144 -35.40 0.43 -36.91
C SER C 1144 -35.32 0.47 -35.39
N GLU C 1145 -34.27 1.12 -34.89
CA GLU C 1145 -34.08 1.24 -33.45
C GLU C 1145 -35.03 2.24 -32.82
N ARG C 1146 -35.38 3.31 -33.54
CA ARG C 1146 -36.36 4.26 -33.02
C ARG C 1146 -37.70 3.59 -32.78
N GLN C 1147 -38.12 2.75 -33.73
CA GLN C 1147 -39.35 1.98 -33.54
C GLN C 1147 -39.22 1.03 -32.35
N GLU C 1148 -38.05 0.44 -32.16
CA GLU C 1148 -37.83 -0.44 -31.01
C GLU C 1148 -38.03 0.31 -29.70
N LEU C 1149 -37.42 1.48 -29.58
CA LEU C 1149 -37.55 2.27 -28.36
C LEU C 1149 -38.99 2.72 -28.14
N SER C 1150 -39.65 3.15 -29.22
CA SER C 1150 -41.05 3.58 -29.11
C SER C 1150 -41.94 2.44 -28.66
N GLU C 1151 -41.76 1.24 -29.23
CA GLU C 1151 -42.55 0.10 -28.84
C GLU C 1151 -42.26 -0.32 -27.40
N LEU C 1152 -41.00 -0.23 -26.96
CA LEU C 1152 -40.70 -0.54 -25.56
C LEU C 1152 -41.42 0.41 -24.62
N VAL C 1153 -41.38 1.71 -24.94
CA VAL C 1153 -42.04 2.69 -24.08
C VAL C 1153 -43.56 2.46 -24.08
N LYS C 1154 -44.13 2.18 -25.24
CA LYS C 1154 -45.57 1.94 -25.31
C LYS C 1154 -45.96 0.66 -24.57
N ASN C 1155 -45.14 -0.38 -24.66
CA ASN C 1155 -45.41 -1.61 -23.92
C ASN C 1155 -45.39 -1.35 -22.42
N ARG C 1156 -44.40 -0.58 -21.94
CA ARG C 1156 -44.36 -0.24 -20.53
C ARG C 1156 -45.59 0.56 -20.13
N MET C 1157 -46.00 1.51 -20.97
CA MET C 1157 -47.16 2.35 -20.66
C MET C 1157 -48.43 1.51 -20.57
N LYS C 1158 -48.64 0.61 -21.53
CA LYS C 1158 -49.83 -0.22 -21.51
C LYS C 1158 -49.77 -1.28 -20.41
N HIS C 1159 -48.57 -1.63 -19.94
CA HIS C 1159 -48.48 -2.52 -18.80
C HIS C 1159 -48.84 -1.80 -17.49
N LEU C 1160 -48.38 -0.56 -17.33
CA LEU C 1160 -48.76 0.20 -16.13
C LEU C 1160 -50.20 0.70 -16.20
N GLY C 1161 -50.72 0.92 -17.41
CA GLY C 1161 -52.09 1.34 -17.58
C GLY C 1161 -52.30 2.71 -18.20
N LEU C 1162 -51.22 3.45 -18.47
CA LEU C 1162 -51.42 4.73 -19.14
C LEU C 1162 -51.67 4.52 -20.63
N PRO C 1163 -52.47 5.37 -21.26
CA PRO C 1163 -52.72 5.22 -22.69
C PRO C 1163 -51.44 5.36 -23.50
N THR C 1164 -51.33 4.55 -24.55
CA THR C 1164 -50.14 4.59 -25.39
C THR C 1164 -50.03 5.92 -26.12
N THR C 1165 -51.16 6.46 -26.58
CA THR C 1165 -51.16 7.73 -27.28
C THR C 1165 -50.73 8.86 -26.34
N GLY C 1166 -50.27 9.95 -26.94
CA GLY C 1166 -49.66 11.05 -26.22
C GLY C 1166 -48.15 11.02 -26.23
N TYR C 1167 -47.56 9.83 -26.39
CA TYR C 1167 -46.12 9.71 -26.54
C TYR C 1167 -45.61 10.41 -27.79
N ASP C 1168 -46.48 10.62 -28.77
CA ASP C 1168 -46.12 11.32 -30.00
C ASP C 1168 -45.71 12.76 -29.73
N HIS C 1173 -35.66 13.95 -32.76
CA HIS C 1173 -36.94 14.65 -32.82
C HIS C 1173 -36.75 16.15 -32.67
N GLN C 1174 -35.68 16.54 -31.98
CA GLN C 1174 -35.35 17.94 -31.74
C GLN C 1174 -34.16 18.31 -32.64
N ASN C 1175 -34.48 18.76 -33.85
CA ASN C 1175 -33.46 19.22 -34.80
C ASN C 1175 -33.17 20.71 -34.56
N THR C 1176 -32.62 20.99 -33.37
CA THR C 1176 -32.45 22.35 -32.90
C THR C 1176 -31.05 22.53 -32.33
N LEU C 1177 -30.50 23.72 -32.50
CA LEU C 1177 -29.22 24.11 -31.91
C LEU C 1177 -29.42 25.44 -31.21
N SER C 1178 -28.95 25.55 -29.97
CA SER C 1178 -29.13 26.75 -29.16
C SER C 1178 -27.84 27.15 -28.49
N TYR C 1179 -27.72 28.45 -28.20
CA TYR C 1179 -26.53 29.00 -27.56
C TYR C 1179 -26.93 30.30 -26.89
N VAL C 1180 -26.00 30.84 -26.09
CA VAL C 1180 -26.24 32.03 -25.27
C VAL C 1180 -25.32 33.14 -25.73
N LEU C 1181 -25.90 34.29 -26.07
CA LEU C 1181 -25.13 35.49 -26.43
C LEU C 1181 -25.22 36.45 -25.26
N ILE C 1182 -24.15 36.54 -24.47
CA ILE C 1182 -24.12 37.41 -23.31
C ILE C 1182 -23.82 38.83 -23.79
N ASN C 1183 -24.77 39.74 -23.54
CA ASN C 1183 -24.65 41.15 -23.91
C ASN C 1183 -24.22 41.30 -25.37
N PRO C 1184 -25.09 40.97 -26.32
CA PRO C 1184 -24.74 41.16 -27.72
C PRO C 1184 -24.69 42.63 -28.06
N PRO C 1185 -23.99 43.00 -29.14
CA PRO C 1185 -23.92 44.42 -29.52
C PRO C 1185 -25.29 44.98 -29.82
N PRO C 1186 -25.49 46.29 -29.58
CA PRO C 1186 -26.83 46.87 -29.78
C PRO C 1186 -27.32 46.84 -31.21
N ASP C 1187 -26.49 46.41 -32.16
CA ASP C 1187 -26.89 46.28 -33.56
C ASP C 1187 -27.32 44.86 -33.92
N THR C 1188 -27.33 43.94 -32.96
CA THR C 1188 -27.69 42.56 -33.23
C THR C 1188 -29.15 42.46 -33.67
N ARG C 1189 -29.39 41.71 -34.75
CA ARG C 1189 -30.72 41.51 -35.28
C ARG C 1189 -31.43 40.40 -34.53
N LEU C 1190 -32.73 40.59 -34.29
CA LEU C 1190 -33.53 39.65 -33.51
C LEU C 1190 -34.16 38.60 -34.42
N GLU C 1191 -33.99 37.33 -34.05
CA GLU C 1191 -34.54 36.20 -34.76
C GLU C 1191 -35.74 35.63 -34.01
N PRO C 1192 -36.62 34.89 -34.70
CA PRO C 1192 -37.70 34.20 -34.01
C PRO C 1192 -37.17 33.10 -33.11
N SER C 1193 -38.05 32.59 -32.25
CA SER C 1193 -37.73 31.60 -31.23
C SER C 1193 -36.66 32.08 -30.27
N ASP C 1194 -36.45 33.39 -30.15
CA ASP C 1194 -35.43 33.93 -29.27
C ASP C 1194 -36.01 34.20 -27.89
N ILE C 1195 -35.16 34.05 -26.87
CA ILE C 1195 -35.52 34.32 -25.49
C ILE C 1195 -34.46 35.27 -24.92
N VAL C 1196 -34.91 36.38 -24.35
CA VAL C 1196 -34.02 37.42 -23.86
C VAL C 1196 -34.00 37.35 -22.34
N TYR C 1197 -32.82 37.20 -21.77
CA TYR C 1197 -32.67 37.25 -20.31
C TYR C 1197 -32.85 38.68 -19.84
N LEU C 1198 -33.71 38.86 -18.84
CA LEU C 1198 -34.04 40.19 -18.33
C LEU C 1198 -33.75 40.26 -16.84
N ILE C 1199 -33.30 41.43 -16.41
CA ILE C 1199 -33.24 41.76 -14.98
C ILE C 1199 -34.41 42.73 -14.76
N ARG C 1200 -35.55 42.17 -14.39
CA ARG C 1200 -36.76 42.95 -14.19
C ARG C 1200 -36.74 43.54 -12.78
N SER C 1201 -37.04 44.85 -12.69
CA SER C 1201 -36.94 45.55 -11.42
C SER C 1201 -37.92 44.97 -10.39
N ASP C 1202 -37.65 45.28 -9.13
CA ASP C 1202 -38.45 44.74 -8.04
C ASP C 1202 -39.88 45.25 -8.14
N PRO C 1203 -40.88 44.36 -8.17
CA PRO C 1203 -42.27 44.81 -8.27
C PRO C 1203 -42.78 45.42 -6.97
N LEU C 1204 -42.09 45.10 -5.86
CA LEU C 1204 -42.53 45.51 -4.54
C LEU C 1204 -42.02 46.89 -4.14
N ALA C 1205 -40.89 47.32 -4.69
CA ALA C 1205 -40.30 48.60 -4.33
C ALA C 1205 -40.88 49.73 -5.18
N ARG D 110 30.75 -33.52 9.21
CA ARG D 110 31.73 -32.53 9.62
C ARG D 110 33.11 -32.86 9.06
N SER D 111 33.30 -34.11 8.64
CA SER D 111 34.57 -34.51 8.06
C SER D 111 34.81 -33.79 6.74
N SER D 112 33.76 -33.58 5.95
CA SER D 112 33.90 -32.83 4.70
C SER D 112 34.36 -31.41 4.96
N LEU D 113 33.87 -30.79 6.04
CA LEU D 113 34.35 -29.46 6.42
C LEU D 113 35.83 -29.49 6.76
N ARG D 114 36.28 -30.53 7.47
CA ARG D 114 37.70 -30.66 7.77
C ARG D 114 38.53 -30.81 6.50
N ILE D 115 38.01 -31.59 5.53
CA ILE D 115 38.72 -31.75 4.27
C ILE D 115 38.80 -30.43 3.50
N ARG D 116 37.70 -29.67 3.49
CA ARG D 116 37.72 -28.37 2.82
C ARG D 116 38.70 -27.41 3.49
N LEU D 117 38.73 -27.40 4.82
CA LEU D 117 39.70 -26.58 5.55
C LEU D 117 41.12 -27.00 5.22
N PHE D 118 41.37 -28.31 5.13
CA PHE D 118 42.69 -28.80 4.76
C PHE D 118 43.08 -28.34 3.37
N ASN D 119 42.15 -28.40 2.41
CA ASN D 119 42.44 -27.96 1.06
C ASN D 119 42.74 -26.47 1.01
N PHE D 120 41.94 -25.66 1.72
CA PHE D 120 42.17 -24.22 1.73
C PHE D 120 43.51 -23.88 2.38
N SER D 121 43.83 -24.53 3.51
CA SER D 121 45.10 -24.30 4.17
C SER D 121 46.26 -24.73 3.29
N LEU D 122 46.09 -25.83 2.55
CA LEU D 122 47.13 -26.28 1.62
C LEU D 122 47.38 -25.27 0.52
N LYS D 123 46.31 -24.70 -0.06
CA LYS D 123 46.49 -23.68 -1.09
C LYS D 123 47.19 -22.44 -0.52
N LEU D 124 46.76 -22.00 0.67
CA LEU D 124 47.38 -20.83 1.27
C LEU D 124 48.85 -21.10 1.56
N LEU D 125 49.16 -22.30 2.05
CA LEU D 125 50.54 -22.65 2.37
C LEU D 125 51.40 -22.73 1.12
N THR D 126 50.84 -23.22 0.01
CA THR D 126 51.66 -23.31 -1.20
C THR D 126 51.92 -21.93 -1.79
N CYS D 127 50.97 -20.99 -1.71
CA CYS D 127 51.32 -19.65 -2.18
C CYS D 127 52.29 -18.97 -1.22
N LEU D 128 52.17 -19.24 0.08
CA LEU D 128 53.13 -18.68 1.03
C LEU D 128 54.54 -19.21 0.76
N LEU D 129 54.66 -20.49 0.41
CA LEU D 129 55.96 -21.04 0.07
C LEU D 129 56.47 -20.54 -1.26
N TYR D 130 55.57 -20.22 -2.21
CA TYR D 130 56.02 -19.51 -3.40
C TYR D 130 56.60 -18.15 -3.04
N ILE D 131 55.97 -17.46 -2.08
CA ILE D 131 56.51 -16.19 -1.59
C ILE D 131 57.90 -16.39 -1.00
N VAL D 132 58.07 -17.41 -0.16
CA VAL D 132 59.38 -17.61 0.48
C VAL D 132 60.40 -18.04 -0.55
N ARG D 133 59.95 -18.69 -1.63
CA ARG D 133 60.86 -19.03 -2.73
C ARG D 133 61.34 -17.78 -3.44
N VAL D 134 60.41 -16.88 -3.77
CA VAL D 134 60.78 -15.70 -4.56
C VAL D 134 61.54 -14.70 -3.71
N LEU D 135 61.39 -14.76 -2.38
CA LEU D 135 62.06 -13.80 -1.51
C LEU D 135 63.52 -14.18 -1.23
N LEU D 136 63.83 -15.48 -1.25
CA LEU D 136 65.16 -15.97 -0.87
C LEU D 136 66.05 -16.23 -2.08
N ASP D 137 65.61 -15.86 -3.28
CA ASP D 137 66.34 -16.15 -4.50
C ASP D 137 66.78 -14.84 -5.16
N ASP D 138 68.02 -14.82 -5.66
CA ASP D 138 68.59 -13.67 -6.32
C ASP D 138 68.89 -13.98 -7.78
N PRO D 139 68.53 -13.09 -8.70
CA PRO D 139 68.77 -13.35 -10.13
C PRO D 139 70.19 -13.05 -10.56
N ALA D 140 70.88 -12.17 -9.83
CA ALA D 140 72.23 -11.76 -10.22
C ALA D 140 73.24 -12.88 -10.08
N LEU D 141 73.00 -13.85 -9.18
CA LEU D 141 73.94 -14.94 -9.01
C LEU D 141 74.08 -15.79 -10.28
N GLY D 142 72.96 -16.07 -10.94
CA GLY D 142 72.97 -16.87 -12.14
C GLY D 142 71.68 -17.63 -12.33
N ILE D 143 71.18 -17.69 -13.57
CA ILE D 143 69.92 -18.33 -13.88
C ILE D 143 70.15 -19.36 -14.98
N GLY D 144 69.69 -20.58 -14.75
CA GLY D 144 69.80 -21.64 -15.73
C GLY D 144 68.71 -22.66 -15.51
N CYS D 145 68.73 -23.70 -16.35
CA CYS D 145 67.70 -24.73 -16.25
C CYS D 145 67.87 -25.56 -14.99
N TRP D 146 68.97 -26.31 -14.90
CA TRP D 146 69.32 -27.07 -13.70
C TRP D 146 70.67 -27.75 -13.91
N GLY D 147 71.41 -28.01 -12.83
CA GLY D 147 72.73 -28.57 -12.95
C GLY D 147 73.80 -27.50 -13.04
N CYS D 148 74.59 -27.49 -14.11
CA CYS D 148 75.54 -26.40 -14.26
C CYS D 148 75.49 -25.73 -15.63
N PRO D 149 74.29 -25.42 -16.17
CA PRO D 149 74.18 -24.22 -17.02
C PRO D 149 73.85 -23.02 -16.15
N LYS D 150 74.73 -22.03 -16.09
CA LYS D 150 74.54 -20.86 -15.24
C LYS D 150 75.24 -19.68 -15.88
N GLN D 151 74.45 -18.70 -16.31
CA GLN D 151 74.96 -17.54 -17.02
C GLN D 151 74.25 -16.28 -16.50
N ASN D 152 74.96 -15.16 -16.56
CA ASN D 152 74.43 -13.91 -16.04
C ASN D 152 73.77 -13.09 -17.15
N TYR D 153 72.62 -12.50 -16.84
CA TYR D 153 71.85 -11.73 -17.79
C TYR D 153 71.66 -10.30 -17.29
N SER D 154 71.72 -9.35 -18.22
CA SER D 154 71.50 -7.95 -17.93
C SER D 154 70.55 -7.38 -18.98
N PHE D 155 69.70 -6.44 -18.56
CA PHE D 155 68.68 -5.87 -19.43
C PHE D 155 69.02 -4.41 -19.71
N ASN D 156 68.99 -4.05 -21.00
CA ASN D 156 69.23 -2.68 -21.45
C ASN D 156 68.01 -2.16 -22.20
N ASP D 157 67.85 -0.84 -22.20
CA ASP D 157 66.70 -0.23 -22.86
C ASP D 157 66.88 -0.04 -24.36
N SER D 158 68.10 -0.18 -24.87
CA SER D 158 68.34 0.06 -26.29
C SER D 158 67.71 -1.03 -27.14
N SER D 159 68.12 -2.28 -26.95
CA SER D 159 67.61 -3.39 -27.74
C SER D 159 66.21 -3.77 -27.27
N SER D 160 65.26 -3.85 -28.20
CA SER D 160 63.90 -4.24 -27.89
C SER D 160 63.74 -5.73 -27.68
N GLU D 161 64.75 -6.53 -28.02
CA GLU D 161 64.70 -7.96 -27.77
C GLU D 161 64.67 -8.23 -26.27
N ILE D 162 63.79 -9.13 -25.85
CA ILE D 162 63.64 -9.49 -24.45
C ILE D 162 64.21 -10.88 -24.23
N ASN D 163 64.92 -11.05 -23.13
CA ASN D 163 65.50 -12.34 -22.77
C ASN D 163 64.50 -13.13 -21.92
N TRP D 164 64.07 -14.29 -22.42
CA TRP D 164 63.10 -15.13 -21.73
C TRP D 164 63.75 -16.06 -20.70
N ALA D 165 65.07 -16.19 -20.70
CA ALA D 165 65.71 -17.12 -19.77
C ALA D 165 65.42 -16.81 -18.31
N PRO D 166 65.48 -15.56 -17.83
CA PRO D 166 65.07 -15.31 -16.44
C PRO D 166 63.63 -15.73 -16.16
N ILE D 167 62.71 -15.45 -17.08
CA ILE D 167 61.30 -15.76 -16.85
C ILE D 167 61.07 -17.27 -16.88
N LEU D 168 61.67 -17.96 -17.87
CA LEU D 168 61.45 -19.40 -17.99
C LEU D 168 62.03 -20.15 -16.80
N TRP D 169 63.24 -19.81 -16.39
CA TRP D 169 63.96 -20.57 -15.37
C TRP D 169 64.17 -19.71 -14.14
N VAL D 170 63.73 -20.21 -12.99
CA VAL D 170 63.93 -19.56 -11.70
C VAL D 170 64.77 -20.50 -10.84
N GLU D 171 65.77 -19.93 -10.16
CA GLU D 171 66.62 -20.74 -9.29
C GLU D 171 65.84 -21.16 -8.05
N ARG D 172 65.93 -22.46 -7.72
CA ARG D 172 65.19 -23.02 -6.59
C ARG D 172 66.04 -24.06 -5.90
N LYS D 173 65.99 -24.07 -4.58
CA LYS D 173 66.72 -25.05 -3.78
C LYS D 173 66.06 -26.42 -3.87
N MET D 174 66.88 -27.46 -3.65
CA MET D 174 66.37 -28.82 -3.72
C MET D 174 65.32 -29.08 -2.64
N THR D 175 65.58 -28.61 -1.42
CA THR D 175 64.65 -28.83 -0.32
C THR D 175 63.30 -28.20 -0.59
N LEU D 176 63.31 -26.94 -1.03
CA LEU D 176 62.05 -26.22 -1.26
C LEU D 176 61.23 -26.87 -2.36
N TRP D 177 61.90 -27.30 -3.43
CA TRP D 177 61.22 -28.06 -4.49
C TRP D 177 60.64 -29.35 -3.94
N ALA D 178 61.39 -30.07 -3.10
CA ALA D 178 60.88 -31.31 -2.53
C ALA D 178 59.63 -31.08 -1.69
N ILE D 179 59.63 -30.02 -0.88
CA ILE D 179 58.46 -29.74 -0.05
C ILE D 179 57.27 -29.36 -0.92
N GLN D 180 57.47 -28.53 -1.93
CA GLN D 180 56.36 -28.10 -2.76
C GLN D 180 55.81 -29.23 -3.64
N VAL D 181 56.65 -30.17 -4.04
CA VAL D 181 56.15 -31.29 -4.86
C VAL D 181 55.13 -32.10 -4.08
N ILE D 182 55.43 -32.38 -2.80
CA ILE D 182 54.49 -33.15 -1.97
C ILE D 182 53.17 -32.41 -1.83
N VAL D 183 53.23 -31.09 -1.59
CA VAL D 183 52.02 -30.30 -1.43
C VAL D 183 51.19 -30.33 -2.70
N ALA D 184 51.83 -30.15 -3.86
CA ALA D 184 51.10 -30.18 -5.12
C ALA D 184 50.45 -31.54 -5.35
N ILE D 185 51.20 -32.62 -5.09
CA ILE D 185 50.67 -33.96 -5.32
C ILE D 185 49.46 -34.21 -4.42
N ILE D 186 49.57 -33.85 -3.14
CA ILE D 186 48.45 -34.13 -2.23
C ILE D 186 47.26 -33.24 -2.55
N SER D 187 47.51 -32.02 -3.03
CA SER D 187 46.39 -31.17 -3.45
C SER D 187 45.66 -31.78 -4.64
N PHE D 188 46.42 -32.25 -5.63
CA PHE D 188 45.86 -32.92 -6.80
C PHE D 188 45.03 -34.13 -6.39
N LEU D 189 45.59 -34.98 -5.53
CA LEU D 189 44.88 -36.18 -5.10
C LEU D 189 43.61 -35.83 -4.34
N GLU D 190 43.66 -34.85 -3.44
CA GLU D 190 42.47 -34.46 -2.69
C GLU D 190 41.40 -33.89 -3.61
N THR D 191 41.81 -33.05 -4.56
CA THR D 191 40.84 -32.43 -5.47
C THR D 191 40.11 -33.47 -6.30
N MET D 192 40.85 -34.37 -6.96
CA MET D 192 40.11 -35.37 -7.73
C MET D 192 39.46 -36.45 -6.88
N LEU D 193 39.92 -36.68 -5.64
CA LEU D 193 39.19 -37.57 -4.75
C LEU D 193 37.83 -37.01 -4.41
N LEU D 194 37.75 -35.71 -4.12
CA LEU D 194 36.46 -35.08 -3.90
C LEU D 194 35.63 -34.99 -5.18
N ILE D 195 36.27 -34.85 -6.34
CA ILE D 195 35.54 -34.84 -7.60
C ILE D 195 34.89 -36.20 -7.85
N TYR D 196 35.65 -37.28 -7.64
CA TYR D 196 35.08 -38.62 -7.78
C TYR D 196 34.04 -38.90 -6.69
N LEU D 197 34.18 -38.25 -5.54
CA LEU D 197 33.18 -38.39 -4.48
C LEU D 197 31.85 -37.76 -4.86
N SER D 198 31.88 -36.72 -5.69
CA SER D 198 30.67 -35.97 -6.07
C SER D 198 30.58 -35.95 -7.59
N TYR D 199 29.79 -36.87 -8.15
CA TYR D 199 29.50 -36.88 -9.57
C TYR D 199 28.23 -36.14 -9.94
N LYS D 200 27.21 -36.20 -9.08
CA LYS D 200 25.89 -35.62 -9.35
C LYS D 200 25.28 -36.14 -10.63
N GLY D 201 25.66 -37.35 -11.05
CA GLY D 201 25.18 -37.90 -12.30
C GLY D 201 25.63 -37.15 -13.52
N ASN D 202 26.73 -36.38 -13.42
CA ASN D 202 27.19 -35.56 -14.53
C ASN D 202 28.70 -35.39 -14.39
N ILE D 203 29.45 -36.18 -15.15
CA ILE D 203 30.91 -36.03 -15.18
C ILE D 203 31.34 -34.87 -16.06
N TRP D 204 30.54 -34.55 -17.09
CA TRP D 204 30.84 -33.46 -17.99
C TRP D 204 30.73 -32.12 -17.25
N GLU D 205 31.01 -31.03 -17.98
CA GLU D 205 30.91 -29.67 -17.48
C GLU D 205 31.92 -29.38 -16.37
N GLN D 206 32.75 -30.37 -16.01
CA GLN D 206 33.82 -30.13 -15.05
C GLN D 206 34.99 -29.39 -15.69
N ILE D 207 35.18 -29.55 -17.00
CA ILE D 207 36.26 -28.84 -17.69
C ILE D 207 35.94 -27.35 -17.79
N PHE D 208 34.71 -27.02 -18.16
CA PHE D 208 34.33 -25.63 -18.38
C PHE D 208 34.10 -24.85 -17.09
N ARG D 209 33.86 -25.52 -15.97
CA ARG D 209 33.89 -24.86 -14.67
C ARG D 209 35.31 -24.35 -14.43
N VAL D 210 35.48 -23.04 -14.28
CA VAL D 210 36.83 -22.52 -14.15
C VAL D 210 37.25 -22.58 -12.69
N SER D 211 37.55 -23.79 -12.23
CA SER D 211 38.31 -24.06 -11.01
C SER D 211 39.28 -25.21 -11.18
N PHE D 212 39.08 -26.08 -12.16
CA PHE D 212 39.84 -27.30 -12.36
C PHE D 212 40.97 -27.12 -13.35
N VAL D 213 40.78 -26.28 -14.36
CA VAL D 213 41.85 -25.99 -15.31
C VAL D 213 43.00 -25.28 -14.61
N LEU D 214 42.67 -24.31 -13.74
CA LEU D 214 43.70 -23.60 -12.99
C LEU D 214 44.47 -24.55 -12.09
N GLU D 215 43.76 -25.44 -11.39
CA GLU D 215 44.40 -26.41 -10.52
C GLU D 215 45.31 -27.33 -11.33
N MET D 216 44.84 -27.77 -12.49
CA MET D 216 45.62 -28.68 -13.33
C MET D 216 46.91 -28.01 -13.79
N ILE D 217 46.81 -26.79 -14.31
CA ILE D 217 47.98 -26.07 -14.81
C ILE D 217 48.93 -25.73 -13.68
N ASN D 218 48.42 -25.43 -12.48
CA ASN D 218 49.27 -25.14 -11.33
C ASN D 218 49.93 -26.38 -10.75
N THR D 219 49.31 -27.55 -10.89
CA THR D 219 49.74 -28.74 -10.17
C THR D 219 50.54 -29.73 -11.01
N LEU D 220 50.02 -30.15 -12.18
CA LEU D 220 50.68 -31.19 -12.97
C LEU D 220 52.15 -30.90 -13.28
N PRO D 221 52.54 -29.66 -13.61
CA PRO D 221 53.96 -29.40 -13.84
C PRO D 221 54.85 -29.79 -12.68
N PHE D 222 54.35 -29.76 -11.44
CA PHE D 222 55.13 -30.22 -10.32
C PHE D 222 55.49 -31.70 -10.44
N ILE D 223 54.54 -32.53 -10.88
CA ILE D 223 54.81 -33.93 -11.11
C ILE D 223 55.67 -34.14 -12.35
N ILE D 224 55.49 -33.29 -13.36
CA ILE D 224 56.29 -33.38 -14.58
C ILE D 224 57.76 -33.10 -14.27
N THR D 225 58.03 -32.20 -13.33
CA THR D 225 59.41 -31.88 -12.97
C THR D 225 60.18 -33.11 -12.50
N ILE D 226 59.50 -34.09 -11.91
CA ILE D 226 60.17 -35.32 -11.49
C ILE D 226 60.68 -36.10 -12.70
N PHE D 227 59.92 -36.10 -13.81
CA PHE D 227 60.35 -36.84 -14.99
C PHE D 227 61.66 -36.30 -15.55
N TRP D 228 61.81 -34.98 -15.59
CA TRP D 228 63.01 -34.34 -16.14
C TRP D 228 63.72 -33.58 -15.03
N PRO D 229 64.83 -34.11 -14.51
CA PRO D 229 65.59 -33.39 -13.46
C PRO D 229 66.00 -31.99 -13.89
N PRO D 230 66.40 -31.77 -15.14
CA PRO D 230 66.70 -30.38 -15.55
C PRO D 230 65.49 -29.45 -15.50
N LEU D 231 64.27 -29.98 -15.46
CA LEU D 231 63.07 -29.17 -15.49
C LEU D 231 62.60 -28.75 -14.10
N ARG D 232 63.35 -29.08 -13.05
CA ARG D 232 62.91 -28.77 -11.69
C ARG D 232 62.79 -27.28 -11.45
N ASN D 233 63.78 -26.50 -11.91
CA ASN D 233 63.84 -25.07 -11.60
C ASN D 233 63.14 -24.25 -12.69
N LEU D 234 61.89 -24.60 -12.95
CA LEU D 234 61.09 -23.97 -14.00
C LEU D 234 59.98 -23.15 -13.36
N PHE D 235 59.71 -21.98 -13.94
CA PHE D 235 58.62 -21.14 -13.44
C PHE D 235 57.29 -21.83 -13.65
N ILE D 236 56.52 -21.96 -12.57
CA ILE D 236 55.17 -22.50 -12.59
C ILE D 236 54.31 -21.62 -11.70
N PRO D 237 53.21 -21.05 -12.23
CA PRO D 237 52.49 -19.98 -11.50
C PRO D 237 51.70 -20.50 -10.32
N VAL D 238 52.39 -20.70 -9.19
CA VAL D 238 51.73 -21.15 -7.98
C VAL D 238 50.82 -20.07 -7.41
N PHE D 239 51.16 -18.79 -7.61
CA PHE D 239 50.45 -17.70 -6.96
C PHE D 239 48.98 -17.65 -7.35
N LEU D 240 48.58 -18.28 -8.45
CA LEU D 240 47.18 -18.31 -8.83
C LEU D 240 46.35 -19.26 -7.98
N ASN D 241 46.99 -20.09 -7.15
CA ASN D 241 46.25 -21.00 -6.27
C ASN D 241 45.46 -20.28 -5.20
N CYS D 242 45.73 -18.99 -4.98
CA CYS D 242 44.90 -18.23 -4.04
C CYS D 242 43.50 -17.98 -4.59
N TRP D 243 43.33 -18.04 -5.92
CA TRP D 243 41.99 -18.06 -6.48
C TRP D 243 41.22 -19.27 -5.97
N LEU D 244 41.85 -20.44 -6.01
CA LEU D 244 41.22 -21.67 -5.52
C LEU D 244 41.03 -21.63 -4.02
N ALA D 245 41.96 -20.97 -3.30
CA ALA D 245 41.78 -20.78 -1.87
C ALA D 245 40.54 -19.97 -1.57
N LYS D 246 40.32 -18.89 -2.33
CA LYS D 246 39.10 -18.11 -2.18
C LYS D 246 37.87 -18.94 -2.51
N HIS D 247 37.94 -19.75 -3.55
CA HIS D 247 36.81 -20.61 -3.92
C HIS D 247 36.47 -21.58 -2.79
N ALA D 248 37.49 -22.22 -2.22
CA ALA D 248 37.26 -23.13 -1.10
C ALA D 248 36.71 -22.41 0.11
N LEU D 249 37.20 -21.19 0.39
CA LEU D 249 36.69 -20.44 1.53
C LEU D 249 35.21 -20.10 1.35
N GLU D 250 34.82 -19.69 0.14
CA GLU D 250 33.43 -19.29 -0.08
C GLU D 250 32.51 -20.52 -0.10
N ASN D 251 33.01 -21.66 -0.59
CA ASN D 251 32.22 -22.89 -0.42
C ASN D 251 32.12 -23.33 1.04
N MET D 252 33.12 -23.03 1.86
CA MET D 252 33.06 -23.37 3.28
C MET D 252 32.09 -22.49 4.05
N ILE D 253 32.05 -21.19 3.73
CA ILE D 253 31.20 -20.26 4.45
C ILE D 253 29.72 -20.54 4.20
N ASN D 254 29.38 -21.02 3.01
CA ASN D 254 27.98 -21.25 2.67
C ASN D 254 27.30 -22.17 3.67
N ASP D 255 28.05 -23.12 4.23
CA ASP D 255 27.49 -24.03 5.22
C ASP D 255 27.64 -23.48 6.64
N PHE D 256 28.88 -23.23 7.05
CA PHE D 256 29.18 -22.81 8.42
C PHE D 256 29.46 -21.31 8.47
N HIS D 257 28.96 -20.67 9.53
CA HIS D 257 29.17 -19.24 9.70
C HIS D 257 30.65 -18.91 9.86
N ARG D 258 31.36 -19.69 10.66
CA ARG D 258 32.78 -19.47 10.90
C ARG D 258 33.47 -20.74 11.38
N SER D 265 25.95 -12.00 11.06
CA SER D 265 26.94 -12.67 10.22
C SER D 265 26.41 -12.91 8.81
N ALA D 266 25.55 -12.01 8.35
CA ALA D 266 24.97 -12.09 7.02
C ALA D 266 25.70 -11.22 6.00
N MET D 267 25.78 -9.92 6.25
CA MET D 267 26.52 -9.03 5.36
C MET D 267 28.03 -9.14 5.54
N PHE D 268 28.48 -9.44 6.76
CA PHE D 268 29.92 -9.63 6.99
C PHE D 268 30.44 -10.82 6.21
N ASN D 269 29.61 -11.86 6.05
CA ASN D 269 30.05 -13.05 5.34
C ASN D 269 30.45 -12.76 3.91
N GLN D 270 29.77 -11.84 3.24
CA GLN D 270 30.10 -11.48 1.86
C GLN D 270 31.12 -10.36 1.76
N VAL D 271 31.15 -9.43 2.72
CA VAL D 271 32.22 -8.44 2.71
C VAL D 271 33.56 -9.11 2.95
N LEU D 272 33.56 -10.24 3.67
CA LEU D 272 34.81 -10.98 3.83
C LEU D 272 35.25 -11.60 2.51
N ILE D 273 34.31 -12.10 1.71
CA ILE D 273 34.68 -12.55 0.36
C ILE D 273 35.18 -11.39 -0.47
N LEU D 274 34.58 -10.21 -0.34
CA LEU D 274 35.05 -9.06 -1.09
C LEU D 274 36.50 -8.71 -0.72
N PHE D 275 36.79 -8.68 0.58
CA PHE D 275 38.15 -8.38 1.03
C PHE D 275 39.13 -9.48 0.62
N CYS D 276 38.70 -10.75 0.71
CA CYS D 276 39.56 -11.84 0.31
C CYS D 276 39.85 -11.80 -1.18
N THR D 277 38.85 -11.47 -1.99
CA THR D 277 39.07 -11.28 -3.42
C THR D 277 40.03 -10.12 -3.68
N LEU D 278 39.90 -9.06 -2.88
CA LEU D 278 40.77 -7.89 -3.05
C LEU D 278 42.22 -8.25 -2.77
N LEU D 279 42.46 -8.91 -1.64
CA LEU D 279 43.81 -9.36 -1.29
C LEU D 279 44.31 -10.39 -2.30
N CYS D 280 43.42 -11.26 -2.77
CA CYS D 280 43.73 -12.22 -3.82
C CYS D 280 44.26 -11.53 -5.08
N LEU D 281 43.54 -10.52 -5.55
CA LEU D 281 43.94 -9.84 -6.78
C LEU D 281 45.23 -9.05 -6.58
N VAL D 282 45.37 -8.39 -5.43
CA VAL D 282 46.62 -7.67 -5.15
C VAL D 282 47.78 -8.65 -5.12
N PHE D 283 47.59 -9.82 -4.49
CA PHE D 283 48.63 -10.83 -4.40
C PHE D 283 49.05 -11.33 -5.79
N THR D 284 48.09 -11.75 -6.61
CA THR D 284 48.44 -12.27 -7.92
C THR D 284 49.08 -11.17 -8.78
N GLY D 285 48.59 -9.94 -8.67
CA GLY D 285 49.17 -8.83 -9.39
C GLY D 285 50.62 -8.57 -9.02
N THR D 286 50.92 -8.52 -7.72
CA THR D 286 52.29 -8.23 -7.31
C THR D 286 53.23 -9.36 -7.69
N CYS D 287 52.78 -10.62 -7.52
CA CYS D 287 53.64 -11.74 -7.91
C CYS D 287 53.92 -11.72 -9.40
N GLY D 288 52.89 -11.51 -10.23
CA GLY D 288 53.12 -11.46 -11.67
C GLY D 288 54.02 -10.31 -12.06
N ILE D 289 53.78 -9.12 -11.49
CA ILE D 289 54.58 -7.96 -11.84
C ILE D 289 56.03 -8.20 -11.49
N GLN D 290 56.30 -8.70 -10.27
CA GLN D 290 57.69 -8.95 -9.88
C GLN D 290 58.33 -10.01 -10.78
N HIS D 291 57.59 -11.07 -11.10
CA HIS D 291 58.21 -12.16 -11.82
C HIS D 291 58.53 -11.79 -13.26
N LEU D 292 57.56 -11.19 -13.98
CA LEU D 292 57.87 -10.72 -15.33
C LEU D 292 58.78 -9.50 -15.29
N GLU D 293 58.98 -8.90 -14.13
CA GLU D 293 59.98 -7.85 -13.96
C GLU D 293 61.33 -8.40 -13.50
N ARG D 294 61.46 -9.72 -13.32
CA ARG D 294 62.79 -10.27 -13.06
C ARG D 294 63.67 -10.19 -14.31
N ALA D 295 63.07 -10.18 -15.50
CA ALA D 295 63.83 -10.00 -16.73
C ALA D 295 64.26 -8.56 -16.91
N GLY D 296 63.39 -7.60 -16.58
CA GLY D 296 63.70 -6.20 -16.71
C GLY D 296 63.26 -5.37 -15.52
N GLU D 297 64.07 -4.38 -15.16
CA GLU D 297 63.92 -3.49 -14.01
C GLU D 297 64.30 -4.16 -12.70
N ASN D 298 64.49 -5.48 -12.72
CA ASN D 298 64.97 -6.27 -11.58
C ASN D 298 64.42 -5.77 -10.25
N LEU D 299 63.11 -5.54 -10.20
CA LEU D 299 62.50 -4.93 -9.03
C LEU D 299 62.13 -5.97 -7.97
N SER D 300 62.25 -5.57 -6.72
CA SER D 300 61.99 -6.45 -5.59
C SER D 300 60.49 -6.65 -5.39
N LEU D 301 60.15 -7.63 -4.55
CA LEU D 301 58.75 -7.99 -4.33
C LEU D 301 57.98 -6.88 -3.63
N LEU D 302 58.58 -6.22 -2.64
CA LEU D 302 57.87 -5.16 -1.93
C LEU D 302 57.60 -3.98 -2.86
N THR D 303 58.55 -3.66 -3.74
CA THR D 303 58.32 -2.63 -4.73
C THR D 303 57.16 -3.01 -5.65
N SER D 304 57.08 -4.28 -6.04
CA SER D 304 55.95 -4.74 -6.84
C SER D 304 54.63 -4.59 -6.08
N PHE D 305 54.62 -4.94 -4.79
CA PHE D 305 53.42 -4.80 -3.98
C PHE D 305 52.98 -3.35 -3.87
N TYR D 306 53.93 -2.45 -3.62
CA TYR D 306 53.62 -1.03 -3.53
C TYR D 306 53.11 -0.49 -4.86
N PHE D 307 53.74 -0.89 -5.96
CA PHE D 307 53.29 -0.47 -7.28
C PHE D 307 51.88 -0.98 -7.55
N CYS D 308 51.60 -2.23 -7.16
CA CYS D 308 50.29 -2.81 -7.40
C CYS D 308 49.20 -2.14 -6.56
N ILE D 309 49.51 -1.77 -5.32
CA ILE D 309 48.48 -1.13 -4.51
C ILE D 309 48.27 0.32 -4.95
N VAL D 310 49.33 1.02 -5.37
CA VAL D 310 49.12 2.39 -5.84
C VAL D 310 48.45 2.43 -7.21
N THR D 311 48.58 1.38 -8.03
CA THR D 311 47.76 1.33 -9.24
C THR D 311 46.38 0.75 -8.96
N PHE D 312 46.22 0.09 -7.81
CA PHE D 312 44.89 -0.32 -7.36
C PHE D 312 43.98 0.88 -7.15
N SER D 313 44.44 1.86 -6.39
CA SER D 313 43.63 3.03 -6.08
C SER D 313 43.42 3.94 -7.28
N THR D 314 43.93 3.57 -8.46
CA THR D 314 43.86 4.36 -9.67
C THR D 314 44.72 5.61 -9.54
N VAL D 315 45.76 5.55 -8.72
CA VAL D 315 46.60 6.71 -8.46
C VAL D 315 47.65 6.86 -9.55
N GLY D 316 48.47 5.83 -9.73
CA GLY D 316 49.48 5.84 -10.77
C GLY D 316 50.59 6.86 -10.59
N TYR D 317 51.43 6.66 -9.58
CA TYR D 317 52.55 7.56 -9.35
C TYR D 317 53.50 7.58 -10.55
N GLY D 318 53.84 6.41 -11.08
CA GLY D 318 54.74 6.31 -12.21
C GLY D 318 56.21 6.26 -11.86
N ASP D 319 56.57 6.33 -10.57
CA ASP D 319 57.98 6.21 -10.19
C ASP D 319 58.53 4.83 -10.55
N VAL D 320 57.77 3.78 -10.28
CA VAL D 320 58.09 2.42 -10.68
C VAL D 320 57.02 1.98 -11.66
N THR D 321 57.43 1.67 -12.89
CA THR D 321 56.51 1.43 -13.98
C THR D 321 57.08 0.38 -14.90
N PRO D 322 56.27 -0.57 -15.38
CA PRO D 322 56.79 -1.56 -16.34
C PRO D 322 57.31 -0.88 -17.60
N LYS D 323 58.43 -1.38 -18.09
CA LYS D 323 59.07 -0.85 -19.30
C LYS D 323 59.27 -1.93 -20.36
N ILE D 324 58.75 -3.14 -20.13
CA ILE D 324 58.90 -4.25 -21.06
C ILE D 324 57.51 -4.78 -21.40
N TRP D 325 57.41 -5.39 -22.59
CA TRP D 325 56.12 -5.68 -23.22
C TRP D 325 55.20 -6.60 -22.41
N PRO D 326 55.66 -7.75 -21.90
CA PRO D 326 54.70 -8.64 -21.23
C PRO D 326 54.28 -8.18 -19.85
N SER D 327 55.10 -7.43 -19.12
CA SER D 327 54.63 -6.81 -17.89
C SER D 327 53.57 -5.76 -18.18
N GLN D 328 53.71 -5.03 -19.29
CA GLN D 328 52.70 -4.07 -19.70
C GLN D 328 51.39 -4.78 -20.05
N LEU D 329 51.49 -5.86 -20.83
CA LEU D 329 50.28 -6.63 -21.12
C LEU D 329 49.69 -7.25 -19.85
N LEU D 330 50.52 -7.59 -18.87
CA LEU D 330 50.03 -8.16 -17.62
C LEU D 330 49.25 -7.12 -16.83
N VAL D 331 49.78 -5.90 -16.72
CA VAL D 331 49.02 -4.87 -16.01
C VAL D 331 47.74 -4.55 -16.76
N VAL D 332 47.77 -4.60 -18.10
CA VAL D 332 46.57 -4.36 -18.88
C VAL D 332 45.50 -5.40 -18.56
N ILE D 333 45.86 -6.69 -18.65
CA ILE D 333 44.88 -7.74 -18.45
C ILE D 333 44.41 -7.76 -17.00
N MET D 334 45.30 -7.44 -16.07
CA MET D 334 44.93 -7.44 -14.67
C MET D 334 43.96 -6.30 -14.36
N ILE D 335 44.18 -5.13 -14.97
CA ILE D 335 43.22 -4.03 -14.83
C ILE D 335 41.87 -4.44 -15.39
N CYS D 336 41.86 -5.08 -16.56
CA CYS D 336 40.60 -5.52 -17.14
C CYS D 336 39.90 -6.55 -16.25
N VAL D 337 40.66 -7.50 -15.72
CA VAL D 337 40.09 -8.54 -14.86
C VAL D 337 39.50 -7.93 -13.60
N ALA D 338 40.22 -6.97 -12.99
CA ALA D 338 39.68 -6.30 -11.82
C ALA D 338 38.40 -5.56 -12.15
N LEU D 339 38.41 -4.77 -13.23
CA LEU D 339 37.22 -4.00 -13.60
C LEU D 339 36.05 -4.87 -14.04
N VAL D 340 36.30 -6.14 -14.36
CA VAL D 340 35.19 -7.03 -14.72
C VAL D 340 34.76 -7.94 -13.56
N VAL D 341 35.60 -8.13 -12.54
CA VAL D 341 35.27 -9.09 -11.50
C VAL D 341 34.83 -8.38 -10.22
N LEU D 342 35.32 -7.16 -9.98
CA LEU D 342 34.96 -6.47 -8.75
C LEU D 342 33.54 -5.88 -8.79
N PRO D 343 33.08 -5.33 -9.92
CA PRO D 343 31.69 -4.87 -9.96
C PRO D 343 30.67 -5.95 -9.64
N LEU D 344 30.98 -7.23 -9.93
CA LEU D 344 30.09 -8.30 -9.49
C LEU D 344 30.02 -8.37 -7.96
N GLN D 345 31.17 -8.26 -7.30
CA GLN D 345 31.16 -8.23 -5.84
C GLN D 345 30.40 -7.03 -5.32
N PHE D 346 30.58 -5.86 -5.95
CA PHE D 346 29.86 -4.67 -5.52
C PHE D 346 28.35 -4.82 -5.71
N GLU D 347 27.92 -5.41 -6.83
CA GLU D 347 26.48 -5.58 -7.05
C GLU D 347 25.90 -6.59 -6.07
N GLU D 348 26.64 -7.64 -5.75
CA GLU D 348 26.20 -8.57 -4.71
C GLU D 348 26.10 -7.87 -3.35
N LEU D 349 27.07 -7.02 -3.04
CA LEU D 349 27.06 -6.32 -1.76
C LEU D 349 25.87 -5.38 -1.66
N VAL D 350 25.60 -4.61 -2.72
CA VAL D 350 24.47 -3.69 -2.66
C VAL D 350 23.15 -4.45 -2.65
N TYR D 351 23.08 -5.59 -3.35
CA TYR D 351 21.89 -6.42 -3.29
C TYR D 351 21.62 -6.87 -1.86
N LEU D 352 22.65 -7.39 -1.19
CA LEU D 352 22.49 -7.82 0.20
C LEU D 352 22.16 -6.65 1.12
N TRP D 353 22.69 -5.47 0.82
CA TRP D 353 22.40 -4.30 1.62
C TRP D 353 20.92 -3.90 1.48
N MET D 354 20.38 -3.98 0.26
CA MET D 354 18.96 -3.70 0.07
C MET D 354 18.08 -4.72 0.77
N GLU D 355 18.43 -6.02 0.68
CA GLU D 355 17.65 -7.01 1.41
C GLU D 355 17.77 -6.83 2.92
N ARG D 356 18.91 -6.32 3.39
CA ARG D 356 19.07 -6.06 4.82
C ARG D 356 18.23 -4.88 5.29
N GLN D 357 17.90 -3.95 4.41
CA GLN D 357 17.07 -2.79 4.72
C GLN D 357 15.59 -3.15 4.87
N LYS D 358 15.22 -4.41 4.77
CA LYS D 358 13.83 -4.82 4.89
C LYS D 358 13.70 -6.20 5.52
N GLN D 369 22.85 0.68 24.53
CA GLN D 369 23.05 2.09 24.88
C GLN D 369 23.44 2.24 26.34
N THR D 370 22.51 2.74 27.15
CA THR D 370 22.73 2.98 28.57
C THR D 370 21.78 2.09 29.38
N GLU D 371 21.97 2.09 30.70
CA GLU D 371 21.02 1.45 31.59
C GLU D 371 19.90 2.42 31.95
N LYS D 372 19.00 1.97 32.82
CA LYS D 372 17.89 2.79 33.31
C LYS D 372 17.02 3.29 32.15
N HIS D 373 16.37 2.35 31.48
CA HIS D 373 15.49 2.66 30.37
C HIS D 373 14.05 2.32 30.71
N VAL D 374 13.14 2.83 29.89
CA VAL D 374 11.70 2.69 30.10
C VAL D 374 11.08 2.23 28.78
N VAL D 375 10.19 1.23 28.85
CA VAL D 375 9.58 0.65 27.66
C VAL D 375 8.13 1.10 27.57
N LEU D 376 7.73 1.54 26.38
CA LEU D 376 6.37 2.01 26.11
C LEU D 376 5.75 1.07 25.08
N CYS D 377 4.85 0.20 25.54
CA CYS D 377 4.22 -0.81 24.68
C CYS D 377 2.85 -0.29 24.23
N VAL D 378 2.76 0.08 22.96
CA VAL D 378 1.51 0.58 22.39
C VAL D 378 1.13 -0.30 21.20
N SER D 379 -0.08 -0.06 20.69
CA SER D 379 -0.56 -0.74 19.49
C SER D 379 -0.36 0.09 18.23
N SER D 380 -0.64 1.39 18.30
CA SER D 380 -0.38 2.30 17.19
C SER D 380 0.06 3.63 17.77
N LEU D 381 1.29 4.04 17.45
CA LEU D 381 1.88 5.24 18.03
C LEU D 381 1.58 6.46 17.16
N LYS D 382 1.03 7.49 17.77
CA LYS D 382 0.75 8.76 17.10
C LYS D 382 1.65 9.84 17.67
N ILE D 383 1.67 10.98 16.96
CA ILE D 383 2.56 12.07 17.34
C ILE D 383 2.12 12.71 18.66
N ASP D 384 0.82 12.89 18.86
CA ASP D 384 0.35 13.57 20.07
C ASP D 384 0.63 12.72 21.31
N LEU D 385 0.38 11.41 21.23
CA LEU D 385 0.64 10.53 22.36
C LEU D 385 2.13 10.49 22.69
N LEU D 386 2.97 10.39 21.67
CA LEU D 386 4.41 10.36 21.89
C LEU D 386 4.91 11.67 22.51
N MET D 387 4.42 12.80 22.01
CA MET D 387 4.83 14.08 22.56
C MET D 387 4.35 14.24 24.00
N ASP D 388 3.13 13.79 24.29
CA ASP D 388 2.63 13.84 25.66
C ASP D 388 3.54 13.03 26.58
N PHE D 389 3.89 11.81 26.15
CA PHE D 389 4.75 10.96 26.97
C PHE D 389 6.12 11.60 27.18
N LEU D 390 6.72 12.13 26.12
CA LEU D 390 8.04 12.73 26.24
C LEU D 390 8.01 13.96 27.15
N ASN D 391 7.01 14.82 26.99
CA ASN D 391 6.92 16.02 27.81
C ASN D 391 6.71 15.67 29.28
N GLU D 392 5.87 14.67 29.55
CA GLU D 392 5.59 14.33 30.95
C GLU D 392 6.75 13.56 31.57
N PHE D 393 7.48 12.78 30.76
CA PHE D 393 8.56 11.97 31.28
C PHE D 393 9.82 12.79 31.53
N TYR D 394 10.25 13.56 30.53
CA TYR D 394 11.51 14.28 30.61
C TYR D 394 11.36 15.67 31.25
N ALA D 395 10.22 15.96 31.88
CA ALA D 395 10.09 17.18 32.66
C ALA D 395 10.70 17.05 34.04
N HIS D 396 11.06 15.83 34.46
CA HIS D 396 11.64 15.53 35.76
C HIS D 396 13.17 15.46 35.65
N PRO D 397 13.88 16.15 36.54
CA PRO D 397 15.35 16.12 36.48
C PRO D 397 15.94 14.75 36.73
N ARG D 398 15.22 13.87 37.44
CA ARG D 398 15.76 12.55 37.75
C ARG D 398 15.75 11.64 36.53
N LEU D 399 14.80 11.82 35.61
CA LEU D 399 14.65 10.96 34.45
C LEU D 399 15.26 11.57 33.19
N GLN D 400 16.30 12.38 33.34
CA GLN D 400 16.97 12.93 32.17
C GLN D 400 17.87 11.92 31.47
N ASP D 401 18.44 10.97 32.20
CA ASP D 401 19.32 9.97 31.63
C ASP D 401 18.57 8.76 31.07
N TYR D 402 17.28 8.63 31.38
CA TYR D 402 16.49 7.53 30.86
C TYR D 402 16.27 7.66 29.36
N TYR D 403 16.22 6.53 28.67
CA TYR D 403 15.82 6.49 27.28
C TYR D 403 14.64 5.55 27.11
N VAL D 404 13.82 5.85 26.11
CA VAL D 404 12.50 5.23 25.95
C VAL D 404 12.56 4.24 24.80
N VAL D 405 12.14 3.00 25.07
CA VAL D 405 11.96 1.99 24.04
C VAL D 405 10.48 1.86 23.74
N ILE D 406 10.12 1.87 22.46
CA ILE D 406 8.74 1.84 22.03
C ILE D 406 8.52 0.54 21.26
N LEU D 407 7.71 -0.35 21.83
CA LEU D 407 7.34 -1.60 21.17
C LEU D 407 5.99 -1.41 20.50
N CYS D 408 5.99 -1.32 19.17
CA CYS D 408 4.77 -1.11 18.41
C CYS D 408 4.74 -2.09 17.24
N PRO D 409 3.67 -2.88 17.11
CA PRO D 409 3.60 -3.85 16.00
C PRO D 409 3.49 -3.21 14.63
N THR D 410 3.25 -1.91 14.54
CA THR D 410 3.11 -1.20 13.28
C THR D 410 4.39 -0.45 12.95
N GLU D 411 4.45 0.01 11.70
CA GLU D 411 5.65 0.68 11.20
C GLU D 411 5.56 2.19 11.48
N MET D 412 6.72 2.80 11.70
CA MET D 412 6.78 4.17 12.23
C MET D 412 6.12 5.17 11.30
N ASP D 413 5.20 5.95 11.85
CA ASP D 413 4.50 6.97 11.07
C ASP D 413 5.47 8.10 10.70
N VAL D 414 5.12 8.82 9.63
CA VAL D 414 6.02 9.84 9.09
C VAL D 414 6.26 10.94 10.12
N GLN D 415 5.20 11.39 10.80
CA GLN D 415 5.37 12.43 11.81
C GLN D 415 6.21 11.92 12.98
N VAL D 416 6.02 10.65 13.36
CA VAL D 416 6.86 10.06 14.39
C VAL D 416 8.31 10.04 13.93
N ARG D 417 8.56 9.75 12.65
CA ARG D 417 9.92 9.80 12.13
C ARG D 417 10.49 11.20 12.22
N ARG D 418 9.70 12.20 11.83
CA ARG D 418 10.18 13.59 11.88
C ARG D 418 10.55 14.00 13.29
N VAL D 419 9.75 13.59 14.28
CA VAL D 419 10.09 13.97 15.66
C VAL D 419 11.26 13.14 16.19
N LEU D 420 11.40 11.89 15.74
CA LEU D 420 12.45 11.03 16.29
C LEU D 420 13.82 11.26 15.68
N GLN D 421 13.91 11.82 14.47
CA GLN D 421 15.19 12.27 13.94
C GLN D 421 15.55 13.69 14.37
N ILE D 422 14.76 14.30 15.25
CA ILE D 422 15.24 15.50 15.93
C ILE D 422 16.40 15.12 16.82
N PRO D 423 17.49 15.90 16.86
CA PRO D 423 18.65 15.51 17.69
C PRO D 423 18.34 15.35 19.17
N LEU D 424 17.32 16.05 19.68
CA LEU D 424 16.95 15.89 21.08
C LEU D 424 16.41 14.48 21.37
N TRP D 425 15.65 13.92 20.44
CA TRP D 425 14.98 12.64 20.65
C TRP D 425 15.61 11.49 19.87
N SER D 426 16.71 11.73 19.14
CA SER D 426 17.27 10.67 18.30
C SER D 426 17.83 9.53 19.14
N GLN D 427 18.61 9.86 20.18
CA GLN D 427 19.23 8.86 21.02
C GLN D 427 18.43 8.55 22.28
N ARG D 428 17.35 9.28 22.54
CA ARG D 428 16.52 9.00 23.71
C ARG D 428 15.37 8.05 23.42
N VAL D 429 14.88 8.02 22.19
CA VAL D 429 13.73 7.20 21.83
C VAL D 429 14.18 6.11 20.87
N ILE D 430 13.96 4.86 21.26
CA ILE D 430 14.24 3.70 20.42
C ILE D 430 12.92 3.07 20.02
N TYR D 431 12.74 2.84 18.72
CA TYR D 431 11.49 2.32 18.17
C TYR D 431 11.76 0.93 17.61
N LEU D 432 11.22 -0.09 18.27
CA LEU D 432 11.27 -1.46 17.77
C LEU D 432 9.90 -1.86 17.24
N GLN D 433 9.87 -2.40 16.03
CA GLN D 433 8.64 -2.91 15.44
C GLN D 433 8.45 -4.35 15.89
N GLY D 434 7.55 -4.56 16.86
CA GLY D 434 7.33 -5.88 17.39
C GLY D 434 6.13 -5.91 18.30
N SER D 435 5.90 -7.07 18.90
CA SER D 435 4.75 -7.30 19.75
C SER D 435 5.20 -7.82 21.11
N ALA D 436 4.48 -7.42 22.16
CA ALA D 436 4.80 -7.86 23.50
C ALA D 436 4.52 -9.34 23.72
N LEU D 437 3.76 -9.97 22.83
CA LEU D 437 3.44 -11.39 22.97
C LEU D 437 4.52 -12.31 22.43
N LYS D 438 5.54 -11.76 21.77
CA LYS D 438 6.70 -12.52 21.33
C LYS D 438 7.87 -12.20 22.26
N ASP D 439 8.47 -13.24 22.85
CA ASP D 439 9.56 -13.02 23.78
C ASP D 439 10.81 -12.46 23.11
N GLN D 440 10.99 -12.70 21.81
CA GLN D 440 12.13 -12.12 21.10
C GLN D 440 12.04 -10.60 21.10
N ASP D 441 10.85 -10.06 20.80
CA ASP D 441 10.66 -8.62 20.85
C ASP D 441 10.76 -8.11 22.28
N LEU D 442 10.48 -8.97 23.26
CA LEU D 442 10.59 -8.56 24.66
C LEU D 442 12.04 -8.46 25.11
N MET D 443 12.91 -9.34 24.64
CA MET D 443 14.33 -9.26 24.99
C MET D 443 15.07 -8.26 24.12
N ARG D 444 14.58 -7.97 22.91
CA ARG D 444 15.13 -6.86 22.15
C ARG D 444 14.92 -5.53 22.87
N ALA D 445 13.79 -5.39 23.56
CA ALA D 445 13.53 -4.19 24.36
C ALA D 445 14.15 -4.26 25.75
N LYS D 446 14.74 -5.41 26.11
CA LYS D 446 15.40 -5.59 27.41
C LYS D 446 14.46 -5.29 28.57
N MET D 447 13.33 -6.01 28.56
CA MET D 447 12.32 -5.80 29.60
C MET D 447 12.77 -6.35 30.94
N ASP D 448 13.64 -7.36 30.94
CA ASP D 448 14.05 -7.96 32.21
C ASP D 448 14.83 -6.98 33.08
N ASN D 449 15.53 -6.03 32.48
CA ASN D 449 16.21 -4.98 33.22
C ASN D 449 15.54 -3.62 33.06
N GLY D 450 14.35 -3.57 32.45
CA GLY D 450 13.67 -2.30 32.29
C GLY D 450 13.16 -1.74 33.60
N GLU D 451 13.03 -0.41 33.64
CA GLU D 451 12.57 0.27 34.84
C GLU D 451 11.05 0.32 34.95
N ALA D 452 10.35 0.34 33.83
CA ALA D 452 8.89 0.43 33.84
C ALA D 452 8.37 0.10 32.46
N CYS D 453 7.23 -0.58 32.41
CA CYS D 453 6.55 -0.89 31.15
C CYS D 453 5.19 -0.20 31.15
N PHE D 454 4.95 0.61 30.14
CA PHE D 454 3.71 1.36 30.00
C PHE D 454 2.89 0.73 28.89
N ILE D 455 1.85 -0.01 29.27
CA ILE D 455 0.90 -0.56 28.31
C ILE D 455 -0.22 0.46 28.14
N LEU D 456 -0.37 0.98 26.93
CA LEU D 456 -1.34 2.02 26.64
C LEU D 456 -2.41 1.50 25.69
N SER D 457 -3.66 1.82 25.99
CA SER D 457 -4.78 1.36 25.19
C SER D 457 -4.92 2.21 23.93
N SER D 458 -5.49 1.61 22.89
CA SER D 458 -5.71 2.29 21.62
C SER D 458 -7.11 2.90 21.66
N ARG D 459 -7.18 4.19 21.98
CA ARG D 459 -8.45 4.90 21.99
C ARG D 459 -9.01 5.10 20.59
N ASN D 460 -8.16 5.07 19.56
CA ASN D 460 -8.60 5.24 18.18
C ASN D 460 -9.33 4.02 17.64
N GLU D 461 -9.15 2.84 18.26
CA GLU D 461 -9.81 1.64 17.78
C GLU D 461 -11.31 1.74 17.95
N VAL D 462 -12.05 1.30 16.94
CA VAL D 462 -13.50 1.34 16.99
C VAL D 462 -14.03 0.37 18.05
N ASP D 463 -13.46 -0.83 18.10
CA ASP D 463 -13.85 -1.85 19.08
C ASP D 463 -12.96 -1.68 20.30
N ARG D 464 -13.56 -1.26 21.42
CA ARG D 464 -12.79 -1.00 22.63
C ARG D 464 -12.55 -2.25 23.46
N THR D 465 -13.47 -3.21 23.42
CA THR D 465 -13.25 -4.47 24.15
C THR D 465 -12.10 -5.26 23.55
N ALA D 466 -11.94 -5.24 22.22
CA ALA D 466 -10.81 -5.90 21.60
C ALA D 466 -9.49 -5.24 22.02
N ALA D 467 -9.47 -3.92 22.05
CA ALA D 467 -8.26 -3.21 22.50
C ALA D 467 -7.96 -3.52 23.96
N ASP D 468 -8.99 -3.59 24.79
CA ASP D 468 -8.78 -3.95 26.19
C ASP D 468 -8.23 -5.36 26.32
N HIS D 469 -8.74 -6.29 25.51
CA HIS D 469 -8.20 -7.65 25.53
C HIS D 469 -6.73 -7.66 25.11
N GLN D 470 -6.38 -6.88 24.10
CA GLN D 470 -4.99 -6.80 23.66
C GLN D 470 -4.10 -6.23 24.77
N THR D 471 -4.57 -5.19 25.46
CA THR D 471 -3.78 -4.64 26.57
C THR D 471 -3.64 -5.64 27.72
N ILE D 472 -4.71 -6.40 28.01
CA ILE D 472 -4.62 -7.42 29.05
C ILE D 472 -3.60 -8.47 28.68
N LEU D 473 -3.61 -8.93 27.41
CA LEU D 473 -2.63 -9.91 26.98
C LEU D 473 -1.21 -9.35 27.01
N ARG D 474 -1.03 -8.08 26.64
CA ARG D 474 0.30 -7.48 26.71
C ARG D 474 0.80 -7.41 28.15
N ALA D 475 -0.07 -7.01 29.08
CA ALA D 475 0.33 -6.96 30.49
C ALA D 475 0.67 -8.35 31.00
N TRP D 476 -0.14 -9.36 30.63
CA TRP D 476 0.14 -10.73 31.04
C TRP D 476 1.48 -11.21 30.48
N ALA D 477 1.75 -10.91 29.21
CA ALA D 477 3.00 -11.34 28.59
C ALA D 477 4.20 -10.68 29.27
N VAL D 478 4.09 -9.38 29.56
CA VAL D 478 5.20 -8.68 30.22
C VAL D 478 5.41 -9.23 31.63
N LYS D 479 4.33 -9.49 32.36
CA LYS D 479 4.45 -10.08 33.69
C LYS D 479 5.09 -11.46 33.63
N ASP D 480 4.70 -12.27 32.64
CA ASP D 480 5.28 -13.60 32.47
C ASP D 480 6.76 -13.52 32.14
N PHE D 481 7.15 -12.58 31.28
CA PHE D 481 8.54 -12.47 30.84
C PHE D 481 9.40 -11.81 31.91
N ALA D 482 8.99 -10.64 32.39
CA ALA D 482 9.73 -9.86 33.38
C ALA D 482 8.83 -9.60 34.58
N PRO D 483 8.71 -10.56 35.49
CA PRO D 483 7.84 -10.35 36.66
C PRO D 483 8.24 -9.19 37.52
N ASN D 484 9.53 -8.90 37.66
CA ASN D 484 10.00 -7.78 38.47
C ASN D 484 10.15 -6.51 37.64
N CYS D 485 9.09 -6.17 36.90
CA CYS D 485 9.05 -4.95 36.10
C CYS D 485 7.72 -4.26 36.37
N PRO D 486 7.71 -3.15 37.09
CA PRO D 486 6.43 -2.50 37.42
C PRO D 486 5.64 -2.14 36.17
N LEU D 487 4.34 -2.43 36.21
CA LEU D 487 3.46 -2.24 35.08
C LEU D 487 2.57 -1.02 35.30
N TYR D 488 2.40 -0.23 34.24
CA TYR D 488 1.51 0.93 34.24
C TYR D 488 0.56 0.73 33.07
N VAL D 489 -0.60 0.15 33.37
CA VAL D 489 -1.56 -0.24 32.35
C VAL D 489 -2.66 0.80 32.26
N GLN D 490 -3.16 1.01 31.05
CA GLN D 490 -4.25 1.94 30.78
C GLN D 490 -5.41 1.15 30.19
N ILE D 491 -6.52 1.11 30.91
CA ILE D 491 -7.67 0.28 30.56
C ILE D 491 -8.82 1.17 30.14
N LEU D 492 -9.50 0.79 29.06
CA LEU D 492 -10.63 1.57 28.55
C LEU D 492 -11.93 1.27 29.29
N LYS D 493 -12.31 0.00 29.36
CA LYS D 493 -13.61 -0.34 29.92
C LYS D 493 -13.47 -0.93 31.31
N PRO D 494 -14.32 -0.51 32.27
CA PRO D 494 -14.15 -0.96 33.66
C PRO D 494 -14.36 -2.45 33.87
N GLU D 495 -15.06 -3.13 32.97
CA GLU D 495 -15.30 -4.56 33.16
C GLU D 495 -13.99 -5.35 33.10
N ASN D 496 -13.05 -4.88 32.29
CA ASN D 496 -11.76 -5.54 32.13
C ASN D 496 -10.70 -5.04 33.11
N LYS D 497 -11.09 -4.19 34.06
CA LYS D 497 -10.14 -3.61 35.00
C LYS D 497 -9.66 -4.59 36.05
N PHE D 498 -10.37 -5.69 36.27
CA PHE D 498 -9.96 -6.67 37.27
C PHE D 498 -9.08 -7.78 36.71
N HIS D 499 -8.86 -7.78 35.40
CA HIS D 499 -7.90 -8.71 34.79
C HIS D 499 -6.46 -8.21 34.89
N VAL D 500 -6.26 -6.90 35.08
CA VAL D 500 -4.93 -6.33 35.19
C VAL D 500 -4.78 -5.71 36.56
N LYS D 501 -5.51 -6.22 37.54
CA LYS D 501 -5.42 -5.72 38.91
C LYS D 501 -4.06 -6.01 39.54
N PHE D 502 -3.32 -6.98 38.99
CA PHE D 502 -1.98 -7.27 39.49
C PHE D 502 -0.99 -6.16 39.19
N ALA D 503 -1.31 -5.28 38.24
CA ALA D 503 -0.37 -4.25 37.82
C ALA D 503 -0.14 -3.24 38.94
N ASP D 504 1.03 -2.59 38.88
CA ASP D 504 1.39 -1.61 39.89
C ASP D 504 0.43 -0.43 39.90
N HIS D 505 0.11 0.09 38.71
CA HIS D 505 -0.75 1.26 38.59
C HIS D 505 -1.62 1.11 37.35
N VAL D 506 -2.94 1.08 37.54
CA VAL D 506 -3.90 0.92 36.46
C VAL D 506 -4.80 2.15 36.45
N VAL D 507 -5.00 2.72 35.26
CA VAL D 507 -5.88 3.87 35.07
C VAL D 507 -7.00 3.44 34.14
N CYS D 508 -8.24 3.64 34.58
CA CYS D 508 -9.42 3.35 33.78
C CYS D 508 -9.91 4.63 33.12
N GLU D 509 -10.01 4.61 31.78
CA GLU D 509 -10.40 5.81 31.05
C GLU D 509 -11.84 6.18 31.33
N GLU D 510 -12.76 5.23 31.21
CA GLU D 510 -14.18 5.54 31.34
C GLU D 510 -14.53 5.98 32.75
N GLU D 511 -13.99 5.28 33.76
CA GLU D 511 -14.29 5.62 35.15
C GLU D 511 -13.91 7.06 35.45
N CYS D 512 -12.65 7.42 35.16
CA CYS D 512 -12.18 8.76 35.44
C CYS D 512 -12.92 9.80 34.61
N LYS D 513 -13.13 9.51 33.32
CA LYS D 513 -13.82 10.46 32.45
C LYS D 513 -15.21 10.79 32.97
N TYR D 514 -16.02 9.76 33.25
CA TYR D 514 -17.38 10.00 33.68
C TYR D 514 -17.46 10.53 35.11
N ALA D 515 -16.53 10.13 35.99
CA ALA D 515 -16.51 10.71 37.32
C ALA D 515 -16.18 12.21 37.26
N MET D 516 -15.25 12.59 36.39
CA MET D 516 -14.91 14.00 36.25
C MET D 516 -16.05 14.79 35.63
N LEU D 517 -16.77 14.19 34.66
CA LEU D 517 -17.95 14.84 34.12
C LEU D 517 -19.01 15.05 35.19
N ALA D 518 -19.27 14.02 36.01
CA ALA D 518 -20.25 14.14 37.07
C ALA D 518 -19.85 15.21 38.08
N LEU D 519 -18.58 15.27 38.44
CA LEU D 519 -18.12 16.29 39.37
C LEU D 519 -18.22 17.69 38.75
N ASN D 520 -17.91 17.83 37.46
CA ASN D 520 -18.12 19.10 36.78
C ASN D 520 -19.59 19.52 36.88
N CYS D 521 -20.49 18.55 36.79
CA CYS D 521 -21.90 18.85 37.06
C CYS D 521 -22.12 19.24 38.52
N ILE D 522 -21.34 18.69 39.44
CA ILE D 522 -21.48 19.01 40.85
C ILE D 522 -20.61 20.21 41.22
N CYS D 523 -19.30 20.06 41.07
CA CYS D 523 -18.35 21.14 41.34
C CYS D 523 -17.80 21.65 40.01
N PRO D 524 -18.13 22.87 39.59
CA PRO D 524 -17.73 23.33 38.26
C PRO D 524 -16.21 23.34 38.09
N ALA D 525 -15.77 22.96 36.89
CA ALA D 525 -14.36 22.97 36.52
C ALA D 525 -13.52 22.08 37.43
N THR D 526 -14.09 20.96 37.87
CA THR D 526 -13.29 19.96 38.57
C THR D 526 -12.27 19.32 37.65
N SER D 527 -12.66 19.07 36.39
CA SER D 527 -11.75 18.49 35.42
C SER D 527 -10.54 19.40 35.20
N THR D 528 -10.77 20.72 35.15
CA THR D 528 -9.65 21.65 35.04
C THR D 528 -8.73 21.56 36.24
N LEU D 529 -9.30 21.44 37.45
CA LEU D 529 -8.50 21.30 38.65
C LEU D 529 -7.61 20.06 38.58
N ILE D 530 -8.20 18.92 38.20
CA ILE D 530 -7.43 17.68 38.13
C ILE D 530 -6.39 17.76 37.03
N THR D 531 -6.74 18.35 35.88
CA THR D 531 -5.80 18.45 34.78
C THR D 531 -4.59 19.31 35.15
N LEU D 532 -4.82 20.43 35.82
CA LEU D 532 -3.71 21.28 36.23
C LEU D 532 -2.98 20.74 37.46
N LEU D 533 -3.57 19.78 38.17
CA LEU D 533 -2.89 19.20 39.33
C LEU D 533 -2.00 18.02 38.95
N VAL D 534 -2.32 17.31 37.86
CA VAL D 534 -1.55 16.14 37.45
C VAL D 534 -0.57 16.47 36.34
N HIS D 535 -0.47 17.73 35.94
CA HIS D 535 0.47 18.17 34.92
C HIS D 535 1.66 18.84 35.59
N THR D 536 2.86 18.37 35.29
CA THR D 536 4.07 18.97 35.86
C THR D 536 4.31 20.33 35.21
N SER D 537 4.39 21.37 36.03
CA SER D 537 4.63 22.71 35.55
C SER D 537 5.28 23.53 36.66
N ARG D 538 6.15 24.44 36.25
CA ARG D 538 6.83 25.31 37.20
C ARG D 538 6.00 26.50 37.64
N GLY D 539 4.81 26.68 37.07
CA GLY D 539 3.98 27.82 37.40
C GLY D 539 4.45 29.13 36.79
N GLN D 540 5.05 29.07 35.59
CA GLN D 540 5.55 30.25 34.92
C GLN D 540 4.69 30.68 33.75
N GLU D 541 3.51 30.07 33.57
CA GLU D 541 2.65 30.40 32.45
C GLU D 541 1.92 31.72 32.69
N GLY D 542 1.85 32.54 31.65
CA GLY D 542 1.11 33.78 31.72
C GLY D 542 1.68 34.80 32.67
N GLN D 543 2.96 34.70 33.02
CA GLN D 543 3.57 35.66 33.92
C GLN D 543 3.90 36.99 33.23
N GLU D 544 3.94 37.01 31.90
CA GLU D 544 4.14 38.24 31.15
C GLU D 544 2.84 38.92 30.74
N SER D 545 1.70 38.33 31.06
CA SER D 545 0.43 38.86 30.60
C SER D 545 0.09 40.16 31.33
N PRO D 546 -0.54 41.12 30.65
CA PRO D 546 -1.01 42.32 31.36
C PRO D 546 -2.25 42.06 32.19
N GLU D 547 -3.02 41.02 31.90
CA GLU D 547 -4.21 40.70 32.67
C GLU D 547 -3.82 40.02 33.97
N GLN D 548 -4.40 40.51 35.07
CA GLN D 548 -4.09 39.94 36.38
C GLN D 548 -4.62 38.53 36.52
N TRP D 549 -5.80 38.27 35.95
CA TRP D 549 -6.40 36.94 36.09
C TRP D 549 -5.55 35.88 35.41
N GLN D 550 -4.99 36.20 34.24
CA GLN D 550 -4.12 35.24 33.56
C GLN D 550 -2.86 34.98 34.38
N ARG D 551 -2.26 36.03 34.95
CA ARG D 551 -1.06 35.85 35.77
C ARG D 551 -1.35 34.95 36.96
N MET D 552 -2.41 35.26 37.71
CA MET D 552 -2.75 34.45 38.89
C MET D 552 -3.12 33.03 38.51
N TYR D 553 -3.86 32.85 37.42
CA TYR D 553 -4.30 31.52 37.00
C TYR D 553 -3.12 30.66 36.59
N GLY D 554 -2.21 31.21 35.78
CA GLY D 554 -1.02 30.47 35.39
C GLY D 554 -0.03 30.28 36.50
N ARG D 555 -0.04 31.15 37.51
CA ARG D 555 0.80 30.92 38.69
C ARG D 555 0.26 29.80 39.55
N CYS D 556 -1.05 29.82 39.83
CA CYS D 556 -1.65 28.80 40.66
C CYS D 556 -1.73 27.45 39.96
N SER D 557 -1.63 27.41 38.63
CA SER D 557 -1.61 26.14 37.93
C SER D 557 -0.33 25.36 38.15
N GLY D 558 0.70 25.97 38.72
CA GLY D 558 1.94 25.25 38.99
C GLY D 558 1.88 24.36 40.20
N ASN D 559 0.75 24.35 40.90
CA ASN D 559 0.58 23.54 42.09
C ASN D 559 0.48 22.06 41.73
N GLU D 560 1.13 21.22 42.55
CA GLU D 560 1.09 19.78 42.37
C GLU D 560 0.92 19.14 43.75
N VAL D 561 0.48 17.89 43.74
CA VAL D 561 0.32 17.13 44.97
C VAL D 561 1.64 16.44 45.29
N TYR D 562 2.20 16.72 46.46
CA TYR D 562 3.47 16.17 46.88
C TYR D 562 3.31 15.46 48.21
N HIS D 563 4.16 14.46 48.43
CA HIS D 563 4.15 13.69 49.66
C HIS D 563 5.52 13.74 50.31
N ILE D 564 5.54 13.81 51.64
CA ILE D 564 6.78 13.80 52.40
C ILE D 564 6.47 13.31 53.80
N ARG D 565 7.44 12.61 54.40
CA ARG D 565 7.27 12.11 55.75
C ARG D 565 7.10 13.28 56.72
N MET D 566 6.12 13.15 57.62
CA MET D 566 5.74 14.27 58.46
C MET D 566 6.86 14.67 59.40
N GLY D 567 7.63 13.69 59.90
CA GLY D 567 8.74 14.01 60.78
C GLY D 567 9.83 14.82 60.09
N ASP D 568 10.08 14.51 58.82
CA ASP D 568 11.10 15.21 58.04
C ASP D 568 10.56 16.45 57.34
N SER D 569 9.25 16.69 57.41
CA SER D 569 8.63 17.81 56.70
C SER D 569 8.81 19.09 57.50
N LYS D 570 9.61 20.02 56.98
CA LYS D 570 9.78 21.31 57.65
C LYS D 570 8.49 22.11 57.67
N PHE D 571 7.54 21.82 56.78
CA PHE D 571 6.26 22.50 56.80
C PHE D 571 5.44 22.10 58.03
N PHE D 572 5.38 20.79 58.31
CA PHE D 572 4.44 20.27 59.29
C PHE D 572 5.11 19.69 60.54
N ARG D 573 6.44 19.74 60.64
CA ARG D 573 7.12 19.13 61.78
C ARG D 573 6.73 19.81 63.09
N GLU D 574 6.51 21.12 63.06
CA GLU D 574 6.12 21.84 64.27
C GLU D 574 4.71 21.49 64.74
N TYR D 575 3.92 20.79 63.94
CA TYR D 575 2.54 20.48 64.26
C TYR D 575 2.33 19.02 64.65
N GLU D 576 3.37 18.31 65.05
CA GLU D 576 3.21 16.94 65.53
C GLU D 576 2.43 16.94 66.84
N GLY D 577 1.52 15.98 66.99
CA GLY D 577 0.66 15.92 68.14
C GLY D 577 -0.56 16.83 68.09
N LYS D 578 -0.71 17.60 67.02
CA LYS D 578 -1.84 18.50 66.85
C LYS D 578 -2.86 17.89 65.91
N SER D 579 -4.02 18.53 65.82
CA SER D 579 -5.06 18.06 64.92
C SER D 579 -4.66 18.32 63.47
N PHE D 580 -5.22 17.50 62.57
CA PHE D 580 -4.89 17.61 61.16
C PHE D 580 -5.35 18.93 60.58
N THR D 581 -6.56 19.38 60.94
CA THR D 581 -7.09 20.63 60.41
C THR D 581 -6.28 21.82 60.90
N TYR D 582 -5.91 21.81 62.18
CA TYR D 582 -5.08 22.88 62.73
C TYR D 582 -3.75 22.96 61.99
N ALA D 583 -3.11 21.81 61.79
CA ALA D 583 -1.83 21.77 61.09
C ALA D 583 -1.96 22.27 59.67
N ALA D 584 -3.01 21.83 58.96
CA ALA D 584 -3.20 22.24 57.58
C ALA D 584 -3.44 23.75 57.48
N PHE D 585 -4.30 24.29 58.34
CA PHE D 585 -4.60 25.72 58.29
C PHE D 585 -3.35 26.54 58.61
N HIS D 586 -2.61 26.15 59.63
CA HIS D 586 -1.43 26.94 59.99
C HIS D 586 -0.31 26.80 58.97
N ALA D 587 -0.16 25.63 58.36
CA ALA D 587 0.80 25.48 57.28
C ALA D 587 0.43 26.35 56.08
N HIS D 588 -0.86 26.43 55.74
CA HIS D 588 -1.27 27.33 54.66
C HIS D 588 -1.04 28.79 55.05
N LYS D 589 -1.32 29.14 56.31
CA LYS D 589 -1.15 30.52 56.75
C LYS D 589 0.31 30.93 56.75
N LYS D 590 1.22 30.01 57.07
CA LYS D 590 2.64 30.33 57.17
C LYS D 590 3.36 30.22 55.82
N TYR D 591 3.25 29.08 55.16
CA TYR D 591 3.99 28.82 53.93
C TYR D 591 3.14 28.78 52.68
N GLY D 592 1.83 28.59 52.80
CA GLY D 592 0.97 28.51 51.64
C GLY D 592 0.81 27.13 51.04
N VAL D 593 1.00 26.08 51.83
CA VAL D 593 0.82 24.70 51.38
C VAL D 593 -0.57 24.23 51.82
N CYS D 594 -1.21 23.44 50.98
CA CYS D 594 -2.56 22.93 51.26
C CYS D 594 -2.44 21.45 51.59
N LEU D 595 -2.39 21.15 52.90
CA LEU D 595 -2.34 19.77 53.37
C LEU D 595 -3.71 19.13 53.14
N ILE D 596 -3.82 18.29 52.12
CA ILE D 596 -5.11 17.75 51.70
C ILE D 596 -5.38 16.41 52.38
N GLY D 597 -4.33 15.67 52.70
CA GLY D 597 -4.51 14.38 53.31
C GLY D 597 -3.22 13.81 53.85
N LEU D 598 -3.32 12.58 54.38
CA LEU D 598 -2.18 11.89 54.93
C LEU D 598 -2.35 10.39 54.74
N LYS D 599 -1.33 9.64 55.13
CA LYS D 599 -1.35 8.17 55.13
C LYS D 599 -0.60 7.69 56.35
N ARG D 600 -1.30 6.99 57.25
CA ARG D 600 -0.66 6.41 58.40
C ARG D 600 0.29 5.29 57.99
N GLU D 601 1.33 5.09 58.80
CA GLU D 601 2.30 4.05 58.49
C GLU D 601 1.75 2.65 58.74
N ASP D 602 0.80 2.52 59.67
CA ASP D 602 0.25 1.20 59.97
C ASP D 602 -0.63 0.70 58.82
N ASN D 603 -1.32 1.60 58.14
CA ASN D 603 -2.23 1.25 57.07
C ASN D 603 -1.62 1.58 55.71
N LYS D 604 -2.29 1.13 54.65
CA LYS D 604 -1.89 1.43 53.28
C LYS D 604 -2.84 2.38 52.60
N SER D 605 -3.84 2.90 53.31
CA SER D 605 -4.90 3.71 52.71
C SER D 605 -4.59 5.19 52.90
N ILE D 606 -4.68 5.94 51.81
CA ILE D 606 -4.55 7.40 51.88
C ILE D 606 -5.90 8.00 52.21
N LEU D 607 -5.93 8.86 53.22
CA LEU D 607 -7.16 9.50 53.69
C LEU D 607 -7.13 10.97 53.30
N LEU D 608 -8.14 11.42 52.57
CA LEU D 608 -8.28 12.83 52.23
C LEU D 608 -9.05 13.54 53.35
N ASN D 609 -8.39 14.50 54.01
CA ASN D 609 -8.96 15.24 55.13
C ASN D 609 -9.51 14.29 56.19
N PRO D 610 -8.64 13.62 56.95
CA PRO D 610 -9.15 12.71 57.99
C PRO D 610 -10.06 13.39 59.00
N GLY D 611 -9.82 14.67 59.30
CA GLY D 611 -10.71 15.41 60.16
C GLY D 611 -10.02 15.98 61.37
N PRO D 612 -10.78 16.69 62.22
CA PRO D 612 -10.18 17.26 63.43
C PRO D 612 -9.88 16.26 64.52
N ARG D 613 -10.59 15.11 64.55
CA ARG D 613 -10.32 14.09 65.53
C ARG D 613 -9.01 13.34 65.26
N HIS D 614 -8.41 13.54 64.10
CA HIS D 614 -7.16 12.86 63.76
C HIS D 614 -5.99 13.61 64.37
N ILE D 615 -5.12 12.87 65.06
CA ILE D 615 -3.94 13.44 65.71
C ILE D 615 -2.71 13.06 64.89
N LEU D 616 -1.93 14.06 64.52
CA LEU D 616 -0.77 13.84 63.68
C LEU D 616 0.31 13.08 64.43
N ALA D 617 1.11 12.32 63.67
CA ALA D 617 2.19 11.52 64.22
C ALA D 617 3.42 11.66 63.32
N ALA D 618 4.59 11.42 63.92
CA ALA D 618 5.84 11.62 63.21
C ALA D 618 6.04 10.66 62.05
N SER D 619 5.34 9.52 62.05
CA SER D 619 5.52 8.51 61.02
C SER D 619 4.52 8.65 59.87
N ASP D 620 3.61 9.61 59.93
CA ASP D 620 2.62 9.78 58.88
C ASP D 620 3.27 10.37 57.63
N THR D 621 2.66 10.09 56.48
CA THR D 621 3.07 10.63 55.20
C THR D 621 2.03 11.64 54.76
N CYS D 622 2.38 12.93 54.83
CA CYS D 622 1.43 14.00 54.57
C CYS D 622 1.45 14.36 53.09
N PHE D 623 0.26 14.45 52.49
CA PHE D 623 0.10 14.84 51.09
C PHE D 623 -0.39 16.28 51.05
N TYR D 624 0.35 17.14 50.36
CA TYR D 624 0.06 18.57 50.32
C TYR D 624 0.12 19.08 48.89
N ILE D 625 -0.60 20.19 48.66
CA ILE D 625 -0.59 20.88 47.38
C ILE D 625 0.27 22.13 47.52
N ASN D 626 1.26 22.27 46.65
CA ASN D 626 2.16 23.42 46.72
C ASN D 626 2.76 23.65 45.34
N ILE D 627 3.28 24.86 45.14
CA ILE D 627 3.89 25.22 43.86
C ILE D 627 5.11 24.33 43.60
N THR D 628 5.95 24.15 44.60
CA THR D 628 7.18 23.39 44.47
C THR D 628 7.33 22.41 45.63
N LYS D 629 8.13 21.37 45.39
CA LYS D 629 8.40 20.38 46.41
C LYS D 629 9.12 21.01 47.60
N GLU D 630 8.94 20.40 48.77
CA GLU D 630 9.63 20.88 49.96
C GLU D 630 11.14 20.76 49.81
N GLU D 631 11.62 19.67 49.20
CA GLU D 631 13.04 19.54 48.92
C GLU D 631 13.53 20.66 48.02
N ASN D 632 12.70 21.09 47.08
CA ASN D 632 13.04 22.18 46.18
C ASN D 632 12.62 23.55 46.70
N SER D 633 11.93 23.61 47.84
CA SER D 633 11.55 24.88 48.44
C SER D 633 12.59 25.40 49.42
N ALA D 634 13.85 24.97 49.26
CA ALA D 634 14.92 25.52 50.07
C ALA D 634 15.05 27.02 49.88
N PHE D 635 14.72 27.54 48.70
CA PHE D 635 14.79 28.97 48.48
C PHE D 635 13.77 29.71 49.34
N ILE D 636 12.53 29.20 49.44
CA ILE D 636 11.55 29.87 50.28
C ILE D 636 11.84 29.65 51.75
N PHE D 637 12.43 28.51 52.13
CA PHE D 637 12.84 28.34 53.52
C PHE D 637 13.95 29.32 53.90
N LYS D 638 14.92 29.52 53.00
CA LYS D 638 15.96 30.52 53.23
C LYS D 638 15.42 31.94 53.17
N GLN D 639 14.33 32.19 52.44
CA GLN D 639 13.70 33.50 52.47
C GLN D 639 12.97 33.72 53.79
N GLU D 640 12.31 32.70 54.31
CA GLU D 640 11.72 32.78 55.64
C GLU D 640 12.78 33.03 56.70
N GLU D 641 13.94 32.39 56.55
CA GLU D 641 15.08 32.71 57.40
C GLU D 641 15.52 34.16 57.20
N LYS D 642 15.48 34.65 55.95
CA LYS D 642 15.83 36.04 55.69
C LYS D 642 14.80 37.01 56.25
N ARG D 643 13.56 36.53 56.49
CA ARG D 643 12.57 37.37 57.14
C ARG D 643 12.99 37.75 58.56
N LYS D 644 13.82 36.94 59.20
CA LYS D 644 14.30 37.23 60.55
C LYS D 644 15.70 37.85 60.50
N ILE D 710 -14.00 35.77 63.15
CA ILE D 710 -14.04 34.32 62.98
C ILE D 710 -13.40 33.63 64.18
N ALA D 711 -13.93 32.46 64.52
CA ALA D 711 -13.41 31.71 65.64
C ALA D 711 -12.02 31.15 65.32
N PRO D 712 -11.13 31.08 66.31
CA PRO D 712 -9.81 30.49 66.07
C PRO D 712 -9.88 28.96 66.05
N VAL D 713 -9.05 28.37 65.20
CA VAL D 713 -8.98 26.91 65.11
C VAL D 713 -8.29 26.37 66.36
N LEU D 714 -8.75 25.23 66.84
CA LEU D 714 -8.21 24.61 68.04
C LEU D 714 -7.21 23.53 67.67
N GLU D 715 -6.12 23.45 68.44
CA GLU D 715 -5.06 22.50 68.14
C GLU D 715 -5.53 21.06 68.30
N LEU D 716 -6.52 20.82 69.15
CA LEU D 716 -7.11 19.51 69.33
C LEU D 716 -8.62 19.63 69.41
N ALA D 717 -9.30 18.55 69.01
CA ALA D 717 -10.76 18.54 69.03
C ALA D 717 -11.29 18.46 70.46
N VAL D 747 -41.74 11.60 47.26
CA VAL D 747 -41.18 10.27 47.38
C VAL D 747 -39.92 10.30 48.24
N GLU D 748 -39.93 9.54 49.34
CA GLU D 748 -38.78 9.45 50.22
C GLU D 748 -37.76 8.47 49.66
N TYR D 749 -36.49 8.74 49.93
CA TYR D 749 -35.39 7.93 49.42
C TYR D 749 -34.63 7.28 50.57
N VAL D 750 -34.34 5.99 50.43
CA VAL D 750 -33.53 5.27 51.39
C VAL D 750 -32.06 5.47 51.05
N LYS D 751 -31.19 5.19 52.01
CA LYS D 751 -29.75 5.30 51.84
C LYS D 751 -29.14 3.91 51.94
N GLY D 752 -28.50 3.47 50.86
CA GLY D 752 -27.87 2.16 50.85
C GLY D 752 -27.05 1.99 49.60
N TYR D 753 -26.39 0.86 49.52
CA TYR D 753 -25.59 0.60 48.34
C TYR D 753 -26.46 0.08 47.21
N PRO D 754 -26.10 0.37 45.96
CA PRO D 754 -26.83 -0.17 44.82
C PRO D 754 -26.81 -1.69 44.85
N PRO D 755 -27.94 -2.33 44.54
CA PRO D 755 -28.01 -3.80 44.65
C PRO D 755 -27.09 -4.54 43.69
N ASN D 756 -27.21 -4.25 42.39
CA ASN D 756 -26.49 -4.98 41.36
C ASN D 756 -25.34 -4.12 40.85
N SER D 757 -24.15 -4.36 41.38
CA SER D 757 -22.96 -3.71 40.86
C SER D 757 -22.66 -4.26 39.47
N PRO D 758 -22.51 -3.40 38.45
CA PRO D 758 -22.42 -3.91 37.07
C PRO D 758 -21.13 -4.64 36.75
N TYR D 759 -20.06 -4.43 37.50
CA TYR D 759 -18.78 -5.04 37.16
C TYR D 759 -17.97 -5.27 38.43
N ILE D 760 -16.96 -6.14 38.31
CA ILE D 760 -16.05 -6.43 39.41
C ILE D 760 -15.08 -5.28 39.57
N GLY D 761 -14.88 -4.84 40.81
CA GLY D 761 -14.01 -3.72 41.10
C GLY D 761 -14.73 -2.40 41.32
N SER D 762 -16.01 -2.33 40.98
CA SER D 762 -16.80 -1.14 41.25
C SER D 762 -16.86 -0.88 42.75
N SER D 763 -16.32 0.24 43.19
CA SER D 763 -16.30 0.55 44.61
C SER D 763 -17.73 0.79 45.10
N PRO D 764 -18.18 0.08 46.12
CA PRO D 764 -19.54 0.29 46.63
C PRO D 764 -19.64 1.63 47.35
N THR D 765 -20.56 2.47 46.88
CA THR D 765 -20.77 3.80 47.43
C THR D 765 -22.18 3.88 47.99
N LEU D 766 -22.30 4.38 49.22
CA LEU D 766 -23.62 4.62 49.81
C LEU D 766 -24.31 5.73 49.02
N CYS D 767 -25.46 5.41 48.44
CA CYS D 767 -26.15 6.32 47.53
C CYS D 767 -27.59 6.50 47.95
N HIS D 768 -28.19 7.61 47.50
CA HIS D 768 -29.63 7.79 47.62
C HIS D 768 -30.31 6.79 46.69
N LEU D 769 -31.29 6.06 47.23
CA LEU D 769 -31.93 4.98 46.49
C LEU D 769 -33.43 5.05 46.65
N LEU D 770 -34.14 4.56 45.63
CA LEU D 770 -35.58 4.41 45.73
C LEU D 770 -35.91 3.29 46.72
N PRO D 771 -37.03 3.40 47.44
CA PRO D 771 -37.41 2.31 48.35
C PRO D 771 -37.61 0.98 47.65
N VAL D 772 -38.09 1.00 46.41
CA VAL D 772 -38.29 -0.21 45.61
C VAL D 772 -37.74 0.06 44.21
N LYS D 773 -37.06 -0.93 43.65
CA LYS D 773 -36.45 -0.76 42.33
C LYS D 773 -37.52 -0.38 41.29
N ALA D 774 -37.17 0.59 40.46
CA ALA D 774 -38.11 1.07 39.45
C ALA D 774 -38.19 0.08 38.30
N PRO D 775 -39.39 -0.16 37.78
CA PRO D 775 -39.51 -1.03 36.59
C PRO D 775 -38.84 -0.41 35.38
N PHE D 776 -38.45 -1.27 34.45
CA PHE D 776 -37.73 -0.82 33.25
C PHE D 776 -38.57 0.10 32.38
N CYS D 777 -39.90 0.09 32.53
CA CYS D 777 -40.75 1.01 31.78
C CYS D 777 -40.71 2.42 32.32
N CYS D 778 -40.56 2.57 33.65
CA CYS D 778 -40.61 3.88 34.27
C CYS D 778 -39.31 4.65 34.10
N LEU D 779 -38.27 4.04 33.54
CA LEU D 779 -37.00 4.71 33.31
C LEU D 779 -36.94 5.42 31.97
N ARG D 780 -38.05 5.45 31.23
CA ARG D 780 -38.07 5.94 29.85
C ARG D 780 -38.86 7.23 29.78
N LEU D 781 -38.24 8.28 29.25
CA LEU D 781 -38.95 9.54 29.01
C LEU D 781 -39.83 9.47 27.76
N ASP D 782 -39.45 8.66 26.78
CA ASP D 782 -40.15 8.64 25.50
C ASP D 782 -41.59 8.15 25.66
N LYS D 783 -41.76 6.90 26.08
CA LYS D 783 -43.06 6.25 26.09
C LYS D 783 -43.73 6.37 27.44
N GLY D 784 -45.05 6.31 27.42
CA GLY D 784 -45.83 6.23 28.64
C GLY D 784 -46.05 4.79 29.07
N CYS D 785 -46.32 4.61 30.35
CA CYS D 785 -46.49 3.26 30.90
C CYS D 785 -47.72 3.17 31.78
N LYS D 786 -47.88 2.06 32.48
CA LYS D 786 -49.01 1.90 33.38
C LYS D 786 -48.97 2.92 34.52
N HIS D 787 -47.79 3.17 35.06
CA HIS D 787 -47.63 4.08 36.18
C HIS D 787 -47.59 5.54 35.77
N ASN D 788 -47.13 5.85 34.56
CA ASN D 788 -47.04 7.23 34.10
C ASN D 788 -47.28 7.27 32.60
N SER D 789 -48.00 8.31 32.15
CA SER D 789 -48.27 8.52 30.74
C SER D 789 -47.47 9.67 30.17
N TYR D 790 -46.52 10.23 30.93
CA TYR D 790 -45.71 11.33 30.45
C TYR D 790 -44.81 10.86 29.31
N GLU D 791 -44.65 11.73 28.31
CA GLU D 791 -43.82 11.42 27.14
C GLU D 791 -42.74 12.46 26.89
N ASP D 792 -42.60 13.45 27.77
CA ASP D 792 -41.50 14.41 27.70
C ASP D 792 -41.29 14.98 29.10
N ALA D 793 -40.15 15.64 29.29
CA ALA D 793 -39.74 16.08 30.62
C ALA D 793 -40.65 17.14 31.21
N LYS D 794 -41.40 17.88 30.39
CA LYS D 794 -42.28 18.90 30.95
C LYS D 794 -43.51 18.30 31.61
N ALA D 795 -43.98 17.14 31.11
CA ALA D 795 -45.07 16.45 31.78
C ALA D 795 -44.65 15.87 33.12
N TYR D 796 -43.36 15.62 33.32
CA TYR D 796 -42.88 15.16 34.62
C TYR D 796 -42.90 16.26 35.66
N GLY D 797 -42.66 17.50 35.24
CA GLY D 797 -42.67 18.63 36.16
C GLY D 797 -41.59 18.58 37.21
N PHE D 798 -40.35 18.39 36.77
CA PHE D 798 -39.23 18.34 37.70
C PHE D 798 -39.07 19.66 38.45
N LYS D 799 -38.73 19.56 39.74
CA LYS D 799 -38.55 20.74 40.56
C LYS D 799 -37.13 21.29 40.51
N ASN D 800 -36.15 20.44 40.21
CA ASN D 800 -34.77 20.86 40.04
C ASN D 800 -34.37 20.75 38.57
N LYS D 801 -33.34 21.50 38.21
CA LYS D 801 -32.90 21.54 36.82
C LYS D 801 -32.25 20.23 36.41
N LEU D 802 -32.47 19.82 35.17
CA LEU D 802 -32.08 18.51 34.69
C LEU D 802 -30.60 18.46 34.34
N ILE D 803 -30.09 17.23 34.26
CA ILE D 803 -28.76 16.95 33.72
C ILE D 803 -28.95 15.99 32.55
N ILE D 804 -28.46 16.39 31.38
CA ILE D 804 -28.61 15.61 30.16
C ILE D 804 -27.25 15.07 29.75
N VAL D 805 -27.16 13.76 29.56
CA VAL D 805 -25.95 13.10 29.12
C VAL D 805 -26.21 12.57 27.71
N SER D 806 -25.49 13.11 26.73
CA SER D 806 -25.64 12.69 25.34
C SER D 806 -24.51 11.71 25.03
N ALA D 807 -24.81 10.42 25.19
CA ALA D 807 -23.86 9.36 24.93
C ALA D 807 -24.37 8.43 23.84
N GLU D 808 -23.47 7.65 23.26
CA GLU D 808 -23.85 6.71 22.22
C GLU D 808 -24.50 5.47 22.81
N THR D 809 -23.80 4.81 23.73
CA THR D 809 -24.30 3.60 24.37
C THR D 809 -24.16 3.73 25.88
N ALA D 810 -25.04 3.05 26.60
CA ALA D 810 -25.06 3.10 28.06
C ALA D 810 -24.40 1.84 28.61
N GLY D 811 -23.31 2.02 29.35
CA GLY D 811 -22.59 0.92 29.97
C GLY D 811 -22.16 1.29 31.37
N ASN D 812 -20.99 0.77 31.76
CA ASN D 812 -20.45 1.05 33.09
C ASN D 812 -19.98 2.50 33.22
N GLY D 813 -19.63 3.15 32.13
CA GLY D 813 -19.25 4.56 32.19
C GLY D 813 -20.41 5.44 32.66
N LEU D 814 -21.60 5.22 32.13
CA LEU D 814 -22.75 5.99 32.60
C LEU D 814 -23.09 5.65 34.04
N TYR D 815 -22.83 4.42 34.47
CA TYR D 815 -23.00 4.08 35.88
C TYR D 815 -22.04 4.88 36.75
N ASN D 816 -20.78 4.98 36.32
CA ASN D 816 -19.81 5.79 37.06
C ASN D 816 -20.13 7.27 36.97
N PHE D 817 -20.91 7.69 35.97
CA PHE D 817 -21.41 9.06 35.93
C PHE D 817 -22.52 9.26 36.96
N ILE D 818 -23.46 8.32 37.04
CA ILE D 818 -24.62 8.49 37.91
C ILE D 818 -24.26 8.34 39.38
N VAL D 819 -23.28 7.48 39.70
CA VAL D 819 -22.98 7.19 41.11
C VAL D 819 -22.61 8.44 41.91
N PRO D 820 -21.68 9.30 41.46
CA PRO D 820 -21.36 10.49 42.26
C PRO D 820 -22.51 11.46 42.40
N LEU D 821 -23.43 11.52 41.43
CA LEU D 821 -24.56 12.44 41.51
C LEU D 821 -25.65 11.96 42.45
N ARG D 822 -25.63 10.69 42.85
CA ARG D 822 -26.60 10.15 43.79
C ARG D 822 -25.97 9.71 45.10
N ALA D 823 -24.73 10.12 45.37
CA ALA D 823 -24.06 9.71 46.59
C ALA D 823 -24.76 10.28 47.82
N TYR D 824 -24.62 9.58 48.95
CA TYR D 824 -25.38 9.93 50.14
C TYR D 824 -25.02 11.30 50.71
N TYR D 825 -23.79 11.77 50.48
CA TYR D 825 -23.41 13.09 50.98
C TYR D 825 -23.90 14.22 50.09
N ARG D 826 -24.28 13.92 48.84
CA ARG D 826 -24.93 14.93 48.01
C ARG D 826 -26.30 15.27 48.57
N SER D 827 -26.68 16.54 48.46
CA SER D 827 -27.95 16.99 49.01
C SER D 827 -29.12 16.36 48.26
N ARG D 828 -30.07 15.83 49.03
CA ARG D 828 -31.27 15.24 48.44
C ARG D 828 -32.23 16.29 47.90
N LYS D 829 -32.29 17.47 48.54
CA LYS D 829 -33.14 18.54 48.02
C LYS D 829 -32.59 19.11 46.72
N GLU D 830 -31.30 18.93 46.46
CA GLU D 830 -30.66 19.46 45.26
C GLU D 830 -30.33 18.35 44.26
N LEU D 831 -31.09 17.26 44.28
CA LEU D 831 -30.85 16.18 43.33
C LEU D 831 -31.34 16.57 41.95
N ASN D 832 -30.44 16.53 40.98
CA ASN D 832 -30.78 16.87 39.60
C ASN D 832 -31.19 15.63 38.83
N PRO D 833 -32.38 15.60 38.24
CA PRO D 833 -32.75 14.45 37.41
C PRO D 833 -31.77 14.26 36.26
N ILE D 834 -31.45 13.01 35.97
CA ILE D 834 -30.47 12.66 34.95
C ILE D 834 -31.22 12.06 33.76
N VAL D 835 -31.04 12.65 32.59
CA VAL D 835 -31.64 12.15 31.36
C VAL D 835 -30.49 11.71 30.45
N LEU D 836 -30.43 10.41 30.17
CA LEU D 836 -29.41 9.86 29.29
C LEU D 836 -29.96 9.86 27.87
N LEU D 837 -29.40 10.72 27.03
CA LEU D 837 -29.82 10.84 25.63
C LEU D 837 -28.98 9.87 24.82
N LEU D 838 -29.44 8.62 24.75
CA LEU D 838 -28.69 7.55 24.13
C LEU D 838 -29.03 7.41 22.65
N ASP D 839 -28.06 6.92 21.88
CA ASP D 839 -28.30 6.60 20.48
C ASP D 839 -28.85 5.19 20.29
N ASN D 840 -28.35 4.24 21.08
CA ASN D 840 -28.81 2.86 21.05
C ASN D 840 -29.61 2.56 22.31
N LYS D 841 -30.57 1.64 22.17
CA LYS D 841 -31.40 1.27 23.31
C LYS D 841 -30.56 0.58 24.38
N PRO D 842 -30.61 1.02 25.63
CA PRO D 842 -29.76 0.42 26.66
C PRO D 842 -30.14 -1.03 26.93
N ASP D 843 -29.13 -1.85 27.21
CA ASP D 843 -29.37 -3.25 27.52
C ASP D 843 -29.97 -3.38 28.92
N HIS D 844 -30.47 -4.58 29.21
CA HIS D 844 -31.11 -4.83 30.50
C HIS D 844 -30.13 -4.76 31.66
N HIS D 845 -28.83 -4.98 31.41
CA HIS D 845 -27.86 -4.92 32.50
C HIS D 845 -27.71 -3.51 33.03
N PHE D 846 -27.57 -2.53 32.14
CA PHE D 846 -27.45 -1.14 32.59
C PHE D 846 -28.73 -0.68 33.29
N LEU D 847 -29.90 -1.04 32.74
CA LEU D 847 -31.15 -0.65 33.37
C LEU D 847 -31.31 -1.28 34.75
N GLU D 848 -30.90 -2.55 34.90
CA GLU D 848 -30.95 -3.18 36.21
C GLU D 848 -29.98 -2.51 37.18
N ALA D 849 -28.81 -2.08 36.67
CA ALA D 849 -27.86 -1.36 37.51
C ALA D 849 -28.41 -0.02 37.97
N ILE D 850 -29.12 0.70 37.11
CA ILE D 850 -29.58 2.05 37.43
C ILE D 850 -31.05 2.11 37.84
N CYS D 851 -31.71 0.96 37.94
CA CYS D 851 -33.15 0.97 38.25
C CYS D 851 -33.43 1.48 39.66
N CYS D 852 -32.47 1.42 40.57
CA CYS D 852 -32.68 1.82 41.95
C CYS D 852 -32.32 3.28 42.20
N PHE D 853 -31.68 3.95 41.26
CA PHE D 853 -31.32 5.34 41.43
C PHE D 853 -32.52 6.25 41.17
N PRO D 854 -32.83 7.18 42.06
CA PRO D 854 -34.00 8.05 41.84
C PRO D 854 -33.74 9.10 40.77
N MET D 855 -34.77 9.36 39.97
CA MET D 855 -34.76 10.39 38.94
C MET D 855 -33.60 10.19 37.96
N VAL D 856 -33.56 9.00 37.37
CA VAL D 856 -32.62 8.66 36.31
C VAL D 856 -33.43 8.08 35.16
N TYR D 857 -33.55 8.84 34.07
CA TYR D 857 -34.33 8.43 32.92
C TYR D 857 -33.46 8.37 31.68
N TYR D 858 -33.95 7.67 30.67
CA TYR D 858 -33.25 7.56 29.39
C TYR D 858 -34.24 7.80 28.26
N MET D 859 -33.70 8.27 27.14
CA MET D 859 -34.50 8.49 25.94
C MET D 859 -33.57 8.38 24.73
N GLU D 860 -34.10 7.83 23.64
CA GLU D 860 -33.32 7.62 22.43
C GLU D 860 -33.26 8.91 21.62
N GLY D 861 -32.06 9.24 21.16
CA GLY D 861 -31.87 10.47 20.38
C GLY D 861 -30.40 10.79 20.26
N SER D 862 -30.12 12.04 19.90
CA SER D 862 -28.75 12.50 19.73
C SER D 862 -28.69 13.99 20.05
N VAL D 863 -27.47 14.53 20.02
CA VAL D 863 -27.27 15.95 20.25
C VAL D 863 -27.40 16.77 18.98
N ASP D 864 -27.46 16.13 17.81
CA ASP D 864 -27.52 16.86 16.55
C ASP D 864 -28.94 17.24 16.14
N ASN D 865 -29.96 16.58 16.69
CA ASN D 865 -31.34 16.86 16.36
C ASN D 865 -32.00 17.60 17.52
N LEU D 866 -32.64 18.73 17.21
CA LEU D 866 -33.25 19.56 18.24
C LEU D 866 -34.48 18.92 18.87
N ASP D 867 -35.20 18.07 18.14
CA ASP D 867 -36.41 17.47 18.69
C ASP D 867 -36.10 16.61 19.92
N SER D 868 -35.03 15.80 19.84
CA SER D 868 -34.68 14.95 20.96
C SER D 868 -34.27 15.76 22.18
N LEU D 869 -33.49 16.82 21.97
CA LEU D 869 -33.05 17.64 23.10
C LEU D 869 -34.20 18.41 23.72
N LEU D 870 -35.13 18.89 22.89
CA LEU D 870 -36.31 19.57 23.42
C LEU D 870 -37.22 18.60 24.17
N GLN D 871 -37.28 17.35 23.73
CA GLN D 871 -38.10 16.35 24.43
C GLN D 871 -37.46 15.96 25.76
N CYS D 872 -36.15 15.75 25.78
CA CYS D 872 -35.45 15.49 27.04
C CYS D 872 -35.58 16.68 27.98
N GLY D 873 -35.68 17.88 27.41
CA GLY D 873 -35.83 19.09 28.18
C GLY D 873 -34.50 19.80 28.29
N ILE D 874 -34.26 20.76 27.40
CA ILE D 874 -33.02 21.51 27.42
C ILE D 874 -33.26 22.94 27.87
N ILE D 875 -34.52 23.37 27.89
CA ILE D 875 -34.87 24.66 28.50
C ILE D 875 -34.59 24.63 29.99
N TYR D 876 -34.90 23.50 30.64
CA TYR D 876 -34.74 23.34 32.07
C TYR D 876 -33.45 22.60 32.44
N ALA D 877 -32.58 22.34 31.46
CA ALA D 877 -31.38 21.56 31.72
C ALA D 877 -30.30 22.45 32.31
N ASP D 878 -29.84 22.10 33.51
CA ASP D 878 -28.72 22.83 34.12
C ASP D 878 -27.43 22.58 33.35
N ASN D 879 -27.19 21.33 32.94
CA ASN D 879 -25.99 20.96 32.22
C ASN D 879 -26.36 20.06 31.05
N LEU D 880 -25.50 20.07 30.03
CA LEU D 880 -25.62 19.18 28.88
C LEU D 880 -24.26 18.52 28.67
N VAL D 881 -24.11 17.29 29.15
CA VAL D 881 -22.87 16.54 29.00
C VAL D 881 -22.91 15.79 27.69
N VAL D 882 -21.92 16.03 26.84
CA VAL D 882 -21.83 15.41 25.52
C VAL D 882 -20.59 14.53 25.50
N VAL D 883 -20.77 13.25 25.23
CA VAL D 883 -19.69 12.28 25.13
C VAL D 883 -19.53 11.91 23.67
N ASP D 884 -18.30 11.99 23.17
CA ASP D 884 -18.03 11.73 21.76
C ASP D 884 -18.30 10.25 21.43
N LYS D 885 -18.72 10.02 20.20
CA LYS D 885 -18.97 8.66 19.73
C LYS D 885 -17.66 7.90 19.58
N GLU D 886 -17.74 6.57 19.77
CA GLU D 886 -16.55 5.74 19.68
C GLU D 886 -16.06 5.59 18.25
N SER D 887 -16.99 5.56 17.28
CA SER D 887 -16.61 5.35 15.89
C SER D 887 -16.22 6.64 15.18
N THR D 888 -16.39 7.80 15.82
CA THR D 888 -16.10 9.06 15.16
C THR D 888 -14.60 9.29 14.99
N MET D 889 -13.76 8.50 15.65
CA MET D 889 -12.31 8.68 15.60
C MET D 889 -11.66 7.92 14.44
N SER D 890 -12.40 7.59 13.40
CA SER D 890 -11.86 6.81 12.29
C SER D 890 -11.22 7.66 11.19
N ALA D 891 -11.23 8.99 11.34
CA ALA D 891 -10.66 9.85 10.31
C ALA D 891 -9.16 9.69 10.23
N GLU D 892 -8.63 9.71 9.01
CA GLU D 892 -7.18 9.62 8.81
C GLU D 892 -6.48 10.80 9.47
N GLU D 893 -6.98 12.01 9.22
CA GLU D 893 -6.49 13.18 9.94
C GLU D 893 -6.87 13.07 11.41
N ASP D 894 -5.88 12.93 12.29
CA ASP D 894 -6.16 12.62 13.68
C ASP D 894 -6.96 13.72 14.37
N TYR D 895 -6.63 14.98 14.10
CA TYR D 895 -7.33 16.09 14.73
C TYR D 895 -8.74 16.26 14.20
N MET D 896 -9.11 15.57 13.13
CA MET D 896 -10.45 15.63 12.57
C MET D 896 -11.42 14.68 13.26
N ALA D 897 -10.94 13.91 14.25
CA ALA D 897 -11.81 12.95 14.93
C ALA D 897 -12.90 13.66 15.73
N ASP D 898 -12.60 14.87 16.22
CA ASP D 898 -13.53 15.61 17.07
C ASP D 898 -14.38 16.60 16.28
N ALA D 899 -14.33 16.55 14.95
CA ALA D 899 -15.02 17.57 14.14
C ALA D 899 -16.52 17.52 14.35
N LYS D 900 -17.11 16.33 14.31
CA LYS D 900 -18.56 16.21 14.47
C LYS D 900 -19.01 16.68 15.84
N THR D 901 -18.29 16.27 16.88
CA THR D 901 -18.65 16.69 18.24
C THR D 901 -18.52 18.19 18.40
N ILE D 902 -17.44 18.77 17.88
CA ILE D 902 -17.24 20.22 18.02
C ILE D 902 -18.32 20.98 17.28
N VAL D 903 -18.66 20.56 16.07
CA VAL D 903 -19.68 21.27 15.30
C VAL D 903 -21.05 21.14 15.95
N ASN D 904 -21.39 19.95 16.45
CA ASN D 904 -22.68 19.77 17.10
C ASN D 904 -22.78 20.60 18.37
N VAL D 905 -21.71 20.63 19.18
CA VAL D 905 -21.72 21.43 20.39
C VAL D 905 -21.78 22.91 20.06
N GLN D 906 -21.11 23.34 18.99
CA GLN D 906 -21.19 24.74 18.59
C GLN D 906 -22.60 25.10 18.13
N THR D 907 -23.26 24.19 17.41
CA THR D 907 -24.64 24.43 17.01
C THR D 907 -25.54 24.58 18.24
N MET D 908 -25.35 23.70 19.23
CA MET D 908 -26.17 23.77 20.43
C MET D 908 -25.86 25.03 21.24
N PHE D 909 -24.61 25.49 21.23
CA PHE D 909 -24.24 26.71 21.91
C PHE D 909 -24.82 27.94 21.23
N ARG D 910 -24.85 27.96 19.90
CA ARG D 910 -25.49 29.04 19.18
C ARG D 910 -27.00 29.07 19.42
N LEU D 911 -27.63 27.90 19.39
CA LEU D 911 -29.07 27.83 19.61
C LEU D 911 -29.43 28.19 21.05
N PHE D 912 -28.68 27.66 22.02
CA PHE D 912 -28.90 27.92 23.44
C PHE D 912 -27.66 28.55 24.03
N PRO D 913 -27.51 29.88 24.01
CA PRO D 913 -26.26 30.49 24.49
C PRO D 913 -26.07 30.37 25.99
N SER D 914 -27.14 30.40 26.78
CA SER D 914 -27.02 30.37 28.23
C SER D 914 -26.85 28.97 28.80
N LEU D 915 -27.07 27.93 28.00
CA LEU D 915 -26.92 26.57 28.48
C LEU D 915 -25.46 26.25 28.77
N SER D 916 -25.24 25.42 29.78
CA SER D 916 -23.90 25.01 30.20
C SER D 916 -23.62 23.64 29.61
N ILE D 917 -22.72 23.58 28.63
CA ILE D 917 -22.37 22.35 27.95
C ILE D 917 -20.98 21.91 28.40
N THR D 918 -20.86 20.64 28.78
CA THR D 918 -19.58 20.05 29.16
C THR D 918 -19.27 18.95 28.16
N THR D 919 -18.04 18.95 27.64
CA THR D 919 -17.66 18.04 26.56
C THR D 919 -16.29 17.44 26.88
N GLU D 920 -16.05 16.26 26.30
CA GLU D 920 -14.77 15.58 26.40
C GLU D 920 -14.21 15.42 25.00
N LEU D 921 -12.97 15.86 24.80
CA LEU D 921 -12.34 15.84 23.49
C LEU D 921 -11.13 14.90 23.48
N THR D 922 -10.87 14.33 22.31
CA THR D 922 -9.76 13.39 22.18
C THR D 922 -8.41 14.10 22.23
N HIS D 923 -8.31 15.25 21.56
CA HIS D 923 -7.04 15.97 21.46
C HIS D 923 -7.11 17.28 22.20
N PRO D 924 -6.13 17.59 23.05
CA PRO D 924 -6.14 18.88 23.76
C PRO D 924 -6.03 20.10 22.86
N SER D 925 -5.52 19.94 21.63
CA SER D 925 -5.41 21.07 20.72
C SER D 925 -6.74 21.51 20.14
N ASN D 926 -7.80 20.73 20.33
CA ASN D 926 -9.12 21.06 19.82
C ASN D 926 -10.01 21.75 20.85
N MET D 927 -9.53 21.96 22.07
CA MET D 927 -10.34 22.62 23.08
C MET D 927 -10.55 24.10 22.77
N ARG D 928 -9.76 24.66 21.86
CA ARG D 928 -9.98 26.02 21.42
C ARG D 928 -11.26 26.17 20.61
N PHE D 929 -11.81 25.06 20.12
CA PHE D 929 -12.95 25.09 19.22
C PHE D 929 -14.28 24.84 19.92
N MET D 930 -14.28 24.71 21.25
CA MET D 930 -15.50 24.33 21.96
C MET D 930 -16.58 25.40 21.82
N GLN D 931 -16.25 26.65 22.15
CA GLN D 931 -17.17 27.77 22.03
C GLN D 931 -16.45 28.82 21.19
N PHE D 932 -16.55 28.69 19.88
CA PHE D 932 -15.74 29.46 18.95
C PHE D 932 -16.47 30.74 18.58
N ARG D 933 -15.90 31.88 19.01
CA ARG D 933 -16.38 33.20 18.63
C ARG D 933 -15.34 33.78 17.68
N ALA D 934 -15.60 33.64 16.38
CA ALA D 934 -14.63 34.10 15.38
C ALA D 934 -14.48 35.62 15.42
N LYS D 935 -15.59 36.34 15.56
CA LYS D 935 -15.56 37.80 15.64
C LYS D 935 -15.40 38.23 17.10
N ASP D 936 -14.20 37.97 17.62
CA ASP D 936 -13.88 38.28 19.02
C ASP D 936 -12.38 38.51 19.12
N SER D 937 -11.99 39.69 19.60
CA SER D 937 -10.58 40.03 19.69
C SER D 937 -9.88 39.29 20.83
N TYR D 938 -10.56 39.15 21.97
CA TYR D 938 -9.95 38.49 23.12
C TYR D 938 -9.67 37.02 22.84
N SER D 939 -10.60 36.34 22.17
CA SER D 939 -10.43 34.92 21.90
C SER D 939 -9.25 34.66 20.96
N LEU D 940 -8.92 35.63 20.11
CA LEU D 940 -7.78 35.50 19.21
C LEU D 940 -6.50 36.06 19.79
N ALA D 941 -6.57 36.92 20.81
CA ALA D 941 -5.38 37.28 21.57
C ALA D 941 -4.96 36.14 22.48
N LEU D 942 -5.93 35.34 22.95
CA LEU D 942 -5.58 34.12 23.68
C LEU D 942 -4.77 33.18 22.81
N SER D 943 -4.98 33.21 21.49
CA SER D 943 -4.16 32.41 20.59
C SER D 943 -2.70 32.86 20.62
N LYS D 944 -2.46 34.17 20.61
CA LYS D 944 -1.09 34.66 20.71
C LYS D 944 -0.48 34.31 22.06
N LEU D 945 -1.28 34.40 23.13
CA LEU D 945 -0.79 34.00 24.45
C LEU D 945 -0.39 32.53 24.46
N GLU D 946 -1.22 31.66 23.87
CA GLU D 946 -0.92 30.24 23.82
C GLU D 946 0.32 29.98 23.00
N LYS D 947 0.50 30.69 21.88
CA LYS D 947 1.71 30.53 21.07
C LYS D 947 2.95 30.96 21.86
N ARG D 948 2.85 32.07 22.59
CA ARG D 948 3.98 32.52 23.41
C ARG D 948 4.32 31.49 24.47
N GLU D 949 3.32 30.91 25.13
CA GLU D 949 3.58 29.87 26.12
C GLU D 949 4.19 28.64 25.47
N ARG D 950 3.71 28.25 24.29
CA ARG D 950 4.25 27.07 23.61
C ARG D 950 5.68 27.30 23.15
N GLU D 951 6.06 28.56 22.91
CA GLU D 951 7.45 28.85 22.56
C GLU D 951 8.40 28.47 23.69
N ASN D 952 7.99 28.73 24.93
CA ASN D 952 8.79 28.45 26.12
C ASN D 952 8.78 26.97 26.51
N GLY D 953 8.32 26.06 25.67
CA GLY D 953 8.32 24.66 26.03
C GLY D 953 7.29 24.27 27.07
N SER D 954 6.16 24.97 27.11
CA SER D 954 5.14 24.71 28.10
C SER D 954 4.23 23.57 27.64
N ASN D 955 4.01 22.59 28.52
CA ASN D 955 3.07 21.52 28.23
C ASN D 955 1.62 21.98 28.37
N LEU D 956 1.36 22.92 29.30
CA LEU D 956 0.01 23.43 29.52
C LEU D 956 -0.19 24.71 28.69
N ALA D 957 -0.14 24.53 27.37
CA ALA D 957 -0.40 25.63 26.45
C ALA D 957 -1.89 25.83 26.19
N PHE D 958 -2.67 24.76 26.28
CA PHE D 958 -4.12 24.83 26.13
C PHE D 958 -4.79 25.48 27.33
N MET D 959 -4.04 25.75 28.40
CA MET D 959 -4.64 26.11 29.68
C MET D 959 -5.38 27.45 29.63
N PHE D 960 -4.95 28.38 28.77
CA PHE D 960 -5.51 29.72 28.77
C PHE D 960 -6.74 29.86 27.89
N ARG D 961 -7.19 28.78 27.25
CA ARG D 961 -8.43 28.84 26.49
C ARG D 961 -9.61 28.93 27.44
N LEU D 962 -10.57 29.80 27.09
CA LEU D 962 -11.71 30.03 27.98
C LEU D 962 -12.54 28.77 28.24
N PRO D 963 -12.88 27.94 27.25
CA PRO D 963 -13.65 26.71 27.57
C PRO D 963 -12.94 25.80 28.57
N PHE D 964 -11.62 25.68 28.48
CA PHE D 964 -10.90 24.83 29.42
C PHE D 964 -10.84 25.47 30.80
N ALA D 965 -10.54 26.76 30.85
CA ALA D 965 -10.44 27.45 32.14
C ALA D 965 -11.78 27.45 32.88
N ALA D 966 -12.89 27.59 32.14
CA ALA D 966 -14.20 27.58 32.75
C ALA D 966 -14.69 26.17 33.10
N GLY D 967 -13.96 25.13 32.67
CA GLY D 967 -14.35 23.77 32.95
C GLY D 967 -15.31 23.16 31.96
N ARG D 968 -15.39 23.70 30.75
CA ARG D 968 -16.31 23.15 29.75
C ARG D 968 -15.76 21.90 29.08
N VAL D 969 -14.45 21.86 28.84
CA VAL D 969 -13.85 20.76 28.09
C VAL D 969 -12.64 20.24 28.84
N PHE D 970 -12.44 18.93 28.72
CA PHE D 970 -11.21 18.28 29.15
C PHE D 970 -10.88 17.21 28.14
N SER D 971 -9.61 16.80 28.13
CA SER D 971 -9.15 15.74 27.25
C SER D 971 -8.66 14.58 28.10
N ILE D 972 -8.82 13.37 27.56
CA ILE D 972 -8.47 12.14 28.27
C ILE D 972 -6.95 12.02 28.33
N SER D 973 -6.25 12.84 27.55
CA SER D 973 -4.79 12.87 27.62
C SER D 973 -4.28 13.23 29.02
N MET D 974 -5.09 13.90 29.83
CA MET D 974 -4.70 14.12 31.22
C MET D 974 -4.57 12.80 31.97
N LEU D 975 -5.32 11.77 31.56
CA LEU D 975 -5.18 10.46 32.19
C LEU D 975 -3.84 9.82 31.82
N ASP D 976 -3.41 9.98 30.57
CA ASP D 976 -2.08 9.51 30.19
C ASP D 976 -1.00 10.25 30.96
N THR D 977 -1.16 11.57 31.11
CA THR D 977 -0.23 12.35 31.92
C THR D 977 -0.22 11.86 33.36
N LEU D 978 -1.39 11.51 33.90
CA LEU D 978 -1.48 10.94 35.24
C LEU D 978 -0.72 9.63 35.34
N LEU D 979 -0.89 8.77 34.33
CA LEU D 979 -0.20 7.48 34.35
C LEU D 979 1.31 7.66 34.30
N TYR D 980 1.80 8.60 33.50
CA TYR D 980 3.24 8.85 33.44
C TYR D 980 3.74 9.50 34.73
N GLN D 981 2.90 10.33 35.36
CA GLN D 981 3.25 10.93 36.63
C GLN D 981 3.37 9.86 37.72
N SER D 982 2.53 8.83 37.65
CA SER D 982 2.56 7.79 38.68
C SER D 982 3.89 7.04 38.70
N PHE D 983 4.69 7.13 37.64
CA PHE D 983 6.03 6.59 37.67
C PHE D 983 6.89 7.29 38.72
N VAL D 984 6.63 8.57 38.94
CA VAL D 984 7.33 9.35 39.96
C VAL D 984 6.48 9.50 41.23
N LYS D 985 5.18 9.72 41.06
CA LYS D 985 4.26 9.91 42.17
C LYS D 985 3.29 8.74 42.19
N ASP D 986 3.67 7.67 42.90
CA ASP D 986 2.84 6.48 42.95
C ASP D 986 1.49 6.74 43.61
N TYR D 987 1.42 7.77 44.45
CA TYR D 987 0.20 8.14 45.16
C TYR D 987 -0.77 8.95 44.31
N MET D 988 -0.34 9.39 43.12
CA MET D 988 -1.13 10.35 42.35
C MET D 988 -2.44 9.74 41.86
N ILE D 989 -2.40 8.50 41.38
CA ILE D 989 -3.61 7.85 40.89
C ILE D 989 -4.61 7.67 42.03
N THR D 990 -4.13 7.23 43.20
CA THR D 990 -5.02 7.06 44.34
C THR D 990 -5.62 8.39 44.78
N ILE D 991 -4.83 9.46 44.79
CA ILE D 991 -5.34 10.77 45.16
C ILE D 991 -6.41 11.23 44.18
N THR D 992 -6.14 11.05 42.88
CA THR D 992 -7.11 11.44 41.86
C THR D 992 -8.41 10.67 42.01
N ARG D 993 -8.32 9.36 42.22
CA ARG D 993 -9.53 8.55 42.40
C ARG D 993 -10.28 8.93 43.66
N LEU D 994 -9.56 9.26 44.74
CA LEU D 994 -10.22 9.71 45.96
C LEU D 994 -10.95 11.04 45.75
N LEU D 995 -10.34 11.95 45.00
CA LEU D 995 -11.02 13.22 44.70
C LEU D 995 -12.28 12.98 43.88
N LEU D 996 -12.22 12.07 42.91
CA LEU D 996 -13.38 11.75 42.10
C LEU D 996 -14.35 10.81 42.80
N GLY D 997 -14.00 10.28 43.97
CA GLY D 997 -14.86 9.32 44.64
C GLY D 997 -14.87 7.95 44.00
N LEU D 998 -13.96 7.67 43.07
CA LEU D 998 -13.94 6.37 42.41
C LEU D 998 -13.65 5.26 43.40
N ASP D 999 -12.72 5.48 44.33
CA ASP D 999 -12.44 4.54 45.40
C ASP D 999 -12.87 5.14 46.73
N THR D 1000 -13.46 4.31 47.59
CA THR D 1000 -14.05 4.75 48.84
C THR D 1000 -13.35 4.05 50.00
N THR D 1001 -12.40 4.74 50.61
CA THR D 1001 -11.81 4.25 51.86
C THR D 1001 -12.50 4.93 53.04
N PRO D 1002 -12.96 4.16 54.04
CA PRO D 1002 -13.63 4.79 55.18
C PRO D 1002 -12.72 5.79 55.88
N GLY D 1003 -13.33 6.89 56.31
CA GLY D 1003 -12.60 7.98 56.92
C GLY D 1003 -11.98 8.97 55.96
N SER D 1004 -12.28 8.86 54.67
CA SER D 1004 -11.74 9.75 53.65
C SER D 1004 -12.80 10.74 53.21
N GLY D 1005 -12.38 11.99 53.00
CA GLY D 1005 -13.29 13.04 52.60
C GLY D 1005 -13.63 13.00 51.13
N TYR D 1006 -14.51 13.91 50.73
CA TYR D 1006 -14.97 14.01 49.35
C TYR D 1006 -14.87 15.45 48.87
N LEU D 1007 -14.78 15.62 47.56
CA LEU D 1007 -14.65 16.94 46.95
C LEU D 1007 -16.02 17.59 46.90
N CYS D 1008 -16.19 18.68 47.64
CA CYS D 1008 -17.42 19.46 47.65
C CYS D 1008 -17.11 20.87 47.13
N ALA D 1009 -18.15 21.70 47.11
CA ALA D 1009 -18.02 23.08 46.66
C ALA D 1009 -19.02 23.95 47.39
N MET D 1010 -18.60 25.15 47.76
CA MET D 1010 -19.43 26.11 48.47
C MET D 1010 -19.46 27.42 47.71
N LYS D 1011 -20.64 28.05 47.68
CA LYS D 1011 -20.83 29.29 46.96
C LYS D 1011 -20.61 30.47 47.90
N ILE D 1012 -19.64 31.32 47.57
CA ILE D 1012 -19.38 32.52 48.36
C ILE D 1012 -20.41 33.57 47.96
N THR D 1013 -21.35 33.84 48.84
CA THR D 1013 -22.41 34.81 48.58
C THR D 1013 -22.02 36.18 49.13
N GLU D 1014 -22.84 37.18 48.79
CA GLU D 1014 -22.60 38.54 49.28
C GLU D 1014 -22.74 38.64 50.79
N GLY D 1015 -23.49 37.73 51.41
CA GLY D 1015 -23.59 37.72 52.86
C GLY D 1015 -22.35 37.22 53.56
N ASP D 1016 -21.49 36.48 52.85
CA ASP D 1016 -20.24 36.00 53.40
C ASP D 1016 -19.05 36.86 52.98
N LEU D 1017 -19.29 38.02 52.37
CA LEU D 1017 -18.22 38.89 51.90
C LEU D 1017 -17.50 39.59 53.04
N TRP D 1018 -18.02 39.54 54.27
CA TRP D 1018 -17.28 40.06 55.41
C TRP D 1018 -16.01 39.25 55.65
N ILE D 1019 -15.94 38.01 55.13
CA ILE D 1019 -14.71 37.26 55.09
C ILE D 1019 -13.94 37.73 53.86
N ARG D 1020 -13.15 38.79 54.01
CA ARG D 1020 -12.55 39.46 52.88
C ARG D 1020 -11.46 38.62 52.21
N THR D 1021 -10.93 37.62 52.90
CA THR D 1021 -9.72 36.95 52.46
C THR D 1021 -9.91 35.44 52.43
N TYR D 1022 -9.19 34.79 51.52
CA TYR D 1022 -9.20 33.33 51.41
C TYR D 1022 -8.63 32.67 52.66
N GLY D 1023 -7.60 33.27 53.26
CA GLY D 1023 -7.05 32.70 54.49
C GLY D 1023 -8.03 32.77 55.65
N ARG D 1024 -8.78 33.87 55.75
CA ARG D 1024 -9.82 33.96 56.78
C ARG D 1024 -10.91 32.92 56.55
N LEU D 1025 -11.26 32.67 55.28
CA LEU D 1025 -12.22 31.61 54.99
C LEU D 1025 -11.68 30.24 55.38
N PHE D 1026 -10.39 30.01 55.11
CA PHE D 1026 -9.73 28.78 55.56
C PHE D 1026 -9.86 28.63 57.08
N GLN D 1027 -9.59 29.71 57.81
CA GLN D 1027 -9.67 29.69 59.26
C GLN D 1027 -11.09 29.37 59.72
N LYS D 1028 -12.09 30.02 59.11
CA LYS D 1028 -13.48 29.78 59.50
C LYS D 1028 -13.89 28.34 59.23
N LEU D 1029 -13.50 27.80 58.07
CA LEU D 1029 -13.86 26.43 57.74
C LEU D 1029 -13.22 25.44 58.69
N CYS D 1030 -11.94 25.65 59.03
CA CYS D 1030 -11.28 24.74 59.95
C CYS D 1030 -11.74 24.93 61.40
N SER D 1031 -12.32 26.09 61.74
CA SER D 1031 -12.83 26.30 63.09
C SER D 1031 -14.29 25.94 63.24
N SER D 1032 -15.02 25.73 62.14
CA SER D 1032 -16.43 25.40 62.20
C SER D 1032 -16.73 24.00 61.70
N SER D 1033 -16.34 23.67 60.47
CA SER D 1033 -16.66 22.38 59.88
C SER D 1033 -15.43 21.57 59.49
N ALA D 1034 -14.22 22.06 59.77
CA ALA D 1034 -12.98 21.33 59.53
C ALA D 1034 -12.81 20.97 58.05
N GLU D 1035 -13.28 21.83 57.15
CA GLU D 1035 -13.11 21.61 55.73
C GLU D 1035 -11.84 22.32 55.25
N ILE D 1036 -11.22 21.73 54.24
CA ILE D 1036 -9.96 22.25 53.70
C ILE D 1036 -10.19 22.71 52.26
N PRO D 1037 -10.15 24.01 51.99
CA PRO D 1037 -10.40 24.50 50.63
C PRO D 1037 -9.20 24.28 49.72
N ILE D 1038 -9.43 23.58 48.62
CA ILE D 1038 -8.37 23.40 47.62
C ILE D 1038 -8.14 24.69 46.86
N GLY D 1039 -9.15 25.16 46.15
CA GLY D 1039 -9.00 26.34 45.31
C GLY D 1039 -10.28 27.12 45.10
N ILE D 1040 -10.24 28.10 44.21
CA ILE D 1040 -11.35 29.00 43.95
C ILE D 1040 -11.72 28.93 42.47
N TYR D 1041 -13.01 28.84 42.19
CA TYR D 1041 -13.54 28.94 40.83
C TYR D 1041 -14.04 30.37 40.65
N ARG D 1042 -13.19 31.22 40.08
CA ARG D 1042 -13.42 32.65 40.05
C ARG D 1042 -14.23 33.03 38.81
N THR D 1043 -15.06 34.07 38.97
CA THR D 1043 -15.98 34.52 37.94
C THR D 1043 -15.74 35.99 37.63
N GLU D 1044 -15.68 36.33 36.34
CA GLU D 1044 -15.50 37.70 35.89
C GLU D 1044 -16.50 38.02 34.78
N SER D 1045 -16.77 39.30 34.62
CA SER D 1045 -17.65 39.79 33.55
C SER D 1045 -16.80 40.14 32.33
N HIS D 1046 -17.07 39.49 31.21
CA HIS D 1046 -16.24 39.60 30.01
C HIS D 1046 -17.11 39.79 28.77
N VAL D 1047 -17.99 40.80 28.80
CA VAL D 1047 -18.91 41.10 27.72
C VAL D 1047 -18.22 40.99 26.36
N PHE D 1048 -18.82 40.22 25.46
CA PHE D 1048 -18.22 39.91 24.18
C PHE D 1048 -18.72 40.84 23.07
N ALA D 1129 -52.60 45.28 0.09
CA ALA D 1129 -51.83 44.48 1.03
C ALA D 1129 -50.33 44.62 0.75
N ALA D 1130 -49.99 45.40 -0.29
CA ALA D 1130 -48.60 45.56 -0.67
C ALA D 1130 -47.78 46.20 0.45
N GLU D 1131 -48.36 47.19 1.12
CA GLU D 1131 -47.64 47.86 2.21
C GLU D 1131 -47.31 46.89 3.34
N TRP D 1132 -48.26 46.01 3.68
CA TRP D 1132 -48.05 45.07 4.78
C TRP D 1132 -46.93 44.09 4.48
N ILE D 1133 -46.95 43.48 3.30
CA ILE D 1133 -45.89 42.52 2.98
C ILE D 1133 -44.56 43.22 2.71
N SER D 1134 -44.58 44.48 2.28
CA SER D 1134 -43.33 45.24 2.21
C SER D 1134 -42.74 45.48 3.61
N GLN D 1135 -43.60 45.82 4.57
CA GLN D 1135 -43.17 45.96 5.97
C GLN D 1135 -42.55 44.65 6.46
N GLN D 1136 -43.23 43.54 6.20
CA GLN D 1136 -42.69 42.24 6.60
C GLN D 1136 -41.38 41.93 5.88
N ARG D 1137 -41.25 42.35 4.62
CA ARG D 1137 -40.02 42.13 3.87
C ARG D 1137 -38.85 42.85 4.51
N LEU D 1138 -39.02 44.14 4.83
CA LEU D 1138 -37.94 44.86 5.49
C LEU D 1138 -37.67 44.31 6.89
N SER D 1139 -38.72 43.88 7.60
CA SER D 1139 -38.51 43.31 8.93
C SER D 1139 -37.67 42.04 8.87
N LEU D 1140 -37.97 41.16 7.91
CA LEU D 1140 -37.19 39.94 7.77
C LEU D 1140 -35.78 40.22 7.25
N TYR D 1141 -35.62 41.23 6.39
CA TYR D 1141 -34.29 41.57 5.92
C TYR D 1141 -33.42 42.14 7.02
N ARG D 1142 -34.01 42.90 7.94
CA ARG D 1142 -33.28 43.51 9.05
C ARG D 1142 -33.11 42.58 10.24
N ARG D 1143 -33.78 41.43 10.25
CA ARG D 1143 -33.66 40.50 11.38
C ARG D 1143 -32.29 39.83 11.37
N SER D 1144 -31.77 39.60 12.58
CA SER D 1144 -30.40 39.12 12.74
C SER D 1144 -30.37 37.60 12.84
N GLU D 1145 -29.16 37.06 13.04
CA GLU D 1145 -28.98 35.62 13.16
C GLU D 1145 -29.47 35.09 14.50
N ARG D 1146 -29.30 35.86 15.58
CA ARG D 1146 -29.82 35.44 16.88
C ARG D 1146 -31.33 35.28 16.82
N GLN D 1147 -32.03 36.22 16.18
CA GLN D 1147 -33.46 36.09 15.99
C GLN D 1147 -33.80 34.86 15.16
N GLU D 1148 -32.98 34.58 14.14
CA GLU D 1148 -33.20 33.40 13.31
C GLU D 1148 -33.13 32.13 14.14
N LEU D 1149 -32.10 32.01 14.97
CA LEU D 1149 -31.93 30.82 15.81
C LEU D 1149 -33.06 30.70 16.81
N SER D 1150 -33.45 31.83 17.43
CA SER D 1150 -34.54 31.82 18.39
C SER D 1150 -35.85 31.39 17.74
N GLU D 1151 -36.14 31.91 16.55
CA GLU D 1151 -37.36 31.54 15.86
C GLU D 1151 -37.34 30.07 15.43
N LEU D 1152 -36.18 29.55 15.02
CA LEU D 1152 -36.09 28.13 14.69
C LEU D 1152 -36.40 27.27 15.91
N VAL D 1153 -35.81 27.62 17.06
CA VAL D 1153 -36.05 26.84 18.28
C VAL D 1153 -37.52 26.93 18.67
N LYS D 1154 -38.11 28.12 18.60
CA LYS D 1154 -39.52 28.27 18.96
C LYS D 1154 -40.43 27.53 18.00
N ASN D 1155 -40.10 27.52 16.71
CA ASN D 1155 -40.89 26.76 15.75
C ASN D 1155 -40.84 25.27 16.05
N ARG D 1156 -39.65 24.77 16.37
CA ARG D 1156 -39.54 23.36 16.76
C ARG D 1156 -40.34 23.07 18.02
N MET D 1157 -40.27 23.97 19.00
CA MET D 1157 -41.00 23.77 20.25
C MET D 1157 -42.51 23.73 20.01
N LYS D 1158 -43.02 24.67 19.23
CA LYS D 1158 -44.46 24.70 18.95
C LYS D 1158 -44.89 23.56 18.03
N HIS D 1159 -43.97 23.00 17.24
CA HIS D 1159 -44.30 21.82 16.46
C HIS D 1159 -44.38 20.58 17.34
N LEU D 1160 -43.47 20.42 18.29
CA LEU D 1160 -43.55 19.28 19.19
C LEU D 1160 -44.65 19.44 20.24
N GLY D 1161 -44.99 20.67 20.59
CA GLY D 1161 -46.05 20.92 21.54
C GLY D 1161 -45.65 21.61 22.82
N LEU D 1162 -44.37 21.86 23.04
CA LEU D 1162 -43.96 22.61 24.22
C LEU D 1162 -44.23 24.10 24.02
N PRO D 1163 -44.56 24.83 25.08
CA PRO D 1163 -44.81 26.27 24.92
C PRO D 1163 -43.54 27.03 24.55
N THR D 1164 -43.70 28.03 23.70
CA THR D 1164 -42.56 28.81 23.23
C THR D 1164 -41.89 29.55 24.37
N THR D 1165 -42.69 30.10 25.29
CA THR D 1165 -42.14 30.83 26.42
C THR D 1165 -41.33 29.90 27.32
N GLY D 1166 -40.42 30.50 28.09
CA GLY D 1166 -39.45 29.79 28.88
C GLY D 1166 -38.09 29.69 28.22
N TYR D 1167 -38.03 29.79 26.89
CA TYR D 1167 -36.76 29.82 26.18
C TYR D 1167 -35.93 31.02 26.57
N ASP D 1168 -36.54 32.07 27.09
CA ASP D 1168 -35.83 33.25 27.55
C ASP D 1168 -34.87 32.98 28.71
N HIS D 1173 -25.22 35.47 25.44
CA HIS D 1173 -26.08 35.63 26.60
C HIS D 1173 -25.30 35.50 27.90
N GLN D 1174 -24.20 34.75 27.84
CA GLN D 1174 -23.33 34.53 29.00
C GLN D 1174 -22.06 35.36 28.79
N ASN D 1175 -22.10 36.60 29.26
CA ASN D 1175 -20.94 37.49 29.21
C ASN D 1175 -20.07 37.29 30.45
N THR D 1176 -19.51 36.09 30.56
CA THR D 1176 -18.82 35.66 31.76
C THR D 1176 -17.51 34.99 31.38
N LEU D 1177 -16.50 35.18 32.24
CA LEU D 1177 -15.20 34.53 32.10
C LEU D 1177 -14.86 33.88 33.44
N SER D 1178 -14.45 32.62 33.41
CA SER D 1178 -14.17 31.86 34.63
C SER D 1178 -12.86 31.12 34.50
N TYR D 1179 -12.23 30.86 35.64
CA TYR D 1179 -10.95 30.16 35.70
C TYR D 1179 -10.80 29.57 37.09
N VAL D 1180 -9.79 28.72 37.25
CA VAL D 1180 -9.56 27.96 38.48
C VAL D 1180 -8.23 28.40 39.08
N LEU D 1181 -8.26 28.81 40.33
CA LEU D 1181 -7.05 29.15 41.10
C LEU D 1181 -6.79 28.02 42.08
N ILE D 1182 -5.82 27.17 41.76
CA ILE D 1182 -5.48 26.04 42.62
C ILE D 1182 -4.61 26.54 43.75
N ASN D 1183 -5.11 26.40 44.98
CA ASN D 1183 -4.40 26.80 46.20
C ASN D 1183 -3.88 28.22 46.09
N PRO D 1184 -4.75 29.22 46.08
CA PRO D 1184 -4.29 30.62 46.03
C PRO D 1184 -3.62 30.99 47.34
N PRO D 1185 -2.80 32.04 47.33
CA PRO D 1185 -2.13 32.46 48.56
C PRO D 1185 -3.13 32.85 49.63
N PRO D 1186 -2.80 32.68 50.91
CA PRO D 1186 -3.76 32.98 51.98
C PRO D 1186 -4.15 34.44 52.07
N ASP D 1187 -3.54 35.32 51.27
CA ASP D 1187 -3.90 36.72 51.23
C ASP D 1187 -4.86 37.07 50.11
N THR D 1188 -5.29 36.07 49.31
CA THR D 1188 -6.17 36.33 48.19
C THR D 1188 -7.52 36.85 48.68
N ARG D 1189 -8.02 37.89 48.02
CA ARG D 1189 -9.30 38.50 48.37
C ARG D 1189 -10.44 37.76 47.68
N LEU D 1190 -11.53 37.57 48.41
CA LEU D 1190 -12.69 36.84 47.91
C LEU D 1190 -13.62 37.78 47.16
N GLU D 1191 -14.01 37.38 45.96
CA GLU D 1191 -14.95 38.10 45.11
C GLU D 1191 -16.31 37.42 45.12
N PRO D 1192 -17.37 38.15 44.78
CA PRO D 1192 -18.68 37.51 44.63
C PRO D 1192 -18.69 36.54 43.46
N SER D 1193 -19.75 35.73 43.41
CA SER D 1193 -19.91 34.66 42.44
C SER D 1193 -18.77 33.63 42.48
N ASP D 1194 -18.04 33.57 43.59
CA ASP D 1194 -16.94 32.63 43.74
C ASP D 1194 -17.41 31.30 44.29
N ILE D 1195 -16.77 30.23 43.84
CA ILE D 1195 -17.04 28.88 44.33
C ILE D 1195 -15.72 28.29 44.79
N VAL D 1196 -15.69 27.82 46.03
CA VAL D 1196 -14.46 27.30 46.64
C VAL D 1196 -14.55 25.79 46.69
N TYR D 1197 -13.58 25.12 46.07
CA TYR D 1197 -13.51 23.67 46.16
C TYR D 1197 -13.11 23.25 47.57
N LEU D 1198 -13.82 22.28 48.12
CA LEU D 1198 -13.61 21.83 49.49
C LEU D 1198 -13.39 20.33 49.51
N ILE D 1199 -12.51 19.89 50.41
CA ILE D 1199 -12.40 18.48 50.77
C ILE D 1199 -13.07 18.36 52.14
N ARG D 1200 -14.36 18.05 52.12
CA ARG D 1200 -15.14 17.94 53.35
C ARG D 1200 -14.94 16.57 53.96
N SER D 1201 -14.68 16.53 55.26
CA SER D 1201 -14.36 15.29 55.93
C SER D 1201 -15.52 14.31 55.86
N ASP D 1202 -15.21 13.04 56.10
CA ASP D 1202 -16.22 11.99 56.00
C ASP D 1202 -17.31 12.20 57.05
N PRO D 1203 -18.58 12.27 56.65
CA PRO D 1203 -19.66 12.47 57.63
C PRO D 1203 -19.91 11.22 58.46
N LEU D 1204 -19.48 10.07 57.95
CA LEU D 1204 -19.77 8.79 58.60
C LEU D 1204 -18.74 8.40 59.65
N ALA D 1205 -17.52 8.89 59.55
CA ALA D 1205 -16.47 8.54 60.48
C ALA D 1205 -16.51 9.44 61.71
#